data_1WYM
#
_entry.id   1WYM
#
_entity_poly.entity_id   1
_entity_poly.type   'polypeptide(L)'
_entity_poly.pdbx_seq_one_letter_code
;GSSGSSGQKIEKQYDADLEQILIQWITTQCRKDVGRPQPGRENFQNWLKDGTVLCELINALYPEGQAPVKKIQASTMAFK
QMEQISQFLQAAERYGINTTDIFQTVDLWEGKNMACVQRTLMNLGGLAVARDDGLFSGDPNWFPKKSKESGPSSG
;
_entity_poly.pdbx_strand_id   A
#
# COMPACT_ATOMS: atom_id res chain seq x y z
N GLY A 1 28.02 -10.14 -9.34
CA GLY A 1 28.61 -11.47 -9.49
C GLY A 1 27.58 -12.57 -9.41
N SER A 2 27.32 -13.22 -10.54
CA SER A 2 26.34 -14.30 -10.59
C SER A 2 26.79 -15.47 -9.72
N SER A 3 25.82 -16.10 -9.04
CA SER A 3 26.12 -17.23 -8.17
C SER A 3 27.00 -18.25 -8.88
N GLY A 4 26.63 -18.60 -10.11
CA GLY A 4 27.38 -19.57 -10.87
C GLY A 4 26.57 -20.78 -11.26
N SER A 5 26.64 -21.82 -10.44
CA SER A 5 25.90 -23.05 -10.71
C SER A 5 24.49 -22.97 -10.15
N SER A 6 24.36 -22.46 -8.93
CA SER A 6 23.06 -22.33 -8.29
C SER A 6 22.66 -20.86 -8.18
N GLY A 7 21.85 -20.40 -9.12
CA GLY A 7 21.40 -19.03 -9.12
C GLY A 7 21.56 -18.36 -10.47
N GLN A 8 20.59 -18.57 -11.36
CA GLN A 8 20.62 -17.99 -12.68
C GLN A 8 20.27 -16.51 -12.64
N LYS A 9 19.09 -16.19 -12.10
CA LYS A 9 18.64 -14.80 -12.00
C LYS A 9 18.80 -14.30 -10.57
N ILE A 10 18.62 -12.99 -10.39
CA ILE A 10 18.72 -12.38 -9.07
C ILE A 10 17.61 -12.86 -8.15
N GLU A 11 17.93 -12.99 -6.86
CA GLU A 11 16.95 -13.44 -5.88
C GLU A 11 16.18 -12.26 -5.29
N LYS A 12 15.77 -11.34 -6.18
CA LYS A 12 15.03 -10.16 -5.76
C LYS A 12 13.83 -10.56 -4.90
N GLN A 13 13.37 -9.63 -4.06
CA GLN A 13 12.22 -9.89 -3.19
C GLN A 13 10.94 -9.35 -3.81
N TYR A 14 10.89 -9.33 -5.14
CA TYR A 14 9.71 -8.84 -5.85
C TYR A 14 8.92 -9.99 -6.44
N ASP A 15 7.60 -9.84 -6.49
CA ASP A 15 6.73 -10.87 -7.03
C ASP A 15 5.66 -10.26 -7.93
N ALA A 16 5.35 -10.95 -9.03
CA ALA A 16 4.35 -10.48 -9.97
C ALA A 16 2.97 -11.03 -9.63
N ASP A 17 2.92 -11.92 -8.65
CA ASP A 17 1.66 -12.53 -8.23
C ASP A 17 0.95 -11.65 -7.21
N LEU A 18 1.72 -10.86 -6.48
CA LEU A 18 1.16 -9.96 -5.46
C LEU A 18 0.82 -8.61 -6.07
N GLU A 19 1.60 -8.17 -7.05
CA GLU A 19 1.38 -6.90 -7.72
C GLU A 19 -0.03 -6.84 -8.30
N GLN A 20 -0.41 -7.88 -9.03
CA GLN A 20 -1.73 -7.94 -9.65
C GLN A 20 -2.83 -7.76 -8.60
N ILE A 21 -2.61 -8.34 -7.43
CA ILE A 21 -3.59 -8.24 -6.34
C ILE A 21 -3.62 -6.84 -5.76
N LEU A 22 -2.45 -6.22 -5.63
CA LEU A 22 -2.37 -4.87 -5.09
C LEU A 22 -3.23 -3.90 -5.89
N ILE A 23 -2.95 -3.79 -7.19
CA ILE A 23 -3.72 -2.90 -8.06
C ILE A 23 -5.21 -3.18 -7.95
N GLN A 24 -5.56 -4.45 -7.78
CA GLN A 24 -6.96 -4.84 -7.67
C GLN A 24 -7.56 -4.32 -6.36
N TRP A 25 -6.80 -4.42 -5.28
CA TRP A 25 -7.26 -3.97 -3.98
C TRP A 25 -7.23 -2.45 -3.89
N ILE A 26 -6.04 -1.87 -3.98
CA ILE A 26 -5.89 -0.42 -3.92
C ILE A 26 -7.03 0.29 -4.63
N THR A 27 -7.22 -0.04 -5.91
CA THR A 27 -8.28 0.56 -6.69
C THR A 27 -9.64 0.40 -6.02
N THR A 28 -9.84 -0.75 -5.38
CA THR A 28 -11.09 -1.03 -4.69
C THR A 28 -11.21 -0.22 -3.41
N GLN A 29 -10.25 -0.40 -2.51
CA GLN A 29 -10.25 0.33 -1.24
C GLN A 29 -10.73 1.76 -1.43
N CYS A 30 -10.14 2.46 -2.39
CA CYS A 30 -10.51 3.84 -2.67
C CYS A 30 -11.85 3.91 -3.40
N ARG A 31 -12.79 4.64 -2.83
CA ARG A 31 -14.12 4.78 -3.43
C ARG A 31 -14.02 5.29 -4.86
N LYS A 32 -13.67 6.57 -5.00
CA LYS A 32 -13.53 7.18 -6.32
C LYS A 32 -12.53 6.42 -7.17
N ASP A 33 -12.55 6.67 -8.48
CA ASP A 33 -11.64 6.01 -9.41
C ASP A 33 -10.39 6.86 -9.64
N VAL A 34 -9.33 6.56 -8.90
CA VAL A 34 -8.08 7.30 -9.04
C VAL A 34 -7.54 7.19 -10.45
N GLY A 35 -7.77 6.05 -11.10
CA GLY A 35 -7.28 5.85 -12.46
C GLY A 35 -6.56 4.52 -12.62
N ARG A 36 -7.24 3.44 -12.26
CA ARG A 36 -6.65 2.10 -12.37
C ARG A 36 -5.72 2.01 -13.58
N PRO A 37 -4.42 2.19 -13.34
CA PRO A 37 -3.40 2.14 -14.41
C PRO A 37 -3.22 0.73 -14.95
N GLN A 38 -2.17 0.54 -15.74
CA GLN A 38 -1.87 -0.76 -16.33
C GLN A 38 -1.38 -1.74 -15.28
N PRO A 39 -1.67 -3.04 -15.48
CA PRO A 39 -1.26 -4.10 -14.56
C PRO A 39 0.25 -4.33 -14.56
N GLY A 40 0.96 -3.57 -15.40
CA GLY A 40 2.39 -3.71 -15.50
C GLY A 40 3.10 -3.23 -14.24
N ARG A 41 4.37 -3.60 -14.10
CA ARG A 41 5.16 -3.20 -12.94
C ARG A 41 5.91 -1.90 -13.20
N GLU A 42 5.77 -1.39 -14.42
CA GLU A 42 6.44 -0.15 -14.80
C GLU A 42 5.58 1.06 -14.45
N ASN A 43 4.26 0.87 -14.45
CA ASN A 43 3.33 1.94 -14.13
C ASN A 43 3.11 2.03 -12.62
N PHE A 44 2.87 0.89 -11.99
CA PHE A 44 2.64 0.85 -10.55
C PHE A 44 3.49 1.90 -9.84
N GLN A 45 4.78 1.94 -10.17
CA GLN A 45 5.70 2.90 -9.56
C GLN A 45 5.19 4.33 -9.74
N ASN A 46 4.81 4.68 -10.97
CA ASN A 46 4.31 6.01 -11.27
C ASN A 46 2.98 6.26 -10.57
N TRP A 47 2.21 5.20 -10.38
CA TRP A 47 0.92 5.30 -9.72
C TRP A 47 1.06 5.89 -8.32
N LEU A 48 1.94 5.30 -7.53
CA LEU A 48 2.17 5.76 -6.16
C LEU A 48 3.20 6.88 -6.14
N LYS A 49 4.11 6.87 -7.11
CA LYS A 49 5.15 7.89 -7.19
C LYS A 49 4.59 9.26 -6.85
N ASP A 50 3.51 9.65 -7.53
CA ASP A 50 2.88 10.94 -7.29
C ASP A 50 2.51 11.11 -5.82
N GLY A 51 1.99 10.03 -5.22
CA GLY A 51 1.60 10.08 -3.83
C GLY A 51 0.09 10.11 -3.64
N THR A 52 -0.58 10.89 -4.49
CA THR A 52 -2.04 11.01 -4.41
C THR A 52 -2.68 9.67 -4.07
N VAL A 53 -2.63 8.73 -5.01
CA VAL A 53 -3.20 7.41 -4.81
C VAL A 53 -2.98 6.93 -3.39
N LEU A 54 -1.73 6.71 -3.03
CA LEU A 54 -1.37 6.26 -1.68
C LEU A 54 -2.31 6.84 -0.64
N CYS A 55 -2.55 8.14 -0.74
CA CYS A 55 -3.44 8.83 0.19
C CYS A 55 -4.85 8.25 0.14
N GLU A 56 -5.35 8.03 -1.08
CA GLU A 56 -6.69 7.48 -1.27
C GLU A 56 -6.84 6.16 -0.53
N LEU A 57 -5.74 5.42 -0.41
CA LEU A 57 -5.75 4.13 0.27
C LEU A 57 -5.95 4.31 1.77
N ILE A 58 -4.93 4.87 2.43
CA ILE A 58 -4.99 5.10 3.88
C ILE A 58 -6.24 5.89 4.25
N ASN A 59 -6.70 6.74 3.32
CA ASN A 59 -7.89 7.55 3.55
C ASN A 59 -9.16 6.71 3.44
N ALA A 60 -9.15 5.75 2.52
CA ALA A 60 -10.29 4.88 2.32
C ALA A 60 -10.58 4.05 3.56
N LEU A 61 -9.53 3.61 4.25
CA LEU A 61 -9.67 2.82 5.45
C LEU A 61 -10.33 3.62 6.57
N TYR A 62 -9.58 4.55 7.15
CA TYR A 62 -10.09 5.39 8.23
C TYR A 62 -11.39 6.08 7.81
N PRO A 63 -12.32 6.21 8.77
CA PRO A 63 -13.61 6.86 8.51
C PRO A 63 -13.48 8.36 8.30
N GLU A 64 -14.60 9.01 7.98
CA GLU A 64 -14.61 10.44 7.73
C GLU A 64 -13.97 11.19 8.91
N GLY A 65 -13.08 12.13 8.58
CA GLY A 65 -12.41 12.90 9.62
C GLY A 65 -11.21 12.18 10.19
N GLN A 66 -11.37 10.89 10.45
CA GLN A 66 -10.28 10.08 11.01
C GLN A 66 -9.11 10.01 10.04
N ALA A 67 -9.41 10.01 8.74
CA ALA A 67 -8.38 9.95 7.72
C ALA A 67 -7.20 10.84 8.08
N PRO A 68 -5.98 10.27 8.00
CA PRO A 68 -4.74 11.00 8.31
C PRO A 68 -4.42 12.06 7.28
N VAL A 69 -4.69 11.75 6.01
CA VAL A 69 -4.43 12.68 4.92
C VAL A 69 -5.72 13.26 4.36
N LYS A 70 -6.09 14.44 4.84
CA LYS A 70 -7.32 15.10 4.41
C LYS A 70 -7.10 15.79 3.06
N LYS A 71 -6.01 16.53 2.95
CA LYS A 71 -5.69 17.24 1.72
C LYS A 71 -5.05 16.30 0.70
N ILE A 72 -5.68 16.18 -0.47
CA ILE A 72 -5.18 15.32 -1.53
C ILE A 72 -5.20 16.03 -2.87
N GLN A 73 -4.03 16.53 -3.29
CA GLN A 73 -3.92 17.23 -4.56
C GLN A 73 -2.70 16.74 -5.34
N ALA A 74 -2.93 16.38 -6.60
CA ALA A 74 -1.85 15.88 -7.45
C ALA A 74 -0.98 17.05 -7.96
N SER A 75 0.04 17.39 -7.17
CA SER A 75 0.94 18.48 -7.53
C SER A 75 2.10 17.97 -8.37
N THR A 76 2.02 18.18 -9.68
CA THR A 76 3.06 17.74 -10.60
C THR A 76 4.44 17.99 -10.01
N MET A 77 4.58 19.07 -9.24
CA MET A 77 5.85 19.42 -8.63
C MET A 77 6.56 18.18 -8.10
N ALA A 78 7.85 18.07 -8.41
CA ALA A 78 8.64 16.93 -7.99
C ALA A 78 8.86 16.95 -6.47
N PHE A 79 8.93 18.15 -5.91
CA PHE A 79 9.14 18.31 -4.47
C PHE A 79 7.86 17.98 -3.71
N LYS A 80 6.72 18.37 -4.28
CA LYS A 80 5.42 18.12 -3.66
C LYS A 80 5.13 16.63 -3.60
N GLN A 81 5.09 15.99 -4.76
CA GLN A 81 4.82 14.56 -4.84
C GLN A 81 5.54 13.80 -3.75
N MET A 82 6.87 13.83 -3.81
CA MET A 82 7.70 13.14 -2.81
C MET A 82 7.10 13.28 -1.41
N GLU A 83 6.95 14.52 -0.96
CA GLU A 83 6.39 14.79 0.35
C GLU A 83 5.01 14.16 0.50
N GLN A 84 4.24 14.17 -0.59
CA GLN A 84 2.90 13.60 -0.59
C GLN A 84 2.94 12.13 -0.17
N ILE A 85 4.03 11.46 -0.48
CA ILE A 85 4.20 10.05 -0.13
C ILE A 85 4.37 9.88 1.38
N SER A 86 5.17 10.74 1.98
CA SER A 86 5.41 10.68 3.42
C SER A 86 4.11 10.82 4.21
N GLN A 87 3.24 11.71 3.73
CA GLN A 87 1.96 11.93 4.39
C GLN A 87 1.27 10.60 4.73
N PHE A 88 1.44 9.63 3.84
CA PHE A 88 0.83 8.31 4.04
C PHE A 88 1.65 7.48 5.02
N LEU A 89 2.93 7.31 4.71
CA LEU A 89 3.83 6.53 5.57
C LEU A 89 3.68 6.95 7.02
N GLN A 90 3.78 8.26 7.28
CA GLN A 90 3.66 8.79 8.62
C GLN A 90 2.53 8.10 9.39
N ALA A 91 1.41 7.89 8.71
CA ALA A 91 0.26 7.24 9.32
C ALA A 91 0.34 5.73 9.16
N ALA A 92 1.01 5.29 8.11
CA ALA A 92 1.17 3.86 7.86
C ALA A 92 1.71 3.13 9.08
N GLU A 93 2.73 3.71 9.70
CA GLU A 93 3.35 3.12 10.87
C GLU A 93 2.43 3.26 12.09
N ARG A 94 1.91 4.46 12.31
CA ARG A 94 1.02 4.72 13.43
C ARG A 94 -0.21 3.82 13.37
N TYR A 95 -0.52 3.32 12.17
CA TYR A 95 -1.67 2.46 11.98
C TYR A 95 -1.43 1.08 12.60
N GLY A 96 -0.20 0.59 12.47
CA GLY A 96 0.14 -0.71 13.02
C GLY A 96 1.37 -1.30 12.38
N ILE A 97 1.55 -1.06 11.09
CA ILE A 97 2.70 -1.58 10.36
C ILE A 97 4.00 -1.22 11.06
N ASN A 98 5.06 -1.96 10.75
CA ASN A 98 6.37 -1.72 11.35
C ASN A 98 7.27 -0.94 10.40
N THR A 99 7.96 0.06 10.94
CA THR A 99 8.86 0.89 10.14
C THR A 99 9.94 0.04 9.49
N THR A 100 10.22 -1.11 10.08
CA THR A 100 11.24 -2.02 9.56
C THR A 100 10.83 -2.58 8.20
N ASP A 101 9.56 -2.42 7.86
CA ASP A 101 9.05 -2.92 6.59
C ASP A 101 8.69 -1.76 5.65
N ILE A 102 8.22 -0.67 6.24
CA ILE A 102 7.84 0.51 5.45
C ILE A 102 8.97 0.92 4.52
N PHE A 103 8.60 1.36 3.31
CA PHE A 103 9.58 1.79 2.32
C PHE A 103 9.96 3.26 2.53
N GLN A 104 10.84 3.75 1.68
CA GLN A 104 11.29 5.15 1.76
C GLN A 104 10.62 6.00 0.69
N THR A 105 10.40 7.27 1.01
CA THR A 105 9.77 8.19 0.07
C THR A 105 10.41 8.10 -1.30
N VAL A 106 11.74 8.08 -1.34
CA VAL A 106 12.47 7.99 -2.60
C VAL A 106 12.41 6.57 -3.17
N ASP A 107 12.53 5.58 -2.29
CA ASP A 107 12.48 4.19 -2.71
C ASP A 107 11.37 3.95 -3.72
N LEU A 108 10.30 4.73 -3.61
CA LEU A 108 9.17 4.61 -4.52
C LEU A 108 9.20 5.71 -5.57
N TRP A 109 9.27 6.95 -5.12
CA TRP A 109 9.30 8.09 -6.03
C TRP A 109 10.25 7.83 -7.20
N GLU A 110 11.47 7.40 -6.88
CA GLU A 110 12.48 7.12 -7.90
C GLU A 110 12.42 5.65 -8.32
N GLY A 111 11.69 4.85 -7.55
CA GLY A 111 11.57 3.44 -7.86
C GLY A 111 12.86 2.69 -7.63
N LYS A 112 13.56 3.02 -6.55
CA LYS A 112 14.83 2.37 -6.23
C LYS A 112 14.58 1.01 -5.57
N ASN A 113 13.60 0.96 -4.67
CA ASN A 113 13.27 -0.28 -3.98
C ASN A 113 11.81 -0.67 -4.22
N MET A 114 11.46 -0.84 -5.49
CA MET A 114 10.10 -1.22 -5.87
C MET A 114 9.67 -2.50 -5.15
N ALA A 115 10.66 -3.25 -4.68
CA ALA A 115 10.38 -4.51 -3.97
C ALA A 115 9.92 -4.24 -2.55
N CYS A 116 10.41 -3.16 -1.95
CA CYS A 116 10.05 -2.80 -0.59
C CYS A 116 8.60 -2.33 -0.52
N VAL A 117 8.32 -1.19 -1.16
CA VAL A 117 6.98 -0.63 -1.17
C VAL A 117 5.96 -1.66 -1.64
N GLN A 118 6.33 -2.44 -2.64
CA GLN A 118 5.45 -3.47 -3.19
C GLN A 118 4.95 -4.40 -2.08
N ARG A 119 5.71 -4.47 -1.00
CA ARG A 119 5.34 -5.33 0.13
C ARG A 119 4.68 -4.50 1.24
N THR A 120 5.24 -3.32 1.50
CA THR A 120 4.71 -2.44 2.53
C THR A 120 3.19 -2.33 2.44
N LEU A 121 2.68 -2.33 1.22
CA LEU A 121 1.24 -2.24 0.99
C LEU A 121 0.53 -3.50 1.47
N MET A 122 0.94 -4.65 0.93
CA MET A 122 0.35 -5.92 1.30
C MET A 122 0.09 -5.98 2.81
N ASN A 123 1.01 -5.44 3.58
CA ASN A 123 0.88 -5.42 5.03
C ASN A 123 -0.30 -4.58 5.48
N LEU A 124 -0.50 -3.44 4.80
CA LEU A 124 -1.59 -2.55 5.12
C LEU A 124 -2.93 -3.26 5.02
N GLY A 125 -3.07 -4.12 4.02
CA GLY A 125 -4.29 -4.86 3.82
C GLY A 125 -4.46 -6.00 4.82
N GLY A 126 -3.43 -6.85 4.91
CA GLY A 126 -3.49 -7.97 5.84
C GLY A 126 -3.83 -7.53 7.25
N LEU A 127 -3.35 -6.36 7.65
CA LEU A 127 -3.62 -5.84 8.98
C LEU A 127 -5.07 -5.41 9.12
N ALA A 128 -5.57 -4.67 8.14
CA ALA A 128 -6.95 -4.20 8.14
C ALA A 128 -7.92 -5.36 8.27
N VAL A 129 -7.68 -6.41 7.49
CA VAL A 129 -8.54 -7.59 7.50
C VAL A 129 -8.52 -8.26 8.88
N ALA A 130 -7.56 -7.88 9.71
CA ALA A 130 -7.43 -8.45 11.04
C ALA A 130 -8.19 -7.60 12.07
N ARG A 131 -8.73 -6.49 11.61
CA ARG A 131 -9.49 -5.59 12.49
C ARG A 131 -10.96 -5.97 12.51
N ASP A 132 -11.74 -5.25 13.32
CA ASP A 132 -13.17 -5.51 13.43
C ASP A 132 -13.97 -4.23 13.20
N ASP A 133 -13.31 -3.22 12.66
CA ASP A 133 -13.96 -1.93 12.39
C ASP A 133 -15.02 -2.08 11.30
N GLY A 134 -14.75 -2.99 10.35
CA GLY A 134 -15.69 -3.21 9.26
C GLY A 134 -15.59 -2.15 8.19
N LEU A 135 -14.39 -1.62 7.98
CA LEU A 135 -14.17 -0.60 6.98
C LEU A 135 -13.46 -1.17 5.75
N PHE A 136 -12.43 -1.96 5.99
CA PHE A 136 -11.67 -2.58 4.90
C PHE A 136 -12.59 -3.00 3.76
N SER A 137 -12.05 -2.97 2.54
CA SER A 137 -12.84 -3.35 1.37
C SER A 137 -12.10 -4.40 0.54
N GLY A 138 -12.73 -4.84 -0.54
CA GLY A 138 -12.13 -5.84 -1.39
C GLY A 138 -12.10 -7.22 -0.76
N ASP A 139 -11.83 -8.24 -1.56
CA ASP A 139 -11.79 -9.61 -1.06
C ASP A 139 -10.77 -9.74 0.06
N PRO A 140 -11.24 -10.25 1.22
CA PRO A 140 -10.39 -10.43 2.40
C PRO A 140 -9.37 -11.55 2.21
N ASN A 141 -9.61 -12.39 1.21
CA ASN A 141 -8.71 -13.50 0.93
C ASN A 141 -7.34 -12.99 0.46
N TRP A 142 -7.36 -12.03 -0.45
CA TRP A 142 -6.13 -11.45 -0.98
C TRP A 142 -5.04 -11.40 0.09
N PHE A 143 -5.40 -10.86 1.25
CA PHE A 143 -4.45 -10.76 2.36
C PHE A 143 -4.79 -11.76 3.46
N PRO A 144 -3.75 -12.30 4.11
CA PRO A 144 -3.91 -13.27 5.20
C PRO A 144 -4.51 -12.64 6.46
N LYS A 145 -5.55 -13.27 6.99
CA LYS A 145 -6.20 -12.79 8.19
C LYS A 145 -5.47 -13.27 9.45
N LYS A 146 -4.35 -13.94 9.25
CA LYS A 146 -3.55 -14.45 10.36
C LYS A 146 -3.33 -13.38 11.41
N SER A 147 -3.17 -13.79 12.66
CA SER A 147 -2.95 -12.87 13.76
C SER A 147 -1.51 -12.96 14.28
N LYS A 148 -0.90 -11.82 14.52
CA LYS A 148 0.47 -11.77 15.01
C LYS A 148 0.51 -11.44 16.50
N GLU A 149 1.67 -11.59 17.12
CA GLU A 149 1.84 -11.31 18.54
C GLU A 149 2.84 -10.20 18.76
N SER A 150 2.51 -9.27 19.64
CA SER A 150 3.39 -8.14 19.95
C SER A 150 4.17 -8.40 21.23
N GLY A 151 5.15 -7.53 21.51
CA GLY A 151 5.96 -7.68 22.70
C GLY A 151 5.31 -7.04 23.92
N PRO A 152 6.13 -6.74 24.94
CA PRO A 152 5.67 -6.13 26.18
C PRO A 152 5.22 -4.68 25.98
N SER A 153 4.39 -4.19 26.88
CA SER A 153 3.88 -2.82 26.81
C SER A 153 5.02 -1.84 26.56
N SER A 154 4.67 -0.66 26.06
CA SER A 154 5.66 0.37 25.76
C SER A 154 6.70 0.46 26.88
N GLY A 155 7.96 0.32 26.53
CA GLY A 155 9.03 0.39 27.51
C GLY A 155 9.95 -0.81 27.46
N GLY A 1 -7.21 -34.07 -17.90
CA GLY A 1 -6.79 -35.18 -17.06
C GLY A 1 -6.45 -34.76 -15.65
N SER A 2 -5.38 -33.97 -15.51
CA SER A 2 -4.95 -33.50 -14.20
C SER A 2 -4.69 -32.00 -14.23
N SER A 3 -5.67 -31.22 -13.81
CA SER A 3 -5.55 -29.76 -13.79
C SER A 3 -5.53 -29.24 -12.35
N GLY A 4 -5.20 -27.96 -12.20
CA GLY A 4 -5.15 -27.35 -10.88
C GLY A 4 -3.86 -26.61 -10.63
N SER A 5 -3.54 -26.41 -9.36
CA SER A 5 -2.32 -25.69 -8.99
C SER A 5 -1.57 -26.45 -7.88
N SER A 6 -0.49 -27.11 -8.26
CA SER A 6 0.31 -27.87 -7.30
C SER A 6 0.49 -27.08 -6.01
N GLY A 7 0.98 -25.85 -6.13
CA GLY A 7 1.20 -25.02 -4.96
C GLY A 7 1.77 -23.67 -5.32
N GLN A 8 2.21 -22.92 -4.30
CA GLN A 8 2.78 -21.60 -4.51
C GLN A 8 4.05 -21.43 -3.69
N LYS A 9 4.68 -20.26 -3.82
CA LYS A 9 5.91 -19.97 -3.10
C LYS A 9 6.30 -18.50 -3.26
N ILE A 10 6.69 -17.87 -2.15
CA ILE A 10 7.09 -16.47 -2.18
C ILE A 10 8.61 -16.33 -2.35
N GLU A 11 9.00 -15.55 -3.35
CA GLU A 11 10.42 -15.33 -3.63
C GLU A 11 10.99 -14.24 -2.73
N LYS A 12 12.28 -13.96 -2.90
CA LYS A 12 12.95 -12.94 -2.10
C LYS A 12 12.35 -11.56 -2.36
N GLN A 13 12.31 -11.18 -3.64
CA GLN A 13 11.77 -9.88 -4.02
C GLN A 13 10.29 -10.00 -4.38
N TYR A 14 9.62 -8.85 -4.49
CA TYR A 14 8.20 -8.83 -4.81
C TYR A 14 7.90 -9.77 -5.98
N ASP A 15 6.64 -10.18 -6.09
CA ASP A 15 6.22 -11.09 -7.16
C ASP A 15 5.17 -10.42 -8.04
N ALA A 16 4.69 -11.15 -9.04
CA ALA A 16 3.69 -10.63 -9.97
C ALA A 16 2.30 -10.68 -9.34
N ASP A 17 2.01 -11.77 -8.64
CA ASP A 17 0.72 -11.94 -7.99
C ASP A 17 0.45 -10.82 -7.00
N LEU A 18 1.44 -10.54 -6.14
CA LEU A 18 1.31 -9.50 -5.14
C LEU A 18 1.06 -8.14 -5.79
N GLU A 19 1.76 -7.89 -6.89
CA GLU A 19 1.60 -6.63 -7.62
C GLU A 19 0.24 -6.55 -8.29
N GLN A 20 -0.21 -7.67 -8.84
CA GLN A 20 -1.50 -7.73 -9.52
C GLN A 20 -2.64 -7.54 -8.53
N ILE A 21 -2.58 -8.24 -7.41
CA ILE A 21 -3.61 -8.14 -6.38
C ILE A 21 -3.63 -6.75 -5.76
N LEU A 22 -2.45 -6.21 -5.48
CA LEU A 22 -2.34 -4.87 -4.89
C LEU A 22 -3.18 -3.86 -5.66
N ILE A 23 -3.04 -3.87 -6.99
CA ILE A 23 -3.79 -2.95 -7.84
C ILE A 23 -5.29 -3.24 -7.76
N GLN A 24 -5.64 -4.52 -7.74
CA GLN A 24 -7.04 -4.92 -7.68
C GLN A 24 -7.69 -4.41 -6.40
N TRP A 25 -6.93 -4.43 -5.31
CA TRP A 25 -7.44 -3.98 -4.02
C TRP A 25 -7.50 -2.45 -3.96
N ILE A 26 -6.33 -1.81 -4.13
CA ILE A 26 -6.25 -0.36 -4.11
C ILE A 26 -7.36 0.27 -4.93
N THR A 27 -7.47 -0.14 -6.19
CA THR A 27 -8.48 0.38 -7.09
C THR A 27 -9.88 0.24 -6.48
N THR A 28 -10.07 -0.82 -5.70
CA THR A 28 -11.35 -1.08 -5.05
C THR A 28 -11.54 -0.19 -3.84
N GLN A 29 -10.63 -0.30 -2.87
CA GLN A 29 -10.71 0.50 -1.66
C GLN A 29 -11.14 1.93 -1.97
N CYS A 30 -10.41 2.59 -2.85
CA CYS A 30 -10.72 3.96 -3.24
C CYS A 30 -12.02 4.02 -4.04
N ARG A 31 -13.04 4.65 -3.49
CA ARG A 31 -14.33 4.76 -4.15
C ARG A 31 -14.16 5.37 -5.54
N LYS A 32 -13.50 6.52 -5.61
CA LYS A 32 -13.27 7.21 -6.87
C LYS A 32 -12.34 6.40 -7.77
N ASP A 33 -12.05 6.93 -8.95
CA ASP A 33 -11.16 6.27 -9.89
C ASP A 33 -9.86 7.04 -10.07
N VAL A 34 -9.00 6.98 -9.07
CA VAL A 34 -7.72 7.69 -9.12
C VAL A 34 -7.09 7.57 -10.49
N GLY A 35 -7.32 6.44 -11.16
CA GLY A 35 -6.76 6.24 -12.48
C GLY A 35 -6.05 4.90 -12.61
N ARG A 36 -6.82 3.82 -12.64
CA ARG A 36 -6.25 2.48 -12.76
C ARG A 36 -5.30 2.40 -13.93
N PRO A 37 -3.99 2.32 -13.64
CA PRO A 37 -2.94 2.23 -14.66
C PRO A 37 -2.97 0.88 -15.39
N GLN A 38 -1.88 0.59 -16.10
CA GLN A 38 -1.77 -0.66 -16.86
C GLN A 38 -1.11 -1.74 -16.01
N PRO A 39 -1.45 -3.00 -16.28
CA PRO A 39 -0.89 -4.16 -15.57
C PRO A 39 0.58 -4.37 -15.88
N GLY A 40 1.45 -4.07 -14.91
CA GLY A 40 2.87 -4.24 -15.10
C GLY A 40 3.67 -3.82 -13.88
N ARG A 41 4.87 -3.30 -14.11
CA ARG A 41 5.74 -2.85 -13.04
C ARG A 41 6.01 -1.35 -13.13
N GLU A 42 6.48 -0.92 -14.29
CA GLU A 42 6.79 0.49 -14.52
C GLU A 42 5.62 1.37 -14.10
N ASN A 43 4.41 1.01 -14.54
CA ASN A 43 3.22 1.77 -14.21
C ASN A 43 3.04 1.86 -12.70
N PHE A 44 2.75 0.73 -12.07
CA PHE A 44 2.55 0.70 -10.62
C PHE A 44 3.48 1.68 -9.92
N GLN A 45 4.77 1.55 -10.18
CA GLN A 45 5.77 2.44 -9.56
C GLN A 45 5.36 3.90 -9.73
N ASN A 46 4.87 4.25 -10.90
CA ASN A 46 4.44 5.62 -11.18
C ASN A 46 3.08 5.91 -10.55
N TRP A 47 2.25 4.87 -10.46
CA TRP A 47 0.93 5.01 -9.87
C TRP A 47 1.00 5.61 -8.47
N LEU A 48 1.95 5.12 -7.67
CA LEU A 48 2.13 5.60 -6.31
C LEU A 48 3.20 6.69 -6.26
N LYS A 49 4.07 6.70 -7.26
CA LYS A 49 5.14 7.70 -7.32
C LYS A 49 4.62 9.08 -6.93
N ASP A 50 3.45 9.44 -7.44
CA ASP A 50 2.86 10.72 -7.13
C ASP A 50 2.52 10.84 -5.64
N GLY A 51 1.97 9.76 -5.09
CA GLY A 51 1.61 9.76 -3.69
C GLY A 51 0.12 9.86 -3.47
N THR A 52 -0.53 10.75 -4.22
CA THR A 52 -1.97 10.94 -4.11
C THR A 52 -2.70 9.61 -3.94
N VAL A 53 -2.37 8.65 -4.80
CA VAL A 53 -2.99 7.33 -4.75
C VAL A 53 -2.83 6.70 -3.37
N LEU A 54 -1.61 6.77 -2.84
CA LEU A 54 -1.32 6.20 -1.52
C LEU A 54 -2.22 6.81 -0.46
N CYS A 55 -2.61 8.07 -0.66
CA CYS A 55 -3.48 8.76 0.28
C CYS A 55 -4.88 8.18 0.26
N GLU A 56 -5.47 8.09 -0.94
CA GLU A 56 -6.82 7.55 -1.09
C GLU A 56 -6.95 6.20 -0.39
N LEU A 57 -5.85 5.46 -0.32
CA LEU A 57 -5.84 4.16 0.32
C LEU A 57 -6.03 4.29 1.83
N ILE A 58 -4.99 4.77 2.51
CA ILE A 58 -5.05 4.96 3.96
C ILE A 58 -6.26 5.79 4.36
N ASN A 59 -6.65 6.72 3.49
CA ASN A 59 -7.79 7.59 3.75
C ASN A 59 -9.09 6.78 3.75
N ALA A 60 -9.23 5.90 2.77
CA ALA A 60 -10.43 5.07 2.66
C ALA A 60 -10.65 4.25 3.92
N LEU A 61 -9.55 3.81 4.54
CA LEU A 61 -9.62 3.02 5.76
C LEU A 61 -10.26 3.81 6.90
N TYR A 62 -9.53 4.77 7.42
CA TYR A 62 -10.02 5.62 8.51
C TYR A 62 -11.37 6.23 8.15
N PRO A 63 -12.24 6.35 9.16
CA PRO A 63 -13.58 6.93 8.97
C PRO A 63 -13.53 8.43 8.70
N GLU A 64 -14.68 8.99 8.35
CA GLU A 64 -14.77 10.42 8.06
C GLU A 64 -14.22 11.24 9.22
N GLY A 65 -13.29 12.14 8.91
CA GLY A 65 -12.70 12.98 9.94
C GLY A 65 -11.49 12.33 10.59
N GLN A 66 -11.36 11.02 10.41
CA GLN A 66 -10.24 10.29 11.00
C GLN A 66 -9.08 10.19 10.01
N ALA A 67 -9.40 10.32 8.72
CA ALA A 67 -8.38 10.25 7.68
C ALA A 67 -7.21 11.18 7.99
N PRO A 68 -5.98 10.63 7.91
CA PRO A 68 -4.76 11.40 8.18
C PRO A 68 -4.48 12.44 7.10
N VAL A 69 -4.57 12.01 5.84
CA VAL A 69 -4.32 12.91 4.72
C VAL A 69 -5.63 13.47 4.17
N LYS A 70 -6.11 14.53 4.79
CA LYS A 70 -7.35 15.17 4.35
C LYS A 70 -7.21 15.77 2.95
N LYS A 71 -6.13 16.51 2.76
CA LYS A 71 -5.86 17.14 1.46
C LYS A 71 -5.21 16.15 0.50
N ILE A 72 -5.80 16.00 -0.67
CA ILE A 72 -5.27 15.09 -1.69
C ILE A 72 -5.24 15.76 -3.06
N GLN A 73 -4.15 16.46 -3.34
CA GLN A 73 -4.00 17.14 -4.62
C GLN A 73 -2.87 16.52 -5.44
N ALA A 74 -2.98 16.63 -6.76
CA ALA A 74 -1.97 16.07 -7.65
C ALA A 74 -1.11 17.16 -8.26
N SER A 75 0.01 17.46 -7.62
CA SER A 75 0.92 18.50 -8.09
C SER A 75 2.08 17.88 -8.86
N THR A 76 2.42 18.49 -9.99
CA THR A 76 3.52 18.01 -10.82
C THR A 76 4.86 18.20 -10.13
N MET A 77 4.97 19.29 -9.37
CA MET A 77 6.20 19.60 -8.66
C MET A 77 6.82 18.34 -8.06
N ALA A 78 8.05 18.04 -8.46
CA ALA A 78 8.76 16.86 -7.97
C ALA A 78 8.83 16.87 -6.45
N PHE A 79 8.67 18.05 -5.86
CA PHE A 79 8.73 18.19 -4.40
C PHE A 79 7.42 17.70 -3.76
N LYS A 80 6.32 18.35 -4.11
CA LYS A 80 5.01 17.97 -3.58
C LYS A 80 4.82 16.46 -3.60
N GLN A 81 4.81 15.90 -4.81
CA GLN A 81 4.64 14.46 -4.98
C GLN A 81 5.30 13.69 -3.83
N MET A 82 6.62 13.81 -3.73
CA MET A 82 7.37 13.14 -2.67
C MET A 82 6.71 13.34 -1.31
N GLU A 83 6.68 14.59 -0.85
CA GLU A 83 6.07 14.91 0.43
C GLU A 83 4.70 14.27 0.57
N GLN A 84 4.02 14.11 -0.56
CA GLN A 84 2.69 13.50 -0.57
C GLN A 84 2.75 12.04 -0.12
N ILE A 85 3.82 11.36 -0.49
CA ILE A 85 4.00 9.96 -0.13
C ILE A 85 4.19 9.81 1.38
N SER A 86 5.10 10.60 1.94
CA SER A 86 5.38 10.55 3.37
C SER A 86 4.09 10.62 4.18
N GLN A 87 3.24 11.59 3.85
CA GLN A 87 1.97 11.76 4.55
C GLN A 87 1.29 10.41 4.78
N PHE A 88 1.43 9.51 3.82
CA PHE A 88 0.83 8.18 3.92
C PHE A 88 1.65 7.29 4.84
N LEU A 89 2.96 7.22 4.59
CA LEU A 89 3.85 6.40 5.40
C LEU A 89 3.69 6.71 6.88
N GLN A 90 3.90 7.97 7.25
CA GLN A 90 3.77 8.40 8.63
C GLN A 90 2.55 7.78 9.29
N ALA A 91 1.51 7.55 8.49
CA ALA A 91 0.28 6.95 8.99
C ALA A 91 0.36 5.43 8.96
N ALA A 92 1.04 4.89 7.96
CA ALA A 92 1.19 3.45 7.82
C ALA A 92 1.76 2.83 9.09
N GLU A 93 2.73 3.51 9.69
CA GLU A 93 3.36 3.03 10.91
C GLU A 93 2.45 3.27 12.13
N ARG A 94 1.87 4.47 12.20
CA ARG A 94 0.99 4.81 13.30
C ARG A 94 -0.22 3.88 13.34
N TYR A 95 -0.58 3.33 12.18
CA TYR A 95 -1.72 2.44 12.09
C TYR A 95 -1.42 1.09 12.74
N GLY A 96 -0.29 0.50 12.37
CA GLY A 96 0.10 -0.78 12.93
C GLY A 96 1.31 -1.36 12.25
N ILE A 97 1.48 -1.06 10.97
CA ILE A 97 2.62 -1.56 10.20
C ILE A 97 3.94 -1.17 10.86
N ASN A 98 5.00 -1.89 10.52
CA ASN A 98 6.33 -1.62 11.07
C ASN A 98 7.18 -0.86 10.07
N THR A 99 8.20 -0.17 10.58
CA THR A 99 9.10 0.59 9.73
C THR A 99 9.96 -0.32 8.86
N THR A 100 10.30 -1.49 9.40
CA THR A 100 11.12 -2.45 8.67
C THR A 100 10.52 -2.76 7.30
N ASP A 101 9.18 -2.85 7.26
CA ASP A 101 8.48 -3.14 6.02
C ASP A 101 8.26 -1.87 5.20
N ILE A 102 7.87 -0.80 5.89
CA ILE A 102 7.62 0.48 5.23
C ILE A 102 8.77 0.85 4.30
N PHE A 103 8.42 1.33 3.11
CA PHE A 103 9.43 1.71 2.12
C PHE A 103 9.89 3.15 2.37
N GLN A 104 10.77 3.63 1.50
CA GLN A 104 11.30 4.99 1.61
C GLN A 104 10.69 5.90 0.56
N THR A 105 10.31 7.11 0.97
CA THR A 105 9.71 8.08 0.06
C THR A 105 10.37 8.02 -1.31
N VAL A 106 11.69 7.87 -1.33
CA VAL A 106 12.43 7.80 -2.58
C VAL A 106 12.26 6.44 -3.25
N ASP A 107 12.43 5.39 -2.47
CA ASP A 107 12.29 4.02 -2.98
C ASP A 107 11.18 3.95 -4.03
N LEU A 108 9.99 4.42 -3.66
CA LEU A 108 8.86 4.41 -4.58
C LEU A 108 8.98 5.52 -5.61
N TRP A 109 9.26 6.73 -5.14
CA TRP A 109 9.40 7.88 -6.02
C TRP A 109 10.40 7.59 -7.14
N GLU A 110 11.67 7.45 -6.77
CA GLU A 110 12.72 7.18 -7.75
C GLU A 110 12.64 5.74 -8.24
N GLY A 111 11.86 4.92 -7.54
CA GLY A 111 11.70 3.52 -7.91
C GLY A 111 13.00 2.75 -7.80
N LYS A 112 13.61 2.79 -6.61
CA LYS A 112 14.86 2.09 -6.37
C LYS A 112 14.60 0.70 -5.81
N ASN A 113 13.63 0.61 -4.91
CA ASN A 113 13.28 -0.68 -4.30
C ASN A 113 11.80 -0.98 -4.49
N MET A 114 11.44 -1.39 -5.70
CA MET A 114 10.05 -1.73 -6.01
C MET A 114 9.52 -2.80 -5.08
N ALA A 115 10.45 -3.51 -4.42
CA ALA A 115 10.08 -4.58 -3.50
C ALA A 115 9.82 -4.03 -2.10
N CYS A 116 10.39 -2.87 -1.81
CA CYS A 116 10.23 -2.24 -0.51
C CYS A 116 8.79 -1.78 -0.31
N VAL A 117 8.28 -0.99 -1.24
CA VAL A 117 6.92 -0.48 -1.17
C VAL A 117 5.91 -1.57 -1.50
N GLN A 118 6.33 -2.54 -2.31
CA GLN A 118 5.46 -3.64 -2.69
C GLN A 118 5.03 -4.45 -1.48
N ARG A 119 5.95 -4.60 -0.52
CA ARG A 119 5.65 -5.35 0.69
C ARG A 119 5.05 -4.45 1.76
N THR A 120 5.22 -3.14 1.60
CA THR A 120 4.70 -2.17 2.55
C THR A 120 3.18 -2.10 2.47
N LEU A 121 2.65 -2.00 1.25
CA LEU A 121 1.21 -1.93 1.04
C LEU A 121 0.52 -3.21 1.51
N MET A 122 0.93 -4.34 0.94
CA MET A 122 0.36 -5.63 1.31
C MET A 122 0.04 -5.68 2.79
N ASN A 123 0.93 -5.11 3.61
CA ASN A 123 0.75 -5.09 5.05
C ASN A 123 -0.53 -4.35 5.43
N LEU A 124 -0.69 -3.15 4.87
CA LEU A 124 -1.87 -2.33 5.16
C LEU A 124 -3.15 -3.17 5.06
N GLY A 125 -3.23 -3.99 4.01
CA GLY A 125 -4.40 -4.83 3.82
C GLY A 125 -4.48 -5.95 4.83
N GLY A 126 -3.46 -6.80 4.85
CA GLY A 126 -3.44 -7.92 5.77
C GLY A 126 -3.81 -7.50 7.19
N LEU A 127 -3.25 -6.39 7.64
CA LEU A 127 -3.52 -5.89 8.98
C LEU A 127 -5.00 -5.56 9.15
N ALA A 128 -5.54 -4.80 8.19
CA ALA A 128 -6.94 -4.40 8.23
C ALA A 128 -7.84 -5.62 8.46
N VAL A 129 -7.60 -6.68 7.70
CA VAL A 129 -8.38 -7.90 7.82
C VAL A 129 -8.32 -8.46 9.23
N ALA A 130 -7.28 -8.07 9.97
CA ALA A 130 -7.11 -8.52 11.35
C ALA A 130 -7.79 -7.58 12.33
N ARG A 131 -8.57 -6.64 11.81
CA ARG A 131 -9.28 -5.68 12.64
C ARG A 131 -10.77 -5.97 12.67
N ASP A 132 -11.51 -5.19 13.45
CA ASP A 132 -12.95 -5.37 13.57
C ASP A 132 -13.68 -4.07 13.25
N ASP A 133 -12.97 -3.11 12.67
CA ASP A 133 -13.55 -1.83 12.33
C ASP A 133 -14.70 -2.00 11.33
N GLY A 134 -14.54 -2.96 10.42
CA GLY A 134 -15.57 -3.21 9.43
C GLY A 134 -15.61 -2.14 8.36
N LEU A 135 -14.44 -1.70 7.91
CA LEU A 135 -14.35 -0.67 6.89
C LEU A 135 -13.56 -1.17 5.68
N PHE A 136 -12.60 -2.05 5.92
CA PHE A 136 -11.78 -2.62 4.86
C PHE A 136 -12.65 -3.12 3.71
N SER A 137 -12.15 -2.98 2.49
CA SER A 137 -12.88 -3.42 1.31
C SER A 137 -12.07 -4.44 0.51
N GLY A 138 -12.71 -5.07 -0.46
CA GLY A 138 -12.04 -6.05 -1.29
C GLY A 138 -12.03 -7.43 -0.66
N ASP A 139 -11.77 -8.45 -1.47
CA ASP A 139 -11.74 -9.83 -0.99
C ASP A 139 -10.76 -9.97 0.17
N PRO A 140 -11.24 -10.55 1.28
CA PRO A 140 -10.41 -10.77 2.48
C PRO A 140 -9.35 -11.83 2.26
N ASN A 141 -9.51 -12.63 1.21
CA ASN A 141 -8.57 -13.68 0.90
C ASN A 141 -7.25 -13.11 0.40
N TRP A 142 -7.34 -12.10 -0.46
CA TRP A 142 -6.15 -11.45 -1.01
C TRP A 142 -5.03 -11.40 0.02
N PHE A 143 -5.33 -10.85 1.19
CA PHE A 143 -4.35 -10.73 2.26
C PHE A 143 -4.59 -11.78 3.34
N PRO A 144 -3.51 -12.33 3.89
CA PRO A 144 -3.57 -13.35 4.94
C PRO A 144 -4.09 -12.79 6.27
N LYS A 145 -4.31 -13.68 7.23
CA LYS A 145 -4.81 -13.27 8.55
C LYS A 145 -3.70 -13.38 9.59
N LYS A 146 -3.70 -12.46 10.55
CA LYS A 146 -2.71 -12.45 11.62
C LYS A 146 -3.29 -11.87 12.89
N SER A 147 -2.53 -11.98 13.99
CA SER A 147 -2.97 -11.46 15.27
C SER A 147 -2.14 -10.24 15.68
N LYS A 148 -2.44 -9.09 15.07
CA LYS A 148 -1.73 -7.86 15.37
C LYS A 148 -2.69 -6.78 15.84
N GLU A 149 -2.74 -6.57 17.16
CA GLU A 149 -3.62 -5.56 17.74
C GLU A 149 -2.88 -4.76 18.82
N SER A 150 -3.17 -3.47 18.87
CA SER A 150 -2.54 -2.59 19.86
C SER A 150 -3.51 -1.50 20.31
N GLY A 151 -3.30 -1.02 21.53
CA GLY A 151 -4.17 0.01 22.08
C GLY A 151 -5.50 -0.53 22.54
N PRO A 152 -6.01 0.00 23.66
CA PRO A 152 -7.29 -0.43 24.23
C PRO A 152 -8.47 0.00 23.37
N SER A 153 -8.23 0.92 22.44
CA SER A 153 -9.27 1.42 21.56
C SER A 153 -10.11 0.27 21.00
N SER A 154 -9.47 -0.60 20.22
CA SER A 154 -10.16 -1.74 19.62
C SER A 154 -10.18 -2.92 20.59
N GLY A 155 -11.11 -2.88 21.54
CA GLY A 155 -11.22 -3.95 22.51
C GLY A 155 -12.59 -4.62 22.48
N GLY A 1 10.84 -8.96 -20.07
CA GLY A 1 9.80 -8.41 -19.23
C GLY A 1 8.41 -8.81 -19.68
N SER A 2 8.04 -8.40 -20.89
CA SER A 2 6.72 -8.72 -21.44
C SER A 2 6.76 -10.02 -22.23
N SER A 3 7.78 -10.17 -23.07
CA SER A 3 7.94 -11.36 -23.90
C SER A 3 7.56 -12.61 -23.10
N GLY A 4 6.70 -13.45 -23.68
CA GLY A 4 6.29 -14.66 -23.02
C GLY A 4 7.44 -15.58 -22.71
N SER A 5 7.58 -15.95 -21.44
CA SER A 5 8.66 -16.82 -21.00
C SER A 5 8.11 -18.14 -20.46
N SER A 6 8.97 -19.15 -20.38
CA SER A 6 8.58 -20.46 -19.88
C SER A 6 9.41 -20.86 -18.67
N GLY A 7 8.80 -21.61 -17.76
CA GLY A 7 9.50 -22.05 -16.58
C GLY A 7 9.44 -21.03 -15.45
N GLN A 8 8.67 -21.33 -14.42
CA GLN A 8 8.52 -20.43 -13.28
C GLN A 8 9.87 -19.82 -12.89
N LYS A 9 9.84 -18.59 -12.41
CA LYS A 9 11.06 -17.90 -12.00
C LYS A 9 10.92 -17.35 -10.58
N ILE A 10 11.78 -17.84 -9.68
CA ILE A 10 11.75 -17.39 -8.30
C ILE A 10 12.87 -16.40 -8.02
N GLU A 11 12.50 -15.18 -7.62
CA GLU A 11 13.47 -14.14 -7.31
C GLU A 11 13.12 -13.43 -6.01
N LYS A 12 14.05 -12.61 -5.52
CA LYS A 12 13.84 -11.86 -4.30
C LYS A 12 12.83 -10.73 -4.51
N GLN A 13 12.81 -10.20 -5.72
CA GLN A 13 11.90 -9.10 -6.04
C GLN A 13 10.45 -9.51 -5.80
N TYR A 14 9.54 -8.54 -5.89
CA TYR A 14 8.11 -8.81 -5.69
C TYR A 14 7.59 -9.77 -6.75
N ASP A 15 6.48 -10.45 -6.42
CA ASP A 15 5.88 -11.40 -7.33
C ASP A 15 4.75 -10.74 -8.13
N ALA A 16 4.79 -10.91 -9.45
CA ALA A 16 3.78 -10.34 -10.32
C ALA A 16 2.38 -10.57 -9.77
N ASP A 17 2.19 -11.72 -9.13
CA ASP A 17 0.89 -12.07 -8.56
C ASP A 17 0.48 -11.05 -7.50
N LEU A 18 1.41 -10.70 -6.63
CA LEU A 18 1.15 -9.74 -5.57
C LEU A 18 0.82 -8.36 -6.15
N GLU A 19 1.51 -8.01 -7.23
CA GLU A 19 1.30 -6.72 -7.88
C GLU A 19 -0.15 -6.56 -8.30
N GLN A 20 -0.60 -7.46 -9.19
CA GLN A 20 -1.97 -7.42 -9.68
C GLN A 20 -2.97 -7.33 -8.53
N ILE A 21 -2.64 -7.98 -7.42
CA ILE A 21 -3.51 -7.97 -6.24
C ILE A 21 -3.51 -6.61 -5.58
N LEU A 22 -2.33 -6.02 -5.43
CA LEU A 22 -2.20 -4.70 -4.81
C LEU A 22 -3.02 -3.66 -5.56
N ILE A 23 -2.75 -3.53 -6.86
CA ILE A 23 -3.46 -2.57 -7.70
C ILE A 23 -4.96 -2.79 -7.63
N GLN A 24 -5.37 -4.06 -7.54
CA GLN A 24 -6.78 -4.40 -7.48
C GLN A 24 -7.38 -3.99 -6.13
N TRP A 25 -6.65 -4.28 -5.06
CA TRP A 25 -7.12 -3.94 -3.72
C TRP A 25 -7.18 -2.43 -3.53
N ILE A 26 -6.03 -1.78 -3.64
CA ILE A 26 -5.96 -0.33 -3.48
C ILE A 26 -7.17 0.35 -4.11
N THR A 27 -7.39 0.11 -5.40
CA THR A 27 -8.51 0.70 -6.11
C THR A 27 -9.84 0.27 -5.48
N THR A 28 -9.85 -0.93 -4.90
CA THR A 28 -11.06 -1.44 -4.27
C THR A 28 -11.36 -0.72 -2.96
N GLN A 29 -10.39 -0.70 -2.07
CA GLN A 29 -10.55 -0.04 -0.77
C GLN A 29 -11.15 1.35 -0.95
N CYS A 30 -10.63 2.10 -1.92
CA CYS A 30 -11.12 3.44 -2.20
C CYS A 30 -12.50 3.40 -2.84
N ARG A 31 -13.18 4.54 -2.83
CA ARG A 31 -14.52 4.64 -3.42
C ARG A 31 -14.44 5.14 -4.86
N LYS A 32 -13.80 6.28 -5.05
CA LYS A 32 -13.65 6.87 -6.38
C LYS A 32 -12.61 6.11 -7.21
N ASP A 33 -12.45 6.52 -8.46
CA ASP A 33 -11.48 5.88 -9.34
C ASP A 33 -10.23 6.72 -9.48
N VAL A 34 -9.26 6.49 -8.60
CA VAL A 34 -8.01 7.23 -8.63
C VAL A 34 -7.36 7.17 -10.01
N GLY A 35 -7.50 6.03 -10.67
CA GLY A 35 -6.93 5.87 -12.00
C GLY A 35 -6.28 4.51 -12.19
N ARG A 36 -7.10 3.46 -12.09
CA ARG A 36 -6.59 2.09 -12.24
C ARG A 36 -5.58 2.02 -13.38
N PRO A 37 -4.28 1.98 -13.02
CA PRO A 37 -3.20 1.90 -14.00
C PRO A 37 -3.14 0.55 -14.70
N GLN A 38 -2.02 0.28 -15.37
CA GLN A 38 -1.84 -0.99 -16.08
C GLN A 38 -1.19 -2.03 -15.18
N PRO A 39 -1.36 -3.31 -15.54
CA PRO A 39 -0.80 -4.42 -14.78
C PRO A 39 0.72 -4.49 -14.89
N GLY A 40 1.31 -3.52 -15.58
CA GLY A 40 2.75 -3.50 -15.75
C GLY A 40 3.48 -3.31 -14.43
N ARG A 41 4.78 -3.04 -14.51
CA ARG A 41 5.59 -2.84 -13.32
C ARG A 41 6.14 -1.42 -13.26
N GLU A 42 6.45 -0.86 -14.43
CA GLU A 42 6.98 0.50 -14.51
C GLU A 42 5.90 1.53 -14.18
N ASN A 43 4.65 1.17 -14.46
CA ASN A 43 3.52 2.06 -14.19
C ASN A 43 3.24 2.14 -12.69
N PHE A 44 3.04 0.99 -12.06
CA PHE A 44 2.75 0.94 -10.63
C PHE A 44 3.59 1.96 -9.88
N GLN A 45 4.91 1.82 -9.97
CA GLN A 45 5.82 2.74 -9.28
C GLN A 45 5.35 4.18 -9.43
N ASN A 46 4.97 4.56 -10.65
CA ASN A 46 4.50 5.92 -10.91
C ASN A 46 3.15 6.16 -10.26
N TRP A 47 2.25 5.18 -10.39
CA TRP A 47 0.91 5.28 -9.82
C TRP A 47 0.97 5.85 -8.40
N LEU A 48 1.92 5.34 -7.61
CA LEU A 48 2.07 5.79 -6.23
C LEU A 48 3.08 6.93 -6.15
N LYS A 49 3.98 7.01 -7.13
CA LYS A 49 4.99 8.06 -7.17
C LYS A 49 4.38 9.41 -6.83
N ASP A 50 3.29 9.75 -7.52
CA ASP A 50 2.61 11.02 -7.29
C ASP A 50 2.22 11.17 -5.83
N GLY A 51 1.74 10.08 -5.23
CA GLY A 51 1.33 10.12 -3.84
C GLY A 51 -0.17 10.27 -3.67
N THR A 52 -0.82 10.82 -4.70
CA THR A 52 -2.26 11.02 -4.66
C THR A 52 -3.00 9.69 -4.62
N VAL A 53 -2.26 8.61 -4.79
CA VAL A 53 -2.85 7.27 -4.78
C VAL A 53 -2.63 6.59 -3.43
N LEU A 54 -1.52 6.93 -2.78
CA LEU A 54 -1.20 6.34 -1.48
C LEU A 54 -2.11 6.91 -0.39
N CYS A 55 -2.46 8.18 -0.53
CA CYS A 55 -3.33 8.85 0.44
C CYS A 55 -4.75 8.29 0.36
N GLU A 56 -5.24 8.10 -0.86
CA GLU A 56 -6.58 7.58 -1.07
C GLU A 56 -6.77 6.24 -0.35
N LEU A 57 -5.74 5.41 -0.39
CA LEU A 57 -5.79 4.10 0.26
C LEU A 57 -5.99 4.24 1.76
N ILE A 58 -5.06 4.92 2.42
CA ILE A 58 -5.14 5.14 3.86
C ILE A 58 -6.37 5.96 4.22
N ASN A 59 -6.78 6.84 3.31
CA ASN A 59 -7.96 7.68 3.54
C ASN A 59 -9.24 6.88 3.37
N ALA A 60 -9.20 5.89 2.50
CA ALA A 60 -10.38 5.05 2.24
C ALA A 60 -10.72 4.22 3.47
N LEU A 61 -9.70 3.73 4.16
CA LEU A 61 -9.90 2.91 5.36
C LEU A 61 -10.59 3.73 6.45
N TYR A 62 -9.83 4.62 7.08
CA TYR A 62 -10.36 5.46 8.14
C TYR A 62 -11.68 6.11 7.72
N PRO A 63 -12.59 6.28 8.70
CA PRO A 63 -13.90 6.89 8.46
C PRO A 63 -13.79 8.38 8.14
N GLU A 64 -14.94 9.00 7.87
CA GLU A 64 -14.98 10.42 7.53
C GLU A 64 -14.37 11.26 8.67
N GLY A 65 -13.43 12.12 8.32
CA GLY A 65 -12.79 12.96 9.31
C GLY A 65 -11.55 12.32 9.89
N GLN A 66 -11.67 11.07 10.32
CA GLN A 66 -10.55 10.35 10.89
C GLN A 66 -9.36 10.31 9.94
N ALA A 67 -9.66 10.25 8.65
CA ALA A 67 -8.61 10.22 7.62
C ALA A 67 -7.43 11.11 8.01
N PRO A 68 -6.22 10.54 7.96
CA PRO A 68 -4.99 11.26 8.30
C PRO A 68 -4.64 12.33 7.28
N VAL A 69 -4.81 12.00 6.00
CA VAL A 69 -4.51 12.93 4.91
C VAL A 69 -5.80 13.47 4.29
N LYS A 70 -6.09 14.73 4.56
CA LYS A 70 -7.29 15.37 4.02
C LYS A 70 -6.93 16.34 2.90
N LYS A 71 -5.70 16.83 2.92
CA LYS A 71 -5.23 17.76 1.89
C LYS A 71 -4.59 17.01 0.73
N ILE A 72 -5.39 16.21 0.03
CA ILE A 72 -4.90 15.45 -1.10
C ILE A 72 -4.80 16.32 -2.35
N GLN A 73 -3.61 16.85 -2.60
CA GLN A 73 -3.39 17.70 -3.77
C GLN A 73 -2.48 17.00 -4.78
N ALA A 74 -2.72 17.29 -6.06
CA ALA A 74 -1.92 16.69 -7.13
C ALA A 74 -1.05 17.73 -7.81
N SER A 75 0.22 17.79 -7.41
CA SER A 75 1.16 18.75 -7.98
C SER A 75 2.28 18.03 -8.74
N THR A 76 2.61 18.55 -9.92
CA THR A 76 3.65 17.96 -10.74
C THR A 76 5.02 18.13 -10.11
N MET A 77 5.16 19.17 -9.29
CA MET A 77 6.42 19.45 -8.61
C MET A 77 7.06 18.16 -8.09
N ALA A 78 8.27 17.88 -8.52
CA ALA A 78 8.99 16.69 -8.11
C ALA A 78 9.05 16.60 -6.59
N PHE A 79 9.23 17.74 -5.93
CA PHE A 79 9.31 17.78 -4.48
C PHE A 79 7.95 17.54 -3.85
N LYS A 80 6.93 18.18 -4.41
CA LYS A 80 5.56 18.04 -3.91
C LYS A 80 5.13 16.56 -3.90
N GLN A 81 5.37 15.89 -5.02
CA GLN A 81 5.01 14.48 -5.15
C GLN A 81 5.65 13.66 -4.02
N MET A 82 6.97 13.57 -4.04
CA MET A 82 7.70 12.82 -3.03
C MET A 82 7.23 13.20 -1.63
N GLU A 83 6.95 14.48 -1.42
CA GLU A 83 6.49 14.96 -0.12
C GLU A 83 5.12 14.40 0.21
N GLN A 84 4.31 14.17 -0.82
CA GLN A 84 2.97 13.63 -0.63
C GLN A 84 3.03 12.19 -0.15
N ILE A 85 4.01 11.45 -0.62
CA ILE A 85 4.18 10.05 -0.23
C ILE A 85 4.40 9.92 1.26
N SER A 86 5.25 10.79 1.81
CA SER A 86 5.55 10.77 3.24
C SER A 86 4.28 10.87 4.07
N GLN A 87 3.35 11.70 3.60
CA GLN A 87 2.08 11.90 4.30
C GLN A 87 1.40 10.56 4.57
N PHE A 88 1.51 9.64 3.62
CA PHE A 88 0.90 8.32 3.75
C PHE A 88 1.69 7.46 4.72
N LEU A 89 3.00 7.36 4.50
CA LEU A 89 3.87 6.57 5.36
C LEU A 89 3.71 6.97 6.83
N GLN A 90 3.92 8.25 7.10
CA GLN A 90 3.81 8.77 8.46
C GLN A 90 2.70 8.04 9.22
N ALA A 91 1.58 7.81 8.55
CA ALA A 91 0.45 7.12 9.16
C ALA A 91 0.61 5.61 9.06
N ALA A 92 1.05 5.14 7.89
CA ALA A 92 1.25 3.72 7.67
C ALA A 92 1.79 3.03 8.92
N GLU A 93 2.77 3.66 9.55
CA GLU A 93 3.39 3.11 10.76
C GLU A 93 2.50 3.36 11.98
N ARG A 94 1.86 4.53 12.00
CA ARG A 94 0.98 4.89 13.12
C ARG A 94 -0.22 3.96 13.19
N TYR A 95 -0.59 3.37 12.05
CA TYR A 95 -1.72 2.46 11.98
C TYR A 95 -1.40 1.14 12.68
N GLY A 96 -0.24 0.57 12.36
CA GLY A 96 0.16 -0.68 12.97
C GLY A 96 1.34 -1.31 12.25
N ILE A 97 1.45 -1.06 10.95
CA ILE A 97 2.54 -1.61 10.16
C ILE A 97 3.89 -1.29 10.78
N ASN A 98 4.82 -2.24 10.68
CA ASN A 98 6.15 -2.06 11.24
C ASN A 98 7.03 -1.24 10.30
N THR A 99 7.66 -0.20 10.84
CA THR A 99 8.53 0.66 10.05
C THR A 99 9.51 -0.16 9.23
N THR A 100 10.18 -1.10 9.88
CA THR A 100 11.16 -1.95 9.20
C THR A 100 10.64 -2.41 7.85
N ASP A 101 9.34 -2.68 7.78
CA ASP A 101 8.71 -3.12 6.54
C ASP A 101 8.42 -1.95 5.62
N ILE A 102 7.92 -0.86 6.21
CA ILE A 102 7.59 0.33 5.44
C ILE A 102 8.72 0.72 4.51
N PHE A 103 8.37 1.11 3.29
CA PHE A 103 9.36 1.51 2.29
C PHE A 103 9.79 2.96 2.49
N GLN A 104 10.73 3.41 1.67
CA GLN A 104 11.23 4.78 1.76
C GLN A 104 10.60 5.65 0.69
N THR A 105 10.40 6.93 1.01
CA THR A 105 9.80 7.88 0.08
C THR A 105 10.53 7.85 -1.27
N VAL A 106 11.84 7.66 -1.22
CA VAL A 106 12.65 7.60 -2.44
C VAL A 106 12.56 6.24 -3.10
N ASP A 107 12.38 5.20 -2.29
CA ASP A 107 12.28 3.84 -2.78
C ASP A 107 11.16 3.71 -3.81
N LEU A 108 10.12 4.51 -3.63
CA LEU A 108 8.97 4.49 -4.53
C LEU A 108 9.06 5.65 -5.54
N TRP A 109 9.37 6.84 -5.03
CA TRP A 109 9.48 8.02 -5.88
C TRP A 109 10.40 7.76 -7.06
N GLU A 110 11.67 7.47 -6.77
CA GLU A 110 12.66 7.21 -7.80
C GLU A 110 12.56 5.77 -8.29
N GLY A 111 12.11 4.88 -7.41
CA GLY A 111 11.97 3.48 -7.77
C GLY A 111 13.20 2.67 -7.45
N LYS A 112 13.88 3.05 -6.38
CA LYS A 112 15.10 2.35 -5.95
C LYS A 112 14.80 0.89 -5.63
N ASN A 113 13.82 0.67 -4.76
CA ASN A 113 13.44 -0.68 -4.37
C ASN A 113 11.95 -0.90 -4.58
N MET A 114 11.57 -1.19 -5.82
CA MET A 114 10.17 -1.43 -6.17
C MET A 114 9.61 -2.58 -5.35
N ALA A 115 10.46 -3.55 -5.02
CA ALA A 115 10.04 -4.71 -4.23
C ALA A 115 9.89 -4.35 -2.76
N CYS A 116 10.24 -3.12 -2.41
CA CYS A 116 10.14 -2.65 -1.04
C CYS A 116 8.72 -2.17 -0.73
N VAL A 117 8.23 -1.23 -1.53
CA VAL A 117 6.90 -0.68 -1.34
C VAL A 117 5.83 -1.75 -1.57
N GLN A 118 6.08 -2.61 -2.54
CA GLN A 118 5.14 -3.69 -2.87
C GLN A 118 4.74 -4.46 -1.61
N ARG A 119 5.73 -4.80 -0.80
CA ARG A 119 5.48 -5.54 0.42
C ARG A 119 4.75 -4.68 1.45
N THR A 120 5.23 -3.45 1.64
CA THR A 120 4.62 -2.53 2.59
C THR A 120 3.11 -2.47 2.40
N LEU A 121 2.67 -2.20 1.19
CA LEU A 121 1.25 -2.12 0.88
C LEU A 121 0.53 -3.39 1.30
N MET A 122 1.09 -4.54 0.92
CA MET A 122 0.50 -5.83 1.27
C MET A 122 0.17 -5.89 2.76
N ASN A 123 1.06 -5.36 3.59
CA ASN A 123 0.85 -5.35 5.03
C ASN A 123 -0.40 -4.57 5.40
N LEU A 124 -0.50 -3.35 4.87
CA LEU A 124 -1.65 -2.50 5.15
C LEU A 124 -2.96 -3.27 5.00
N GLY A 125 -3.07 -4.03 3.90
CA GLY A 125 -4.27 -4.81 3.66
C GLY A 125 -4.42 -5.96 4.64
N GLY A 126 -3.34 -6.71 4.83
CA GLY A 126 -3.38 -7.83 5.74
C GLY A 126 -3.81 -7.44 7.15
N LEU A 127 -3.39 -6.25 7.56
CA LEU A 127 -3.74 -5.74 8.89
C LEU A 127 -5.23 -5.41 8.98
N ALA A 128 -5.72 -4.66 7.99
CA ALA A 128 -7.12 -4.27 7.96
C ALA A 128 -8.03 -5.48 8.14
N VAL A 129 -7.75 -6.54 7.40
CA VAL A 129 -8.54 -7.76 7.48
C VAL A 129 -8.48 -8.37 8.88
N ALA A 130 -7.57 -7.86 9.70
CA ALA A 130 -7.40 -8.35 11.05
C ALA A 130 -8.01 -7.38 12.06
N ARG A 131 -8.84 -6.47 11.57
CA ARG A 131 -9.48 -5.48 12.43
C ARG A 131 -10.99 -5.69 12.47
N ASP A 132 -11.68 -4.84 13.21
CA ASP A 132 -13.14 -4.93 13.33
C ASP A 132 -13.81 -3.62 12.93
N ASP A 133 -13.03 -2.73 12.32
CA ASP A 133 -13.55 -1.43 11.88
C ASP A 133 -14.69 -1.61 10.90
N GLY A 134 -14.62 -2.66 10.09
CA GLY A 134 -15.67 -2.92 9.12
C GLY A 134 -15.66 -1.92 7.98
N LEU A 135 -14.47 -1.53 7.54
CA LEU A 135 -14.33 -0.58 6.45
C LEU A 135 -13.59 -1.19 5.27
N PHE A 136 -12.51 -1.89 5.57
CA PHE A 136 -11.70 -2.54 4.53
C PHE A 136 -12.59 -3.14 3.45
N SER A 137 -12.17 -3.02 2.20
CA SER A 137 -12.93 -3.54 1.07
C SER A 137 -12.10 -4.54 0.27
N GLY A 138 -12.75 -5.25 -0.65
CA GLY A 138 -12.05 -6.22 -1.46
C GLY A 138 -12.13 -7.62 -0.89
N ASP A 139 -11.52 -8.58 -1.58
CA ASP A 139 -11.52 -9.96 -1.14
C ASP A 139 -10.59 -10.16 0.05
N PRO A 140 -11.13 -10.74 1.14
CA PRO A 140 -10.37 -11.00 2.37
C PRO A 140 -9.32 -12.08 2.18
N ASN A 141 -9.28 -12.66 0.98
CA ASN A 141 -8.31 -13.71 0.67
C ASN A 141 -6.97 -13.11 0.27
N TRP A 142 -7.01 -12.08 -0.55
CA TRP A 142 -5.79 -11.42 -1.01
C TRP A 142 -4.73 -11.42 0.08
N PHE A 143 -5.10 -10.96 1.27
CA PHE A 143 -4.17 -10.91 2.39
C PHE A 143 -4.56 -11.93 3.46
N PRO A 144 -3.56 -12.57 4.07
CA PRO A 144 -3.76 -13.56 5.12
C PRO A 144 -4.28 -12.95 6.41
N LYS A 145 -4.61 -13.80 7.38
CA LYS A 145 -5.12 -13.34 8.67
C LYS A 145 -4.23 -13.83 9.80
N LYS A 146 -3.66 -12.89 10.55
CA LYS A 146 -2.79 -13.23 11.67
C LYS A 146 -3.61 -13.48 12.93
N SER A 147 -3.29 -14.58 13.63
CA SER A 147 -4.00 -14.94 14.85
C SER A 147 -4.17 -13.72 15.76
N LYS A 148 -5.41 -13.44 16.13
CA LYS A 148 -5.71 -12.30 16.99
C LYS A 148 -4.76 -12.27 18.19
N GLU A 149 -4.70 -11.13 18.87
CA GLU A 149 -3.83 -10.98 20.03
C GLU A 149 -4.25 -11.92 21.16
N SER A 150 -5.51 -11.83 21.56
CA SER A 150 -6.04 -12.67 22.63
C SER A 150 -7.46 -13.12 22.31
N GLY A 151 -7.62 -14.40 21.99
CA GLY A 151 -8.93 -14.93 21.67
C GLY A 151 -9.50 -15.77 22.79
N PRO A 152 -10.84 -15.73 22.96
CA PRO A 152 -11.53 -16.48 24.00
C PRO A 152 -11.51 -17.99 23.73
N SER A 153 -11.56 -18.77 24.80
CA SER A 153 -11.55 -20.23 24.68
C SER A 153 -12.64 -20.85 25.55
N SER A 154 -13.87 -20.86 25.05
CA SER A 154 -14.99 -21.42 25.78
C SER A 154 -15.69 -22.50 24.96
N GLY A 155 -14.90 -23.36 24.32
CA GLY A 155 -15.45 -24.43 23.52
C GLY A 155 -14.59 -24.76 22.32
N GLY A 1 20.10 2.57 -17.97
CA GLY A 1 20.72 1.59 -18.84
C GLY A 1 21.01 0.29 -18.13
N SER A 2 19.97 -0.47 -17.82
CA SER A 2 20.12 -1.75 -17.13
C SER A 2 20.67 -2.81 -18.07
N SER A 3 21.71 -3.52 -17.63
CA SER A 3 22.32 -4.57 -18.43
C SER A 3 22.22 -5.92 -17.73
N GLY A 4 22.02 -6.97 -18.52
CA GLY A 4 21.91 -8.31 -17.96
C GLY A 4 20.47 -8.73 -17.78
N SER A 5 20.19 -10.00 -18.08
CA SER A 5 18.84 -10.54 -17.95
C SER A 5 18.67 -11.26 -16.63
N SER A 6 19.22 -10.69 -15.56
CA SER A 6 19.14 -11.28 -14.23
C SER A 6 17.70 -11.25 -13.71
N GLY A 7 17.09 -12.41 -13.61
CA GLY A 7 15.73 -12.51 -13.12
C GLY A 7 15.36 -13.90 -12.67
N GLN A 8 16.20 -14.49 -11.83
CA GLN A 8 15.96 -15.83 -11.32
C GLN A 8 16.49 -15.99 -9.90
N LYS A 9 15.68 -16.58 -9.03
CA LYS A 9 16.07 -16.79 -7.64
C LYS A 9 16.78 -15.56 -7.08
N ILE A 10 16.26 -14.39 -7.41
CA ILE A 10 16.84 -13.14 -6.94
C ILE A 10 16.53 -12.90 -5.47
N GLU A 11 17.57 -12.74 -4.66
CA GLU A 11 17.39 -12.50 -3.23
C GLU A 11 16.91 -11.08 -2.97
N LYS A 12 15.60 -10.88 -3.10
CA LYS A 12 15.01 -9.56 -2.88
C LYS A 12 13.54 -9.68 -2.47
N GLN A 13 12.93 -8.55 -2.15
CA GLN A 13 11.53 -8.53 -1.75
C GLN A 13 10.65 -8.00 -2.86
N TYR A 14 10.48 -8.79 -3.92
CA TYR A 14 9.67 -8.40 -5.06
C TYR A 14 8.88 -9.58 -5.59
N ASP A 15 7.55 -9.50 -5.48
CA ASP A 15 6.69 -10.57 -5.96
C ASP A 15 5.60 -10.02 -6.88
N ALA A 16 5.46 -10.62 -8.06
CA ALA A 16 4.46 -10.18 -9.03
C ALA A 16 3.06 -10.62 -8.60
N ASP A 17 2.93 -11.88 -8.20
CA ASP A 17 1.64 -12.41 -7.77
C ASP A 17 0.93 -11.42 -6.84
N LEU A 18 1.70 -10.74 -6.02
CA LEU A 18 1.14 -9.77 -5.08
C LEU A 18 0.85 -8.44 -5.78
N GLU A 19 1.70 -8.08 -6.72
CA GLU A 19 1.54 -6.84 -7.47
C GLU A 19 0.16 -6.78 -8.13
N GLN A 20 -0.14 -7.78 -8.95
CA GLN A 20 -1.41 -7.86 -9.64
C GLN A 20 -2.58 -7.72 -8.67
N ILE A 21 -2.40 -8.25 -7.47
CA ILE A 21 -3.43 -8.18 -6.44
C ILE A 21 -3.52 -6.78 -5.84
N LEU A 22 -2.35 -6.18 -5.58
CA LEU A 22 -2.29 -4.84 -5.00
C LEU A 22 -3.10 -3.85 -5.83
N ILE A 23 -2.79 -3.79 -7.12
CA ILE A 23 -3.50 -2.89 -8.02
C ILE A 23 -5.01 -3.11 -7.96
N GLN A 24 -5.41 -4.38 -7.91
CA GLN A 24 -6.82 -4.72 -7.85
C GLN A 24 -7.45 -4.22 -6.54
N TRP A 25 -6.73 -4.39 -5.44
CA TRP A 25 -7.21 -3.94 -4.14
C TRP A 25 -7.22 -2.43 -4.04
N ILE A 26 -6.03 -1.83 -4.10
CA ILE A 26 -5.90 -0.38 -4.02
C ILE A 26 -7.09 0.33 -4.69
N THR A 27 -7.30 0.01 -5.97
CA THR A 27 -8.39 0.61 -6.73
C THR A 27 -9.72 0.41 -6.01
N THR A 28 -9.99 -0.82 -5.60
CA THR A 28 -11.23 -1.14 -4.89
C THR A 28 -11.33 -0.38 -3.58
N GLN A 29 -10.37 -0.61 -2.69
CA GLN A 29 -10.35 0.06 -1.39
C GLN A 29 -10.77 1.52 -1.53
N CYS A 30 -10.22 2.19 -2.52
CA CYS A 30 -10.53 3.60 -2.75
C CYS A 30 -11.95 3.76 -3.31
N ARG A 31 -12.65 4.77 -2.82
CA ARG A 31 -14.01 5.03 -3.28
C ARG A 31 -14.03 5.60 -4.69
N LYS A 32 -13.20 6.61 -4.92
CA LYS A 32 -13.12 7.25 -6.23
C LYS A 32 -12.22 6.44 -7.17
N ASP A 33 -12.22 6.82 -8.45
CA ASP A 33 -11.42 6.13 -9.44
C ASP A 33 -10.15 6.93 -9.76
N VAL A 34 -9.10 6.70 -8.99
CA VAL A 34 -7.83 7.40 -9.19
C VAL A 34 -7.38 7.31 -10.65
N GLY A 35 -7.65 6.15 -11.27
CA GLY A 35 -7.26 5.97 -12.65
C GLY A 35 -6.52 4.66 -12.87
N ARG A 36 -7.16 3.55 -12.50
CA ARG A 36 -6.55 2.24 -12.66
C ARG A 36 -5.67 2.19 -13.90
N PRO A 37 -4.36 2.40 -13.70
CA PRO A 37 -3.38 2.38 -14.80
C PRO A 37 -3.18 0.98 -15.37
N GLN A 38 -2.12 0.82 -16.16
CA GLN A 38 -1.82 -0.47 -16.77
C GLN A 38 -1.16 -1.42 -15.77
N PRO A 39 -1.33 -2.72 -15.97
CA PRO A 39 -0.77 -3.75 -15.10
C PRO A 39 0.75 -3.84 -15.20
N GLY A 40 1.33 -2.96 -16.00
CA GLY A 40 2.77 -2.95 -16.18
C GLY A 40 3.51 -2.95 -14.86
N ARG A 41 4.84 -2.87 -14.93
CA ARG A 41 5.67 -2.87 -13.73
C ARG A 41 6.11 -1.45 -13.37
N GLU A 42 6.82 -0.81 -14.29
CA GLU A 42 7.30 0.55 -14.08
C GLU A 42 6.14 1.48 -13.72
N ASN A 43 4.96 1.18 -14.25
CA ASN A 43 3.79 1.99 -13.99
C ASN A 43 3.44 1.99 -12.50
N PHE A 44 3.28 0.80 -11.94
CA PHE A 44 2.96 0.67 -10.52
C PHE A 44 3.66 1.73 -9.70
N GLN A 45 4.96 1.89 -9.94
CA GLN A 45 5.76 2.88 -9.22
C GLN A 45 5.21 4.29 -9.44
N ASN A 46 4.96 4.63 -10.69
CA ASN A 46 4.44 5.95 -11.03
C ASN A 46 3.08 6.17 -10.40
N TRP A 47 2.23 5.16 -10.45
CA TRP A 47 0.88 5.24 -9.88
C TRP A 47 0.94 5.77 -8.45
N LEU A 48 1.89 5.26 -7.66
CA LEU A 48 2.06 5.68 -6.28
C LEU A 48 3.11 6.78 -6.16
N LYS A 49 3.89 6.96 -7.22
CA LYS A 49 4.93 7.98 -7.24
C LYS A 49 4.38 9.33 -6.81
N ASP A 50 3.26 9.72 -7.40
CA ASP A 50 2.63 11.00 -7.08
C ASP A 50 2.20 11.04 -5.62
N GLY A 51 1.86 9.87 -5.07
CA GLY A 51 1.44 9.80 -3.69
C GLY A 51 -0.07 9.92 -3.54
N THR A 52 -0.66 10.86 -4.27
CA THR A 52 -2.10 11.08 -4.21
C THR A 52 -2.85 9.75 -4.06
N VAL A 53 -2.38 8.73 -4.76
CA VAL A 53 -3.00 7.41 -4.71
C VAL A 53 -2.92 6.81 -3.30
N LEU A 54 -1.70 6.68 -2.80
CA LEU A 54 -1.50 6.13 -1.46
C LEU A 54 -2.40 6.81 -0.44
N CYS A 55 -2.70 8.08 -0.67
CA CYS A 55 -3.55 8.85 0.22
C CYS A 55 -4.98 8.29 0.22
N GLU A 56 -5.54 8.13 -0.97
CA GLU A 56 -6.89 7.60 -1.10
C GLU A 56 -7.03 6.25 -0.41
N LEU A 57 -5.94 5.50 -0.38
CA LEU A 57 -5.93 4.18 0.25
C LEU A 57 -6.04 4.30 1.77
N ILE A 58 -4.97 4.77 2.40
CA ILE A 58 -4.95 4.94 3.85
C ILE A 58 -6.18 5.69 4.32
N ASN A 59 -6.65 6.63 3.51
CA ASN A 59 -7.83 7.43 3.86
C ASN A 59 -9.09 6.58 3.81
N ALA A 60 -9.18 5.71 2.81
CA ALA A 60 -10.33 4.83 2.66
C ALA A 60 -10.61 4.07 3.95
N LEU A 61 -9.56 3.54 4.56
CA LEU A 61 -9.70 2.78 5.80
C LEU A 61 -10.18 3.68 6.94
N TYR A 62 -9.29 4.54 7.42
CA TYR A 62 -9.63 5.46 8.51
C TYR A 62 -11.00 6.08 8.28
N PRO A 63 -11.77 6.20 9.38
CA PRO A 63 -13.13 6.77 9.33
C PRO A 63 -13.10 8.27 9.07
N GLU A 64 -14.19 8.77 8.49
CA GLU A 64 -14.29 10.19 8.18
C GLU A 64 -13.71 11.05 9.30
N GLY A 65 -12.90 12.02 8.93
CA GLY A 65 -12.29 12.89 9.92
C GLY A 65 -10.97 12.34 10.45
N GLN A 66 -10.98 11.07 10.84
CA GLN A 66 -9.78 10.42 11.36
C GLN A 66 -8.68 10.39 10.31
N ALA A 67 -9.08 10.23 9.05
CA ALA A 67 -8.12 10.17 7.95
C ALA A 67 -6.94 11.09 8.21
N PRO A 68 -5.72 10.54 8.12
CA PRO A 68 -4.49 11.29 8.34
C PRO A 68 -4.22 12.30 7.22
N VAL A 69 -4.56 11.92 6.00
CA VAL A 69 -4.36 12.79 4.85
C VAL A 69 -5.69 13.29 4.29
N LYS A 70 -6.10 14.47 4.74
CA LYS A 70 -7.35 15.06 4.28
C LYS A 70 -7.15 15.85 2.99
N LYS A 71 -6.08 16.62 2.93
CA LYS A 71 -5.76 17.42 1.76
C LYS A 71 -5.10 16.56 0.68
N ILE A 72 -5.92 16.07 -0.25
CA ILE A 72 -5.40 15.23 -1.33
C ILE A 72 -5.40 15.99 -2.66
N GLN A 73 -4.23 16.53 -3.02
CA GLN A 73 -4.08 17.28 -4.26
C GLN A 73 -2.98 16.69 -5.12
N ALA A 74 -2.97 17.06 -6.40
CA ALA A 74 -1.96 16.58 -7.33
C ALA A 74 -1.13 17.72 -7.89
N SER A 75 0.04 17.94 -7.29
CA SER A 75 0.94 19.00 -7.72
C SER A 75 2.08 18.45 -8.57
N THR A 76 2.46 19.20 -9.60
CA THR A 76 3.53 18.78 -10.49
C THR A 76 4.89 18.85 -9.79
N MET A 77 5.08 19.88 -8.97
CA MET A 77 6.32 20.05 -8.23
C MET A 77 6.88 18.70 -7.79
N ALA A 78 8.14 18.44 -8.16
CA ALA A 78 8.79 17.19 -7.80
C ALA A 78 8.87 17.03 -6.28
N PHE A 79 8.94 18.15 -5.58
CA PHE A 79 9.03 18.14 -4.12
C PHE A 79 7.70 17.72 -3.51
N LYS A 80 6.61 18.27 -4.03
CA LYS A 80 5.27 17.96 -3.53
C LYS A 80 4.95 16.48 -3.72
N GLN A 81 5.00 16.02 -4.96
CA GLN A 81 4.72 14.62 -5.28
C GLN A 81 5.36 13.69 -4.24
N MET A 82 6.68 13.76 -4.12
CA MET A 82 7.41 12.93 -3.17
C MET A 82 6.92 13.18 -1.75
N GLU A 83 6.58 14.43 -1.45
CA GLU A 83 6.10 14.79 -0.12
C GLU A 83 4.75 14.14 0.16
N GLN A 84 3.94 13.99 -0.88
CA GLN A 84 2.62 13.38 -0.74
C GLN A 84 2.75 11.93 -0.27
N ILE A 85 3.87 11.29 -0.59
CA ILE A 85 4.10 9.90 -0.21
C ILE A 85 4.26 9.79 1.30
N SER A 86 5.28 10.45 1.84
CA SER A 86 5.55 10.41 3.27
C SER A 86 4.26 10.46 4.06
N GLN A 87 3.42 11.44 3.76
CA GLN A 87 2.14 11.60 4.46
C GLN A 87 1.50 10.24 4.71
N PHE A 88 1.49 9.39 3.70
CA PHE A 88 0.89 8.05 3.82
C PHE A 88 1.71 7.18 4.78
N LEU A 89 3.02 7.23 4.64
CA LEU A 89 3.91 6.45 5.49
C LEU A 89 3.77 6.87 6.95
N GLN A 90 4.03 8.14 7.22
CA GLN A 90 3.94 8.68 8.58
C GLN A 90 2.80 8.01 9.34
N ALA A 91 1.65 7.89 8.69
CA ALA A 91 0.49 7.27 9.31
C ALA A 91 0.58 5.74 9.25
N ALA A 92 0.99 5.23 8.10
CA ALA A 92 1.11 3.79 7.91
C ALA A 92 1.61 3.11 9.18
N GLU A 93 2.63 3.71 9.80
CA GLU A 93 3.19 3.16 11.02
C GLU A 93 2.23 3.33 12.20
N ARG A 94 1.63 4.51 12.29
CA ARG A 94 0.69 4.81 13.36
C ARG A 94 -0.55 3.92 13.26
N TYR A 95 -0.66 3.20 12.15
CA TYR A 95 -1.80 2.32 11.92
C TYR A 95 -1.55 0.94 12.51
N GLY A 96 -0.30 0.47 12.38
CA GLY A 96 0.05 -0.83 12.91
C GLY A 96 1.32 -1.38 12.28
N ILE A 97 1.50 -1.11 11.00
CA ILE A 97 2.68 -1.59 10.28
C ILE A 97 3.96 -1.15 10.98
N ASN A 98 4.98 -1.99 10.91
CA ASN A 98 6.27 -1.69 11.52
C ASN A 98 7.15 -0.89 10.58
N THR A 99 7.88 0.08 11.14
CA THR A 99 8.76 0.92 10.36
C THR A 99 9.77 0.08 9.56
N THR A 100 10.16 -1.04 10.13
CA THR A 100 11.12 -1.94 9.48
C THR A 100 10.58 -2.44 8.15
N ASP A 101 9.26 -2.38 7.99
CA ASP A 101 8.61 -2.82 6.75
C ASP A 101 8.32 -1.64 5.84
N ILE A 102 7.89 -0.53 6.44
CA ILE A 102 7.57 0.67 5.68
C ILE A 102 8.68 1.00 4.68
N PHE A 103 8.28 1.46 3.50
CA PHE A 103 9.24 1.81 2.46
C PHE A 103 9.60 3.29 2.53
N GLN A 104 10.69 3.66 1.87
CA GLN A 104 11.15 5.06 1.86
C GLN A 104 10.41 5.86 0.80
N THR A 105 10.65 7.17 0.78
CA THR A 105 10.02 8.06 -0.18
C THR A 105 10.68 7.95 -1.55
N VAL A 106 12.01 7.94 -1.56
CA VAL A 106 12.77 7.84 -2.80
C VAL A 106 12.67 6.42 -3.38
N ASP A 107 12.42 5.45 -2.53
CA ASP A 107 12.30 4.06 -2.95
C ASP A 107 11.14 3.90 -3.94
N LEU A 108 10.07 4.66 -3.73
CA LEU A 108 8.91 4.59 -4.60
C LEU A 108 8.89 5.76 -5.58
N TRP A 109 9.38 6.91 -5.14
CA TRP A 109 9.43 8.11 -5.97
C TRP A 109 10.32 7.87 -7.19
N GLU A 110 11.57 7.51 -6.93
CA GLU A 110 12.53 7.26 -8.02
C GLU A 110 12.61 5.77 -8.33
N GLY A 111 11.69 5.00 -7.77
CA GLY A 111 11.68 3.57 -8.01
C GLY A 111 13.08 2.99 -8.16
N LYS A 112 13.92 3.21 -7.16
CA LYS A 112 15.29 2.72 -7.19
C LYS A 112 15.36 1.29 -6.67
N ASN A 113 14.42 0.94 -5.79
CA ASN A 113 14.37 -0.40 -5.21
C ASN A 113 13.04 -1.08 -5.52
N MET A 114 11.96 -0.35 -5.35
CA MET A 114 10.62 -0.88 -5.60
C MET A 114 10.49 -2.30 -5.10
N ALA A 115 11.00 -2.55 -3.90
CA ALA A 115 10.94 -3.88 -3.31
C ALA A 115 10.33 -3.83 -1.90
N CYS A 116 10.57 -2.73 -1.20
CA CYS A 116 10.05 -2.55 0.15
C CYS A 116 8.58 -2.12 0.12
N VAL A 117 8.28 -1.14 -0.75
CA VAL A 117 6.92 -0.63 -0.88
C VAL A 117 5.96 -1.74 -1.31
N GLN A 118 6.45 -2.64 -2.16
CA GLN A 118 5.63 -3.74 -2.65
C GLN A 118 5.02 -4.53 -1.49
N ARG A 119 5.83 -4.76 -0.46
CA ARG A 119 5.36 -5.50 0.71
C ARG A 119 4.54 -4.60 1.63
N THR A 120 5.12 -3.47 2.01
CA THR A 120 4.44 -2.53 2.90
C THR A 120 2.94 -2.46 2.58
N LEU A 121 2.62 -2.21 1.32
CA LEU A 121 1.24 -2.12 0.89
C LEU A 121 0.45 -3.37 1.30
N MET A 122 0.91 -4.53 0.84
CA MET A 122 0.25 -5.79 1.15
C MET A 122 -0.14 -5.83 2.62
N ASN A 123 0.78 -5.45 3.50
CA ASN A 123 0.53 -5.45 4.94
C ASN A 123 -0.72 -4.63 5.27
N LEU A 124 -0.73 -3.38 4.80
CA LEU A 124 -1.86 -2.49 5.06
C LEU A 124 -3.18 -3.24 4.94
N GLY A 125 -3.28 -4.10 3.92
CA GLY A 125 -4.49 -4.87 3.72
C GLY A 125 -4.63 -6.01 4.71
N GLY A 126 -3.57 -6.79 4.86
CA GLY A 126 -3.59 -7.91 5.78
C GLY A 126 -4.02 -7.50 7.17
N LEU A 127 -3.44 -6.43 7.67
CA LEU A 127 -3.77 -5.93 9.02
C LEU A 127 -5.24 -5.55 9.11
N ALA A 128 -5.74 -4.85 8.09
CA ALA A 128 -7.13 -4.43 8.06
C ALA A 128 -8.07 -5.62 8.26
N VAL A 129 -7.83 -6.69 7.51
CA VAL A 129 -8.65 -7.89 7.60
C VAL A 129 -8.62 -8.47 9.01
N ALA A 130 -7.60 -8.07 9.78
CA ALA A 130 -7.45 -8.55 11.15
C ALA A 130 -8.04 -7.56 12.14
N ARG A 131 -8.98 -6.75 11.68
CA ARG A 131 -9.62 -5.75 12.53
C ARG A 131 -11.10 -6.09 12.73
N ASP A 132 -11.84 -6.18 11.64
CA ASP A 132 -13.27 -6.47 11.69
C ASP A 132 -14.06 -5.27 12.18
N ASP A 133 -13.52 -4.09 11.95
CA ASP A 133 -14.17 -2.85 12.36
C ASP A 133 -15.23 -2.43 11.35
N GLY A 134 -14.98 -2.74 10.08
CA GLY A 134 -15.91 -2.38 9.02
C GLY A 134 -15.37 -1.30 8.11
N LEU A 135 -14.09 -1.39 7.80
CA LEU A 135 -13.44 -0.40 6.92
C LEU A 135 -12.80 -1.09 5.72
N PHE A 136 -12.12 -2.20 5.96
CA PHE A 136 -11.46 -2.94 4.89
C PHE A 136 -12.41 -3.17 3.72
N SER A 137 -11.86 -3.13 2.51
CA SER A 137 -12.66 -3.33 1.30
C SER A 137 -12.00 -4.33 0.37
N GLY A 138 -12.77 -4.84 -0.59
CA GLY A 138 -12.23 -5.80 -1.54
C GLY A 138 -12.33 -7.23 -1.03
N ASP A 139 -11.55 -8.12 -1.62
CA ASP A 139 -11.55 -9.53 -1.22
C ASP A 139 -10.62 -9.75 -0.04
N PRO A 140 -11.17 -10.27 1.06
CA PRO A 140 -10.41 -10.55 2.29
C PRO A 140 -9.43 -11.72 2.11
N ASN A 141 -9.53 -12.38 0.96
CA ASN A 141 -8.66 -13.52 0.67
C ASN A 141 -7.27 -13.05 0.25
N TRP A 142 -7.24 -12.07 -0.66
CA TRP A 142 -5.97 -11.53 -1.15
C TRP A 142 -4.94 -11.46 -0.02
N PHE A 143 -5.35 -10.92 1.13
CA PHE A 143 -4.46 -10.79 2.27
C PHE A 143 -4.79 -11.86 3.33
N PRO A 144 -3.74 -12.37 3.99
CA PRO A 144 -3.88 -13.38 5.03
C PRO A 144 -4.54 -12.84 6.30
N LYS A 145 -5.26 -13.70 7.01
CA LYS A 145 -5.94 -13.30 8.23
C LYS A 145 -5.45 -14.12 9.42
N LYS A 146 -5.15 -13.43 10.52
CA LYS A 146 -4.66 -14.10 11.72
C LYS A 146 -5.34 -13.54 12.97
N SER A 147 -5.09 -14.16 14.11
CA SER A 147 -5.68 -13.73 15.37
C SER A 147 -4.63 -13.66 16.48
N LYS A 148 -4.22 -12.45 16.83
CA LYS A 148 -3.22 -12.26 17.87
C LYS A 148 -3.23 -10.82 18.38
N GLU A 149 -3.21 -10.66 19.70
CA GLU A 149 -3.23 -9.34 20.31
C GLU A 149 -2.79 -9.41 21.77
N SER A 150 -1.92 -8.49 22.17
CA SER A 150 -1.42 -8.45 23.54
C SER A 150 -2.12 -7.36 24.34
N GLY A 151 -3.21 -7.72 24.99
CA GLY A 151 -3.95 -6.76 25.79
C GLY A 151 -3.41 -6.62 27.19
N PRO A 152 -3.99 -5.70 27.97
CA PRO A 152 -3.57 -5.45 29.35
C PRO A 152 -3.93 -6.60 30.29
N SER A 153 -4.73 -7.54 29.78
CA SER A 153 -5.15 -8.69 30.57
C SER A 153 -4.03 -9.71 30.68
N SER A 154 -3.53 -10.16 29.53
CA SER A 154 -2.45 -11.14 29.50
C SER A 154 -1.12 -10.51 29.89
N GLY A 155 -0.60 -10.91 31.04
CA GLY A 155 0.67 -10.37 31.51
C GLY A 155 1.85 -10.97 30.77
N GLY A 1 8.48 -4.46 -38.73
CA GLY A 1 9.58 -3.89 -37.97
C GLY A 1 9.38 -4.02 -36.47
N SER A 2 8.70 -3.04 -35.89
CA SER A 2 8.44 -3.04 -34.45
C SER A 2 9.66 -3.55 -33.68
N SER A 3 10.82 -2.98 -33.99
CA SER A 3 12.06 -3.38 -33.33
C SER A 3 12.28 -2.57 -32.05
N GLY A 4 11.24 -2.49 -31.23
CA GLY A 4 11.33 -1.75 -29.99
C GLY A 4 11.19 -2.64 -28.77
N SER A 5 12.33 -3.05 -28.21
CA SER A 5 12.32 -3.92 -27.03
C SER A 5 12.26 -3.10 -25.75
N SER A 6 12.16 -3.79 -24.62
CA SER A 6 12.09 -3.13 -23.32
C SER A 6 13.29 -3.50 -22.45
N GLY A 7 13.48 -4.81 -22.25
CA GLY A 7 14.58 -5.27 -21.43
C GLY A 7 14.12 -6.13 -20.28
N GLN A 8 14.48 -7.41 -20.31
CA GLN A 8 14.09 -8.34 -19.26
C GLN A 8 15.20 -8.47 -18.22
N LYS A 9 14.81 -8.48 -16.95
CA LYS A 9 15.77 -8.60 -15.86
C LYS A 9 15.08 -9.01 -14.56
N ILE A 10 15.68 -9.96 -13.86
CA ILE A 10 15.12 -10.45 -12.60
C ILE A 10 15.12 -9.35 -11.54
N GLU A 11 14.10 -9.35 -10.70
CA GLU A 11 13.98 -8.36 -9.63
C GLU A 11 13.86 -9.03 -8.27
N LYS A 12 14.86 -8.83 -7.42
CA LYS A 12 14.88 -9.41 -6.09
C LYS A 12 13.79 -8.77 -5.21
N GLN A 13 13.44 -9.46 -4.13
CA GLN A 13 12.43 -8.95 -3.21
C GLN A 13 11.25 -8.35 -3.97
N TYR A 14 10.82 -9.02 -5.03
CA TYR A 14 9.71 -8.55 -5.84
C TYR A 14 8.84 -9.70 -6.30
N ASP A 15 7.53 -9.57 -6.08
CA ASP A 15 6.58 -10.61 -6.46
C ASP A 15 5.48 -10.03 -7.34
N ALA A 16 5.26 -10.64 -8.50
CA ALA A 16 4.22 -10.18 -9.43
C ALA A 16 2.85 -10.63 -8.97
N ASP A 17 2.77 -11.81 -8.37
CA ASP A 17 1.51 -12.36 -7.89
C ASP A 17 0.88 -11.44 -6.84
N LEU A 18 1.73 -10.64 -6.19
CA LEU A 18 1.27 -9.72 -5.16
C LEU A 18 1.01 -8.33 -5.75
N GLU A 19 1.67 -8.04 -6.86
CA GLU A 19 1.52 -6.75 -7.53
C GLU A 19 0.12 -6.61 -8.13
N GLN A 20 -0.26 -7.59 -8.95
CA GLN A 20 -1.56 -7.58 -9.59
C GLN A 20 -2.69 -7.47 -8.56
N ILE A 21 -2.53 -8.19 -7.46
CA ILE A 21 -3.53 -8.17 -6.39
C ILE A 21 -3.61 -6.79 -5.75
N LEU A 22 -2.47 -6.15 -5.58
CA LEU A 22 -2.42 -4.82 -4.98
C LEU A 22 -3.27 -3.83 -5.77
N ILE A 23 -2.95 -3.67 -7.05
CA ILE A 23 -3.68 -2.75 -7.91
C ILE A 23 -5.19 -3.00 -7.82
N GLN A 24 -5.56 -4.27 -7.73
CA GLN A 24 -6.96 -4.66 -7.64
C GLN A 24 -7.58 -4.15 -6.35
N TRP A 25 -6.89 -4.37 -5.24
CA TRP A 25 -7.37 -3.94 -3.92
C TRP A 25 -7.39 -2.42 -3.83
N ILE A 26 -6.23 -1.80 -4.06
CA ILE A 26 -6.12 -0.34 -4.01
C ILE A 26 -7.29 0.32 -4.72
N THR A 27 -7.52 -0.09 -5.96
CA THR A 27 -8.61 0.48 -6.76
C THR A 27 -9.96 0.29 -6.06
N THR A 28 -10.07 -0.79 -5.28
CA THR A 28 -11.30 -1.08 -4.56
C THR A 28 -11.43 -0.21 -3.32
N GLN A 29 -10.44 -0.31 -2.44
CA GLN A 29 -10.45 0.47 -1.20
C GLN A 29 -10.90 1.90 -1.46
N CYS A 30 -10.27 2.55 -2.42
CA CYS A 30 -10.62 3.93 -2.76
C CYS A 30 -12.01 4.00 -3.37
N ARG A 31 -12.54 5.21 -3.47
CA ARG A 31 -13.87 5.43 -4.03
C ARG A 31 -13.79 6.15 -5.36
N LYS A 32 -12.82 7.06 -5.48
CA LYS A 32 -12.63 7.83 -6.70
C LYS A 32 -12.01 6.97 -7.79
N ASP A 33 -11.69 7.60 -8.92
CA ASP A 33 -11.09 6.89 -10.04
C ASP A 33 -9.61 7.25 -10.18
N VAL A 34 -8.82 6.91 -9.17
CA VAL A 34 -7.39 7.21 -9.17
C VAL A 34 -6.81 7.05 -10.58
N GLY A 35 -7.39 6.15 -11.36
CA GLY A 35 -6.92 5.92 -12.71
C GLY A 35 -6.23 4.58 -12.86
N ARG A 36 -6.93 3.51 -12.47
CA ARG A 36 -6.38 2.17 -12.56
C ARG A 36 -5.47 2.04 -13.79
N PRO A 37 -4.16 2.18 -13.56
CA PRO A 37 -3.16 2.08 -14.63
C PRO A 37 -3.01 0.66 -15.16
N GLN A 38 -1.92 0.41 -15.89
CA GLN A 38 -1.66 -0.90 -16.43
C GLN A 38 -1.00 -1.81 -15.41
N PRO A 39 -1.20 -3.13 -15.57
CA PRO A 39 -0.64 -4.13 -14.66
C PRO A 39 0.88 -4.25 -14.79
N GLY A 40 1.46 -3.39 -15.64
CA GLY A 40 2.90 -3.42 -15.85
C GLY A 40 3.67 -3.26 -14.55
N ARG A 41 4.95 -2.92 -14.66
CA ARG A 41 5.80 -2.73 -13.50
C ARG A 41 6.32 -1.30 -13.42
N GLU A 42 6.43 -0.66 -14.58
CA GLU A 42 6.92 0.71 -14.65
C GLU A 42 5.82 1.70 -14.24
N ASN A 43 4.57 1.29 -14.46
CA ASN A 43 3.43 2.15 -14.12
C ASN A 43 3.19 2.17 -12.61
N PHE A 44 2.91 1.01 -12.04
CA PHE A 44 2.67 0.89 -10.61
C PHE A 44 3.52 1.88 -9.83
N GLN A 45 4.80 1.96 -10.20
CA GLN A 45 5.73 2.87 -9.53
C GLN A 45 5.28 4.31 -9.68
N ASN A 46 4.94 4.70 -10.91
CA ASN A 46 4.49 6.06 -11.18
C ASN A 46 3.09 6.29 -10.64
N TRP A 47 2.34 5.21 -10.44
CA TRP A 47 0.99 5.29 -9.92
C TRP A 47 0.98 5.85 -8.50
N LEU A 48 1.95 5.42 -7.70
CA LEU A 48 2.06 5.88 -6.31
C LEU A 48 3.08 7.01 -6.20
N LYS A 49 4.05 7.03 -7.09
CA LYS A 49 5.08 8.06 -7.09
C LYS A 49 4.47 9.43 -6.79
N ASP A 50 3.30 9.69 -7.35
CA ASP A 50 2.62 10.97 -7.13
C ASP A 50 2.20 11.11 -5.67
N GLY A 51 1.73 10.02 -5.08
CA GLY A 51 1.30 10.06 -3.69
C GLY A 51 -0.20 10.15 -3.55
N THR A 52 -0.83 10.89 -4.46
CA THR A 52 -2.28 11.07 -4.43
C THR A 52 -2.99 9.74 -4.17
N VAL A 53 -2.58 8.71 -4.89
CA VAL A 53 -3.18 7.39 -4.73
C VAL A 53 -3.01 6.87 -3.31
N LEU A 54 -1.76 6.70 -2.89
CA LEU A 54 -1.47 6.23 -1.55
C LEU A 54 -2.38 6.88 -0.52
N CYS A 55 -2.70 8.15 -0.73
CA CYS A 55 -3.56 8.89 0.17
C CYS A 55 -4.99 8.33 0.14
N GLU A 56 -5.46 8.04 -1.06
CA GLU A 56 -6.81 7.51 -1.23
C GLU A 56 -6.95 6.15 -0.56
N LEU A 57 -5.82 5.46 -0.38
CA LEU A 57 -5.81 4.15 0.25
C LEU A 57 -5.96 4.27 1.76
N ILE A 58 -4.98 4.90 2.40
CA ILE A 58 -5.01 5.09 3.84
C ILE A 58 -6.25 5.85 4.28
N ASN A 59 -6.73 6.74 3.41
CA ASN A 59 -7.91 7.54 3.70
C ASN A 59 -9.18 6.68 3.61
N ALA A 60 -9.23 5.83 2.59
CA ALA A 60 -10.39 4.97 2.39
C ALA A 60 -10.65 4.11 3.62
N LEU A 61 -9.58 3.57 4.20
CA LEU A 61 -9.70 2.72 5.38
C LEU A 61 -10.34 3.49 6.53
N TYR A 62 -9.62 4.48 7.05
CA TYR A 62 -10.12 5.28 8.16
C TYR A 62 -11.47 5.90 7.81
N PRO A 63 -12.34 6.01 8.83
CA PRO A 63 -13.69 6.57 8.67
C PRO A 63 -13.65 8.08 8.41
N GLU A 64 -14.82 8.65 8.13
CA GLU A 64 -14.92 10.08 7.88
C GLU A 64 -14.35 10.88 9.05
N GLY A 65 -13.42 11.79 8.75
CA GLY A 65 -12.82 12.61 9.77
C GLY A 65 -11.52 12.02 10.30
N GLN A 66 -11.52 10.72 10.53
CA GLN A 66 -10.34 10.03 11.04
C GLN A 66 -9.21 10.07 10.01
N ALA A 67 -9.58 10.18 8.74
CA ALA A 67 -8.60 10.22 7.66
C ALA A 67 -7.46 11.17 8.00
N PRO A 68 -6.24 10.61 8.08
CA PRO A 68 -5.04 11.40 8.40
C PRO A 68 -4.64 12.33 7.26
N VAL A 69 -4.84 11.87 6.03
CA VAL A 69 -4.50 12.67 4.86
C VAL A 69 -5.75 13.24 4.20
N LYS A 70 -6.17 14.42 4.65
CA LYS A 70 -7.35 15.07 4.10
C LYS A 70 -7.03 15.79 2.80
N LYS A 71 -5.95 16.57 2.81
CA LYS A 71 -5.53 17.31 1.63
C LYS A 71 -4.93 16.37 0.58
N ILE A 72 -5.75 15.97 -0.39
CA ILE A 72 -5.31 15.07 -1.45
C ILE A 72 -5.30 15.78 -2.80
N GLN A 73 -4.18 16.40 -3.14
CA GLN A 73 -4.05 17.12 -4.40
C GLN A 73 -2.93 16.51 -5.25
N ALA A 74 -3.06 16.67 -6.57
CA ALA A 74 -2.06 16.14 -7.49
C ALA A 74 -1.18 17.25 -8.05
N SER A 75 -0.08 17.54 -7.36
CA SER A 75 0.84 18.58 -7.78
C SER A 75 1.92 18.02 -8.70
N THR A 76 2.55 18.90 -9.49
CA THR A 76 3.58 18.49 -10.41
C THR A 76 4.96 18.59 -9.76
N MET A 77 5.12 19.56 -8.88
CA MET A 77 6.40 19.77 -8.19
C MET A 77 6.97 18.44 -7.71
N ALA A 78 8.25 18.22 -7.98
CA ALA A 78 8.92 17.00 -7.57
C ALA A 78 8.93 16.86 -6.06
N PHE A 79 9.04 17.98 -5.37
CA PHE A 79 9.07 18.00 -3.91
C PHE A 79 7.67 17.77 -3.33
N LYS A 80 6.66 18.20 -4.07
CA LYS A 80 5.28 18.04 -3.65
C LYS A 80 4.84 16.58 -3.74
N GLN A 81 5.04 15.99 -4.91
CA GLN A 81 4.67 14.59 -5.13
C GLN A 81 5.31 13.69 -4.08
N MET A 82 6.64 13.68 -4.06
CA MET A 82 7.37 12.85 -3.11
C MET A 82 6.87 13.09 -1.68
N GLU A 83 6.75 14.36 -1.30
CA GLU A 83 6.29 14.72 0.03
C GLU A 83 4.90 14.12 0.30
N GLN A 84 4.13 13.94 -0.76
CA GLN A 84 2.78 13.38 -0.64
C GLN A 84 2.83 11.93 -0.20
N ILE A 85 3.89 11.23 -0.62
CA ILE A 85 4.07 9.82 -0.27
C ILE A 85 4.28 9.64 1.23
N SER A 86 5.20 10.42 1.79
CA SER A 86 5.51 10.34 3.21
C SER A 86 4.24 10.49 4.04
N GLN A 87 3.45 11.52 3.73
CA GLN A 87 2.20 11.78 4.44
C GLN A 87 1.49 10.48 4.79
N PHE A 88 1.55 9.52 3.87
CA PHE A 88 0.91 8.22 4.08
C PHE A 88 1.74 7.36 5.02
N LEU A 89 3.01 7.21 4.72
CA LEU A 89 3.91 6.40 5.54
C LEU A 89 3.81 6.80 7.01
N GLN A 90 3.98 8.10 7.29
CA GLN A 90 3.89 8.61 8.65
C GLN A 90 2.72 7.97 9.40
N ALA A 91 1.63 7.75 8.69
CA ALA A 91 0.44 7.14 9.28
C ALA A 91 0.50 5.62 9.22
N ALA A 92 1.03 5.10 8.12
CA ALA A 92 1.15 3.67 7.94
C ALA A 92 1.74 3.00 9.18
N GLU A 93 2.77 3.62 9.75
CA GLU A 93 3.42 3.09 10.93
C GLU A 93 2.55 3.28 12.17
N ARG A 94 1.85 4.42 12.22
CA ARG A 94 0.98 4.73 13.34
C ARG A 94 -0.25 3.82 13.34
N TYR A 95 -0.54 3.23 12.19
CA TYR A 95 -1.68 2.34 12.05
C TYR A 95 -1.39 0.97 12.66
N GLY A 96 -0.15 0.53 12.52
CA GLY A 96 0.24 -0.77 13.06
C GLY A 96 1.51 -1.29 12.43
N ILE A 97 1.63 -1.13 11.11
CA ILE A 97 2.80 -1.60 10.38
C ILE A 97 4.09 -1.10 11.04
N ASN A 98 5.19 -1.79 10.76
CA ASN A 98 6.48 -1.43 11.32
C ASN A 98 7.34 -0.70 10.28
N THR A 99 7.98 0.39 10.70
CA THR A 99 8.83 1.16 9.82
C THR A 99 9.75 0.26 9.00
N THR A 100 10.36 -0.72 9.67
CA THR A 100 11.26 -1.65 9.01
C THR A 100 10.72 -2.08 7.65
N ASP A 101 9.53 -2.67 7.66
CA ASP A 101 8.91 -3.12 6.42
C ASP A 101 8.57 -1.94 5.51
N ILE A 102 8.09 -0.86 6.11
CA ILE A 102 7.72 0.33 5.36
C ILE A 102 8.87 0.77 4.44
N PHE A 103 8.53 1.09 3.20
CA PHE A 103 9.52 1.52 2.22
C PHE A 103 9.92 2.97 2.46
N GLN A 104 10.87 3.46 1.65
CA GLN A 104 11.35 4.83 1.79
C GLN A 104 10.77 5.71 0.68
N THR A 105 10.31 6.90 1.06
CA THR A 105 9.74 7.83 0.10
C THR A 105 10.43 7.74 -1.25
N VAL A 106 11.75 7.70 -1.23
CA VAL A 106 12.54 7.60 -2.46
C VAL A 106 12.35 6.25 -3.13
N ASP A 107 12.57 5.18 -2.35
CA ASP A 107 12.44 3.82 -2.87
C ASP A 107 11.29 3.73 -3.87
N LEU A 108 10.25 4.52 -3.64
CA LEU A 108 9.09 4.54 -4.53
C LEU A 108 9.14 5.73 -5.47
N TRP A 109 9.51 6.90 -4.93
CA TRP A 109 9.60 8.12 -5.72
C TRP A 109 10.52 7.91 -6.93
N GLU A 110 11.74 7.45 -6.67
CA GLU A 110 12.71 7.22 -7.73
C GLU A 110 12.79 5.74 -8.08
N GLY A 111 11.83 4.97 -7.59
CA GLY A 111 11.81 3.54 -7.86
C GLY A 111 13.20 2.94 -7.92
N LYS A 112 14.08 3.41 -7.03
CA LYS A 112 15.45 2.92 -6.98
C LYS A 112 15.50 1.45 -6.58
N ASN A 113 14.63 1.07 -5.65
CA ASN A 113 14.55 -0.30 -5.18
C ASN A 113 13.26 -0.97 -5.62
N MET A 114 12.17 -0.19 -5.63
CA MET A 114 10.87 -0.71 -6.02
C MET A 114 10.70 -2.17 -5.60
N ALA A 115 11.27 -2.51 -4.44
CA ALA A 115 11.18 -3.86 -3.92
C ALA A 115 10.68 -3.86 -2.48
N CYS A 116 10.49 -2.68 -1.92
CA CYS A 116 10.03 -2.54 -0.54
C CYS A 116 8.54 -2.15 -0.52
N VAL A 117 8.19 -1.12 -1.28
CA VAL A 117 6.81 -0.65 -1.35
C VAL A 117 5.88 -1.77 -1.78
N GLN A 118 6.38 -2.66 -2.63
CA GLN A 118 5.58 -3.78 -3.12
C GLN A 118 5.01 -4.59 -1.97
N ARG A 119 5.76 -4.65 -0.87
CA ARG A 119 5.32 -5.41 0.30
C ARG A 119 4.65 -4.49 1.31
N THR A 120 5.21 -3.30 1.50
CA THR A 120 4.67 -2.33 2.44
C THR A 120 3.15 -2.23 2.30
N LEU A 121 2.68 -2.23 1.07
CA LEU A 121 1.25 -2.13 0.80
C LEU A 121 0.50 -3.35 1.35
N MET A 122 0.84 -4.52 0.83
CA MET A 122 0.20 -5.76 1.28
C MET A 122 -0.09 -5.71 2.77
N ASN A 123 0.92 -5.38 3.56
CA ASN A 123 0.77 -5.29 5.00
C ASN A 123 -0.47 -4.50 5.38
N LEU A 124 -0.54 -3.26 4.90
CA LEU A 124 -1.68 -2.39 5.18
C LEU A 124 -3.00 -3.16 5.08
N GLY A 125 -3.07 -4.07 4.11
CA GLY A 125 -4.27 -4.86 3.93
C GLY A 125 -4.36 -6.01 4.91
N GLY A 126 -3.35 -6.88 4.91
CA GLY A 126 -3.34 -8.02 5.81
C GLY A 126 -3.66 -7.62 7.23
N LEU A 127 -3.28 -6.41 7.63
CA LEU A 127 -3.54 -5.92 8.98
C LEU A 127 -5.00 -5.53 9.15
N ALA A 128 -5.53 -4.80 8.16
CA ALA A 128 -6.92 -4.36 8.20
C ALA A 128 -7.85 -5.54 8.44
N VAL A 129 -7.65 -6.63 7.70
CA VAL A 129 -8.47 -7.82 7.82
C VAL A 129 -8.40 -8.38 9.25
N ALA A 130 -7.33 -8.06 9.95
CA ALA A 130 -7.14 -8.53 11.31
C ALA A 130 -7.77 -7.58 12.32
N ARG A 131 -8.66 -6.71 11.83
CA ARG A 131 -9.34 -5.74 12.68
C ARG A 131 -10.82 -6.08 12.80
N ASP A 132 -11.55 -5.26 13.56
CA ASP A 132 -12.97 -5.47 13.76
C ASP A 132 -13.75 -4.17 13.51
N ASP A 133 -13.08 -3.18 12.93
CA ASP A 133 -13.71 -1.91 12.62
C ASP A 133 -14.83 -2.08 11.60
N GLY A 134 -14.60 -2.95 10.63
CA GLY A 134 -15.59 -3.18 9.60
C GLY A 134 -15.61 -2.10 8.55
N LEU A 135 -14.42 -1.68 8.11
CA LEU A 135 -14.31 -0.64 7.10
C LEU A 135 -13.62 -1.17 5.84
N PHE A 136 -12.53 -1.92 6.04
CA PHE A 136 -11.78 -2.49 4.92
C PHE A 136 -12.72 -2.94 3.81
N SER A 137 -12.25 -2.86 2.58
CA SER A 137 -13.04 -3.26 1.42
C SER A 137 -12.27 -4.24 0.54
N GLY A 138 -12.91 -4.68 -0.54
CA GLY A 138 -12.27 -5.62 -1.44
C GLY A 138 -12.48 -7.06 -1.03
N ASP A 139 -11.50 -7.90 -1.35
CA ASP A 139 -11.57 -9.32 -1.00
C ASP A 139 -10.65 -9.64 0.17
N PRO A 140 -11.21 -10.24 1.23
CA PRO A 140 -10.45 -10.62 2.42
C PRO A 140 -9.50 -11.77 2.17
N ASN A 141 -9.66 -12.43 1.02
CA ASN A 141 -8.81 -13.55 0.66
C ASN A 141 -7.43 -13.08 0.22
N TRP A 142 -7.40 -12.03 -0.58
CA TRP A 142 -6.14 -11.47 -1.07
C TRP A 142 -5.09 -11.46 0.03
N PHE A 143 -5.47 -10.98 1.21
CA PHE A 143 -4.56 -10.92 2.34
C PHE A 143 -4.93 -11.96 3.40
N PRO A 144 -3.91 -12.55 4.03
CA PRO A 144 -4.11 -13.57 5.07
C PRO A 144 -4.70 -12.98 6.35
N LYS A 145 -5.16 -13.86 7.24
CA LYS A 145 -5.75 -13.43 8.51
C LYS A 145 -4.70 -13.43 9.62
N LYS A 146 -3.44 -13.15 9.24
CA LYS A 146 -2.36 -13.11 10.20
C LYS A 146 -2.46 -11.88 11.11
N SER A 147 -2.14 -12.06 12.39
CA SER A 147 -2.22 -10.97 13.36
C SER A 147 -1.43 -11.32 14.62
N LYS A 148 -1.00 -10.28 15.33
CA LYS A 148 -0.24 -10.47 16.56
C LYS A 148 -0.64 -9.44 17.61
N GLU A 149 -0.17 -9.64 18.84
CA GLU A 149 -0.48 -8.72 19.93
C GLU A 149 -0.18 -7.28 19.54
N SER A 150 -0.55 -6.35 20.40
CA SER A 150 -0.32 -4.93 20.14
C SER A 150 0.46 -4.28 21.28
N GLY A 151 -0.15 -4.24 22.46
CA GLY A 151 0.50 -3.64 23.62
C GLY A 151 -0.29 -3.84 24.89
N PRO A 152 -1.24 -2.94 25.14
CA PRO A 152 -2.09 -2.99 26.34
C PRO A 152 -3.08 -4.15 26.31
N SER A 153 -2.99 -4.95 25.25
CA SER A 153 -3.89 -6.09 25.09
C SER A 153 -4.20 -6.73 26.45
N SER A 154 -5.47 -7.03 26.67
CA SER A 154 -5.91 -7.64 27.91
C SER A 154 -7.11 -8.56 27.69
N GLY A 155 -7.08 -9.72 28.34
CA GLY A 155 -8.16 -10.67 28.19
C GLY A 155 -7.74 -12.09 28.55
N GLY A 1 19.22 -16.10 20.93
CA GLY A 1 19.89 -14.92 20.43
C GLY A 1 19.21 -14.33 19.20
N SER A 2 19.87 -13.38 18.55
CA SER A 2 19.33 -12.75 17.37
C SER A 2 20.37 -12.68 16.26
N SER A 3 19.91 -12.74 15.01
CA SER A 3 20.80 -12.69 13.86
C SER A 3 20.22 -11.81 12.76
N GLY A 4 20.96 -10.78 12.38
CA GLY A 4 20.50 -9.87 11.35
C GLY A 4 20.86 -10.36 9.95
N SER A 5 20.38 -9.65 8.94
CA SER A 5 20.66 -10.01 7.56
C SER A 5 20.43 -8.83 6.62
N SER A 6 21.41 -8.57 5.76
CA SER A 6 21.32 -7.46 4.82
C SER A 6 21.38 -7.95 3.38
N GLY A 7 21.20 -7.05 2.44
CA GLY A 7 21.25 -7.42 1.03
C GLY A 7 21.13 -6.22 0.11
N GLN A 8 22.26 -5.60 -0.20
CA GLN A 8 22.28 -4.43 -1.08
C GLN A 8 22.66 -4.83 -2.49
N LYS A 9 21.81 -5.63 -3.13
CA LYS A 9 22.05 -6.08 -4.50
C LYS A 9 20.91 -5.63 -5.42
N ILE A 10 21.28 -5.00 -6.53
CA ILE A 10 20.29 -4.53 -7.50
C ILE A 10 19.65 -5.70 -8.24
N GLU A 11 18.50 -6.14 -7.76
CA GLU A 11 17.79 -7.25 -8.38
C GLU A 11 16.32 -7.28 -7.94
N LYS A 12 15.48 -7.93 -8.73
CA LYS A 12 14.07 -8.04 -8.42
C LYS A 12 13.85 -8.77 -7.09
N GLN A 13 13.41 -8.02 -6.08
CA GLN A 13 13.17 -8.59 -4.76
C GLN A 13 11.67 -8.73 -4.50
N TYR A 14 10.91 -7.73 -4.93
CA TYR A 14 9.47 -7.73 -4.74
C TYR A 14 8.84 -8.97 -5.38
N ASP A 15 7.52 -9.10 -5.24
CA ASP A 15 6.80 -10.23 -5.81
C ASP A 15 6.01 -9.81 -7.04
N ALA A 16 5.61 -10.78 -7.85
CA ALA A 16 4.85 -10.51 -9.05
C ALA A 16 3.42 -11.04 -8.94
N ASP A 17 3.24 -12.08 -8.14
CA ASP A 17 1.93 -12.67 -7.94
C ASP A 17 1.10 -11.84 -6.98
N LEU A 18 1.76 -11.02 -6.19
CA LEU A 18 1.09 -10.16 -5.22
C LEU A 18 0.77 -8.80 -5.82
N GLU A 19 1.68 -8.30 -6.65
CA GLU A 19 1.49 -7.01 -7.30
C GLU A 19 0.13 -6.93 -7.99
N GLN A 20 -0.13 -7.88 -8.88
CA GLN A 20 -1.39 -7.92 -9.61
C GLN A 20 -2.57 -7.72 -8.66
N ILE A 21 -2.47 -8.29 -7.47
CA ILE A 21 -3.52 -8.17 -6.47
C ILE A 21 -3.58 -6.76 -5.89
N LEU A 22 -2.42 -6.25 -5.49
CA LEU A 22 -2.34 -4.91 -4.92
C LEU A 22 -3.17 -3.92 -5.73
N ILE A 23 -2.91 -3.86 -7.03
CA ILE A 23 -3.63 -2.96 -7.91
C ILE A 23 -5.14 -3.19 -7.82
N GLN A 24 -5.53 -4.47 -7.78
CA GLN A 24 -6.93 -4.83 -7.69
C GLN A 24 -7.56 -4.30 -6.41
N TRP A 25 -6.80 -4.37 -5.32
CA TRP A 25 -7.28 -3.90 -4.03
C TRP A 25 -7.31 -2.37 -3.98
N ILE A 26 -6.15 -1.75 -4.19
CA ILE A 26 -6.04 -0.31 -4.17
C ILE A 26 -7.19 0.34 -4.92
N THR A 27 -7.50 -0.18 -6.10
CA THR A 27 -8.58 0.34 -6.93
C THR A 27 -9.92 0.15 -6.23
N THR A 28 -10.08 -0.95 -5.52
CA THR A 28 -11.31 -1.26 -4.81
C THR A 28 -11.45 -0.40 -3.55
N GLN A 29 -10.49 -0.54 -2.64
CA GLN A 29 -10.52 0.22 -1.40
C GLN A 29 -10.91 1.67 -1.65
N CYS A 30 -10.17 2.33 -2.54
CA CYS A 30 -10.44 3.72 -2.87
C CYS A 30 -11.87 3.90 -3.39
N ARG A 31 -12.59 4.86 -2.82
CA ARG A 31 -13.96 5.12 -3.21
C ARG A 31 -14.01 6.15 -4.34
N LYS A 32 -12.93 6.24 -5.11
CA LYS A 32 -12.85 7.18 -6.22
C LYS A 32 -11.89 6.68 -7.29
N ASP A 33 -12.12 7.09 -8.53
CA ASP A 33 -11.26 6.69 -9.64
C ASP A 33 -9.92 7.41 -9.59
N VAL A 34 -8.93 6.77 -8.98
CA VAL A 34 -7.60 7.35 -8.86
C VAL A 34 -6.88 7.34 -10.20
N GLY A 35 -7.35 6.50 -11.12
CA GLY A 35 -6.73 6.42 -12.43
C GLY A 35 -6.12 5.07 -12.71
N ARG A 36 -6.83 4.01 -12.29
CA ARG A 36 -6.35 2.65 -12.49
C ARG A 36 -5.55 2.54 -13.79
N PRO A 37 -4.22 2.65 -13.68
CA PRO A 37 -3.32 2.57 -14.84
C PRO A 37 -3.26 1.16 -15.43
N GLN A 38 -2.30 0.93 -16.32
CA GLN A 38 -2.14 -0.36 -16.95
C GLN A 38 -1.36 -1.32 -16.05
N PRO A 39 -1.68 -2.62 -16.16
CA PRO A 39 -1.03 -3.66 -15.36
C PRO A 39 0.42 -3.88 -15.76
N GLY A 40 1.34 -3.31 -14.99
CA GLY A 40 2.75 -3.45 -15.29
C GLY A 40 3.64 -3.16 -14.08
N ARG A 41 4.93 -3.00 -14.31
CA ARG A 41 5.88 -2.74 -13.24
C ARG A 41 6.23 -1.25 -13.18
N GLU A 42 6.74 -0.73 -14.30
CA GLU A 42 7.12 0.67 -14.38
C GLU A 42 5.92 1.58 -14.12
N ASN A 43 4.73 1.08 -14.43
CA ASN A 43 3.50 1.84 -14.22
C ASN A 43 3.18 1.97 -12.74
N PHE A 44 3.17 0.84 -12.04
CA PHE A 44 2.88 0.82 -10.62
C PHE A 44 3.66 1.92 -9.89
N GLN A 45 4.95 2.01 -10.19
CA GLN A 45 5.81 3.01 -9.56
C GLN A 45 5.24 4.42 -9.75
N ASN A 46 4.87 4.73 -10.99
CA ASN A 46 4.31 6.04 -11.31
C ASN A 46 2.94 6.23 -10.66
N TRP A 47 2.22 5.12 -10.49
CA TRP A 47 0.90 5.16 -9.88
C TRP A 47 0.98 5.64 -8.43
N LEU A 48 1.98 5.15 -7.71
CA LEU A 48 2.17 5.54 -6.32
C LEU A 48 3.18 6.69 -6.20
N LYS A 49 4.00 6.85 -7.22
CA LYS A 49 5.01 7.90 -7.24
C LYS A 49 4.39 9.25 -6.84
N ASP A 50 3.27 9.58 -7.46
CA ASP A 50 2.58 10.83 -7.17
C ASP A 50 2.15 10.89 -5.72
N GLY A 51 1.80 9.74 -5.15
CA GLY A 51 1.38 9.68 -3.76
C GLY A 51 -0.13 9.68 -3.61
N THR A 52 -0.81 10.44 -4.48
CA THR A 52 -2.26 10.52 -4.44
C THR A 52 -2.89 9.16 -4.15
N VAL A 53 -2.56 8.18 -4.99
CA VAL A 53 -3.09 6.83 -4.82
C VAL A 53 -2.81 6.30 -3.41
N LEU A 54 -1.60 6.56 -2.92
CA LEU A 54 -1.22 6.12 -1.59
C LEU A 54 -2.09 6.77 -0.51
N CYS A 55 -2.46 8.03 -0.74
CA CYS A 55 -3.29 8.76 0.21
C CYS A 55 -4.70 8.19 0.24
N GLU A 56 -5.34 8.10 -0.93
CA GLU A 56 -6.70 7.57 -1.02
C GLU A 56 -6.80 6.23 -0.32
N LEU A 57 -5.72 5.47 -0.35
CA LEU A 57 -5.68 4.15 0.27
C LEU A 57 -5.85 4.27 1.80
N ILE A 58 -4.80 4.72 2.47
CA ILE A 58 -4.83 4.88 3.91
C ILE A 58 -6.09 5.61 4.36
N ASN A 59 -6.52 6.58 3.56
CA ASN A 59 -7.72 7.36 3.87
C ASN A 59 -8.96 6.48 3.80
N ALA A 60 -9.11 5.75 2.71
CA ALA A 60 -10.25 4.86 2.53
C ALA A 60 -10.54 4.06 3.79
N LEU A 61 -9.48 3.51 4.39
CA LEU A 61 -9.61 2.71 5.60
C LEU A 61 -10.25 3.54 6.73
N TYR A 62 -9.52 4.55 7.18
CA TYR A 62 -10.00 5.42 8.26
C TYR A 62 -11.31 6.09 7.86
N PRO A 63 -12.22 6.24 8.83
CA PRO A 63 -13.52 6.86 8.62
C PRO A 63 -13.42 8.36 8.37
N GLU A 64 -14.57 9.03 8.27
CA GLU A 64 -14.60 10.46 8.04
C GLU A 64 -13.91 11.22 9.17
N GLY A 65 -13.16 12.26 8.81
CA GLY A 65 -12.46 13.04 9.81
C GLY A 65 -11.22 12.35 10.33
N GLN A 66 -11.36 11.08 10.69
CA GLN A 66 -10.24 10.30 11.21
C GLN A 66 -9.10 10.26 10.21
N ALA A 67 -9.44 10.26 8.92
CA ALA A 67 -8.42 10.24 7.87
C ALA A 67 -7.29 11.21 8.17
N PRO A 68 -6.05 10.68 8.22
CA PRO A 68 -4.87 11.49 8.51
C PRO A 68 -4.52 12.43 7.36
N VAL A 69 -4.75 11.96 6.12
CA VAL A 69 -4.46 12.77 4.94
C VAL A 69 -5.74 13.18 4.24
N LYS A 70 -6.23 14.38 4.58
CA LYS A 70 -7.46 14.90 3.98
C LYS A 70 -7.17 15.50 2.61
N LYS A 71 -6.10 16.29 2.53
CA LYS A 71 -5.72 16.94 1.27
C LYS A 71 -5.12 15.93 0.30
N ILE A 72 -5.81 15.66 -0.80
CA ILE A 72 -5.34 14.72 -1.80
C ILE A 72 -5.39 15.32 -3.19
N GLN A 73 -4.34 16.01 -3.58
CA GLN A 73 -4.27 16.65 -4.89
C GLN A 73 -3.07 16.12 -5.69
N ALA A 74 -3.30 15.86 -6.97
CA ALA A 74 -2.25 15.35 -7.84
C ALA A 74 -1.33 16.48 -8.31
N SER A 75 -0.34 16.80 -7.49
CA SER A 75 0.60 17.88 -7.82
C SER A 75 1.68 17.37 -8.79
N THR A 76 2.11 18.24 -9.70
CA THR A 76 3.12 17.89 -10.67
C THR A 76 4.53 18.12 -10.12
N MET A 77 4.67 19.15 -9.28
CA MET A 77 5.95 19.46 -8.68
C MET A 77 6.66 18.20 -8.21
N ALA A 78 7.97 18.31 -8.00
CA ALA A 78 8.77 17.17 -7.55
C ALA A 78 8.73 17.03 -6.03
N PHE A 79 8.71 18.18 -5.34
CA PHE A 79 8.67 18.18 -3.89
C PHE A 79 7.29 17.79 -3.38
N LYS A 80 6.25 18.37 -3.98
CA LYS A 80 4.88 18.08 -3.59
C LYS A 80 4.62 16.58 -3.59
N GLN A 81 4.78 15.96 -4.77
CA GLN A 81 4.56 14.52 -4.91
C GLN A 81 5.31 13.75 -3.83
N MET A 82 6.64 13.84 -3.86
CA MET A 82 7.48 13.15 -2.88
C MET A 82 6.82 13.17 -1.50
N GLU A 83 6.74 14.35 -0.91
CA GLU A 83 6.15 14.49 0.42
C GLU A 83 4.81 13.75 0.51
N GLN A 84 4.04 13.81 -0.58
CA GLN A 84 2.74 13.14 -0.63
C GLN A 84 2.87 11.69 -0.19
N ILE A 85 3.98 11.06 -0.57
CA ILE A 85 4.21 9.66 -0.21
C ILE A 85 4.43 9.50 1.28
N SER A 86 5.23 10.38 1.86
CA SER A 86 5.52 10.34 3.28
C SER A 86 4.25 10.48 4.10
N GLN A 87 3.45 11.48 3.76
CA GLN A 87 2.19 11.73 4.47
C GLN A 87 1.45 10.42 4.72
N PHE A 88 1.57 9.49 3.79
CA PHE A 88 0.91 8.19 3.91
C PHE A 88 1.65 7.28 4.88
N LEU A 89 2.97 7.27 4.78
CA LEU A 89 3.81 6.45 5.65
C LEU A 89 3.56 6.79 7.12
N GLN A 90 3.79 8.05 7.47
CA GLN A 90 3.59 8.51 8.84
C GLN A 90 2.39 7.82 9.47
N ALA A 91 1.32 7.67 8.69
CA ALA A 91 0.11 7.04 9.18
C ALA A 91 0.26 5.52 9.22
N ALA A 92 0.89 4.97 8.18
CA ALA A 92 1.10 3.53 8.09
C ALA A 92 1.67 2.97 9.39
N GLU A 93 2.81 3.52 9.81
CA GLU A 93 3.45 3.08 11.05
C GLU A 93 2.55 3.31 12.25
N ARG A 94 1.98 4.52 12.34
CA ARG A 94 1.10 4.87 13.43
C ARG A 94 -0.16 4.01 13.42
N TYR A 95 -0.42 3.38 12.28
CA TYR A 95 -1.59 2.52 12.14
C TYR A 95 -1.34 1.13 12.71
N GLY A 96 -0.10 0.66 12.54
CA GLY A 96 0.25 -0.65 13.05
C GLY A 96 1.51 -1.21 12.39
N ILE A 97 1.61 -1.02 11.08
CA ILE A 97 2.77 -1.50 10.34
C ILE A 97 4.07 -1.15 11.04
N ASN A 98 5.14 -1.85 10.69
CA ASN A 98 6.45 -1.61 11.29
C ASN A 98 7.39 -0.97 10.27
N THR A 99 8.05 0.11 10.68
CA THR A 99 8.99 0.81 9.81
C THR A 99 9.91 -0.17 9.10
N THR A 100 10.31 -1.22 9.80
CA THR A 100 11.20 -2.23 9.24
C THR A 100 10.75 -2.64 7.85
N ASP A 101 9.43 -2.69 7.64
CA ASP A 101 8.86 -3.06 6.35
C ASP A 101 8.59 -1.83 5.50
N ILE A 102 8.00 -0.81 6.12
CA ILE A 102 7.68 0.43 5.42
C ILE A 102 8.78 0.80 4.43
N PHE A 103 8.39 1.34 3.28
CA PHE A 103 9.35 1.73 2.25
C PHE A 103 9.70 3.21 2.38
N GLN A 104 10.83 3.59 1.81
CA GLN A 104 11.29 4.98 1.86
C GLN A 104 10.43 5.87 0.97
N THR A 105 10.82 7.14 0.86
CA THR A 105 10.08 8.09 0.04
C THR A 105 10.69 8.19 -1.36
N VAL A 106 12.01 8.09 -1.43
CA VAL A 106 12.71 8.17 -2.71
C VAL A 106 12.67 6.83 -3.44
N ASP A 107 12.89 5.75 -2.70
CA ASP A 107 12.87 4.41 -3.28
C ASP A 107 11.71 4.25 -4.26
N LEU A 108 10.54 4.71 -3.86
CA LEU A 108 9.35 4.62 -4.70
C LEU A 108 9.30 5.79 -5.69
N TRP A 109 9.75 6.96 -5.23
CA TRP A 109 9.75 8.15 -6.07
C TRP A 109 10.74 8.01 -7.22
N GLU A 110 12.02 7.97 -6.88
CA GLU A 110 13.07 7.84 -7.88
C GLU A 110 13.04 6.45 -8.54
N GLY A 111 12.29 5.54 -7.92
CA GLY A 111 12.18 4.20 -8.46
C GLY A 111 13.51 3.47 -8.49
N LYS A 112 14.19 3.44 -7.35
CA LYS A 112 15.49 2.78 -7.25
C LYS A 112 15.39 1.52 -6.38
N ASN A 113 14.65 1.64 -5.28
CA ASN A 113 14.48 0.52 -4.36
C ASN A 113 13.00 0.33 -4.00
N MET A 114 12.15 0.24 -5.02
CA MET A 114 10.72 0.07 -4.81
C MET A 114 10.38 -1.40 -4.58
N ALA A 115 11.38 -2.19 -4.18
CA ALA A 115 11.19 -3.61 -3.93
C ALA A 115 10.59 -3.85 -2.54
N CYS A 116 10.46 -2.78 -1.76
CA CYS A 116 9.90 -2.87 -0.42
C CYS A 116 8.45 -2.41 -0.40
N VAL A 117 8.17 -1.33 -1.12
CA VAL A 117 6.82 -0.78 -1.18
C VAL A 117 5.81 -1.84 -1.63
N GLN A 118 6.24 -2.68 -2.56
CA GLN A 118 5.38 -3.74 -3.08
C GLN A 118 4.85 -4.62 -1.95
N ARG A 119 5.54 -4.60 -0.81
CA ARG A 119 5.14 -5.39 0.35
C ARG A 119 4.45 -4.51 1.39
N THR A 120 4.93 -3.29 1.53
CA THR A 120 4.37 -2.34 2.50
C THR A 120 2.86 -2.24 2.34
N LEU A 121 2.41 -2.09 1.09
CA LEU A 121 0.98 -1.97 0.81
C LEU A 121 0.21 -3.19 1.32
N MET A 122 0.69 -4.37 0.96
CA MET A 122 0.06 -5.62 1.40
C MET A 122 -0.15 -5.62 2.91
N ASN A 123 0.91 -5.31 3.64
CA ASN A 123 0.85 -5.27 5.10
C ASN A 123 -0.39 -4.53 5.58
N LEU A 124 -0.67 -3.39 4.95
CA LEU A 124 -1.83 -2.58 5.30
C LEU A 124 -3.11 -3.40 5.20
N GLY A 125 -3.24 -4.16 4.13
CA GLY A 125 -4.43 -4.98 3.93
C GLY A 125 -4.55 -6.07 4.98
N GLY A 126 -3.54 -6.93 5.07
CA GLY A 126 -3.56 -8.00 6.04
C GLY A 126 -3.93 -7.52 7.44
N LEU A 127 -3.41 -6.36 7.81
CA LEU A 127 -3.68 -5.79 9.12
C LEU A 127 -5.15 -5.40 9.26
N ALA A 128 -5.65 -4.64 8.29
CA ALA A 128 -7.05 -4.21 8.29
C ALA A 128 -7.99 -5.39 8.52
N VAL A 129 -7.78 -6.46 7.76
CA VAL A 129 -8.62 -7.65 7.88
C VAL A 129 -8.55 -8.23 9.28
N ALA A 130 -7.56 -7.79 10.05
CA ALA A 130 -7.39 -8.27 11.43
C ALA A 130 -8.01 -7.29 12.41
N ARG A 131 -8.84 -6.38 11.90
CA ARG A 131 -9.50 -5.40 12.75
C ARG A 131 -11.01 -5.64 12.80
N ASP A 132 -11.73 -4.74 13.46
CA ASP A 132 -13.18 -4.85 13.57
C ASP A 132 -13.85 -3.52 13.23
N ASP A 133 -13.11 -2.63 12.60
CA ASP A 133 -13.63 -1.33 12.22
C ASP A 133 -14.80 -1.48 11.24
N GLY A 134 -14.73 -2.50 10.40
CA GLY A 134 -15.79 -2.73 9.43
C GLY A 134 -15.78 -1.71 8.31
N LEU A 135 -14.60 -1.41 7.79
CA LEU A 135 -14.47 -0.44 6.71
C LEU A 135 -13.69 -1.03 5.54
N PHE A 136 -12.71 -1.87 5.85
CA PHE A 136 -11.89 -2.52 4.82
C PHE A 136 -12.75 -2.98 3.66
N SER A 137 -12.23 -2.83 2.44
CA SER A 137 -12.95 -3.23 1.24
C SER A 137 -12.17 -4.28 0.46
N GLY A 138 -12.79 -4.82 -0.59
CA GLY A 138 -12.13 -5.82 -1.40
C GLY A 138 -12.31 -7.23 -0.85
N ASP A 139 -11.67 -8.20 -1.50
CA ASP A 139 -11.77 -9.59 -1.06
C ASP A 139 -10.86 -9.85 0.13
N PRO A 140 -11.43 -10.46 1.19
CA PRO A 140 -10.68 -10.79 2.41
C PRO A 140 -9.66 -11.89 2.19
N ASN A 141 -9.67 -12.47 0.99
CA ASN A 141 -8.74 -13.55 0.66
C ASN A 141 -7.37 -12.99 0.26
N TRP A 142 -7.39 -11.91 -0.52
CA TRP A 142 -6.15 -11.28 -0.97
C TRP A 142 -5.12 -11.25 0.15
N PHE A 143 -5.54 -10.80 1.33
CA PHE A 143 -4.65 -10.73 2.48
C PHE A 143 -5.06 -11.73 3.56
N PRO A 144 -4.09 -12.54 4.01
CA PRO A 144 -4.33 -13.55 5.05
C PRO A 144 -4.61 -12.93 6.41
N LYS A 145 -5.09 -13.75 7.34
CA LYS A 145 -5.40 -13.29 8.69
C LYS A 145 -4.41 -13.87 9.70
N LYS A 146 -3.17 -14.08 9.26
CA LYS A 146 -2.14 -14.64 10.13
C LYS A 146 -1.26 -13.53 10.69
N SER A 147 -1.76 -12.30 10.65
CA SER A 147 -1.01 -11.15 11.15
C SER A 147 -1.72 -10.51 12.34
N LYS A 148 -1.14 -10.68 13.53
CA LYS A 148 -1.72 -10.12 14.75
C LYS A 148 -0.64 -9.50 15.62
N GLU A 149 -0.99 -8.41 16.31
CA GLU A 149 -0.05 -7.72 17.19
C GLU A 149 -0.63 -7.55 18.58
N SER A 150 0.17 -7.82 19.60
CA SER A 150 -0.26 -7.70 20.99
C SER A 150 -0.56 -6.24 21.33
N GLY A 151 -1.75 -5.78 20.96
CA GLY A 151 -2.14 -4.41 21.23
C GLY A 151 -3.16 -3.89 20.24
N PRO A 152 -4.06 -3.02 20.73
CA PRO A 152 -5.12 -2.43 19.89
C PRO A 152 -4.56 -1.44 18.88
N SER A 153 -3.55 -0.67 19.30
CA SER A 153 -2.94 0.32 18.42
C SER A 153 -3.85 1.53 18.24
N SER A 154 -4.56 1.89 19.30
CA SER A 154 -5.47 3.02 19.27
C SER A 154 -5.76 3.53 20.67
N GLY A 155 -6.07 4.82 20.78
CA GLY A 155 -6.37 5.41 22.08
C GLY A 155 -6.10 6.90 22.11
N GLY A 1 21.91 -11.17 -7.70
CA GLY A 1 22.55 -10.05 -8.37
C GLY A 1 22.29 -10.05 -9.87
N SER A 2 23.22 -10.63 -10.63
CA SER A 2 23.09 -10.69 -12.08
C SER A 2 21.94 -11.60 -12.48
N SER A 3 20.74 -11.03 -12.57
CA SER A 3 19.55 -11.79 -12.94
C SER A 3 19.79 -12.55 -14.24
N GLY A 4 19.02 -13.62 -14.43
CA GLY A 4 19.16 -14.43 -15.63
C GLY A 4 19.75 -15.79 -15.35
N SER A 5 20.92 -15.81 -14.71
CA SER A 5 21.59 -17.05 -14.38
C SER A 5 20.67 -17.97 -13.59
N SER A 6 20.06 -17.43 -12.54
CA SER A 6 19.16 -18.21 -11.70
C SER A 6 18.35 -19.20 -12.53
N GLY A 7 17.56 -18.67 -13.47
CA GLY A 7 16.75 -19.52 -14.31
C GLY A 7 15.39 -19.80 -13.71
N GLN A 8 14.95 -21.06 -13.81
CA GLN A 8 13.65 -21.46 -13.27
C GLN A 8 13.76 -21.75 -11.78
N LYS A 9 13.52 -20.72 -10.96
CA LYS A 9 13.58 -20.87 -9.52
C LYS A 9 12.58 -19.94 -8.84
N ILE A 10 12.42 -20.09 -7.53
CA ILE A 10 11.50 -19.27 -6.76
C ILE A 10 11.65 -17.80 -7.13
N GLU A 11 10.54 -17.05 -7.05
CA GLU A 11 10.56 -15.64 -7.37
C GLU A 11 9.91 -14.82 -6.25
N LYS A 12 10.75 -14.22 -5.41
CA LYS A 12 10.26 -13.41 -4.29
C LYS A 12 10.16 -11.94 -4.70
N GLN A 13 11.29 -11.31 -4.94
CA GLN A 13 11.32 -9.91 -5.33
C GLN A 13 10.32 -9.63 -6.46
N TYR A 14 9.71 -8.46 -6.42
CA TYR A 14 8.73 -8.08 -7.43
C TYR A 14 7.77 -9.23 -7.71
N ASP A 15 7.15 -9.74 -6.66
CA ASP A 15 6.20 -10.84 -6.79
C ASP A 15 5.09 -10.49 -7.77
N ALA A 16 5.05 -11.21 -8.89
CA ALA A 16 4.03 -10.98 -9.91
C ALA A 16 2.68 -11.55 -9.50
N ASP A 17 2.71 -12.45 -8.50
CA ASP A 17 1.48 -13.08 -8.01
C ASP A 17 0.74 -12.14 -7.06
N LEU A 18 1.49 -11.33 -6.33
CA LEU A 18 0.90 -10.39 -5.39
C LEU A 18 0.59 -9.06 -6.07
N GLU A 19 1.52 -8.59 -6.88
CA GLU A 19 1.33 -7.33 -7.59
C GLU A 19 -0.06 -7.24 -8.20
N GLN A 20 -0.39 -8.19 -9.07
CA GLN A 20 -1.69 -8.22 -9.71
C GLN A 20 -2.82 -7.99 -8.70
N ILE A 21 -2.60 -8.47 -7.47
CA ILE A 21 -3.58 -8.31 -6.41
C ILE A 21 -3.59 -6.88 -5.87
N LEU A 22 -2.40 -6.33 -5.64
CA LEU A 22 -2.27 -4.98 -5.14
C LEU A 22 -3.08 -3.99 -5.98
N ILE A 23 -2.75 -3.91 -7.26
CA ILE A 23 -3.46 -3.01 -8.17
C ILE A 23 -4.96 -3.23 -8.10
N GLN A 24 -5.36 -4.49 -7.91
CA GLN A 24 -6.78 -4.84 -7.83
C GLN A 24 -7.40 -4.28 -6.54
N TRP A 25 -6.71 -4.48 -5.43
CA TRP A 25 -7.19 -4.01 -4.14
C TRP A 25 -7.16 -2.50 -4.06
N ILE A 26 -5.96 -1.93 -4.06
CA ILE A 26 -5.79 -0.48 -4.00
C ILE A 26 -6.91 0.24 -4.73
N THR A 27 -7.12 -0.13 -5.99
CA THR A 27 -8.17 0.49 -6.81
C THR A 27 -9.54 0.31 -6.15
N THR A 28 -9.81 -0.90 -5.66
CA THR A 28 -11.08 -1.20 -5.01
C THR A 28 -11.24 -0.38 -3.73
N GLN A 29 -10.28 -0.52 -2.83
CA GLN A 29 -10.32 0.21 -1.55
C GLN A 29 -10.72 1.66 -1.77
N CYS A 30 -10.07 2.31 -2.73
CA CYS A 30 -10.35 3.71 -3.04
C CYS A 30 -11.54 3.83 -3.99
N ARG A 31 -12.48 4.70 -3.66
CA ARG A 31 -13.66 4.90 -4.48
C ARG A 31 -13.69 6.32 -5.06
N LYS A 32 -12.60 6.70 -5.71
CA LYS A 32 -12.50 8.03 -6.31
C LYS A 32 -12.01 7.93 -7.76
N ASP A 33 -11.73 6.72 -8.21
CA ASP A 33 -11.26 6.50 -9.57
C ASP A 33 -9.90 7.17 -9.79
N VAL A 34 -8.93 6.82 -8.95
CA VAL A 34 -7.59 7.39 -9.04
C VAL A 34 -7.08 7.31 -10.48
N GLY A 35 -7.40 6.21 -11.16
CA GLY A 35 -6.96 6.03 -12.53
C GLY A 35 -6.28 4.71 -12.75
N ARG A 36 -6.99 3.62 -12.46
CA ARG A 36 -6.45 2.27 -12.63
C ARG A 36 -5.50 2.22 -13.82
N PRO A 37 -4.20 2.34 -13.55
CA PRO A 37 -3.16 2.31 -14.58
C PRO A 37 -3.00 0.91 -15.20
N GLN A 38 -2.16 0.82 -16.22
CA GLN A 38 -1.92 -0.45 -16.89
C GLN A 38 -1.44 -1.51 -15.92
N PRO A 39 -1.73 -2.78 -16.21
CA PRO A 39 -1.33 -3.91 -15.37
C PRO A 39 0.18 -4.14 -15.39
N GLY A 40 0.90 -3.28 -16.09
CA GLY A 40 2.34 -3.41 -16.18
C GLY A 40 3.01 -3.37 -14.81
N ARG A 41 4.27 -2.98 -14.79
CA ARG A 41 5.03 -2.89 -13.54
C ARG A 41 5.60 -1.50 -13.33
N GLU A 42 6.28 -0.99 -14.36
CA GLU A 42 6.88 0.33 -14.30
C GLU A 42 5.85 1.38 -13.91
N ASN A 43 4.62 1.20 -14.39
CA ASN A 43 3.54 2.14 -14.09
C ASN A 43 3.28 2.21 -12.59
N PHE A 44 3.17 1.04 -11.96
CA PHE A 44 2.92 0.97 -10.52
C PHE A 44 3.72 2.04 -9.78
N GLN A 45 4.99 2.18 -10.13
CA GLN A 45 5.86 3.17 -9.50
C GLN A 45 5.29 4.57 -9.66
N ASN A 46 4.95 4.93 -10.89
CA ASN A 46 4.40 6.25 -11.18
C ASN A 46 3.05 6.43 -10.47
N TRP A 47 2.29 5.35 -10.37
CA TRP A 47 0.99 5.40 -9.72
C TRP A 47 1.10 5.98 -8.32
N LEU A 48 2.10 5.53 -7.58
CA LEU A 48 2.31 6.01 -6.21
C LEU A 48 3.36 7.12 -6.18
N LYS A 49 4.14 7.21 -7.25
CA LYS A 49 5.18 8.24 -7.34
C LYS A 49 4.64 9.60 -6.88
N ASP A 50 3.40 9.88 -7.24
CA ASP A 50 2.77 11.14 -6.87
C ASP A 50 2.32 11.12 -5.41
N GLY A 51 1.89 9.95 -4.95
CA GLY A 51 1.45 9.81 -3.57
C GLY A 51 -0.06 9.94 -3.44
N THR A 52 -0.66 10.73 -4.32
CA THR A 52 -2.10 10.95 -4.29
C THR A 52 -2.85 9.63 -4.18
N VAL A 53 -2.36 8.61 -4.86
CA VAL A 53 -2.97 7.29 -4.83
C VAL A 53 -2.78 6.61 -3.48
N LEU A 54 -1.63 6.87 -2.86
CA LEU A 54 -1.32 6.30 -1.55
C LEU A 54 -2.24 6.87 -0.48
N CYS A 55 -2.60 8.14 -0.62
CA CYS A 55 -3.46 8.80 0.34
C CYS A 55 -4.87 8.20 0.30
N GLU A 56 -5.44 8.10 -0.88
CA GLU A 56 -6.78 7.54 -1.05
C GLU A 56 -6.91 6.21 -0.32
N LEU A 57 -5.83 5.44 -0.34
CA LEU A 57 -5.83 4.14 0.33
C LEU A 57 -6.02 4.28 1.83
N ILE A 58 -4.99 4.78 2.50
CA ILE A 58 -5.05 4.98 3.95
C ILE A 58 -6.31 5.74 4.35
N ASN A 59 -6.73 6.67 3.49
CA ASN A 59 -7.91 7.48 3.76
C ASN A 59 -9.17 6.63 3.68
N ALA A 60 -9.19 5.67 2.75
CA ALA A 60 -10.34 4.79 2.58
C ALA A 60 -10.63 4.02 3.87
N LEU A 61 -9.57 3.49 4.48
CA LEU A 61 -9.71 2.73 5.71
C LEU A 61 -10.30 3.59 6.82
N TYR A 62 -9.49 4.51 7.34
CA TYR A 62 -9.94 5.40 8.41
C TYR A 62 -11.28 6.04 8.07
N PRO A 63 -12.16 6.15 9.08
CA PRO A 63 -13.49 6.74 8.90
C PRO A 63 -13.44 8.24 8.66
N GLU A 64 -14.59 8.89 8.66
CA GLU A 64 -14.67 10.33 8.44
C GLU A 64 -14.00 11.09 9.57
N GLY A 65 -13.01 11.90 9.22
CA GLY A 65 -12.30 12.69 10.22
C GLY A 65 -11.05 11.99 10.71
N GLN A 66 -11.14 10.68 10.90
CA GLN A 66 -10.00 9.89 11.37
C GLN A 66 -8.88 9.90 10.35
N ALA A 67 -9.25 9.85 9.07
CA ALA A 67 -8.26 9.85 8.00
C ALA A 67 -7.14 10.84 8.27
N PRO A 68 -5.89 10.36 8.16
CA PRO A 68 -4.70 11.18 8.39
C PRO A 68 -4.50 12.24 7.31
N VAL A 69 -4.63 11.82 6.06
CA VAL A 69 -4.47 12.72 4.93
C VAL A 69 -5.81 13.22 4.42
N LYS A 70 -6.18 14.42 4.82
CA LYS A 70 -7.46 15.02 4.40
C LYS A 70 -7.34 15.64 3.01
N LYS A 71 -6.33 16.49 2.84
CA LYS A 71 -6.10 17.16 1.56
C LYS A 71 -5.40 16.22 0.58
N ILE A 72 -6.00 16.04 -0.59
CA ILE A 72 -5.44 15.16 -1.61
C ILE A 72 -5.43 15.85 -2.97
N GLN A 73 -4.25 16.32 -3.37
CA GLN A 73 -4.10 17.00 -4.66
C GLN A 73 -2.81 16.57 -5.35
N ALA A 74 -2.86 16.51 -6.68
CA ALA A 74 -1.70 16.12 -7.47
C ALA A 74 -0.89 17.33 -7.90
N SER A 75 0.10 17.70 -7.09
CA SER A 75 0.96 18.84 -7.39
C SER A 75 2.23 18.40 -8.11
N THR A 76 2.29 18.68 -9.41
CA THR A 76 3.45 18.31 -10.20
C THR A 76 4.75 18.55 -9.44
N MET A 77 4.76 19.60 -8.63
CA MET A 77 5.94 19.94 -7.84
C MET A 77 6.65 18.68 -7.36
N ALA A 78 7.78 18.37 -7.99
CA ALA A 78 8.55 17.19 -7.62
C ALA A 78 8.56 16.99 -6.11
N PHE A 79 8.84 18.06 -5.37
CA PHE A 79 8.88 18.00 -3.92
C PHE A 79 7.53 17.55 -3.36
N LYS A 80 6.46 18.08 -3.91
CA LYS A 80 5.12 17.74 -3.47
C LYS A 80 4.79 16.29 -3.79
N GLN A 81 5.04 15.88 -5.04
CA GLN A 81 4.78 14.52 -5.47
C GLN A 81 5.36 13.51 -4.49
N MET A 82 6.57 13.78 -4.02
CA MET A 82 7.24 12.90 -3.07
C MET A 82 6.76 13.17 -1.65
N GLU A 83 6.47 14.44 -1.36
CA GLU A 83 6.01 14.83 -0.04
C GLU A 83 4.69 14.14 0.31
N GLN A 84 3.83 13.99 -0.70
CA GLN A 84 2.53 13.35 -0.50
C GLN A 84 2.70 11.92 -0.02
N ILE A 85 3.74 11.24 -0.51
CA ILE A 85 4.00 9.87 -0.12
C ILE A 85 4.20 9.74 1.38
N SER A 86 5.15 10.50 1.92
CA SER A 86 5.43 10.48 3.34
C SER A 86 4.15 10.60 4.16
N GLN A 87 3.33 11.59 3.82
CA GLN A 87 2.07 11.81 4.52
C GLN A 87 1.36 10.49 4.80
N PHE A 88 1.39 9.58 3.84
CA PHE A 88 0.76 8.28 3.99
C PHE A 88 1.56 7.39 4.93
N LEU A 89 2.87 7.34 4.72
CA LEU A 89 3.75 6.53 5.56
C LEU A 89 3.61 6.91 7.02
N GLN A 90 3.84 8.19 7.33
CA GLN A 90 3.74 8.68 8.69
C GLN A 90 2.59 8.00 9.43
N ALA A 91 1.51 7.71 8.71
CA ALA A 91 0.34 7.06 9.30
C ALA A 91 0.48 5.54 9.24
N ALA A 92 1.03 5.05 8.14
CA ALA A 92 1.21 3.61 7.96
C ALA A 92 1.65 2.94 9.27
N GLU A 93 2.74 3.43 9.84
CA GLU A 93 3.26 2.89 11.08
C GLU A 93 2.28 3.10 12.22
N ARG A 94 1.88 4.36 12.42
CA ARG A 94 0.95 4.70 13.48
C ARG A 94 -0.26 3.77 13.47
N TYR A 95 -0.61 3.28 12.29
CA TYR A 95 -1.74 2.37 12.14
C TYR A 95 -1.42 1.00 12.73
N GLY A 96 -0.24 0.49 12.43
CA GLY A 96 0.16 -0.81 12.95
C GLY A 96 1.41 -1.34 12.26
N ILE A 97 1.57 -1.02 10.98
CA ILE A 97 2.73 -1.47 10.22
C ILE A 97 4.03 -1.13 10.95
N ASN A 98 5.09 -1.86 10.61
CA ASN A 98 6.39 -1.65 11.23
C ASN A 98 7.32 -0.86 10.30
N THR A 99 7.98 0.16 10.84
CA THR A 99 8.88 0.97 10.05
C THR A 99 9.95 0.11 9.36
N THR A 100 10.39 -0.93 10.05
CA THR A 100 11.40 -1.84 9.51
C THR A 100 10.98 -2.37 8.14
N ASP A 101 9.69 -2.25 7.84
CA ASP A 101 9.16 -2.72 6.56
C ASP A 101 8.83 -1.55 5.64
N ILE A 102 8.30 -0.48 6.23
CA ILE A 102 7.93 0.71 5.47
C ILE A 102 9.07 1.15 4.55
N PHE A 103 8.75 1.31 3.26
CA PHE A 103 9.76 1.73 2.29
C PHE A 103 10.17 3.18 2.51
N GLN A 104 11.01 3.69 1.62
CA GLN A 104 11.48 5.06 1.71
C GLN A 104 10.86 5.94 0.63
N THR A 105 10.48 7.15 1.01
CA THR A 105 9.87 8.08 0.06
C THR A 105 10.56 8.04 -1.29
N VAL A 106 11.89 8.17 -1.27
CA VAL A 106 12.67 8.14 -2.50
C VAL A 106 12.60 6.78 -3.18
N ASP A 107 12.71 5.72 -2.38
CA ASP A 107 12.65 4.36 -2.89
C ASP A 107 11.55 4.23 -3.94
N LEU A 108 10.35 4.68 -3.59
CA LEU A 108 9.22 4.62 -4.50
C LEU A 108 9.24 5.78 -5.50
N TRP A 109 9.42 6.98 -4.98
CA TRP A 109 9.48 8.18 -5.83
C TRP A 109 10.33 7.92 -7.06
N GLU A 110 11.63 7.74 -6.86
CA GLU A 110 12.55 7.49 -7.96
C GLU A 110 12.41 6.07 -8.48
N GLY A 111 11.62 5.26 -7.77
CA GLY A 111 11.42 3.88 -8.18
C GLY A 111 12.68 3.05 -8.05
N LYS A 112 13.46 3.31 -7.01
CA LYS A 112 14.70 2.58 -6.76
C LYS A 112 14.42 1.10 -6.57
N ASN A 113 13.61 0.78 -5.56
CA ASN A 113 13.26 -0.61 -5.26
C ASN A 113 11.76 -0.80 -5.29
N MET A 114 11.24 -1.17 -6.46
CA MET A 114 9.81 -1.40 -6.62
C MET A 114 9.37 -2.66 -5.89
N ALA A 115 10.34 -3.36 -5.29
CA ALA A 115 10.06 -4.59 -4.56
C ALA A 115 10.00 -4.33 -3.06
N CYS A 116 10.33 -3.12 -2.65
CA CYS A 116 10.33 -2.75 -1.24
C CYS A 116 8.93 -2.28 -0.82
N VAL A 117 8.42 -1.27 -1.51
CA VAL A 117 7.09 -0.73 -1.19
C VAL A 117 6.01 -1.78 -1.40
N GLN A 118 6.19 -2.61 -2.43
CA GLN A 118 5.21 -3.67 -2.73
C GLN A 118 4.76 -4.36 -1.45
N ARG A 119 5.68 -4.54 -0.52
CA ARG A 119 5.37 -5.19 0.74
C ARG A 119 4.58 -4.27 1.67
N THR A 120 5.15 -3.09 1.94
CA THR A 120 4.49 -2.12 2.81
C THR A 120 2.98 -2.10 2.57
N LEU A 121 2.59 -2.02 1.30
CA LEU A 121 1.18 -1.99 0.95
C LEU A 121 0.45 -3.22 1.49
N MET A 122 0.81 -4.39 0.96
CA MET A 122 0.20 -5.64 1.40
C MET A 122 -0.05 -5.63 2.91
N ASN A 123 0.99 -5.31 3.67
CA ASN A 123 0.89 -5.27 5.12
C ASN A 123 -0.40 -4.57 5.55
N LEU A 124 -0.63 -3.38 5.02
CA LEU A 124 -1.82 -2.62 5.35
C LEU A 124 -3.08 -3.46 5.18
N GLY A 125 -3.10 -4.26 4.12
CA GLY A 125 -4.25 -5.11 3.86
C GLY A 125 -4.42 -6.19 4.91
N GLY A 126 -3.42 -7.05 5.05
CA GLY A 126 -3.49 -8.11 6.03
C GLY A 126 -3.84 -7.61 7.42
N LEU A 127 -3.40 -6.40 7.73
CA LEU A 127 -3.68 -5.80 9.03
C LEU A 127 -5.12 -5.33 9.12
N ALA A 128 -5.56 -4.61 8.08
CA ALA A 128 -6.92 -4.10 8.05
C ALA A 128 -7.94 -5.21 8.29
N VAL A 129 -7.74 -6.35 7.62
CA VAL A 129 -8.64 -7.48 7.77
C VAL A 129 -8.63 -8.01 9.19
N ALA A 130 -7.58 -7.67 9.95
CA ALA A 130 -7.45 -8.11 11.33
C ALA A 130 -8.01 -7.06 12.29
N ARG A 131 -8.92 -6.24 11.80
CA ARG A 131 -9.53 -5.20 12.61
C ARG A 131 -11.03 -5.43 12.78
N ASP A 132 -11.65 -4.63 13.63
CA ASP A 132 -13.08 -4.76 13.89
C ASP A 132 -13.84 -3.53 13.38
N ASP A 133 -13.12 -2.62 12.74
CA ASP A 133 -13.72 -1.41 12.21
C ASP A 133 -14.80 -1.74 11.17
N GLY A 134 -14.57 -2.80 10.40
CA GLY A 134 -15.53 -3.20 9.39
C GLY A 134 -15.58 -2.23 8.23
N LEU A 135 -14.41 -1.76 7.80
CA LEU A 135 -14.32 -0.83 6.69
C LEU A 135 -13.51 -1.41 5.54
N PHE A 136 -12.51 -2.23 5.88
CA PHE A 136 -11.66 -2.86 4.89
C PHE A 136 -12.47 -3.26 3.66
N SER A 137 -12.00 -2.84 2.49
CA SER A 137 -12.68 -3.17 1.24
C SER A 137 -11.90 -4.20 0.44
N GLY A 138 -12.47 -4.66 -0.67
CA GLY A 138 -11.82 -5.64 -1.50
C GLY A 138 -11.88 -7.04 -0.92
N ASP A 139 -11.61 -8.04 -1.75
CA ASP A 139 -11.63 -9.42 -1.31
C ASP A 139 -10.74 -9.64 -0.10
N PRO A 140 -11.30 -10.19 0.98
CA PRO A 140 -10.56 -10.45 2.22
C PRO A 140 -9.54 -11.58 2.06
N ASN A 141 -9.80 -12.47 1.10
CA ASN A 141 -8.90 -13.58 0.85
C ASN A 141 -7.52 -13.10 0.44
N TRP A 142 -7.48 -12.13 -0.46
CA TRP A 142 -6.21 -11.57 -0.92
C TRP A 142 -5.18 -11.54 0.19
N PHE A 143 -5.57 -10.99 1.33
CA PHE A 143 -4.67 -10.90 2.48
C PHE A 143 -5.07 -11.91 3.56
N PRO A 144 -4.07 -12.39 4.32
CA PRO A 144 -4.29 -13.35 5.40
C PRO A 144 -5.05 -12.75 6.58
N LYS A 145 -5.58 -13.61 7.45
CA LYS A 145 -6.32 -13.16 8.62
C LYS A 145 -5.49 -13.35 9.89
N LYS A 146 -5.26 -12.26 10.61
CA LYS A 146 -4.49 -12.31 11.85
C LYS A 146 -5.39 -12.09 13.06
N SER A 147 -6.07 -13.16 13.48
CA SER A 147 -6.97 -13.07 14.62
C SER A 147 -6.30 -13.62 15.88
N LYS A 148 -5.05 -13.22 16.10
CA LYS A 148 -4.30 -13.67 17.26
C LYS A 148 -3.87 -12.49 18.14
N GLU A 149 -4.81 -11.99 18.93
CA GLU A 149 -4.54 -10.86 19.81
C GLU A 149 -5.62 -10.73 20.89
N SER A 150 -5.30 -10.00 21.95
CA SER A 150 -6.24 -9.81 23.05
C SER A 150 -5.92 -8.53 23.82
N GLY A 151 -6.92 -8.00 24.52
CA GLY A 151 -6.72 -6.79 25.28
C GLY A 151 -7.53 -5.63 24.74
N PRO A 152 -8.27 -4.95 25.64
CA PRO A 152 -9.11 -3.81 25.27
C PRO A 152 -8.28 -2.59 24.87
N SER A 153 -6.98 -2.66 25.12
CA SER A 153 -6.07 -1.55 24.79
C SER A 153 -5.36 -1.81 23.47
N SER A 154 -5.41 -0.82 22.58
CA SER A 154 -4.77 -0.94 21.27
C SER A 154 -4.71 0.42 20.57
N GLY A 155 -3.65 0.62 19.79
CA GLY A 155 -3.50 1.88 19.08
C GLY A 155 -4.18 1.87 17.73
N GLY A 1 0.78 -6.93 -21.37
CA GLY A 1 1.75 -6.28 -22.24
C GLY A 1 2.77 -7.25 -22.78
N SER A 2 3.51 -7.89 -21.88
CA SER A 2 4.54 -8.85 -22.27
C SER A 2 4.53 -10.07 -21.36
N SER A 3 5.24 -11.11 -21.78
CA SER A 3 5.30 -12.35 -21.01
C SER A 3 6.14 -12.16 -19.75
N GLY A 4 6.22 -13.20 -18.92
CA GLY A 4 6.99 -13.13 -17.70
C GLY A 4 7.92 -14.32 -17.53
N SER A 5 8.39 -14.54 -16.31
CA SER A 5 9.30 -15.63 -16.03
C SER A 5 8.53 -16.86 -15.51
N SER A 6 9.05 -18.05 -15.83
CA SER A 6 8.41 -19.29 -15.41
C SER A 6 9.22 -19.96 -14.31
N GLY A 7 8.95 -19.57 -13.06
CA GLY A 7 9.67 -20.15 -11.93
C GLY A 7 8.82 -20.20 -10.68
N GLN A 8 9.20 -21.06 -9.74
CA GLN A 8 8.46 -21.21 -8.49
C GLN A 8 9.38 -20.99 -7.29
N LYS A 9 9.64 -19.72 -6.97
CA LYS A 9 10.50 -19.38 -5.86
C LYS A 9 9.74 -18.56 -4.81
N ILE A 10 10.22 -18.59 -3.58
CA ILE A 10 9.58 -17.85 -2.49
C ILE A 10 9.03 -16.53 -2.99
N GLU A 11 7.98 -16.04 -2.31
CA GLU A 11 7.36 -14.78 -2.69
C GLU A 11 8.22 -13.60 -2.23
N LYS A 12 8.99 -13.04 -3.16
CA LYS A 12 9.86 -11.91 -2.85
C LYS A 12 9.28 -10.62 -3.42
N GLN A 13 9.65 -9.49 -2.83
CA GLN A 13 9.18 -8.19 -3.27
C GLN A 13 9.34 -8.04 -4.78
N TYR A 14 8.54 -7.17 -5.38
CA TYR A 14 8.60 -6.93 -6.82
C TYR A 14 8.15 -8.17 -7.60
N ASP A 15 6.95 -8.65 -7.27
CA ASP A 15 6.40 -9.82 -7.94
C ASP A 15 5.07 -9.49 -8.63
N ALA A 16 4.91 -9.98 -9.85
CA ALA A 16 3.68 -9.74 -10.60
C ALA A 16 2.47 -10.35 -9.92
N ASP A 17 2.72 -11.29 -9.02
CA ASP A 17 1.65 -11.96 -8.29
C ASP A 17 1.04 -11.03 -7.25
N LEU A 18 1.90 -10.40 -6.45
CA LEU A 18 1.44 -9.48 -5.41
C LEU A 18 1.05 -8.14 -6.02
N GLU A 19 1.72 -7.74 -7.09
CA GLU A 19 1.43 -6.48 -7.76
C GLU A 19 0.01 -6.47 -8.30
N GLN A 20 -0.27 -7.34 -9.27
CA GLN A 20 -1.59 -7.43 -9.87
C GLN A 20 -2.68 -7.36 -8.81
N ILE A 21 -2.39 -7.95 -7.64
CA ILE A 21 -3.35 -7.95 -6.54
C ILE A 21 -3.42 -6.59 -5.86
N LEU A 22 -2.25 -6.02 -5.57
CA LEU A 22 -2.17 -4.72 -4.92
C LEU A 22 -3.02 -3.69 -5.66
N ILE A 23 -2.81 -3.60 -6.96
CA ILE A 23 -3.56 -2.65 -7.78
C ILE A 23 -5.05 -2.97 -7.76
N GLN A 24 -5.38 -4.25 -7.70
CA GLN A 24 -6.78 -4.68 -7.66
C GLN A 24 -7.43 -4.30 -6.34
N TRP A 25 -6.68 -4.39 -5.26
CA TRP A 25 -7.19 -4.06 -3.94
C TRP A 25 -7.25 -2.55 -3.75
N ILE A 26 -6.10 -1.89 -3.85
CA ILE A 26 -6.04 -0.44 -3.69
C ILE A 26 -7.22 0.25 -4.38
N THR A 27 -7.40 -0.03 -5.66
CA THR A 27 -8.49 0.55 -6.43
C THR A 27 -9.83 0.22 -5.81
N THR A 28 -9.90 -0.92 -5.12
CA THR A 28 -11.13 -1.36 -4.48
C THR A 28 -11.36 -0.63 -3.16
N GLN A 29 -10.41 -0.78 -2.24
CA GLN A 29 -10.49 -0.14 -0.93
C GLN A 29 -11.08 1.26 -1.06
N CYS A 30 -10.63 2.00 -2.08
CA CYS A 30 -11.12 3.35 -2.31
C CYS A 30 -12.48 3.34 -2.99
N ARG A 31 -13.18 4.46 -2.91
CA ARG A 31 -14.50 4.59 -3.53
C ARG A 31 -14.39 5.11 -4.95
N LYS A 32 -13.74 6.26 -5.11
CA LYS A 32 -13.57 6.87 -6.41
C LYS A 32 -12.43 6.20 -7.19
N ASP A 33 -12.56 6.14 -8.50
CA ASP A 33 -11.56 5.53 -9.36
C ASP A 33 -10.36 6.47 -9.54
N VAL A 34 -9.34 6.28 -8.71
CA VAL A 34 -8.14 7.12 -8.78
C VAL A 34 -7.53 7.08 -10.17
N GLY A 35 -7.90 6.05 -10.95
CA GLY A 35 -7.37 5.92 -12.30
C GLY A 35 -6.67 4.61 -12.51
N ARG A 36 -7.27 3.52 -12.03
CA ARG A 36 -6.69 2.19 -12.17
C ARG A 36 -5.91 2.07 -13.48
N PRO A 37 -4.58 2.29 -13.40
CA PRO A 37 -3.70 2.22 -14.57
C PRO A 37 -3.54 0.79 -15.09
N GLN A 38 -2.52 0.58 -15.92
CA GLN A 38 -2.27 -0.73 -16.48
C GLN A 38 -1.83 -1.72 -15.40
N PRO A 39 -2.16 -3.00 -15.59
CA PRO A 39 -1.81 -4.06 -14.64
C PRO A 39 -0.32 -4.36 -14.62
N GLY A 40 0.44 -3.60 -15.40
CA GLY A 40 1.88 -3.79 -15.46
C GLY A 40 2.56 -3.49 -14.14
N ARG A 41 3.89 -3.42 -14.15
CA ARG A 41 4.66 -3.14 -12.96
C ARG A 41 5.25 -1.74 -13.01
N GLU A 42 5.96 -1.43 -14.09
CA GLU A 42 6.58 -0.13 -14.26
C GLU A 42 5.63 0.98 -13.84
N ASN A 43 4.37 0.86 -14.24
CA ASN A 43 3.36 1.85 -13.91
C ASN A 43 3.17 1.96 -12.39
N PHE A 44 2.92 0.83 -11.75
CA PHE A 44 2.73 0.80 -10.30
C PHE A 44 3.61 1.84 -9.62
N GLN A 45 4.84 1.97 -10.09
CA GLN A 45 5.79 2.91 -9.52
C GLN A 45 5.28 4.35 -9.67
N ASN A 46 4.88 4.70 -10.89
CA ASN A 46 4.37 6.04 -11.17
C ASN A 46 3.01 6.25 -10.51
N TRP A 47 2.11 5.29 -10.71
CA TRP A 47 0.77 5.37 -10.14
C TRP A 47 0.81 5.92 -8.72
N LEU A 48 1.78 5.45 -7.94
CA LEU A 48 1.94 5.89 -6.56
C LEU A 48 3.00 6.98 -6.45
N LYS A 49 3.95 6.97 -7.37
CA LYS A 49 5.02 7.96 -7.39
C LYS A 49 4.51 9.31 -6.91
N ASP A 50 3.44 9.79 -7.54
CA ASP A 50 2.86 11.08 -7.18
C ASP A 50 2.52 11.12 -5.70
N GLY A 51 1.90 10.05 -5.20
CA GLY A 51 1.53 9.99 -3.81
C GLY A 51 0.03 9.98 -3.60
N THR A 52 -0.67 10.91 -4.28
CA THR A 52 -2.11 11.00 -4.17
C THR A 52 -2.74 9.62 -4.00
N VAL A 53 -2.46 8.73 -4.93
CA VAL A 53 -3.00 7.38 -4.89
C VAL A 53 -2.81 6.76 -3.52
N LEU A 54 -1.59 6.82 -3.00
CA LEU A 54 -1.27 6.27 -1.69
C LEU A 54 -2.15 6.89 -0.61
N CYS A 55 -2.52 8.15 -0.81
CA CYS A 55 -3.35 8.87 0.14
C CYS A 55 -4.77 8.32 0.14
N GLU A 56 -5.33 8.15 -1.06
CA GLU A 56 -6.68 7.63 -1.20
C GLU A 56 -6.84 6.30 -0.46
N LEU A 57 -5.77 5.51 -0.45
CA LEU A 57 -5.80 4.21 0.21
C LEU A 57 -6.02 4.37 1.71
N ILE A 58 -5.01 4.89 2.40
CA ILE A 58 -5.08 5.11 3.84
C ILE A 58 -6.30 5.95 4.20
N ASN A 59 -6.77 6.75 3.25
CA ASN A 59 -7.92 7.61 3.47
C ASN A 59 -9.22 6.84 3.23
N ALA A 60 -9.14 5.77 2.45
CA ALA A 60 -10.30 4.94 2.15
C ALA A 60 -10.67 4.06 3.34
N LEU A 61 -9.66 3.54 4.03
CA LEU A 61 -9.87 2.68 5.18
C LEU A 61 -10.55 3.44 6.31
N TYR A 62 -9.80 4.33 6.96
CA TYR A 62 -10.34 5.12 8.06
C TYR A 62 -11.62 5.83 7.65
N PRO A 63 -12.55 5.98 8.60
CA PRO A 63 -13.83 6.65 8.36
C PRO A 63 -13.67 8.15 8.13
N GLU A 64 -14.79 8.85 7.97
CA GLU A 64 -14.78 10.29 7.74
C GLU A 64 -14.08 11.00 8.90
N GLY A 65 -13.07 11.81 8.57
CA GLY A 65 -12.35 12.54 9.59
C GLY A 65 -11.16 11.77 10.13
N GLN A 66 -11.36 10.49 10.40
CA GLN A 66 -10.28 9.65 10.91
C GLN A 66 -9.13 9.56 9.92
N ALA A 67 -9.39 10.00 8.68
CA ALA A 67 -8.37 9.97 7.64
C ALA A 67 -7.14 10.78 8.05
N PRO A 68 -5.97 10.13 8.01
CA PRO A 68 -4.70 10.77 8.38
C PRO A 68 -4.27 11.82 7.36
N VAL A 69 -4.63 11.58 6.10
CA VAL A 69 -4.29 12.51 5.03
C VAL A 69 -5.53 13.12 4.38
N LYS A 70 -6.02 14.21 4.95
CA LYS A 70 -7.20 14.88 4.44
C LYS A 70 -6.86 15.72 3.21
N LYS A 71 -5.76 16.46 3.29
CA LYS A 71 -5.32 17.31 2.20
C LYS A 71 -4.70 16.48 1.08
N ILE A 72 -5.49 16.19 0.05
CA ILE A 72 -5.02 15.40 -1.08
C ILE A 72 -4.95 16.24 -2.35
N GLN A 73 -3.74 16.64 -2.73
CA GLN A 73 -3.55 17.45 -3.93
C GLN A 73 -2.49 16.83 -4.83
N ALA A 74 -2.75 16.86 -6.14
CA ALA A 74 -1.83 16.29 -7.11
C ALA A 74 -0.98 17.38 -7.76
N SER A 75 0.28 17.47 -7.32
CA SER A 75 1.20 18.48 -7.85
C SER A 75 2.09 17.88 -8.93
N THR A 76 2.82 18.74 -9.64
CA THR A 76 3.71 18.31 -10.70
C THR A 76 5.17 18.40 -10.26
N MET A 77 5.44 19.30 -9.33
CA MET A 77 6.80 19.50 -8.83
C MET A 77 7.41 18.17 -8.38
N ALA A 78 8.72 18.17 -8.18
CA ALA A 78 9.42 16.96 -7.75
C ALA A 78 9.35 16.79 -6.23
N PHE A 79 9.42 17.90 -5.52
CA PHE A 79 9.37 17.87 -4.05
C PHE A 79 7.94 17.60 -3.58
N LYS A 80 6.99 18.31 -4.15
CA LYS A 80 5.59 18.16 -3.78
C LYS A 80 5.20 16.68 -3.74
N GLN A 81 5.44 15.98 -4.84
CA GLN A 81 5.12 14.56 -4.93
C GLN A 81 5.78 13.77 -3.80
N MET A 82 7.11 13.71 -3.83
CA MET A 82 7.86 12.99 -2.80
C MET A 82 7.18 13.12 -1.44
N GLU A 83 7.07 14.36 -0.96
CA GLU A 83 6.45 14.63 0.32
C GLU A 83 5.10 13.92 0.43
N GLN A 84 4.33 13.95 -0.65
CA GLN A 84 3.02 13.32 -0.67
C GLN A 84 3.11 11.86 -0.22
N ILE A 85 4.15 11.17 -0.68
CA ILE A 85 4.35 9.77 -0.32
C ILE A 85 4.52 9.61 1.19
N SER A 86 5.44 10.38 1.76
CA SER A 86 5.70 10.32 3.20
C SER A 86 4.40 10.40 3.98
N GLN A 87 3.58 11.40 3.67
CA GLN A 87 2.31 11.59 4.36
C GLN A 87 1.65 10.25 4.66
N PHE A 88 1.60 9.38 3.66
CA PHE A 88 1.00 8.06 3.82
C PHE A 88 1.78 7.22 4.83
N LEU A 89 3.10 7.20 4.67
CA LEU A 89 3.96 6.43 5.57
C LEU A 89 3.73 6.84 7.02
N GLN A 90 3.89 8.12 7.31
CA GLN A 90 3.70 8.63 8.66
C GLN A 90 2.47 8.01 9.29
N ALA A 91 1.47 7.70 8.48
CA ALA A 91 0.24 7.10 8.96
C ALA A 91 0.34 5.58 9.00
N ALA A 92 0.93 5.00 7.97
CA ALA A 92 1.10 3.55 7.88
C ALA A 92 1.64 2.99 9.20
N GLU A 93 2.67 3.64 9.72
CA GLU A 93 3.28 3.20 10.98
C GLU A 93 2.35 3.44 12.16
N ARG A 94 1.72 4.61 12.18
CA ARG A 94 0.80 4.96 13.25
C ARG A 94 -0.43 4.06 13.24
N TYR A 95 -0.71 3.46 12.09
CA TYR A 95 -1.84 2.57 11.94
C TYR A 95 -1.59 1.23 12.63
N GLY A 96 -0.39 0.69 12.43
CA GLY A 96 -0.04 -0.57 13.04
C GLY A 96 1.23 -1.17 12.46
N ILE A 97 1.43 -0.95 11.16
CA ILE A 97 2.61 -1.47 10.48
C ILE A 97 3.90 -1.01 11.16
N ASN A 98 4.96 -1.76 10.97
CA ASN A 98 6.26 -1.43 11.57
C ASN A 98 7.19 -0.81 10.54
N THR A 99 7.71 0.37 10.86
CA THR A 99 8.61 1.08 9.96
C THR A 99 9.52 0.12 9.22
N THR A 100 10.05 -0.87 9.95
CA THR A 100 10.93 -1.86 9.35
C THR A 100 10.47 -2.25 7.94
N ASP A 101 9.26 -2.78 7.85
CA ASP A 101 8.71 -3.18 6.57
C ASP A 101 8.42 -1.96 5.69
N ILE A 102 7.89 -0.91 6.31
CA ILE A 102 7.56 0.31 5.59
C ILE A 102 8.68 0.69 4.63
N PHE A 103 8.31 1.11 3.42
CA PHE A 103 9.29 1.51 2.41
C PHE A 103 9.66 2.98 2.58
N GLN A 104 10.76 3.37 1.95
CA GLN A 104 11.23 4.75 2.02
C GLN A 104 10.48 5.63 1.02
N THR A 105 10.90 6.89 0.93
CA THR A 105 10.26 7.84 0.02
C THR A 105 10.86 7.75 -1.37
N VAL A 106 12.18 7.88 -1.47
CA VAL A 106 12.88 7.81 -2.73
C VAL A 106 12.71 6.43 -3.38
N ASP A 107 12.55 5.41 -2.54
CA ASP A 107 12.38 4.05 -3.03
C ASP A 107 11.28 3.98 -4.09
N LEU A 108 10.13 4.58 -3.78
CA LEU A 108 9.00 4.58 -4.70
C LEU A 108 9.13 5.72 -5.71
N TRP A 109 9.72 6.83 -5.28
CA TRP A 109 9.90 7.99 -6.14
C TRP A 109 10.87 7.66 -7.28
N GLU A 110 12.13 7.44 -6.93
CA GLU A 110 13.15 7.12 -7.92
C GLU A 110 13.05 5.66 -8.35
N GLY A 111 12.07 4.96 -7.82
CA GLY A 111 11.88 3.56 -8.16
C GLY A 111 13.18 2.79 -8.18
N LYS A 112 14.17 3.29 -7.44
CA LYS A 112 15.48 2.64 -7.38
C LYS A 112 15.33 1.15 -7.06
N ASN A 113 14.37 0.83 -6.21
CA ASN A 113 14.12 -0.55 -5.82
C ASN A 113 12.73 -1.00 -6.23
N MET A 114 11.73 -0.18 -5.90
CA MET A 114 10.35 -0.48 -6.23
C MET A 114 9.97 -1.89 -5.76
N ALA A 115 10.40 -2.23 -4.55
CA ALA A 115 10.10 -3.54 -3.99
C ALA A 115 9.64 -3.43 -2.53
N CYS A 116 10.28 -2.52 -1.79
CA CYS A 116 9.93 -2.30 -0.39
C CYS A 116 8.54 -1.70 -0.25
N VAL A 117 8.16 -0.89 -1.23
CA VAL A 117 6.85 -0.25 -1.22
C VAL A 117 5.73 -1.27 -1.46
N GLN A 118 5.98 -2.21 -2.36
CA GLN A 118 5.00 -3.24 -2.67
C GLN A 118 4.61 -4.02 -1.42
N ARG A 119 5.60 -4.65 -0.80
CA ARG A 119 5.36 -5.44 0.41
C ARG A 119 4.73 -4.58 1.51
N THR A 120 5.19 -3.33 1.61
CA THR A 120 4.67 -2.41 2.61
C THR A 120 3.16 -2.29 2.53
N LEU A 121 2.64 -2.18 1.31
CA LEU A 121 1.21 -2.07 1.10
C LEU A 121 0.47 -3.30 1.63
N MET A 122 0.91 -4.47 1.20
CA MET A 122 0.31 -5.73 1.64
C MET A 122 0.00 -5.69 3.14
N ASN A 123 1.01 -5.32 3.93
CA ASN A 123 0.85 -5.24 5.37
C ASN A 123 -0.38 -4.43 5.75
N LEU A 124 -0.56 -3.29 5.09
CA LEU A 124 -1.70 -2.42 5.35
C LEU A 124 -3.00 -3.18 5.20
N GLY A 125 -3.10 -4.00 4.16
CA GLY A 125 -4.30 -4.78 3.93
C GLY A 125 -4.48 -5.89 4.94
N GLY A 126 -3.49 -6.80 5.00
CA GLY A 126 -3.56 -7.90 5.93
C GLY A 126 -3.98 -7.47 7.32
N LEU A 127 -3.44 -6.35 7.78
CA LEU A 127 -3.76 -5.83 9.10
C LEU A 127 -5.23 -5.43 9.19
N ALA A 128 -5.69 -4.67 8.20
CA ALA A 128 -7.08 -4.23 8.16
C ALA A 128 -8.04 -5.41 8.33
N VAL A 129 -7.78 -6.49 7.60
CA VAL A 129 -8.62 -7.68 7.68
C VAL A 129 -8.61 -8.27 9.08
N ALA A 130 -7.69 -7.80 9.90
CA ALA A 130 -7.57 -8.28 11.27
C ALA A 130 -8.18 -7.29 12.26
N ARG A 131 -9.01 -6.38 11.75
CA ARG A 131 -9.65 -5.38 12.58
C ARG A 131 -11.15 -5.65 12.71
N ASP A 132 -11.84 -4.80 13.46
CA ASP A 132 -13.28 -4.95 13.66
C ASP A 132 -14.02 -3.68 13.24
N ASP A 133 -13.32 -2.80 12.52
CA ASP A 133 -13.91 -1.55 12.06
C ASP A 133 -15.04 -1.83 11.08
N GLY A 134 -14.88 -2.87 10.28
CA GLY A 134 -15.90 -3.22 9.29
C GLY A 134 -15.96 -2.24 8.14
N LEU A 135 -14.79 -1.78 7.71
CA LEU A 135 -14.71 -0.83 6.60
C LEU A 135 -13.87 -1.39 5.46
N PHE A 136 -12.71 -1.95 5.80
CA PHE A 136 -11.83 -2.53 4.79
C PHE A 136 -12.62 -3.19 3.68
N SER A 137 -12.15 -3.03 2.45
CA SER A 137 -12.82 -3.60 1.28
C SER A 137 -11.87 -4.51 0.50
N GLY A 138 -12.37 -5.09 -0.57
CA GLY A 138 -11.56 -5.98 -1.39
C GLY A 138 -11.53 -7.39 -0.85
N ASP A 139 -11.48 -8.37 -1.76
CA ASP A 139 -11.45 -9.77 -1.37
C ASP A 139 -10.56 -9.97 -0.14
N PRO A 140 -11.14 -10.53 0.93
CA PRO A 140 -10.43 -10.79 2.18
C PRO A 140 -9.40 -11.91 2.05
N ASN A 141 -9.35 -12.51 0.86
CA ASN A 141 -8.40 -13.59 0.59
C ASN A 141 -7.02 -13.04 0.24
N TRP A 142 -7.01 -12.03 -0.64
CA TRP A 142 -5.75 -11.42 -1.06
C TRP A 142 -4.76 -11.37 0.10
N PHE A 143 -5.22 -10.90 1.24
CA PHE A 143 -4.36 -10.80 2.42
C PHE A 143 -4.85 -11.73 3.53
N PRO A 144 -3.89 -12.37 4.23
CA PRO A 144 -4.20 -13.30 5.32
C PRO A 144 -4.76 -12.58 6.55
N LYS A 145 -5.12 -13.35 7.56
CA LYS A 145 -5.66 -12.80 8.80
C LYS A 145 -4.56 -12.64 9.85
N LYS A 146 -3.89 -11.50 9.82
CA LYS A 146 -2.82 -11.22 10.77
C LYS A 146 -3.38 -10.60 12.05
N SER A 147 -3.84 -11.45 12.96
CA SER A 147 -4.40 -10.99 14.23
C SER A 147 -3.32 -10.92 15.31
N LYS A 148 -3.69 -10.37 16.46
CA LYS A 148 -2.75 -10.25 17.57
C LYS A 148 -2.40 -11.61 18.15
N GLU A 149 -1.19 -11.74 18.68
CA GLU A 149 -0.74 -12.98 19.27
C GLU A 149 0.17 -12.73 20.47
N SER A 150 -0.23 -13.26 21.63
CA SER A 150 0.54 -13.10 22.85
C SER A 150 -0.02 -13.97 23.97
N GLY A 151 0.85 -14.36 24.90
CA GLY A 151 0.42 -15.18 26.01
C GLY A 151 1.29 -15.01 27.24
N PRO A 152 0.67 -14.96 28.42
CA PRO A 152 1.37 -14.79 29.69
C PRO A 152 2.19 -16.02 30.07
N SER A 153 3.50 -15.86 30.13
CA SER A 153 4.40 -16.96 30.48
C SER A 153 5.67 -16.44 31.13
N SER A 154 6.36 -17.32 31.84
CA SER A 154 7.60 -16.96 32.52
C SER A 154 8.46 -18.18 32.79
N GLY A 155 9.77 -18.00 32.79
CA GLY A 155 10.68 -19.10 33.04
C GLY A 155 11.91 -18.69 33.83
N GLY A 1 13.21 -7.66 -16.91
CA GLY A 1 13.57 -9.04 -16.62
C GLY A 1 12.43 -9.83 -16.03
N SER A 2 12.70 -10.55 -14.94
CA SER A 2 11.69 -11.36 -14.30
C SER A 2 10.72 -11.95 -15.32
N SER A 3 11.26 -12.44 -16.43
CA SER A 3 10.46 -13.03 -17.48
C SER A 3 10.89 -14.46 -17.77
N GLY A 4 9.98 -15.41 -17.52
CA GLY A 4 10.29 -16.81 -17.75
C GLY A 4 9.49 -17.73 -16.85
N SER A 5 9.15 -18.91 -17.37
CA SER A 5 8.38 -19.88 -16.61
C SER A 5 9.30 -20.94 -16.00
N SER A 6 10.43 -20.50 -15.47
CA SER A 6 11.39 -21.41 -14.85
C SER A 6 11.58 -21.08 -13.37
N GLY A 7 12.15 -22.03 -12.63
CA GLY A 7 12.38 -21.83 -11.21
C GLY A 7 11.15 -22.14 -10.38
N GLN A 8 11.36 -22.41 -9.09
CA GLN A 8 10.26 -22.72 -8.19
C GLN A 8 9.84 -21.49 -7.39
N LYS A 9 10.83 -20.76 -6.89
CA LYS A 9 10.58 -19.56 -6.10
C LYS A 9 11.50 -18.42 -6.51
N ILE A 10 11.02 -17.20 -6.39
CA ILE A 10 11.81 -16.02 -6.75
C ILE A 10 12.62 -15.52 -5.55
N GLU A 11 13.89 -15.22 -5.79
CA GLU A 11 14.77 -14.73 -4.74
C GLU A 11 14.62 -13.22 -4.57
N LYS A 12 14.20 -12.55 -5.64
CA LYS A 12 14.01 -11.11 -5.62
C LYS A 12 12.81 -10.72 -4.76
N GLN A 13 13.06 -10.03 -3.66
CA GLN A 13 12.00 -9.60 -2.76
C GLN A 13 10.73 -9.26 -3.54
N TYR A 14 10.87 -8.39 -4.53
CA TYR A 14 9.74 -7.98 -5.35
C TYR A 14 8.84 -9.17 -5.68
N ASP A 15 7.53 -8.95 -5.62
CA ASP A 15 6.58 -10.00 -5.92
C ASP A 15 5.73 -9.64 -7.15
N ALA A 16 5.48 -10.63 -8.00
CA ALA A 16 4.69 -10.42 -9.20
C ALA A 16 3.25 -10.86 -9.00
N ASP A 17 3.08 -12.02 -8.37
CA ASP A 17 1.75 -12.56 -8.11
C ASP A 17 0.99 -11.69 -7.11
N LEU A 18 1.74 -10.88 -6.36
CA LEU A 18 1.14 -10.01 -5.37
C LEU A 18 0.85 -8.63 -5.96
N GLU A 19 1.74 -8.16 -6.82
CA GLU A 19 1.58 -6.86 -7.46
C GLU A 19 0.20 -6.75 -8.12
N GLN A 20 -0.10 -7.70 -9.00
CA GLN A 20 -1.38 -7.70 -9.70
C GLN A 20 -2.54 -7.59 -8.72
N ILE A 21 -2.41 -8.23 -7.57
CA ILE A 21 -3.43 -8.20 -6.54
C ILE A 21 -3.49 -6.84 -5.85
N LEU A 22 -2.33 -6.23 -5.66
CA LEU A 22 -2.24 -4.93 -5.02
C LEU A 22 -3.10 -3.91 -5.75
N ILE A 23 -2.82 -3.72 -7.04
CA ILE A 23 -3.57 -2.77 -7.85
C ILE A 23 -5.07 -3.01 -7.73
N GLN A 24 -5.46 -4.28 -7.75
CA GLN A 24 -6.87 -4.64 -7.65
C GLN A 24 -7.46 -4.16 -6.34
N TRP A 25 -6.76 -4.41 -5.24
CA TRP A 25 -7.21 -4.00 -3.92
C TRP A 25 -7.25 -2.48 -3.80
N ILE A 26 -6.10 -1.85 -4.02
CA ILE A 26 -5.99 -0.40 -3.95
C ILE A 26 -7.13 0.27 -4.71
N THR A 27 -7.29 -0.10 -5.97
CA THR A 27 -8.34 0.47 -6.81
C THR A 27 -9.72 0.20 -6.22
N THR A 28 -9.78 -0.78 -5.31
CA THR A 28 -11.05 -1.14 -4.68
C THR A 28 -11.28 -0.33 -3.41
N GLN A 29 -10.35 -0.45 -2.46
CA GLN A 29 -10.46 0.28 -1.20
C GLN A 29 -10.83 1.74 -1.44
N CYS A 30 -10.14 2.37 -2.39
CA CYS A 30 -10.39 3.77 -2.71
C CYS A 30 -11.88 3.99 -2.99
N ARG A 31 -12.30 5.26 -2.91
CA ARG A 31 -13.69 5.60 -3.16
C ARG A 31 -13.93 5.95 -4.63
N LYS A 32 -13.07 6.80 -5.18
CA LYS A 32 -13.18 7.21 -6.57
C LYS A 32 -12.08 6.56 -7.41
N ASP A 33 -12.34 6.42 -8.71
CA ASP A 33 -11.39 5.81 -9.62
C ASP A 33 -10.21 6.77 -9.88
N VAL A 34 -9.11 6.55 -9.19
CA VAL A 34 -7.93 7.38 -9.35
C VAL A 34 -7.30 7.20 -10.73
N GLY A 35 -7.70 6.13 -11.41
CA GLY A 35 -7.18 5.86 -12.74
C GLY A 35 -6.46 4.52 -12.81
N ARG A 36 -7.15 3.45 -12.41
CA ARG A 36 -6.58 2.12 -12.43
C ARG A 36 -5.65 1.94 -13.63
N PRO A 37 -4.34 2.11 -13.40
CA PRO A 37 -3.32 1.98 -14.44
C PRO A 37 -3.15 0.54 -14.91
N GLN A 38 -2.22 0.33 -15.83
CA GLN A 38 -1.97 -1.01 -16.36
C GLN A 38 -1.31 -1.90 -15.31
N PRO A 39 -1.51 -3.22 -15.43
CA PRO A 39 -0.95 -4.19 -14.50
C PRO A 39 0.57 -4.31 -14.63
N GLY A 40 1.15 -3.47 -15.48
CA GLY A 40 2.59 -3.50 -15.67
C GLY A 40 3.36 -3.28 -14.39
N ARG A 41 4.60 -2.84 -14.51
CA ARG A 41 5.44 -2.59 -13.34
C ARG A 41 5.99 -1.18 -13.35
N GLU A 42 6.03 -0.57 -14.53
CA GLU A 42 6.54 0.79 -14.68
C GLU A 42 5.46 1.81 -14.32
N ASN A 43 4.20 1.43 -14.52
CA ASN A 43 3.08 2.30 -14.21
C ASN A 43 2.81 2.35 -12.71
N PHE A 44 2.91 1.20 -12.06
CA PHE A 44 2.67 1.13 -10.62
C PHE A 44 3.49 2.18 -9.88
N GLN A 45 4.81 2.14 -10.09
CA GLN A 45 5.70 3.10 -9.44
C GLN A 45 5.21 4.53 -9.64
N ASN A 46 4.87 4.87 -10.87
CA ASN A 46 4.39 6.21 -11.19
C ASN A 46 3.01 6.44 -10.59
N TRP A 47 2.25 5.37 -10.44
CA TRP A 47 0.90 5.46 -9.88
C TRP A 47 0.95 5.99 -8.45
N LEU A 48 1.88 5.47 -7.66
CA LEU A 48 2.02 5.90 -6.27
C LEU A 48 3.04 7.03 -6.15
N LYS A 49 3.98 7.08 -7.09
CA LYS A 49 5.00 8.12 -7.09
C LYS A 49 4.40 9.48 -6.77
N ASP A 50 3.27 9.78 -7.38
CA ASP A 50 2.58 11.04 -7.15
C ASP A 50 2.12 11.16 -5.70
N GLY A 51 1.70 10.05 -5.13
CA GLY A 51 1.24 10.05 -3.75
C GLY A 51 -0.27 10.03 -3.64
N THR A 52 -0.92 10.88 -4.44
CA THR A 52 -2.38 10.97 -4.43
C THR A 52 -3.02 9.60 -4.19
N VAL A 53 -2.70 8.65 -5.07
CA VAL A 53 -3.24 7.30 -4.95
C VAL A 53 -2.99 6.73 -3.57
N LEU A 54 -1.76 6.88 -3.08
CA LEU A 54 -1.40 6.38 -1.76
C LEU A 54 -2.28 6.99 -0.68
N CYS A 55 -2.63 8.25 -0.86
CA CYS A 55 -3.48 8.95 0.11
C CYS A 55 -4.87 8.31 0.19
N GLU A 56 -5.49 8.12 -0.97
CA GLU A 56 -6.81 7.52 -1.05
C GLU A 56 -6.84 6.18 -0.31
N LEU A 57 -5.74 5.46 -0.39
CA LEU A 57 -5.63 4.15 0.26
C LEU A 57 -5.84 4.28 1.77
N ILE A 58 -4.88 4.91 2.44
CA ILE A 58 -4.95 5.11 3.88
C ILE A 58 -6.18 5.92 4.26
N ASN A 59 -6.58 6.84 3.38
CA ASN A 59 -7.74 7.69 3.62
C ASN A 59 -9.02 6.86 3.63
N ALA A 60 -9.11 5.91 2.71
CA ALA A 60 -10.28 5.05 2.61
C ALA A 60 -10.50 4.27 3.90
N LEU A 61 -9.46 3.61 4.37
CA LEU A 61 -9.54 2.82 5.60
C LEU A 61 -10.12 3.66 6.75
N TYR A 62 -9.42 4.74 7.08
CA TYR A 62 -9.85 5.63 8.16
C TYR A 62 -11.21 6.24 7.84
N PRO A 63 -12.04 6.41 8.88
CA PRO A 63 -13.37 6.99 8.74
C PRO A 63 -13.34 8.48 8.40
N GLU A 64 -14.49 9.13 8.47
CA GLU A 64 -14.59 10.55 8.18
C GLU A 64 -13.97 11.39 9.30
N GLY A 65 -13.08 12.29 8.93
CA GLY A 65 -12.44 13.15 9.92
C GLY A 65 -11.13 12.57 10.42
N GLN A 66 -11.12 11.26 10.66
CA GLN A 66 -9.91 10.60 11.16
C GLN A 66 -8.83 10.57 10.09
N ALA A 67 -9.25 10.49 8.82
CA ALA A 67 -8.32 10.45 7.70
C ALA A 67 -7.18 11.44 7.92
N PRO A 68 -5.94 10.93 7.91
CA PRO A 68 -4.73 11.74 8.10
C PRO A 68 -4.47 12.67 6.92
N VAL A 69 -4.86 12.23 5.73
CA VAL A 69 -4.66 13.01 4.52
C VAL A 69 -6.00 13.34 3.85
N LYS A 70 -6.76 14.23 4.47
CA LYS A 70 -8.05 14.63 3.94
C LYS A 70 -7.89 15.68 2.84
N LYS A 71 -6.83 16.47 2.95
CA LYS A 71 -6.55 17.52 1.96
C LYS A 71 -5.79 16.96 0.77
N ILE A 72 -6.40 16.00 0.07
CA ILE A 72 -5.78 15.38 -1.09
C ILE A 72 -5.82 16.32 -2.30
N GLN A 73 -4.64 16.60 -2.86
CA GLN A 73 -4.55 17.48 -4.02
C GLN A 73 -3.37 17.08 -4.90
N ALA A 74 -3.68 16.68 -6.13
CA ALA A 74 -2.64 16.28 -7.08
C ALA A 74 -1.74 17.45 -7.44
N SER A 75 -0.72 17.67 -6.62
CA SER A 75 0.22 18.77 -6.84
C SER A 75 1.01 18.54 -8.12
N THR A 76 1.23 17.27 -8.46
CA THR A 76 1.98 16.92 -9.67
C THR A 76 3.31 17.66 -9.71
N MET A 77 3.82 18.05 -8.55
CA MET A 77 5.09 18.76 -8.46
C MET A 77 6.18 17.85 -7.90
N ALA A 78 7.23 17.64 -8.70
CA ALA A 78 8.34 16.80 -8.29
C ALA A 78 8.58 16.90 -6.78
N PHE A 79 8.43 18.10 -6.25
CA PHE A 79 8.64 18.33 -4.82
C PHE A 79 7.46 17.81 -4.01
N LYS A 80 6.28 18.38 -4.26
CA LYS A 80 5.07 17.96 -3.55
C LYS A 80 4.88 16.45 -3.62
N GLN A 81 4.89 15.91 -4.84
CA GLN A 81 4.73 14.49 -5.04
C GLN A 81 5.38 13.69 -3.90
N MET A 82 6.70 13.79 -3.80
CA MET A 82 7.44 13.09 -2.75
C MET A 82 6.75 13.24 -1.40
N GLU A 83 6.80 14.45 -0.86
CA GLU A 83 6.18 14.74 0.44
C GLU A 83 4.82 14.04 0.55
N GLN A 84 4.07 14.03 -0.54
CA GLN A 84 2.76 13.40 -0.57
C GLN A 84 2.84 11.95 -0.10
N ILE A 85 3.88 11.25 -0.55
CA ILE A 85 4.07 9.85 -0.19
C ILE A 85 4.32 9.71 1.32
N SER A 86 5.17 10.59 1.84
CA SER A 86 5.50 10.55 3.26
C SER A 86 4.24 10.66 4.12
N GLN A 87 3.35 11.56 3.73
CA GLN A 87 2.10 11.76 4.45
C GLN A 87 1.41 10.42 4.75
N PHE A 88 1.56 9.48 3.83
CA PHE A 88 0.95 8.16 3.98
C PHE A 88 1.76 7.31 4.95
N LEU A 89 3.08 7.28 4.77
CA LEU A 89 3.96 6.51 5.62
C LEU A 89 3.83 6.95 7.08
N GLN A 90 4.03 8.25 7.31
CA GLN A 90 3.94 8.81 8.66
C GLN A 90 2.78 8.17 9.42
N ALA A 91 1.69 7.89 8.72
CA ALA A 91 0.52 7.28 9.34
C ALA A 91 0.57 5.77 9.24
N ALA A 92 1.22 5.27 8.19
CA ALA A 92 1.35 3.83 7.98
C ALA A 92 1.73 3.12 9.27
N GLU A 93 2.80 3.58 9.90
CA GLU A 93 3.28 2.98 11.14
C GLU A 93 2.33 3.30 12.30
N ARG A 94 1.80 4.52 12.30
CA ARG A 94 0.89 4.95 13.36
C ARG A 94 -0.36 4.06 13.39
N TYR A 95 -0.56 3.31 12.30
CA TYR A 95 -1.71 2.42 12.20
C TYR A 95 -1.44 1.08 12.90
N GLY A 96 -0.32 0.46 12.54
CA GLY A 96 0.04 -0.80 13.13
C GLY A 96 1.30 -1.40 12.52
N ILE A 97 1.50 -1.14 11.23
CA ILE A 97 2.67 -1.65 10.53
C ILE A 97 3.96 -1.18 11.18
N ASN A 98 4.99 -2.03 11.14
CA ASN A 98 6.27 -1.70 11.74
C ASN A 98 7.16 -0.96 10.75
N THR A 99 8.17 -0.25 11.26
CA THR A 99 9.09 0.49 10.41
C THR A 99 10.18 -0.40 9.86
N THR A 100 9.89 -1.69 9.78
CA THR A 100 10.86 -2.67 9.27
C THR A 100 10.51 -3.09 7.85
N ASP A 101 9.26 -2.89 7.47
CA ASP A 101 8.80 -3.26 6.13
C ASP A 101 8.39 -2.02 5.34
N ILE A 102 8.31 -0.89 6.03
CA ILE A 102 7.92 0.37 5.39
C ILE A 102 9.00 0.85 4.43
N PHE A 103 8.60 1.13 3.19
CA PHE A 103 9.54 1.60 2.18
C PHE A 103 9.91 3.06 2.41
N GLN A 104 10.86 3.55 1.64
CA GLN A 104 11.31 4.94 1.76
C GLN A 104 10.68 5.81 0.68
N THR A 105 10.56 7.10 0.97
CA THR A 105 9.97 8.04 0.03
C THR A 105 10.60 7.91 -1.35
N VAL A 106 11.92 8.00 -1.40
CA VAL A 106 12.65 7.88 -2.66
C VAL A 106 12.52 6.48 -3.24
N ASP A 107 12.62 5.48 -2.39
CA ASP A 107 12.52 4.09 -2.81
C ASP A 107 11.35 3.91 -3.79
N LEU A 108 10.27 4.62 -3.53
CA LEU A 108 9.08 4.54 -4.38
C LEU A 108 9.07 5.67 -5.42
N TRP A 109 9.42 6.88 -4.97
CA TRP A 109 9.45 8.03 -5.87
C TRP A 109 10.34 7.76 -7.08
N GLU A 110 11.60 7.41 -6.82
CA GLU A 110 12.54 7.12 -7.89
C GLU A 110 12.44 5.67 -8.33
N GLY A 111 11.96 4.81 -7.43
CA GLY A 111 11.81 3.41 -7.76
C GLY A 111 13.10 2.64 -7.57
N LYS A 112 13.81 2.92 -6.48
CA LYS A 112 15.07 2.26 -6.18
C LYS A 112 14.84 0.78 -5.88
N ASN A 113 14.12 0.51 -4.80
CA ASN A 113 13.83 -0.86 -4.39
C ASN A 113 12.33 -1.05 -4.17
N MET A 114 11.55 -0.97 -5.24
CA MET A 114 10.11 -1.14 -5.16
C MET A 114 9.76 -2.31 -4.25
N ALA A 115 10.50 -3.40 -4.36
CA ALA A 115 10.25 -4.58 -3.55
C ALA A 115 9.77 -4.20 -2.16
N CYS A 116 10.27 -3.08 -1.65
CA CYS A 116 9.88 -2.60 -0.33
C CYS A 116 8.42 -2.15 -0.32
N VAL A 117 8.13 -1.08 -1.06
CA VAL A 117 6.77 -0.55 -1.14
C VAL A 117 5.78 -1.63 -1.61
N GLN A 118 6.28 -2.56 -2.42
CA GLN A 118 5.45 -3.63 -2.94
C GLN A 118 4.86 -4.46 -1.80
N ARG A 119 5.70 -4.82 -0.83
CA ARG A 119 5.27 -5.62 0.30
C ARG A 119 4.53 -4.76 1.32
N THR A 120 5.03 -3.55 1.54
CA THR A 120 4.42 -2.63 2.49
C THR A 120 2.92 -2.55 2.28
N LEU A 121 2.50 -2.08 1.11
CA LEU A 121 1.09 -1.96 0.79
C LEU A 121 0.33 -3.25 1.15
N MET A 122 0.86 -4.38 0.70
CA MET A 122 0.25 -5.67 0.98
C MET A 122 -0.10 -5.80 2.46
N ASN A 123 0.87 -5.48 3.32
CA ASN A 123 0.66 -5.56 4.76
C ASN A 123 -0.56 -4.74 5.19
N LEU A 124 -0.60 -3.50 4.75
CA LEU A 124 -1.72 -2.61 5.09
C LEU A 124 -3.04 -3.37 5.08
N GLY A 125 -3.23 -4.20 4.06
CA GLY A 125 -4.45 -4.97 3.95
C GLY A 125 -4.51 -6.10 4.95
N GLY A 126 -3.48 -6.94 4.96
CA GLY A 126 -3.44 -8.06 5.89
C GLY A 126 -3.82 -7.66 7.30
N LEU A 127 -3.30 -6.52 7.75
CA LEU A 127 -3.58 -6.02 9.09
C LEU A 127 -5.04 -5.64 9.24
N ALA A 128 -5.55 -4.90 8.26
CA ALA A 128 -6.95 -4.47 8.27
C ALA A 128 -7.89 -5.66 8.45
N VAL A 129 -7.72 -6.68 7.63
CA VAL A 129 -8.55 -7.87 7.70
C VAL A 129 -8.48 -8.51 9.08
N ALA A 130 -7.45 -8.15 9.85
CA ALA A 130 -7.27 -8.68 11.19
C ALA A 130 -7.87 -7.73 12.23
N ARG A 131 -8.78 -6.87 11.79
CA ARG A 131 -9.42 -5.92 12.68
C ARG A 131 -10.93 -6.15 12.73
N ASP A 132 -11.63 -5.34 13.51
CA ASP A 132 -13.08 -5.46 13.64
C ASP A 132 -13.75 -4.12 13.35
N ASP A 133 -13.01 -3.21 12.75
CA ASP A 133 -13.54 -1.89 12.41
C ASP A 133 -14.64 -1.99 11.35
N GLY A 134 -14.47 -2.94 10.43
CA GLY A 134 -15.45 -3.13 9.39
C GLY A 134 -15.38 -2.05 8.33
N LEU A 135 -14.17 -1.64 7.98
CA LEU A 135 -13.97 -0.60 6.98
C LEU A 135 -13.31 -1.16 5.73
N PHE A 136 -12.26 -1.96 5.92
CA PHE A 136 -11.55 -2.57 4.81
C PHE A 136 -12.50 -2.96 3.69
N SER A 137 -12.01 -2.95 2.46
CA SER A 137 -12.82 -3.30 1.30
C SER A 137 -12.02 -4.15 0.32
N GLY A 138 -12.73 -4.95 -0.47
CA GLY A 138 -12.08 -5.81 -1.44
C GLY A 138 -11.94 -7.23 -0.96
N ASP A 139 -11.71 -8.15 -1.89
CA ASP A 139 -11.54 -9.56 -1.56
C ASP A 139 -10.65 -9.73 -0.34
N PRO A 140 -11.24 -10.18 0.78
CA PRO A 140 -10.52 -10.39 2.03
C PRO A 140 -9.56 -11.58 1.95
N ASN A 141 -9.59 -12.29 0.82
CA ASN A 141 -8.73 -13.44 0.62
C ASN A 141 -7.32 -13.00 0.22
N TRP A 142 -7.24 -12.00 -0.65
CA TRP A 142 -5.96 -11.49 -1.11
C TRP A 142 -4.93 -11.51 0.02
N PHE A 143 -5.32 -11.01 1.19
CA PHE A 143 -4.43 -10.97 2.34
C PHE A 143 -4.83 -12.04 3.37
N PRO A 144 -3.82 -12.63 4.02
CA PRO A 144 -4.03 -13.67 5.02
C PRO A 144 -4.65 -13.12 6.31
N LYS A 145 -4.93 -14.01 7.25
CA LYS A 145 -5.52 -13.60 8.52
C LYS A 145 -4.48 -13.60 9.63
N LYS A 146 -4.64 -12.70 10.60
CA LYS A 146 -3.72 -12.59 11.71
C LYS A 146 -4.46 -12.64 13.04
N SER A 147 -3.93 -13.41 13.99
CA SER A 147 -4.54 -13.56 15.30
C SER A 147 -4.39 -12.26 16.10
N LYS A 148 -5.20 -12.13 17.15
CA LYS A 148 -5.15 -10.95 18.01
C LYS A 148 -4.62 -11.31 19.40
N GLU A 149 -3.65 -10.53 19.87
CA GLU A 149 -3.07 -10.76 21.18
C GLU A 149 -3.41 -9.64 22.15
N SER A 150 -4.16 -9.97 23.20
CA SER A 150 -4.56 -8.98 24.19
C SER A 150 -4.51 -9.56 25.59
N GLY A 151 -4.00 -8.77 26.54
CA GLY A 151 -3.90 -9.22 27.91
C GLY A 151 -3.67 -8.09 28.88
N PRO A 152 -2.43 -7.60 28.96
CA PRO A 152 -2.05 -6.50 29.85
C PRO A 152 -2.65 -5.17 29.41
N SER A 153 -2.72 -4.96 28.10
CA SER A 153 -3.26 -3.73 27.54
C SER A 153 -4.47 -3.26 28.36
N SER A 154 -4.28 -2.17 29.11
CA SER A 154 -5.36 -1.62 29.93
C SER A 154 -4.95 -0.28 30.53
N GLY A 155 -5.91 0.62 30.68
CA GLY A 155 -5.64 1.93 31.24
C GLY A 155 -6.31 2.14 32.58
N GLY A 1 9.15 -22.56 13.01
CA GLY A 1 9.98 -22.35 11.83
C GLY A 1 10.87 -21.13 11.96
N SER A 2 12.10 -21.25 11.49
CA SER A 2 13.06 -20.15 11.56
C SER A 2 13.48 -19.72 10.15
N SER A 3 13.91 -18.46 10.04
CA SER A 3 14.34 -17.91 8.76
C SER A 3 15.56 -17.03 8.93
N GLY A 4 16.17 -16.65 7.81
CA GLY A 4 17.36 -15.80 7.86
C GLY A 4 17.62 -15.10 6.54
N SER A 5 17.00 -13.94 6.35
CA SER A 5 17.16 -13.18 5.12
C SER A 5 18.60 -12.68 4.99
N SER A 6 19.03 -12.47 3.75
CA SER A 6 20.38 -11.99 3.48
C SER A 6 20.41 -11.10 2.24
N GLY A 7 20.60 -9.80 2.47
CA GLY A 7 20.64 -8.86 1.36
C GLY A 7 22.06 -8.52 0.95
N GLN A 8 22.46 -9.00 -0.22
CA GLN A 8 23.80 -8.74 -0.74
C GLN A 8 23.88 -7.37 -1.40
N LYS A 9 22.94 -7.10 -2.31
CA LYS A 9 22.90 -5.82 -3.01
C LYS A 9 21.48 -5.43 -3.35
N ILE A 10 21.16 -4.16 -3.19
CA ILE A 10 19.82 -3.66 -3.49
C ILE A 10 19.40 -4.03 -4.91
N GLU A 11 18.13 -4.42 -5.06
CA GLU A 11 17.61 -4.81 -6.35
C GLU A 11 16.08 -4.94 -6.30
N LYS A 12 15.46 -4.99 -7.47
CA LYS A 12 14.01 -5.11 -7.57
C LYS A 12 13.57 -6.56 -7.39
N GLN A 13 13.28 -6.94 -6.15
CA GLN A 13 12.85 -8.29 -5.84
C GLN A 13 11.41 -8.30 -5.35
N TYR A 14 10.47 -8.53 -6.26
CA TYR A 14 9.05 -8.57 -5.92
C TYR A 14 8.35 -9.74 -6.59
N ASP A 15 7.10 -9.95 -6.24
CA ASP A 15 6.32 -11.05 -6.82
C ASP A 15 5.07 -10.51 -7.51
N ALA A 16 4.97 -10.74 -8.82
CA ALA A 16 3.84 -10.28 -9.60
C ALA A 16 2.52 -10.73 -8.96
N ASP A 17 2.44 -12.02 -8.64
CA ASP A 17 1.24 -12.58 -8.03
C ASP A 17 0.64 -11.60 -7.02
N LEU A 18 1.49 -11.00 -6.20
CA LEU A 18 1.05 -10.04 -5.19
C LEU A 18 0.70 -8.70 -5.83
N GLU A 19 1.49 -8.28 -6.81
CA GLU A 19 1.26 -7.02 -7.50
C GLU A 19 -0.18 -6.93 -7.99
N GLN A 20 -0.56 -7.84 -8.88
CA GLN A 20 -1.91 -7.87 -9.43
C GLN A 20 -2.95 -7.64 -8.33
N ILE A 21 -2.74 -8.29 -7.20
CA ILE A 21 -3.66 -8.15 -6.07
C ILE A 21 -3.61 -6.76 -5.47
N LEU A 22 -2.41 -6.17 -5.46
CA LEU A 22 -2.22 -4.84 -4.92
C LEU A 22 -3.04 -3.81 -5.70
N ILE A 23 -2.87 -3.82 -7.03
CA ILE A 23 -3.60 -2.89 -7.89
C ILE A 23 -5.11 -3.10 -7.76
N GLN A 24 -5.53 -4.36 -7.77
CA GLN A 24 -6.95 -4.68 -7.65
C GLN A 24 -7.53 -4.14 -6.36
N TRP A 25 -6.80 -4.32 -5.27
CA TRP A 25 -7.25 -3.85 -3.96
C TRP A 25 -7.19 -2.32 -3.88
N ILE A 26 -5.98 -1.77 -4.01
CA ILE A 26 -5.79 -0.33 -3.96
C ILE A 26 -6.92 0.40 -4.69
N THR A 27 -7.21 -0.04 -5.90
CA THR A 27 -8.26 0.57 -6.71
C THR A 27 -9.63 0.37 -6.07
N THR A 28 -9.84 -0.81 -5.49
CA THR A 28 -11.10 -1.14 -4.85
C THR A 28 -11.28 -0.33 -3.56
N GLN A 29 -10.42 -0.61 -2.58
CA GLN A 29 -10.49 0.09 -1.29
C GLN A 29 -10.77 1.57 -1.50
N CYS A 30 -9.94 2.22 -2.32
CA CYS A 30 -10.10 3.65 -2.59
C CYS A 30 -11.57 3.99 -2.83
N ARG A 31 -11.92 5.24 -2.54
CA ARG A 31 -13.29 5.70 -2.72
C ARG A 31 -13.46 6.41 -4.07
N LYS A 32 -12.45 7.18 -4.44
CA LYS A 32 -12.49 7.91 -5.71
C LYS A 32 -11.63 7.22 -6.76
N ASP A 33 -12.08 7.24 -8.01
CA ASP A 33 -11.36 6.61 -9.10
C ASP A 33 -10.02 7.31 -9.34
N VAL A 34 -8.97 6.81 -8.70
CA VAL A 34 -7.63 7.39 -8.84
C VAL A 34 -7.15 7.28 -10.28
N GLY A 35 -7.52 6.20 -10.96
CA GLY A 35 -7.11 6.01 -12.34
C GLY A 35 -6.31 4.74 -12.53
N ARG A 36 -6.99 3.60 -12.44
CA ARG A 36 -6.33 2.31 -12.60
C ARG A 36 -5.46 2.29 -13.85
N PRO A 37 -4.13 2.36 -13.65
CA PRO A 37 -3.17 2.36 -14.75
C PRO A 37 -3.09 1.01 -15.45
N GLN A 38 -2.04 0.82 -16.24
CA GLN A 38 -1.85 -0.43 -16.97
C GLN A 38 -1.26 -1.51 -16.07
N PRO A 39 -1.66 -2.76 -16.31
CA PRO A 39 -1.18 -3.91 -15.53
C PRO A 39 0.28 -4.23 -15.79
N GLY A 40 1.13 -3.91 -14.81
CA GLY A 40 2.55 -4.16 -14.95
C GLY A 40 3.33 -3.81 -13.70
N ARG A 41 4.62 -3.51 -13.87
CA ARG A 41 5.47 -3.15 -12.75
C ARG A 41 5.97 -1.72 -12.87
N GLU A 42 6.56 -1.40 -14.02
CA GLU A 42 7.08 -0.06 -14.27
C GLU A 42 6.00 0.99 -14.02
N ASN A 43 4.75 0.62 -14.30
CA ASN A 43 3.63 1.53 -14.11
C ASN A 43 3.32 1.73 -12.64
N PHE A 44 3.07 0.62 -11.94
CA PHE A 44 2.77 0.67 -10.51
C PHE A 44 3.60 1.75 -9.82
N GLN A 45 4.91 1.63 -9.91
CA GLN A 45 5.82 2.60 -9.29
C GLN A 45 5.37 4.02 -9.57
N ASN A 46 5.13 4.33 -10.84
CA ASN A 46 4.70 5.66 -11.25
C ASN A 46 3.31 5.97 -10.68
N TRP A 47 2.49 4.93 -10.55
CA TRP A 47 1.14 5.09 -10.03
C TRP A 47 1.16 5.68 -8.62
N LEU A 48 2.10 5.22 -7.82
CA LEU A 48 2.23 5.70 -6.45
C LEU A 48 3.27 6.82 -6.36
N LYS A 49 4.10 6.94 -7.38
CA LYS A 49 5.13 7.96 -7.42
C LYS A 49 4.54 9.33 -7.09
N ASP A 50 3.29 9.55 -7.48
CA ASP A 50 2.61 10.81 -7.22
C ASP A 50 2.18 10.90 -5.76
N GLY A 51 1.90 9.75 -5.15
CA GLY A 51 1.49 9.74 -3.77
C GLY A 51 -0.02 9.86 -3.62
N THR A 52 -0.63 10.67 -4.47
CA THR A 52 -2.08 10.88 -4.42
C THR A 52 -2.81 9.57 -4.17
N VAL A 53 -2.41 8.52 -4.89
CA VAL A 53 -3.02 7.21 -4.74
C VAL A 53 -2.85 6.67 -3.32
N LEU A 54 -1.61 6.67 -2.84
CA LEU A 54 -1.30 6.18 -1.51
C LEU A 54 -2.21 6.83 -0.47
N CYS A 55 -2.50 8.11 -0.67
CA CYS A 55 -3.36 8.85 0.25
C CYS A 55 -4.78 8.29 0.25
N GLU A 56 -5.33 8.10 -0.95
CA GLU A 56 -6.69 7.57 -1.08
C GLU A 56 -6.81 6.21 -0.38
N LEU A 57 -5.70 5.49 -0.29
CA LEU A 57 -5.68 4.19 0.35
C LEU A 57 -5.91 4.32 1.85
N ILE A 58 -4.91 4.86 2.55
CA ILE A 58 -5.00 5.05 3.99
C ILE A 58 -6.26 5.81 4.37
N ASN A 59 -6.63 6.78 3.53
CA ASN A 59 -7.82 7.59 3.77
C ASN A 59 -9.08 6.74 3.73
N ALA A 60 -9.11 5.80 2.78
CA ALA A 60 -10.26 4.92 2.63
C ALA A 60 -10.57 4.19 3.93
N LEU A 61 -9.60 3.45 4.44
CA LEU A 61 -9.77 2.71 5.69
C LEU A 61 -10.32 3.61 6.78
N TYR A 62 -9.63 4.71 7.03
CA TYR A 62 -10.05 5.66 8.06
C TYR A 62 -11.41 6.25 7.73
N PRO A 63 -12.24 6.46 8.78
CA PRO A 63 -13.58 7.02 8.62
C PRO A 63 -13.56 8.49 8.23
N GLU A 64 -14.69 9.17 8.40
CA GLU A 64 -14.79 10.58 8.05
C GLU A 64 -14.30 11.45 9.22
N GLY A 65 -13.40 12.38 8.90
CA GLY A 65 -12.86 13.27 9.92
C GLY A 65 -11.56 12.76 10.50
N GLN A 66 -11.43 11.43 10.61
CA GLN A 66 -10.23 10.83 11.15
C GLN A 66 -9.12 10.77 10.11
N ALA A 67 -9.52 10.67 8.84
CA ALA A 67 -8.56 10.62 7.74
C ALA A 67 -7.33 11.46 8.04
N PRO A 68 -6.16 10.79 8.11
CA PRO A 68 -4.89 11.45 8.39
C PRO A 68 -4.42 12.34 7.23
N VAL A 69 -4.95 12.07 6.04
CA VAL A 69 -4.59 12.84 4.86
C VAL A 69 -5.84 13.34 4.14
N LYS A 70 -6.25 14.57 4.46
CA LYS A 70 -7.42 15.17 3.84
C LYS A 70 -7.04 15.93 2.58
N LYS A 71 -5.90 16.62 2.62
CA LYS A 71 -5.42 17.39 1.48
C LYS A 71 -4.75 16.48 0.46
N ILE A 72 -5.49 16.09 -0.57
CA ILE A 72 -4.96 15.23 -1.61
C ILE A 72 -4.97 15.94 -2.97
N GLN A 73 -3.89 16.66 -3.26
CA GLN A 73 -3.77 17.38 -4.51
C GLN A 73 -2.67 16.77 -5.38
N ALA A 74 -2.85 16.85 -6.71
CA ALA A 74 -1.87 16.31 -7.64
C ALA A 74 -1.02 17.43 -8.25
N SER A 75 0.06 17.79 -7.55
CA SER A 75 0.95 18.84 -8.01
C SER A 75 2.13 18.25 -8.78
N THR A 76 2.31 18.70 -10.03
CA THR A 76 3.40 18.21 -10.86
C THR A 76 4.73 18.34 -10.16
N MET A 77 4.90 19.42 -9.40
CA MET A 77 6.14 19.66 -8.66
C MET A 77 6.74 18.35 -8.16
N ALA A 78 8.00 18.12 -8.48
CA ALA A 78 8.69 16.90 -8.06
C ALA A 78 8.71 16.78 -6.54
N PHE A 79 8.85 17.90 -5.86
CA PHE A 79 8.89 17.92 -4.41
C PHE A 79 7.50 17.62 -3.82
N LYS A 80 6.49 18.32 -4.33
CA LYS A 80 5.13 18.14 -3.86
C LYS A 80 4.78 16.65 -3.80
N GLN A 81 4.93 15.96 -4.92
CA GLN A 81 4.63 14.53 -4.99
C GLN A 81 5.33 13.77 -3.86
N MET A 82 6.65 13.78 -3.88
CA MET A 82 7.44 13.10 -2.86
C MET A 82 6.81 13.28 -1.48
N GLU A 83 6.75 14.54 -1.03
CA GLU A 83 6.18 14.84 0.28
C GLU A 83 4.81 14.19 0.44
N GLN A 84 4.05 14.15 -0.65
CA GLN A 84 2.72 13.56 -0.62
C GLN A 84 2.78 12.11 -0.16
N ILE A 85 3.85 11.41 -0.53
CA ILE A 85 4.02 10.02 -0.14
C ILE A 85 4.22 9.89 1.36
N SER A 86 5.16 10.66 1.89
CA SER A 86 5.47 10.63 3.32
C SER A 86 4.19 10.79 4.15
N GLN A 87 3.31 11.69 3.71
CA GLN A 87 2.06 11.94 4.41
C GLN A 87 1.33 10.62 4.69
N PHE A 88 1.47 9.66 3.77
CA PHE A 88 0.82 8.37 3.92
C PHE A 88 1.61 7.47 4.87
N LEU A 89 2.91 7.38 4.64
CA LEU A 89 3.78 6.55 5.47
C LEU A 89 3.67 6.96 6.94
N GLN A 90 3.90 8.23 7.21
CA GLN A 90 3.84 8.75 8.57
C GLN A 90 2.70 8.09 9.35
N ALA A 91 1.57 7.87 8.68
CA ALA A 91 0.42 7.23 9.31
C ALA A 91 0.50 5.72 9.21
N ALA A 92 0.95 5.23 8.05
CA ALA A 92 1.08 3.80 7.83
C ALA A 92 1.52 3.08 9.10
N GLU A 93 2.57 3.60 9.73
CA GLU A 93 3.10 3.00 10.95
C GLU A 93 2.16 3.27 12.13
N ARG A 94 1.57 4.45 12.15
CA ARG A 94 0.65 4.83 13.21
C ARG A 94 -0.57 3.91 13.23
N TYR A 95 -0.78 3.20 12.13
CA TYR A 95 -1.92 2.28 12.03
C TYR A 95 -1.59 0.95 12.68
N GLY A 96 -0.44 0.38 12.33
CA GLY A 96 -0.03 -0.89 12.90
C GLY A 96 1.27 -1.39 12.30
N ILE A 97 1.47 -1.14 11.01
CA ILE A 97 2.68 -1.57 10.32
C ILE A 97 3.93 -1.07 11.05
N ASN A 98 5.06 -1.71 10.75
CA ASN A 98 6.33 -1.33 11.37
C ASN A 98 7.28 -0.71 10.34
N THR A 99 8.11 0.22 10.80
CA THR A 99 9.06 0.88 9.93
C THR A 99 10.09 -0.10 9.38
N THR A 100 10.11 -1.31 9.95
CA THR A 100 11.05 -2.34 9.53
C THR A 100 10.70 -2.86 8.14
N ASP A 101 9.55 -2.43 7.62
CA ASP A 101 9.10 -2.85 6.31
C ASP A 101 8.77 -1.65 5.43
N ILE A 102 8.11 -0.66 6.03
CA ILE A 102 7.73 0.54 5.31
C ILE A 102 8.84 1.02 4.39
N PHE A 103 8.49 1.37 3.15
CA PHE A 103 9.46 1.85 2.18
C PHE A 103 9.80 3.32 2.41
N GLN A 104 10.77 3.82 1.66
CA GLN A 104 11.18 5.22 1.78
C GLN A 104 10.54 6.06 0.69
N THR A 105 10.31 7.34 0.99
CA THR A 105 9.70 8.26 0.04
C THR A 105 10.39 8.18 -1.32
N VAL A 106 11.71 8.17 -1.30
CA VAL A 106 12.49 8.08 -2.53
C VAL A 106 12.47 6.68 -3.11
N ASP A 107 12.59 5.68 -2.23
CA ASP A 107 12.58 4.28 -2.65
C ASP A 107 11.54 4.05 -3.74
N LEU A 108 10.41 4.74 -3.62
CA LEU A 108 9.33 4.60 -4.59
C LEU A 108 9.39 5.71 -5.63
N TRP A 109 9.37 6.95 -5.17
CA TRP A 109 9.42 8.10 -6.07
C TRP A 109 10.41 7.86 -7.20
N GLU A 110 11.66 7.58 -6.83
CA GLU A 110 12.71 7.33 -7.82
C GLU A 110 12.63 5.90 -8.35
N GLY A 111 11.90 5.05 -7.62
CA GLY A 111 11.77 3.66 -8.03
C GLY A 111 13.00 2.83 -7.72
N LYS A 112 13.65 3.15 -6.61
CA LYS A 112 14.85 2.43 -6.20
C LYS A 112 14.49 1.08 -5.59
N ASN A 113 13.79 1.12 -4.46
CA ASN A 113 13.39 -0.11 -3.78
C ASN A 113 11.94 -0.46 -4.11
N MET A 114 11.64 -0.62 -5.39
CA MET A 114 10.30 -0.97 -5.82
C MET A 114 9.79 -2.22 -5.13
N ALA A 115 10.70 -3.16 -4.86
CA ALA A 115 10.34 -4.40 -4.19
C ALA A 115 9.93 -4.15 -2.74
N CYS A 116 10.37 -3.01 -2.20
CA CYS A 116 10.03 -2.64 -0.82
C CYS A 116 8.59 -2.16 -0.72
N VAL A 117 8.30 -1.06 -1.41
CA VAL A 117 6.96 -0.49 -1.39
C VAL A 117 5.90 -1.55 -1.71
N GLN A 118 6.24 -2.45 -2.63
CA GLN A 118 5.32 -3.51 -3.02
C GLN A 118 4.80 -4.27 -1.81
N ARG A 119 5.73 -4.74 -0.97
CA ARG A 119 5.36 -5.48 0.23
C ARG A 119 4.66 -4.58 1.23
N THR A 120 5.24 -3.42 1.50
CA THR A 120 4.67 -2.47 2.44
C THR A 120 3.14 -2.45 2.34
N LEU A 121 2.64 -2.46 1.11
CA LEU A 121 1.20 -2.45 0.88
C LEU A 121 0.55 -3.70 1.44
N MET A 122 0.94 -4.85 0.91
CA MET A 122 0.39 -6.14 1.36
C MET A 122 0.16 -6.12 2.86
N ASN A 123 1.09 -5.52 3.60
CA ASN A 123 0.98 -5.44 5.06
C ASN A 123 -0.29 -4.69 5.47
N LEU A 124 -0.48 -3.51 4.89
CA LEU A 124 -1.66 -2.69 5.20
C LEU A 124 -2.94 -3.50 5.05
N GLY A 125 -2.98 -4.35 4.03
CA GLY A 125 -4.15 -5.18 3.80
C GLY A 125 -4.30 -6.28 4.83
N GLY A 126 -3.31 -7.17 4.88
CA GLY A 126 -3.35 -8.27 5.83
C GLY A 126 -3.72 -7.81 7.23
N LEU A 127 -3.24 -6.64 7.61
CA LEU A 127 -3.53 -6.08 8.94
C LEU A 127 -5.00 -5.70 9.06
N ALA A 128 -5.48 -4.89 8.13
CA ALA A 128 -6.86 -4.46 8.13
C ALA A 128 -7.81 -5.63 8.37
N VAL A 129 -7.61 -6.71 7.62
CA VAL A 129 -8.44 -7.89 7.75
C VAL A 129 -8.37 -8.47 9.16
N ALA A 130 -7.27 -8.17 9.86
CA ALA A 130 -7.08 -8.64 11.22
C ALA A 130 -7.65 -7.67 12.23
N ARG A 131 -8.57 -6.82 11.77
CA ARG A 131 -9.20 -5.84 12.65
C ARG A 131 -10.69 -6.13 12.82
N ASP A 132 -11.39 -5.23 13.51
CA ASP A 132 -12.81 -5.39 13.75
C ASP A 132 -13.56 -4.10 13.44
N ASP A 133 -12.86 -3.14 12.87
CA ASP A 133 -13.46 -1.84 12.52
C ASP A 133 -14.57 -2.02 11.50
N GLY A 134 -14.39 -2.98 10.60
CA GLY A 134 -15.39 -3.23 9.57
C GLY A 134 -15.39 -2.17 8.49
N LEU A 135 -14.20 -1.72 8.11
CA LEU A 135 -14.06 -0.69 7.08
C LEU A 135 -13.41 -1.27 5.83
N PHE A 136 -12.44 -2.15 6.02
CA PHE A 136 -11.74 -2.78 4.90
C PHE A 136 -12.69 -3.05 3.75
N SER A 137 -12.15 -3.04 2.53
CA SER A 137 -12.96 -3.28 1.34
C SER A 137 -12.26 -4.27 0.41
N GLY A 138 -12.98 -4.71 -0.62
CA GLY A 138 -12.41 -5.65 -1.57
C GLY A 138 -12.61 -7.10 -1.15
N ASP A 139 -11.60 -7.92 -1.38
CA ASP A 139 -11.67 -9.33 -1.02
C ASP A 139 -10.72 -9.64 0.14
N PRO A 140 -11.25 -10.31 1.17
CA PRO A 140 -10.47 -10.68 2.36
C PRO A 140 -9.45 -11.76 2.06
N ASN A 141 -9.68 -12.52 0.99
CA ASN A 141 -8.77 -13.59 0.59
C ASN A 141 -7.42 -13.03 0.19
N TRP A 142 -7.42 -11.98 -0.63
CA TRP A 142 -6.19 -11.36 -1.08
C TRP A 142 -5.12 -11.41 0.00
N PHE A 143 -5.48 -10.96 1.19
CA PHE A 143 -4.54 -10.95 2.32
C PHE A 143 -4.94 -11.98 3.36
N PRO A 144 -4.02 -12.92 3.65
CA PRO A 144 -4.25 -13.98 4.63
C PRO A 144 -4.30 -13.45 6.06
N LYS A 145 -5.34 -13.83 6.78
CA LYS A 145 -5.51 -13.39 8.16
C LYS A 145 -4.51 -14.09 9.08
N LYS A 146 -4.05 -13.37 10.09
CA LYS A 146 -3.09 -13.93 11.05
C LYS A 146 -3.47 -13.57 12.47
N SER A 147 -2.86 -14.25 13.44
CA SER A 147 -3.14 -14.00 14.85
C SER A 147 -2.06 -14.62 15.73
N LYS A 148 -1.86 -14.02 16.90
CA LYS A 148 -0.86 -14.51 17.84
C LYS A 148 -1.45 -15.54 18.79
N GLU A 149 -0.80 -16.70 18.89
CA GLU A 149 -1.28 -17.78 19.76
C GLU A 149 -1.11 -17.38 21.22
N SER A 150 -2.24 -17.17 21.89
CA SER A 150 -2.22 -16.79 23.31
C SER A 150 -1.17 -15.73 23.58
N GLY A 151 -1.20 -14.66 22.78
CA GLY A 151 -0.24 -13.59 22.94
C GLY A 151 -0.77 -12.45 23.79
N PRO A 152 -1.41 -11.47 23.14
CA PRO A 152 -1.98 -10.31 23.83
C PRO A 152 -3.21 -10.67 24.66
N SER A 153 -3.11 -10.44 25.96
CA SER A 153 -4.22 -10.74 26.87
C SER A 153 -5.38 -9.78 26.67
N SER A 154 -5.14 -8.51 27.00
CA SER A 154 -6.17 -7.48 26.86
C SER A 154 -5.60 -6.09 27.14
N GLY A 155 -6.32 -5.07 26.70
CA GLY A 155 -5.87 -3.70 26.90
C GLY A 155 -6.03 -2.84 25.67
N GLY A 1 5.90 -12.10 -30.95
CA GLY A 1 4.92 -12.38 -29.92
C GLY A 1 5.20 -13.68 -29.19
N SER A 2 4.85 -13.72 -27.91
CA SER A 2 5.07 -14.91 -27.09
C SER A 2 3.93 -15.11 -26.09
N SER A 3 3.52 -16.36 -25.90
CA SER A 3 2.44 -16.68 -24.98
C SER A 3 2.78 -17.92 -24.16
N GLY A 4 2.39 -17.92 -22.89
CA GLY A 4 2.65 -19.05 -22.03
C GLY A 4 2.53 -18.69 -20.55
N SER A 5 2.89 -19.63 -19.68
CA SER A 5 2.81 -19.41 -18.24
C SER A 5 3.70 -20.40 -17.50
N SER A 6 4.55 -19.88 -16.63
CA SER A 6 5.46 -20.71 -15.85
C SER A 6 5.49 -20.27 -14.39
N GLY A 7 5.75 -21.22 -13.49
CA GLY A 7 5.79 -20.91 -12.07
C GLY A 7 7.22 -20.82 -11.55
N GLN A 8 7.53 -21.65 -10.55
CA GLN A 8 8.87 -21.66 -9.96
C GLN A 8 9.27 -20.25 -9.52
N LYS A 9 8.34 -19.55 -8.89
CA LYS A 9 8.60 -18.20 -8.41
C LYS A 9 8.67 -18.16 -6.89
N ILE A 10 9.90 -18.08 -6.37
CA ILE A 10 10.11 -18.04 -4.93
C ILE A 10 9.61 -16.73 -4.33
N GLU A 11 9.26 -16.76 -3.05
CA GLU A 11 8.76 -15.57 -2.37
C GLU A 11 9.91 -14.66 -1.95
N LYS A 12 9.85 -13.40 -2.36
CA LYS A 12 10.89 -12.43 -2.03
C LYS A 12 10.30 -11.02 -1.94
N GLN A 13 11.15 -10.06 -1.59
CA GLN A 13 10.71 -8.67 -1.47
C GLN A 13 9.82 -8.27 -2.64
N TYR A 14 10.30 -8.53 -3.86
CA TYR A 14 9.55 -8.20 -5.06
C TYR A 14 8.84 -9.43 -5.62
N ASP A 15 7.61 -9.25 -6.07
CA ASP A 15 6.82 -10.33 -6.63
C ASP A 15 5.69 -9.80 -7.51
N ALA A 16 5.44 -10.48 -8.61
CA ALA A 16 4.38 -10.07 -9.53
C ALA A 16 3.02 -10.58 -9.07
N ASP A 17 2.99 -11.83 -8.61
CA ASP A 17 1.75 -12.44 -8.14
C ASP A 17 1.04 -11.52 -7.14
N LEU A 18 1.83 -10.83 -6.32
CA LEU A 18 1.29 -9.92 -5.32
C LEU A 18 0.94 -8.57 -5.94
N GLU A 19 1.73 -8.15 -6.93
CA GLU A 19 1.50 -6.88 -7.60
C GLU A 19 0.10 -6.83 -8.22
N GLN A 20 -0.18 -7.77 -9.11
CA GLN A 20 -1.48 -7.84 -9.77
C GLN A 20 -2.61 -7.68 -8.76
N ILE A 21 -2.44 -8.30 -7.59
CA ILE A 21 -3.45 -8.24 -6.54
C ILE A 21 -3.55 -6.83 -5.96
N LEU A 22 -2.40 -6.24 -5.65
CA LEU A 22 -2.34 -4.90 -5.08
C LEU A 22 -3.19 -3.93 -5.91
N ILE A 23 -2.85 -3.80 -7.19
CA ILE A 23 -3.58 -2.91 -8.09
C ILE A 23 -5.08 -3.13 -7.97
N GLN A 24 -5.49 -4.39 -7.85
CA GLN A 24 -6.90 -4.73 -7.72
C GLN A 24 -7.48 -4.19 -6.43
N TRP A 25 -6.74 -4.37 -5.34
CA TRP A 25 -7.19 -3.90 -4.03
C TRP A 25 -7.20 -2.37 -3.97
N ILE A 26 -6.02 -1.77 -4.06
CA ILE A 26 -5.90 -0.32 -4.02
C ILE A 26 -7.07 0.35 -4.74
N THR A 27 -7.28 -0.03 -5.99
CA THR A 27 -8.37 0.52 -6.79
C THR A 27 -9.72 0.28 -6.13
N THR A 28 -9.86 -0.88 -5.50
CA THR A 28 -11.10 -1.23 -4.83
C THR A 28 -11.30 -0.41 -3.56
N GLN A 29 -10.34 -0.50 -2.65
CA GLN A 29 -10.40 0.25 -1.39
C GLN A 29 -10.93 1.66 -1.62
N CYS A 30 -10.32 2.36 -2.57
CA CYS A 30 -10.72 3.73 -2.89
C CYS A 30 -12.08 3.76 -3.57
N ARG A 31 -12.98 4.56 -3.04
CA ARG A 31 -14.33 4.67 -3.59
C ARG A 31 -14.34 5.60 -4.81
N LYS A 32 -13.16 5.96 -5.28
CA LYS A 32 -13.03 6.84 -6.44
C LYS A 32 -11.89 6.38 -7.35
N ASP A 33 -12.22 6.16 -8.62
CA ASP A 33 -11.23 5.72 -9.59
C ASP A 33 -10.03 6.66 -9.62
N VAL A 34 -8.99 6.30 -8.87
CA VAL A 34 -7.78 7.10 -8.80
C VAL A 34 -7.09 7.19 -10.16
N GLY A 35 -7.41 6.24 -11.04
CA GLY A 35 -6.82 6.22 -12.36
C GLY A 35 -6.21 4.87 -12.70
N ARG A 36 -6.91 3.80 -12.37
CA ARG A 36 -6.43 2.46 -12.63
C ARG A 36 -5.60 2.42 -13.91
N PRO A 37 -4.27 2.51 -13.76
CA PRO A 37 -3.34 2.49 -14.88
C PRO A 37 -3.26 1.12 -15.55
N GLN A 38 -2.25 0.94 -16.41
CA GLN A 38 -2.07 -0.32 -17.10
C GLN A 38 -1.23 -1.28 -16.28
N PRO A 39 -1.52 -2.59 -16.41
CA PRO A 39 -0.80 -3.64 -15.68
C PRO A 39 0.63 -3.82 -16.19
N GLY A 40 1.59 -3.29 -15.44
CA GLY A 40 2.99 -3.41 -15.83
C GLY A 40 3.93 -3.37 -14.63
N ARG A 41 5.05 -2.67 -14.79
CA ARG A 41 6.03 -2.56 -13.72
C ARG A 41 6.44 -1.11 -13.51
N GLU A 42 6.76 -0.42 -14.60
CA GLU A 42 7.17 0.98 -14.54
C GLU A 42 6.00 1.87 -14.14
N ASN A 43 4.81 1.52 -14.62
CA ASN A 43 3.60 2.29 -14.31
C ASN A 43 3.33 2.31 -12.81
N PHE A 44 3.08 1.12 -12.25
CA PHE A 44 2.81 1.00 -10.82
C PHE A 44 3.63 2.01 -10.02
N GLN A 45 4.94 2.02 -10.27
CA GLN A 45 5.83 2.94 -9.56
C GLN A 45 5.36 4.38 -9.72
N ASN A 46 4.99 4.75 -10.94
CA ASN A 46 4.53 6.11 -11.23
C ASN A 46 3.11 6.31 -10.72
N TRP A 47 2.39 5.22 -10.51
CA TRP A 47 1.02 5.27 -10.01
C TRP A 47 0.98 5.70 -8.55
N LEU A 48 1.92 5.21 -7.77
CA LEU A 48 2.00 5.54 -6.35
C LEU A 48 2.98 6.69 -6.11
N LYS A 49 4.04 6.73 -6.92
CA LYS A 49 5.04 7.78 -6.79
C LYS A 49 4.39 9.13 -6.51
N ASP A 50 3.35 9.46 -7.27
CA ASP A 50 2.64 10.71 -7.10
C ASP A 50 2.15 10.88 -5.66
N GLY A 51 1.70 9.77 -5.07
CA GLY A 51 1.22 9.81 -3.69
C GLY A 51 -0.29 9.79 -3.61
N THR A 52 -0.94 10.65 -4.38
CA THR A 52 -2.39 10.72 -4.39
C THR A 52 -3.01 9.35 -4.17
N VAL A 53 -2.73 8.42 -5.09
CA VAL A 53 -3.26 7.07 -4.99
C VAL A 53 -3.07 6.50 -3.59
N LEU A 54 -1.84 6.58 -3.09
CA LEU A 54 -1.54 6.08 -1.75
C LEU A 54 -2.42 6.74 -0.70
N CYS A 55 -2.75 8.00 -0.92
CA CYS A 55 -3.59 8.74 0.01
C CYS A 55 -4.99 8.16 0.07
N GLU A 56 -5.65 8.08 -1.09
CA GLU A 56 -6.99 7.53 -1.17
C GLU A 56 -7.08 6.18 -0.47
N LEU A 57 -5.96 5.49 -0.41
CA LEU A 57 -5.89 4.18 0.24
C LEU A 57 -6.08 4.30 1.75
N ILE A 58 -5.03 4.78 2.42
CA ILE A 58 -5.07 4.95 3.87
C ILE A 58 -6.31 5.74 4.30
N ASN A 59 -6.72 6.68 3.45
CA ASN A 59 -7.89 7.51 3.73
C ASN A 59 -9.15 6.66 3.79
N ALA A 60 -9.34 5.82 2.78
CA ALA A 60 -10.51 4.95 2.71
C ALA A 60 -10.69 4.18 4.01
N LEU A 61 -9.59 3.68 4.55
CA LEU A 61 -9.63 2.92 5.80
C LEU A 61 -10.14 3.78 6.95
N TYR A 62 -9.30 4.71 7.39
CA TYR A 62 -9.67 5.61 8.49
C TYR A 62 -11.05 6.21 8.26
N PRO A 63 -11.83 6.34 9.36
CA PRO A 63 -13.17 6.91 9.30
C PRO A 63 -13.18 8.40 9.01
N GLU A 64 -14.35 8.94 8.72
CA GLU A 64 -14.47 10.37 8.41
C GLU A 64 -13.80 11.21 9.48
N GLY A 65 -12.93 12.12 9.05
CA GLY A 65 -12.22 12.98 9.98
C GLY A 65 -10.89 12.39 10.41
N GLN A 66 -10.90 11.12 10.80
CA GLN A 66 -9.67 10.45 11.23
C GLN A 66 -8.62 10.46 10.13
N ALA A 67 -9.09 10.34 8.88
CA ALA A 67 -8.18 10.34 7.74
C ALA A 67 -7.05 11.34 7.93
N PRO A 68 -5.81 10.83 7.88
CA PRO A 68 -4.60 11.66 8.05
C PRO A 68 -4.38 12.59 6.86
N VAL A 69 -4.82 12.17 5.69
CA VAL A 69 -4.67 12.97 4.47
C VAL A 69 -6.02 13.34 3.89
N LYS A 70 -6.61 14.41 4.40
CA LYS A 70 -7.90 14.88 3.93
C LYS A 70 -7.77 15.61 2.60
N LYS A 71 -6.82 16.55 2.53
CA LYS A 71 -6.59 17.30 1.31
C LYS A 71 -5.82 16.48 0.29
N ILE A 72 -6.54 15.95 -0.70
CA ILE A 72 -5.93 15.14 -1.74
C ILE A 72 -5.96 15.85 -3.09
N GLN A 73 -4.81 16.32 -3.53
CA GLN A 73 -4.70 17.02 -4.81
C GLN A 73 -3.42 16.62 -5.55
N ALA A 74 -3.58 16.16 -6.79
CA ALA A 74 -2.44 15.75 -7.60
C ALA A 74 -1.52 16.93 -7.87
N SER A 75 -0.67 17.25 -6.90
CA SER A 75 0.26 18.36 -7.03
C SER A 75 1.01 18.28 -8.36
N THR A 76 1.42 17.08 -8.72
CA THR A 76 2.15 16.85 -9.97
C THR A 76 3.51 17.57 -9.94
N MET A 77 4.03 17.78 -8.74
CA MET A 77 5.32 18.46 -8.59
C MET A 77 6.34 17.53 -7.94
N ALA A 78 7.44 17.29 -8.65
CA ALA A 78 8.50 16.41 -8.14
C ALA A 78 8.63 16.53 -6.62
N PHE A 79 8.59 17.76 -6.13
CA PHE A 79 8.71 18.01 -4.70
C PHE A 79 7.44 17.59 -3.96
N LYS A 80 6.33 18.21 -4.33
CA LYS A 80 5.04 17.90 -3.70
C LYS A 80 4.82 16.39 -3.65
N GLN A 81 4.87 15.75 -4.82
CA GLN A 81 4.68 14.31 -4.91
C GLN A 81 5.35 13.60 -3.74
N MET A 82 6.68 13.65 -3.71
CA MET A 82 7.45 13.02 -2.64
C MET A 82 6.76 13.17 -1.30
N GLU A 83 6.66 14.41 -0.83
CA GLU A 83 6.02 14.70 0.45
C GLU A 83 4.68 13.98 0.55
N GLN A 84 3.97 13.91 -0.57
CA GLN A 84 2.66 13.25 -0.60
C GLN A 84 2.77 11.79 -0.15
N ILE A 85 3.86 11.14 -0.55
CA ILE A 85 4.08 9.75 -0.18
C ILE A 85 4.27 9.59 1.33
N SER A 86 5.04 10.49 1.91
CA SER A 86 5.31 10.45 3.35
C SER A 86 3.99 10.45 4.13
N GLN A 87 3.12 11.40 3.82
CA GLN A 87 1.84 11.51 4.49
C GLN A 87 1.24 10.14 4.75
N PHE A 88 1.40 9.23 3.80
CA PHE A 88 0.88 7.88 3.92
C PHE A 88 1.70 7.08 4.93
N LEU A 89 3.01 7.12 4.79
CA LEU A 89 3.92 6.39 5.68
C LEU A 89 3.69 6.80 7.12
N GLN A 90 3.89 8.09 7.41
CA GLN A 90 3.71 8.61 8.76
C GLN A 90 2.56 7.89 9.47
N ALA A 91 1.41 7.84 8.80
CA ALA A 91 0.22 7.18 9.36
C ALA A 91 0.39 5.67 9.36
N ALA A 92 0.89 5.13 8.24
CA ALA A 92 1.08 3.69 8.12
C ALA A 92 1.58 3.09 9.42
N GLU A 93 2.68 3.63 9.95
CA GLU A 93 3.26 3.13 11.20
C GLU A 93 2.32 3.43 12.37
N ARG A 94 1.62 4.55 12.28
CA ARG A 94 0.69 4.94 13.35
C ARG A 94 -0.55 4.06 13.35
N TYR A 95 -0.75 3.31 12.27
CA TYR A 95 -1.89 2.42 12.14
C TYR A 95 -1.61 1.08 12.79
N GLY A 96 -0.46 0.49 12.45
CA GLY A 96 -0.09 -0.79 13.01
C GLY A 96 1.19 -1.35 12.41
N ILE A 97 1.44 -1.01 11.15
CA ILE A 97 2.64 -1.47 10.46
C ILE A 97 3.90 -1.09 11.23
N ASN A 98 5.00 -1.77 10.94
CA ASN A 98 6.26 -1.51 11.61
C ASN A 98 7.26 -0.85 10.65
N THR A 99 8.05 0.08 11.17
CA THR A 99 9.04 0.78 10.37
C THR A 99 10.00 -0.19 9.69
N THR A 100 10.18 -1.35 10.31
CA THR A 100 11.07 -2.38 9.77
C THR A 100 10.46 -3.04 8.53
N ASP A 101 9.24 -2.65 8.21
CA ASP A 101 8.54 -3.21 7.05
C ASP A 101 8.09 -2.10 6.10
N ILE A 102 8.26 -0.85 6.54
CA ILE A 102 7.87 0.30 5.73
C ILE A 102 8.93 0.62 4.69
N PHE A 103 8.49 1.00 3.49
CA PHE A 103 9.41 1.35 2.41
C PHE A 103 9.89 2.78 2.53
N GLN A 104 10.77 3.19 1.62
CA GLN A 104 11.30 4.54 1.63
C GLN A 104 10.62 5.41 0.58
N THR A 105 10.33 6.66 0.94
CA THR A 105 9.68 7.58 0.02
C THR A 105 10.42 7.65 -1.31
N VAL A 106 11.73 7.83 -1.25
CA VAL A 106 12.55 7.91 -2.45
C VAL A 106 12.52 6.60 -3.23
N ASP A 107 12.67 5.50 -2.50
CA ASP A 107 12.65 4.17 -3.13
C ASP A 107 11.50 4.05 -4.12
N LEU A 108 10.33 4.54 -3.73
CA LEU A 108 9.15 4.48 -4.58
C LEU A 108 9.14 5.64 -5.57
N TRP A 109 9.46 6.83 -5.08
CA TRP A 109 9.48 8.02 -5.92
C TRP A 109 10.39 7.81 -7.14
N GLU A 110 11.67 7.57 -6.88
CA GLU A 110 12.63 7.34 -7.96
C GLU A 110 12.57 5.90 -8.46
N GLY A 111 12.02 5.01 -7.62
CA GLY A 111 11.92 3.62 -7.99
C GLY A 111 13.24 2.88 -7.87
N LYS A 112 14.08 3.33 -6.95
CA LYS A 112 15.39 2.71 -6.73
C LYS A 112 15.26 1.20 -6.62
N ASN A 113 14.43 0.75 -5.68
CA ASN A 113 14.22 -0.68 -5.47
C ASN A 113 12.81 -1.08 -5.90
N MET A 114 11.87 -0.16 -5.77
CA MET A 114 10.48 -0.42 -6.14
C MET A 114 10.06 -1.82 -5.70
N ALA A 115 10.65 -2.29 -4.62
CA ALA A 115 10.33 -3.61 -4.08
C ALA A 115 9.83 -3.53 -2.65
N CYS A 116 10.46 -2.66 -1.85
CA CYS A 116 10.08 -2.48 -0.47
C CYS A 116 8.65 -1.96 -0.35
N VAL A 117 8.29 -1.05 -1.26
CA VAL A 117 6.95 -0.47 -1.26
C VAL A 117 5.89 -1.52 -1.56
N GLN A 118 6.23 -2.44 -2.46
CA GLN A 118 5.30 -3.50 -2.85
C GLN A 118 4.79 -4.25 -1.62
N ARG A 119 5.71 -4.63 -0.75
CA ARG A 119 5.35 -5.36 0.47
C ARG A 119 4.43 -4.52 1.35
N THR A 120 4.92 -3.36 1.76
CA THR A 120 4.14 -2.46 2.61
C THR A 120 2.66 -2.53 2.26
N LEU A 121 2.33 -2.28 1.00
CA LEU A 121 0.95 -2.31 0.54
C LEU A 121 0.25 -3.57 1.03
N MET A 122 0.89 -4.72 0.83
CA MET A 122 0.33 -6.00 1.26
C MET A 122 0.01 -5.98 2.75
N ASN A 123 0.97 -5.52 3.55
CA ASN A 123 0.79 -5.46 5.00
C ASN A 123 -0.47 -4.68 5.35
N LEU A 124 -0.53 -3.43 4.92
CA LEU A 124 -1.69 -2.58 5.19
C LEU A 124 -2.98 -3.40 5.13
N GLY A 125 -3.14 -4.17 4.06
CA GLY A 125 -4.33 -4.99 3.90
C GLY A 125 -4.42 -6.09 4.93
N GLY A 126 -3.37 -6.90 5.02
CA GLY A 126 -3.35 -7.99 5.97
C GLY A 126 -3.78 -7.56 7.37
N LEU A 127 -3.30 -6.41 7.80
CA LEU A 127 -3.64 -5.88 9.12
C LEU A 127 -5.12 -5.53 9.20
N ALA A 128 -5.60 -4.81 8.18
CA ALA A 128 -7.00 -4.41 8.14
C ALA A 128 -7.92 -5.61 8.33
N VAL A 129 -7.65 -6.68 7.59
CA VAL A 129 -8.46 -7.89 7.68
C VAL A 129 -8.43 -8.46 9.09
N ALA A 130 -7.55 -7.93 9.92
CA ALA A 130 -7.43 -8.39 11.30
C ALA A 130 -8.09 -7.41 12.26
N ARG A 131 -8.86 -6.49 11.72
CA ARG A 131 -9.56 -5.48 12.53
C ARG A 131 -11.06 -5.75 12.56
N ASP A 132 -11.60 -6.19 11.43
CA ASP A 132 -13.02 -6.48 11.33
C ASP A 132 -13.86 -5.30 11.84
N ASP A 133 -13.30 -4.11 11.76
CA ASP A 133 -13.99 -2.91 12.21
C ASP A 133 -15.11 -2.53 11.25
N GLY A 134 -14.89 -2.77 9.96
CA GLY A 134 -15.89 -2.45 8.96
C GLY A 134 -15.45 -1.33 8.03
N LEU A 135 -14.16 -1.34 7.69
CA LEU A 135 -13.61 -0.32 6.80
C LEU A 135 -12.97 -0.95 5.58
N PHE A 136 -12.16 -1.98 5.80
CA PHE A 136 -11.48 -2.67 4.72
C PHE A 136 -12.47 -3.03 3.60
N SER A 137 -11.99 -3.02 2.36
CA SER A 137 -12.82 -3.34 1.21
C SER A 137 -12.12 -4.31 0.28
N GLY A 138 -12.88 -4.93 -0.62
CA GLY A 138 -12.31 -5.89 -1.55
C GLY A 138 -12.34 -7.30 -1.01
N ASP A 139 -11.47 -8.14 -1.56
CA ASP A 139 -11.39 -9.54 -1.14
C ASP A 139 -10.46 -9.69 0.07
N PRO A 140 -11.02 -10.11 1.20
CA PRO A 140 -10.26 -10.31 2.44
C PRO A 140 -9.31 -11.49 2.36
N ASN A 141 -9.36 -12.21 1.25
CA ASN A 141 -8.50 -13.37 1.05
C ASN A 141 -7.10 -12.94 0.62
N TRP A 142 -7.04 -11.96 -0.28
CA TRP A 142 -5.77 -11.46 -0.77
C TRP A 142 -4.74 -11.37 0.36
N PHE A 143 -5.12 -10.72 1.45
CA PHE A 143 -4.25 -10.56 2.60
C PHE A 143 -4.65 -11.50 3.73
N PRO A 144 -3.71 -12.37 4.15
CA PRO A 144 -3.95 -13.34 5.22
C PRO A 144 -4.08 -12.66 6.58
N LYS A 145 -4.14 -13.47 7.64
CA LYS A 145 -4.26 -12.97 9.00
C LYS A 145 -2.92 -13.01 9.72
N LYS A 146 -2.70 -12.04 10.61
CA LYS A 146 -1.46 -11.99 11.37
C LYS A 146 -1.70 -11.41 12.77
N SER A 147 -1.22 -12.12 13.78
CA SER A 147 -1.40 -11.68 15.16
C SER A 147 -1.22 -10.16 15.28
N LYS A 148 -2.17 -9.52 15.94
CA LYS A 148 -2.12 -8.07 16.14
C LYS A 148 -2.45 -7.70 17.59
N GLU A 149 -1.94 -6.55 18.02
CA GLU A 149 -2.18 -6.08 19.38
C GLU A 149 -3.09 -4.86 19.38
N SER A 150 -3.84 -4.69 20.47
CA SER A 150 -4.75 -3.55 20.59
C SER A 150 -4.02 -2.23 20.39
N GLY A 151 -4.41 -1.50 19.35
CA GLY A 151 -3.78 -0.22 19.07
C GLY A 151 -4.78 0.86 18.73
N PRO A 152 -4.45 2.11 19.08
CA PRO A 152 -5.32 3.26 18.83
C PRO A 152 -5.42 3.60 17.35
N SER A 153 -6.51 4.24 16.96
CA SER A 153 -6.74 4.62 15.57
C SER A 153 -6.19 6.02 15.29
N SER A 154 -6.64 7.00 16.07
CA SER A 154 -6.20 8.38 15.91
C SER A 154 -5.40 8.84 17.12
N GLY A 155 -5.90 8.52 18.32
CA GLY A 155 -5.21 8.91 19.54
C GLY A 155 -6.18 9.40 20.61
N GLY A 1 1.86 -30.10 -6.34
CA GLY A 1 2.59 -30.88 -7.31
C GLY A 1 3.93 -30.24 -7.67
N SER A 2 4.92 -30.45 -6.81
CA SER A 2 6.26 -29.88 -7.03
C SER A 2 7.31 -30.98 -7.04
N SER A 3 7.83 -31.28 -8.23
CA SER A 3 8.86 -32.31 -8.38
C SER A 3 10.25 -31.68 -8.46
N GLY A 4 10.84 -31.42 -7.31
CA GLY A 4 12.16 -30.83 -7.26
C GLY A 4 12.78 -30.87 -5.88
N SER A 5 13.80 -30.05 -5.66
CA SER A 5 14.48 -30.01 -4.37
C SER A 5 15.01 -28.60 -4.09
N SER A 6 14.68 -28.08 -2.92
CA SER A 6 15.11 -26.74 -2.52
C SER A 6 16.56 -26.50 -2.92
N GLY A 7 16.96 -25.24 -2.96
CA GLY A 7 18.32 -24.89 -3.33
C GLY A 7 18.38 -24.06 -4.59
N GLN A 8 17.48 -23.09 -4.71
CA GLN A 8 17.44 -22.22 -5.88
C GLN A 8 17.66 -20.76 -5.50
N LYS A 9 18.57 -20.10 -6.19
CA LYS A 9 18.87 -18.70 -5.91
C LYS A 9 17.60 -17.88 -5.79
N ILE A 10 17.23 -17.54 -4.57
CA ILE A 10 16.02 -16.75 -4.33
C ILE A 10 16.16 -15.35 -4.91
N GLU A 11 15.16 -14.93 -5.68
CA GLU A 11 15.16 -13.61 -6.29
C GLU A 11 14.87 -12.53 -5.27
N LYS A 12 14.77 -11.29 -5.73
CA LYS A 12 14.48 -10.17 -4.85
C LYS A 12 13.12 -10.32 -4.19
N GLN A 13 12.75 -9.34 -3.37
CA GLN A 13 11.47 -9.37 -2.67
C GLN A 13 10.38 -8.71 -3.51
N TYR A 14 10.33 -9.05 -4.80
CA TYR A 14 9.34 -8.49 -5.70
C TYR A 14 8.58 -9.59 -6.43
N ASP A 15 7.41 -9.95 -5.89
CA ASP A 15 6.59 -10.99 -6.49
C ASP A 15 5.44 -10.38 -7.29
N ALA A 16 5.41 -10.67 -8.59
CA ALA A 16 4.38 -10.15 -9.47
C ALA A 16 2.98 -10.52 -8.95
N ASP A 17 2.89 -11.69 -8.33
CA ASP A 17 1.61 -12.16 -7.80
C ASP A 17 1.01 -11.14 -6.85
N LEU A 18 1.86 -10.53 -6.02
CA LEU A 18 1.41 -9.53 -5.07
C LEU A 18 1.06 -8.21 -5.76
N GLU A 19 1.80 -7.91 -6.84
CA GLU A 19 1.57 -6.68 -7.60
C GLU A 19 0.15 -6.66 -8.17
N GLN A 20 -0.17 -7.66 -8.98
CA GLN A 20 -1.49 -7.76 -9.61
C GLN A 20 -2.58 -7.59 -8.56
N ILE A 21 -2.40 -8.23 -7.40
CA ILE A 21 -3.38 -8.16 -6.33
C ILE A 21 -3.43 -6.75 -5.73
N LEU A 22 -2.26 -6.17 -5.49
CA LEU A 22 -2.17 -4.83 -4.93
C LEU A 22 -3.03 -3.85 -5.72
N ILE A 23 -2.81 -3.79 -7.03
CA ILE A 23 -3.57 -2.90 -7.89
C ILE A 23 -5.06 -3.17 -7.80
N GLN A 24 -5.42 -4.45 -7.76
CA GLN A 24 -6.83 -4.85 -7.67
C GLN A 24 -7.45 -4.34 -6.38
N TRP A 25 -6.71 -4.46 -5.28
CA TRP A 25 -7.20 -4.01 -3.98
C TRP A 25 -7.19 -2.49 -3.90
N ILE A 26 -6.01 -1.90 -3.99
CA ILE A 26 -5.86 -0.45 -3.93
C ILE A 26 -6.95 0.24 -4.73
N THR A 27 -7.12 -0.17 -5.98
CA THR A 27 -8.13 0.41 -6.85
C THR A 27 -9.52 0.17 -6.31
N THR A 28 -9.71 -0.97 -5.65
CA THR A 28 -11.01 -1.32 -5.08
C THR A 28 -11.32 -0.46 -3.86
N GLN A 29 -10.48 -0.54 -2.84
CA GLN A 29 -10.67 0.24 -1.62
C GLN A 29 -10.98 1.69 -1.95
N CYS A 30 -10.15 2.29 -2.81
CA CYS A 30 -10.34 3.68 -3.20
C CYS A 30 -11.66 3.87 -3.91
N ARG A 31 -12.44 4.86 -3.47
CA ARG A 31 -13.74 5.15 -4.07
C ARG A 31 -13.58 5.89 -5.39
N LYS A 32 -13.03 7.10 -5.33
CA LYS A 32 -12.82 7.91 -6.52
C LYS A 32 -12.10 7.11 -7.60
N ASP A 33 -11.92 7.73 -8.76
CA ASP A 33 -11.25 7.07 -9.88
C ASP A 33 -9.79 7.52 -9.97
N VAL A 34 -8.98 7.07 -9.02
CA VAL A 34 -7.56 7.43 -8.99
C VAL A 34 -6.94 7.32 -10.38
N GLY A 35 -7.29 6.25 -11.10
CA GLY A 35 -6.76 6.05 -12.43
C GLY A 35 -6.14 4.67 -12.60
N ARG A 36 -6.96 3.64 -12.44
CA ARG A 36 -6.49 2.27 -12.59
C ARG A 36 -5.48 2.15 -13.72
N PRO A 37 -4.19 2.13 -13.37
CA PRO A 37 -3.11 2.02 -14.35
C PRO A 37 -3.05 0.64 -15.00
N GLN A 38 -2.02 0.42 -15.81
CA GLN A 38 -1.86 -0.86 -16.51
C GLN A 38 -1.29 -1.91 -15.56
N PRO A 39 -1.58 -3.19 -15.87
CA PRO A 39 -1.12 -4.32 -15.06
C PRO A 39 0.39 -4.53 -15.16
N GLY A 40 1.06 -3.65 -15.91
CA GLY A 40 2.49 -3.76 -16.08
C GLY A 40 3.24 -3.64 -14.76
N ARG A 41 4.52 -3.30 -14.84
CA ARG A 41 5.35 -3.16 -13.64
C ARG A 41 6.09 -1.84 -13.65
N GLU A 42 5.90 -1.06 -14.71
CA GLU A 42 6.55 0.24 -14.84
C GLU A 42 5.59 1.38 -14.49
N ASN A 43 4.30 1.08 -14.57
CA ASN A 43 3.27 2.08 -14.26
C ASN A 43 3.02 2.15 -12.76
N PHE A 44 2.85 1.00 -12.12
CA PHE A 44 2.61 0.94 -10.69
C PHE A 44 3.46 1.96 -9.95
N GLN A 45 4.77 1.94 -10.23
CA GLN A 45 5.69 2.86 -9.59
C GLN A 45 5.24 4.30 -9.76
N ASN A 46 4.87 4.65 -10.98
CA ASN A 46 4.41 6.01 -11.29
C ASN A 46 3.03 6.27 -10.69
N TRP A 47 2.29 5.19 -10.44
CA TRP A 47 0.96 5.30 -9.87
C TRP A 47 1.02 5.79 -8.43
N LEU A 48 1.95 5.24 -7.67
CA LEU A 48 2.11 5.63 -6.27
C LEU A 48 3.09 6.79 -6.13
N LYS A 49 4.10 6.80 -7.00
CA LYS A 49 5.11 7.85 -6.98
C LYS A 49 4.46 9.22 -6.71
N ASP A 50 3.32 9.45 -7.35
CA ASP A 50 2.61 10.72 -7.19
C ASP A 50 2.24 10.95 -5.73
N GLY A 51 1.76 9.90 -5.07
CA GLY A 51 1.38 10.01 -3.67
C GLY A 51 -0.12 10.04 -3.48
N THR A 52 -0.79 10.94 -4.21
CA THR A 52 -2.24 11.07 -4.11
C THR A 52 -2.90 9.71 -3.90
N VAL A 53 -2.57 8.75 -4.76
CA VAL A 53 -3.13 7.41 -4.66
C VAL A 53 -2.94 6.83 -3.27
N LEU A 54 -1.70 6.81 -2.80
CA LEU A 54 -1.38 6.28 -1.48
C LEU A 54 -2.25 6.95 -0.41
N CYS A 55 -2.60 8.21 -0.64
CA CYS A 55 -3.42 8.96 0.30
C CYS A 55 -4.84 8.38 0.35
N GLU A 56 -5.41 8.12 -0.82
CA GLU A 56 -6.76 7.58 -0.91
C GLU A 56 -6.86 6.24 -0.19
N LEU A 57 -5.75 5.50 -0.19
CA LEU A 57 -5.71 4.19 0.46
C LEU A 57 -5.89 4.32 1.96
N ILE A 58 -4.93 4.95 2.63
CA ILE A 58 -4.99 5.14 4.07
C ILE A 58 -6.23 5.93 4.46
N ASN A 59 -6.68 6.80 3.56
CA ASN A 59 -7.86 7.61 3.82
C ASN A 59 -9.13 6.77 3.77
N ALA A 60 -9.15 5.80 2.87
CA ALA A 60 -10.31 4.91 2.72
C ALA A 60 -10.57 4.14 4.01
N LEU A 61 -9.53 3.53 4.55
CA LEU A 61 -9.64 2.75 5.78
C LEU A 61 -10.28 3.59 6.90
N TYR A 62 -9.60 4.68 7.25
CA TYR A 62 -10.09 5.57 8.30
C TYR A 62 -11.42 6.21 7.90
N PRO A 63 -12.31 6.39 8.88
CA PRO A 63 -13.63 6.99 8.66
C PRO A 63 -13.54 8.47 8.34
N GLU A 64 -14.69 9.13 8.23
CA GLU A 64 -14.75 10.55 7.92
C GLU A 64 -14.37 11.38 9.14
N GLY A 65 -13.36 12.22 9.00
CA GLY A 65 -12.92 13.06 10.10
C GLY A 65 -11.66 12.53 10.76
N GLN A 66 -11.51 11.22 10.78
CA GLN A 66 -10.34 10.60 11.39
C GLN A 66 -9.20 10.48 10.39
N ALA A 67 -9.55 10.39 9.11
CA ALA A 67 -8.55 10.27 8.05
C ALA A 67 -7.32 11.10 8.37
N PRO A 68 -6.13 10.47 8.29
CA PRO A 68 -4.86 11.14 8.57
C PRO A 68 -4.50 12.15 7.48
N VAL A 69 -4.80 11.81 6.24
CA VAL A 69 -4.50 12.69 5.11
C VAL A 69 -5.78 13.24 4.50
N LYS A 70 -6.27 14.35 5.06
CA LYS A 70 -7.48 14.99 4.57
C LYS A 70 -7.18 15.88 3.37
N LYS A 71 -6.06 16.58 3.43
CA LYS A 71 -5.66 17.48 2.34
C LYS A 71 -5.01 16.69 1.22
N ILE A 72 -5.81 16.33 0.22
CA ILE A 72 -5.32 15.58 -0.92
C ILE A 72 -5.42 16.40 -2.21
N GLN A 73 -4.29 16.59 -2.87
CA GLN A 73 -4.25 17.35 -4.11
C GLN A 73 -3.13 16.85 -5.03
N ALA A 74 -3.42 16.79 -6.32
CA ALA A 74 -2.43 16.33 -7.30
C ALA A 74 -1.72 17.51 -7.95
N SER A 75 -0.63 17.96 -7.33
CA SER A 75 0.13 19.09 -7.84
C SER A 75 0.95 18.67 -9.07
N THR A 76 1.27 17.38 -9.15
CA THR A 76 2.04 16.86 -10.26
C THR A 76 3.44 17.45 -10.28
N MET A 77 3.97 17.75 -9.11
CA MET A 77 5.30 18.33 -8.99
C MET A 77 6.29 17.31 -8.39
N ALA A 78 7.55 17.70 -8.31
CA ALA A 78 8.58 16.83 -7.76
C ALA A 78 8.64 16.94 -6.23
N PHE A 79 8.38 18.15 -5.72
CA PHE A 79 8.41 18.38 -4.28
C PHE A 79 7.04 18.13 -3.67
N LYS A 80 5.99 18.36 -4.46
CA LYS A 80 4.62 18.15 -3.99
C LYS A 80 4.29 16.67 -3.90
N GLN A 81 4.65 15.93 -4.95
CA GLN A 81 4.39 14.49 -4.98
C GLN A 81 5.18 13.77 -3.90
N MET A 82 6.51 13.88 -3.96
CA MET A 82 7.38 13.24 -2.98
C MET A 82 6.78 13.35 -1.58
N GLU A 83 6.75 14.56 -1.04
CA GLU A 83 6.21 14.79 0.29
C GLU A 83 4.87 14.08 0.47
N GLN A 84 4.07 14.07 -0.59
CA GLN A 84 2.76 13.43 -0.56
C GLN A 84 2.89 11.97 -0.10
N ILE A 85 3.94 11.31 -0.54
CA ILE A 85 4.18 9.92 -0.18
C ILE A 85 4.39 9.77 1.32
N SER A 86 5.36 10.50 1.85
CA SER A 86 5.67 10.46 3.27
C SER A 86 4.40 10.62 4.11
N GLN A 87 3.56 11.59 3.73
CA GLN A 87 2.32 11.85 4.44
C GLN A 87 1.62 10.54 4.81
N PHE A 88 1.52 9.65 3.84
CA PHE A 88 0.87 8.36 4.07
C PHE A 88 1.70 7.48 5.00
N LEU A 89 3.02 7.49 4.80
CA LEU A 89 3.92 6.70 5.62
C LEU A 89 3.78 7.07 7.09
N GLN A 90 3.99 8.34 7.40
CA GLN A 90 3.89 8.82 8.78
C GLN A 90 2.72 8.16 9.49
N ALA A 91 1.72 7.74 8.72
CA ALA A 91 0.55 7.09 9.29
C ALA A 91 0.63 5.57 9.16
N ALA A 92 1.31 5.11 8.11
CA ALA A 92 1.47 3.68 7.88
C ALA A 92 2.05 2.99 9.11
N GLU A 93 2.95 3.67 9.80
CA GLU A 93 3.58 3.12 11.00
C GLU A 93 2.72 3.37 12.23
N ARG A 94 1.88 4.40 12.16
CA ARG A 94 1.00 4.75 13.27
C ARG A 94 -0.25 3.88 13.27
N TYR A 95 -0.51 3.23 12.14
CA TYR A 95 -1.68 2.37 12.01
C TYR A 95 -1.42 1.00 12.65
N GLY A 96 -0.35 0.36 12.23
CA GLY A 96 -0.01 -0.95 12.77
C GLY A 96 1.29 -1.50 12.20
N ILE A 97 1.54 -1.20 10.93
CA ILE A 97 2.75 -1.68 10.27
C ILE A 97 4.00 -1.25 11.03
N ASN A 98 5.12 -1.88 10.70
CA ASN A 98 6.39 -1.57 11.36
C ASN A 98 7.29 -0.74 10.45
N THR A 99 8.51 -0.47 10.90
CA THR A 99 9.46 0.32 10.13
C THR A 99 10.35 -0.60 9.28
N THR A 100 10.24 -1.90 9.51
CA THR A 100 11.03 -2.88 8.76
C THR A 100 10.44 -3.14 7.38
N ASP A 101 9.12 -3.02 7.28
CA ASP A 101 8.42 -3.24 6.02
C ASP A 101 8.23 -1.93 5.27
N ILE A 102 7.72 -0.92 5.95
CA ILE A 102 7.49 0.38 5.34
C ILE A 102 8.61 0.74 4.37
N PHE A 103 8.25 1.40 3.28
CA PHE A 103 9.22 1.80 2.27
C PHE A 103 9.61 3.27 2.45
N GLN A 104 10.52 3.74 1.60
CA GLN A 104 10.98 5.12 1.66
C GLN A 104 10.31 5.96 0.59
N THR A 105 10.42 7.28 0.72
CA THR A 105 9.82 8.20 -0.25
C THR A 105 10.41 7.99 -1.64
N VAL A 106 11.73 8.14 -1.74
CA VAL A 106 12.42 7.97 -3.01
C VAL A 106 12.25 6.54 -3.54
N ASP A 107 12.42 5.57 -2.65
CA ASP A 107 12.30 4.17 -3.03
C ASP A 107 11.18 3.98 -4.06
N LEU A 108 10.04 4.60 -3.81
CA LEU A 108 8.90 4.50 -4.71
C LEU A 108 8.94 5.60 -5.77
N TRP A 109 9.29 6.80 -5.34
CA TRP A 109 9.38 7.94 -6.25
C TRP A 109 10.27 7.61 -7.45
N GLU A 110 11.54 7.31 -7.17
CA GLU A 110 12.50 6.98 -8.22
C GLU A 110 12.49 5.49 -8.52
N GLY A 111 11.65 4.76 -7.79
CA GLY A 111 11.56 3.32 -7.98
C GLY A 111 12.92 2.64 -7.98
N LYS A 112 13.68 2.86 -6.92
CA LYS A 112 15.01 2.27 -6.79
C LYS A 112 14.94 0.92 -6.10
N ASN A 113 14.13 0.82 -5.05
CA ASN A 113 13.98 -0.43 -4.31
C ASN A 113 12.51 -0.75 -4.08
N MET A 114 11.71 -0.62 -5.13
CA MET A 114 10.28 -0.89 -5.05
C MET A 114 10.02 -2.18 -4.29
N ALA A 115 11.00 -3.08 -4.28
CA ALA A 115 10.88 -4.35 -3.59
C ALA A 115 10.35 -4.16 -2.18
N CYS A 116 10.48 -2.94 -1.66
CA CYS A 116 10.02 -2.63 -0.31
C CYS A 116 8.54 -2.24 -0.32
N VAL A 117 8.23 -1.13 -0.99
CA VAL A 117 6.85 -0.65 -1.08
C VAL A 117 5.92 -1.74 -1.60
N GLN A 118 6.49 -2.69 -2.34
CA GLN A 118 5.71 -3.79 -2.90
C GLN A 118 5.08 -4.63 -1.79
N ARG A 119 5.74 -4.65 -0.64
CA ARG A 119 5.25 -5.42 0.51
C ARG A 119 4.47 -4.53 1.47
N THR A 120 5.03 -3.36 1.78
CA THR A 120 4.39 -2.42 2.69
C THR A 120 2.89 -2.37 2.45
N LEU A 121 2.50 -2.20 1.19
CA LEU A 121 1.09 -2.12 0.84
C LEU A 121 0.34 -3.36 1.31
N MET A 122 0.89 -4.53 1.00
CA MET A 122 0.27 -5.79 1.40
C MET A 122 -0.02 -5.81 2.89
N ASN A 123 1.00 -5.50 3.69
CA ASN A 123 0.86 -5.48 5.14
C ASN A 123 -0.39 -4.71 5.55
N LEU A 124 -0.62 -3.58 4.90
CA LEU A 124 -1.78 -2.75 5.20
C LEU A 124 -3.07 -3.55 5.07
N GLY A 125 -3.13 -4.41 4.06
CA GLY A 125 -4.31 -5.23 3.85
C GLY A 125 -4.49 -6.28 4.92
N GLY A 126 -3.52 -7.19 5.01
CA GLY A 126 -3.59 -8.25 6.01
C GLY A 126 -3.95 -7.73 7.39
N LEU A 127 -3.47 -6.53 7.70
CA LEU A 127 -3.74 -5.91 9.00
C LEU A 127 -5.19 -5.45 9.09
N ALA A 128 -5.63 -4.69 8.10
CA ALA A 128 -7.00 -4.19 8.07
C ALA A 128 -8.00 -5.33 8.22
N VAL A 129 -7.76 -6.43 7.51
CA VAL A 129 -8.65 -7.58 7.56
C VAL A 129 -8.67 -8.19 8.96
N ALA A 130 -7.66 -7.86 9.76
CA ALA A 130 -7.55 -8.38 11.12
C ALA A 130 -8.26 -7.45 12.11
N ARG A 131 -8.98 -6.46 11.57
CA ARG A 131 -9.69 -5.51 12.41
C ARG A 131 -11.18 -5.84 12.46
N ASP A 132 -11.96 -4.98 13.11
CA ASP A 132 -13.40 -5.18 13.22
C ASP A 132 -14.16 -3.91 12.85
N ASP A 133 -13.42 -2.91 12.37
CA ASP A 133 -14.02 -1.65 11.96
C ASP A 133 -15.05 -1.86 10.85
N GLY A 134 -14.79 -2.84 10.00
CA GLY A 134 -15.70 -3.14 8.91
C GLY A 134 -15.67 -2.07 7.82
N LEU A 135 -14.48 -1.51 7.59
CA LEU A 135 -14.31 -0.47 6.59
C LEU A 135 -13.52 -1.00 5.38
N PHE A 136 -12.62 -1.93 5.66
CA PHE A 136 -11.79 -2.52 4.61
C PHE A 136 -12.66 -3.04 3.46
N SER A 137 -12.10 -3.01 2.26
CA SER A 137 -12.82 -3.47 1.07
C SER A 137 -12.00 -4.51 0.31
N GLY A 138 -12.55 -4.98 -0.81
CA GLY A 138 -11.86 -5.97 -1.62
C GLY A 138 -11.95 -7.37 -1.04
N ASP A 139 -11.39 -8.34 -1.75
CA ASP A 139 -11.42 -9.73 -1.29
C ASP A 139 -10.54 -9.91 -0.06
N PRO A 140 -11.11 -10.54 0.98
CA PRO A 140 -10.41 -10.80 2.23
C PRO A 140 -9.31 -11.85 2.08
N ASN A 141 -9.35 -12.57 0.97
CA ASN A 141 -8.35 -13.60 0.69
C ASN A 141 -7.01 -12.99 0.29
N TRP A 142 -7.07 -11.99 -0.58
CA TRP A 142 -5.86 -11.31 -1.04
C TRP A 142 -4.83 -11.22 0.07
N PHE A 143 -5.30 -11.05 1.30
CA PHE A 143 -4.42 -10.95 2.46
C PHE A 143 -4.85 -11.91 3.56
N PRO A 144 -3.86 -12.51 4.23
CA PRO A 144 -4.12 -13.46 5.32
C PRO A 144 -4.67 -12.78 6.56
N LYS A 145 -4.89 -13.57 7.62
CA LYS A 145 -5.41 -13.04 8.87
C LYS A 145 -4.38 -13.16 9.99
N LYS A 146 -3.31 -12.38 9.89
CA LYS A 146 -2.26 -12.39 10.89
C LYS A 146 -2.81 -12.05 12.27
N SER A 147 -2.34 -12.77 13.28
CA SER A 147 -2.80 -12.54 14.65
C SER A 147 -1.66 -11.97 15.51
N LYS A 148 -1.77 -10.68 15.82
CA LYS A 148 -0.76 -10.01 16.64
C LYS A 148 -1.43 -9.04 17.61
N GLU A 149 -0.68 -8.68 18.66
CA GLU A 149 -1.19 -7.77 19.68
C GLU A 149 -0.75 -6.33 19.39
N SER A 150 -1.31 -5.39 20.13
CA SER A 150 -0.98 -3.98 19.96
C SER A 150 -0.19 -3.45 21.14
N GLY A 151 -0.79 -3.53 22.33
CA GLY A 151 -0.11 -3.06 23.53
C GLY A 151 -0.68 -1.74 24.03
N PRO A 152 -0.11 -1.23 25.13
CA PRO A 152 -0.56 0.03 25.73
C PRO A 152 -0.18 1.23 24.86
N SER A 153 -0.99 2.29 24.95
CA SER A 153 -0.75 3.50 24.17
C SER A 153 0.31 4.37 24.83
N SER A 154 1.19 4.94 24.02
CA SER A 154 2.26 5.79 24.52
C SER A 154 2.84 5.22 25.81
N GLY A 155 3.14 3.93 25.81
CA GLY A 155 3.68 3.28 26.99
C GLY A 155 3.95 1.80 26.78
N GLY A 1 20.81 -27.56 7.47
CA GLY A 1 19.58 -26.85 7.78
C GLY A 1 19.80 -25.63 8.63
N SER A 2 18.74 -24.89 8.92
CA SER A 2 18.84 -23.69 9.73
C SER A 2 19.88 -23.85 10.84
N SER A 3 20.80 -22.90 10.91
CA SER A 3 21.86 -22.95 11.91
C SER A 3 21.30 -22.67 13.30
N GLY A 4 20.58 -21.55 13.43
CA GLY A 4 20.00 -21.19 14.71
C GLY A 4 18.75 -20.34 14.56
N SER A 5 18.70 -19.23 15.28
CA SER A 5 17.54 -18.34 15.23
C SER A 5 17.06 -18.16 13.80
N SER A 6 15.76 -18.34 13.59
CA SER A 6 15.17 -18.20 12.27
C SER A 6 13.66 -17.98 12.37
N GLY A 7 13.15 -17.08 11.52
CA GLY A 7 11.73 -16.79 11.53
C GLY A 7 11.25 -16.26 10.20
N GLN A 8 10.71 -15.04 10.20
CA GLN A 8 10.20 -14.43 8.99
C GLN A 8 11.34 -14.12 8.01
N LYS A 9 11.60 -15.07 7.11
CA LYS A 9 12.66 -14.91 6.13
C LYS A 9 12.43 -13.66 5.28
N ILE A 10 13.49 -12.89 5.06
CA ILE A 10 13.39 -11.67 4.26
C ILE A 10 13.83 -11.93 2.83
N GLU A 11 13.01 -12.64 2.07
CA GLU A 11 13.32 -12.95 0.67
C GLU A 11 12.15 -12.59 -0.24
N LYS A 12 12.40 -12.61 -1.53
CA LYS A 12 11.36 -12.28 -2.52
C LYS A 12 10.78 -10.90 -2.25
N GLN A 13 11.65 -9.91 -2.14
CA GLN A 13 11.22 -8.54 -1.89
C GLN A 13 10.18 -8.10 -2.91
N TYR A 14 10.51 -8.26 -4.19
CA TYR A 14 9.60 -7.88 -5.26
C TYR A 14 8.90 -9.11 -5.85
N ASP A 15 7.60 -8.97 -6.10
CA ASP A 15 6.82 -10.07 -6.65
C ASP A 15 5.68 -9.53 -7.53
N ALA A 16 5.50 -10.15 -8.69
CA ALA A 16 4.44 -9.73 -9.60
C ALA A 16 3.09 -10.29 -9.17
N ASP A 17 3.10 -11.51 -8.64
CA ASP A 17 1.87 -12.16 -8.19
C ASP A 17 1.12 -11.28 -7.20
N LEU A 18 1.86 -10.65 -6.30
CA LEU A 18 1.27 -9.78 -5.29
C LEU A 18 1.02 -8.39 -5.86
N GLU A 19 1.72 -8.06 -6.93
CA GLU A 19 1.58 -6.76 -7.57
C GLU A 19 0.21 -6.63 -8.24
N GLN A 20 -0.17 -7.66 -8.99
CA GLN A 20 -1.46 -7.66 -9.68
C GLN A 20 -2.61 -7.51 -8.69
N ILE A 21 -2.51 -8.21 -7.58
CA ILE A 21 -3.55 -8.16 -6.55
C ILE A 21 -3.61 -6.78 -5.91
N LEU A 22 -2.45 -6.23 -5.56
CA LEU A 22 -2.37 -4.92 -4.94
C LEU A 22 -3.21 -3.90 -5.72
N ILE A 23 -3.02 -3.87 -7.03
CA ILE A 23 -3.76 -2.94 -7.89
C ILE A 23 -5.26 -3.16 -7.76
N GLN A 24 -5.68 -4.42 -7.80
CA GLN A 24 -7.10 -4.76 -7.69
C GLN A 24 -7.67 -4.25 -6.37
N TRP A 25 -6.92 -4.42 -5.30
CA TRP A 25 -7.35 -3.98 -3.98
C TRP A 25 -7.32 -2.46 -3.88
N ILE A 26 -6.13 -1.88 -4.00
CA ILE A 26 -5.97 -0.43 -3.92
C ILE A 26 -7.15 0.29 -4.57
N THR A 27 -7.42 -0.05 -5.82
CA THR A 27 -8.53 0.56 -6.56
C THR A 27 -9.86 0.28 -5.89
N THR A 28 -10.01 -0.93 -5.37
CA THR A 28 -11.24 -1.33 -4.70
C THR A 28 -11.43 -0.56 -3.39
N GLN A 29 -10.50 -0.74 -2.46
CA GLN A 29 -10.56 -0.07 -1.17
C GLN A 29 -11.03 1.37 -1.34
N CYS A 30 -10.41 2.08 -2.27
CA CYS A 30 -10.76 3.47 -2.53
C CYS A 30 -12.20 3.59 -3.01
N ARG A 31 -12.82 4.74 -2.74
CA ARG A 31 -14.20 4.97 -3.16
C ARG A 31 -14.28 5.33 -4.63
N LYS A 32 -13.49 6.31 -5.05
CA LYS A 32 -13.47 6.74 -6.44
C LYS A 32 -12.37 6.02 -7.22
N ASP A 33 -12.60 5.84 -8.51
CA ASP A 33 -11.62 5.16 -9.37
C ASP A 33 -10.47 6.10 -9.73
N VAL A 34 -9.45 6.12 -8.87
CA VAL A 34 -8.29 6.97 -9.10
C VAL A 34 -7.80 6.86 -10.54
N GLY A 35 -7.98 5.69 -11.13
CA GLY A 35 -7.54 5.47 -12.50
C GLY A 35 -6.59 4.30 -12.62
N ARG A 36 -7.12 3.08 -12.55
CA ARG A 36 -6.30 1.88 -12.65
C ARG A 36 -5.46 1.90 -13.92
N PRO A 37 -4.14 2.11 -13.74
CA PRO A 37 -3.19 2.16 -14.86
C PRO A 37 -3.00 0.80 -15.52
N GLN A 38 -2.06 0.73 -16.46
CA GLN A 38 -1.79 -0.52 -17.17
C GLN A 38 -0.98 -1.46 -16.29
N PRO A 39 -1.18 -2.77 -16.48
CA PRO A 39 -0.48 -3.81 -15.73
C PRO A 39 0.99 -3.90 -16.08
N GLY A 40 1.85 -3.64 -15.09
CA GLY A 40 3.28 -3.68 -15.32
C GLY A 40 4.08 -3.49 -14.05
N ARG A 41 5.39 -3.32 -14.19
CA ARG A 41 6.27 -3.12 -13.05
C ARG A 41 6.78 -1.69 -13.00
N GLU A 42 6.71 -1.00 -14.13
CA GLU A 42 7.17 0.37 -14.22
C GLU A 42 6.03 1.36 -13.94
N ASN A 43 4.83 1.00 -14.37
CA ASN A 43 3.66 1.84 -14.17
C ASN A 43 3.35 1.99 -12.68
N PHE A 44 3.09 0.85 -12.02
CA PHE A 44 2.78 0.86 -10.60
C PHE A 44 3.60 1.92 -9.87
N GLN A 45 4.89 1.99 -10.19
CA GLN A 45 5.78 2.97 -9.57
C GLN A 45 5.24 4.38 -9.72
N ASN A 46 4.88 4.75 -10.95
CA ASN A 46 4.36 6.07 -11.22
C ASN A 46 2.98 6.26 -10.57
N TRP A 47 2.21 5.20 -10.54
CA TRP A 47 0.87 5.24 -9.95
C TRP A 47 0.93 5.75 -8.51
N LEU A 48 1.99 5.36 -7.79
CA LEU A 48 2.16 5.78 -6.40
C LEU A 48 3.18 6.90 -6.30
N LYS A 49 4.00 7.05 -7.34
CA LYS A 49 5.02 8.10 -7.37
C LYS A 49 4.45 9.43 -6.92
N ASP A 50 3.27 9.77 -7.43
CA ASP A 50 2.62 11.03 -7.08
C ASP A 50 2.16 11.01 -5.62
N GLY A 51 1.94 9.80 -5.10
CA GLY A 51 1.49 9.67 -3.73
C GLY A 51 -0.01 9.79 -3.59
N THR A 52 -0.61 10.68 -4.37
CA THR A 52 -2.05 10.90 -4.32
C THR A 52 -2.80 9.58 -4.17
N VAL A 53 -2.46 8.61 -5.03
CA VAL A 53 -3.10 7.30 -4.98
C VAL A 53 -2.95 6.66 -3.61
N LEU A 54 -1.72 6.66 -3.10
CA LEU A 54 -1.43 6.08 -1.79
C LEU A 54 -2.35 6.67 -0.72
N CYS A 55 -2.64 7.96 -0.86
CA CYS A 55 -3.50 8.64 0.10
C CYS A 55 -4.91 8.05 0.11
N GLU A 56 -5.52 7.98 -1.07
CA GLU A 56 -6.86 7.43 -1.20
C GLU A 56 -6.98 6.09 -0.48
N LEU A 57 -5.87 5.36 -0.43
CA LEU A 57 -5.83 4.06 0.23
C LEU A 57 -5.98 4.20 1.73
N ILE A 58 -4.96 4.77 2.37
CA ILE A 58 -4.99 4.98 3.81
C ILE A 58 -6.24 5.73 4.24
N ASN A 59 -6.67 6.66 3.42
CA ASN A 59 -7.86 7.46 3.72
C ASN A 59 -9.12 6.60 3.66
N ALA A 60 -9.16 5.69 2.68
CA ALA A 60 -10.31 4.80 2.51
C ALA A 60 -10.57 4.01 3.80
N LEU A 61 -9.51 3.48 4.39
CA LEU A 61 -9.63 2.69 5.61
C LEU A 61 -10.25 3.53 6.73
N TYR A 62 -9.53 4.57 7.16
CA TYR A 62 -10.03 5.44 8.22
C TYR A 62 -11.34 6.11 7.82
N PRO A 63 -12.23 6.29 8.80
CA PRO A 63 -13.53 6.92 8.58
C PRO A 63 -13.42 8.41 8.28
N GLU A 64 -14.55 9.10 8.24
CA GLU A 64 -14.57 10.53 7.96
C GLU A 64 -13.96 11.32 9.12
N GLY A 65 -13.02 12.20 8.79
CA GLY A 65 -12.38 13.00 9.81
C GLY A 65 -11.10 12.36 10.33
N GLN A 66 -11.19 11.09 10.68
CA GLN A 66 -10.03 10.36 11.21
C GLN A 66 -8.90 10.32 10.18
N ALA A 67 -9.28 10.18 8.91
CA ALA A 67 -8.30 10.13 7.84
C ALA A 67 -7.13 11.06 8.11
N PRO A 68 -5.91 10.51 8.09
CA PRO A 68 -4.68 11.27 8.33
C PRO A 68 -4.37 12.22 7.19
N VAL A 69 -4.67 11.81 5.97
CA VAL A 69 -4.42 12.63 4.79
C VAL A 69 -5.72 13.11 4.16
N LYS A 70 -6.24 14.23 4.65
CA LYS A 70 -7.49 14.78 4.13
C LYS A 70 -7.23 15.62 2.88
N LYS A 71 -6.10 16.33 2.87
CA LYS A 71 -5.74 17.17 1.73
C LYS A 71 -5.06 16.34 0.64
N ILE A 72 -5.86 15.89 -0.33
CA ILE A 72 -5.34 15.09 -1.43
C ILE A 72 -5.42 15.86 -2.75
N GLN A 73 -4.27 16.06 -3.38
CA GLN A 73 -4.22 16.79 -4.64
C GLN A 73 -2.99 16.36 -5.46
N ALA A 74 -3.16 16.29 -6.77
CA ALA A 74 -2.08 15.90 -7.67
C ALA A 74 -1.28 17.12 -8.13
N SER A 75 -0.08 17.27 -7.58
CA SER A 75 0.77 18.41 -7.94
C SER A 75 1.97 17.94 -8.77
N THR A 76 2.20 18.61 -9.89
CA THR A 76 3.31 18.27 -10.77
C THR A 76 4.65 18.46 -10.07
N MET A 77 4.72 19.45 -9.18
CA MET A 77 5.94 19.73 -8.45
C MET A 77 6.61 18.44 -7.99
N ALA A 78 7.87 18.26 -8.38
CA ALA A 78 8.62 17.06 -8.01
C ALA A 78 8.84 17.01 -6.50
N PHE A 79 8.78 18.16 -5.86
CA PHE A 79 8.97 18.25 -4.41
C PHE A 79 7.72 17.81 -3.66
N LYS A 80 6.60 18.44 -3.99
CA LYS A 80 5.33 18.11 -3.34
C LYS A 80 5.08 16.60 -3.38
N GLN A 81 5.00 16.05 -4.58
CA GLN A 81 4.76 14.62 -4.75
C GLN A 81 5.45 13.81 -3.66
N MET A 82 6.78 13.84 -3.66
CA MET A 82 7.57 13.12 -2.67
C MET A 82 6.90 13.20 -1.29
N GLU A 83 6.73 14.42 -0.79
CA GLU A 83 6.12 14.64 0.52
C GLU A 83 4.79 13.90 0.60
N GLN A 84 4.04 13.87 -0.49
CA GLN A 84 2.74 13.21 -0.53
C GLN A 84 2.88 11.74 -0.12
N ILE A 85 4.01 11.14 -0.46
CA ILE A 85 4.26 9.74 -0.11
C ILE A 85 4.55 9.58 1.38
N SER A 86 5.30 10.52 1.93
CA SER A 86 5.64 10.49 3.35
C SER A 86 4.40 10.60 4.21
N GLN A 87 3.43 11.39 3.75
CA GLN A 87 2.19 11.58 4.48
C GLN A 87 1.50 10.25 4.75
N PHE A 88 1.58 9.35 3.77
CA PHE A 88 0.96 8.03 3.90
C PHE A 88 1.74 7.15 4.86
N LEU A 89 3.05 7.08 4.65
CA LEU A 89 3.91 6.27 5.50
C LEU A 89 3.78 6.68 6.96
N GLN A 90 3.95 7.97 7.23
CA GLN A 90 3.85 8.49 8.59
C GLN A 90 2.72 7.81 9.35
N ALA A 91 1.54 7.78 8.74
CA ALA A 91 0.37 7.15 9.35
C ALA A 91 0.44 5.64 9.25
N ALA A 92 1.03 5.15 8.16
CA ALA A 92 1.15 3.72 7.95
C ALA A 92 1.66 3.01 9.20
N GLU A 93 2.66 3.61 9.84
CA GLU A 93 3.24 3.04 11.05
C GLU A 93 2.31 3.27 12.25
N ARG A 94 1.80 4.48 12.37
CA ARG A 94 0.90 4.84 13.46
C ARG A 94 -0.32 3.92 13.49
N TYR A 95 -0.63 3.34 12.34
CA TYR A 95 -1.78 2.44 12.22
C TYR A 95 -1.47 1.08 12.85
N GLY A 96 -0.28 0.56 12.55
CA GLY A 96 0.12 -0.72 13.09
C GLY A 96 1.36 -1.27 12.42
N ILE A 97 1.48 -1.02 11.12
CA ILE A 97 2.64 -1.50 10.36
C ILE A 97 3.94 -1.10 11.04
N ASN A 98 4.98 -1.90 10.82
CA ASN A 98 6.29 -1.62 11.41
C ASN A 98 7.17 -0.85 10.44
N THR A 99 7.91 0.12 10.97
CA THR A 99 8.79 0.95 10.15
C THR A 99 9.90 0.10 9.52
N THR A 100 10.02 -1.14 9.98
CA THR A 100 11.04 -2.05 9.46
C THR A 100 10.69 -2.51 8.05
N ASP A 101 9.40 -2.45 7.72
CA ASP A 101 8.93 -2.87 6.39
C ASP A 101 8.64 -1.66 5.52
N ILE A 102 8.04 -0.63 6.10
CA ILE A 102 7.71 0.58 5.38
C ILE A 102 8.84 0.99 4.45
N PHE A 103 8.50 1.29 3.20
CA PHE A 103 9.48 1.69 2.21
C PHE A 103 9.88 3.16 2.40
N GLN A 104 10.85 3.60 1.61
CA GLN A 104 11.34 4.98 1.69
C GLN A 104 10.67 5.85 0.63
N THR A 105 10.37 7.10 1.00
CA THR A 105 9.73 8.04 0.08
C THR A 105 10.42 8.05 -1.27
N VAL A 106 11.75 8.09 -1.25
CA VAL A 106 12.54 8.11 -2.48
C VAL A 106 12.49 6.75 -3.17
N ASP A 107 12.69 5.68 -2.40
CA ASP A 107 12.67 4.34 -2.95
C ASP A 107 11.58 4.20 -4.01
N LEU A 108 10.37 4.60 -3.66
CA LEU A 108 9.24 4.53 -4.58
C LEU A 108 9.27 5.67 -5.58
N TRP A 109 9.63 6.86 -5.08
CA TRP A 109 9.70 8.05 -5.94
C TRP A 109 10.68 7.84 -7.08
N GLU A 110 11.96 7.73 -6.75
CA GLU A 110 13.00 7.54 -7.76
C GLU A 110 12.91 6.15 -8.37
N GLY A 111 12.14 5.27 -7.72
CA GLY A 111 11.98 3.92 -8.21
C GLY A 111 13.27 3.11 -8.13
N LYS A 112 14.16 3.54 -7.24
CA LYS A 112 15.45 2.85 -7.06
C LYS A 112 15.25 1.54 -6.31
N ASN A 113 14.48 1.59 -5.23
CA ASN A 113 14.23 0.40 -4.42
C ASN A 113 12.74 0.28 -4.11
N MET A 114 11.92 0.27 -5.15
CA MET A 114 10.47 0.16 -5.00
C MET A 114 10.07 -1.29 -4.73
N ALA A 115 11.07 -2.17 -4.65
CA ALA A 115 10.82 -3.59 -4.39
C ALA A 115 10.36 -3.81 -2.96
N CYS A 116 10.44 -2.76 -2.14
CA CYS A 116 10.03 -2.85 -0.75
C CYS A 116 8.57 -2.44 -0.59
N VAL A 117 8.21 -1.30 -1.19
CA VAL A 117 6.85 -0.80 -1.11
C VAL A 117 5.84 -1.88 -1.49
N GLN A 118 6.20 -2.71 -2.45
CA GLN A 118 5.33 -3.79 -2.90
C GLN A 118 4.89 -4.66 -1.73
N ARG A 119 5.74 -4.73 -0.71
CA ARG A 119 5.43 -5.53 0.48
C ARG A 119 4.70 -4.70 1.53
N THR A 120 5.19 -3.48 1.75
CA THR A 120 4.59 -2.59 2.73
C THR A 120 3.10 -2.45 2.50
N LEU A 121 2.68 -2.47 1.23
CA LEU A 121 1.27 -2.36 0.89
C LEU A 121 0.49 -3.57 1.36
N MET A 122 0.88 -4.74 0.87
CA MET A 122 0.22 -5.99 1.25
C MET A 122 -0.07 -6.02 2.74
N ASN A 123 0.81 -5.41 3.53
CA ASN A 123 0.65 -5.37 4.98
C ASN A 123 -0.58 -4.56 5.37
N LEU A 124 -0.66 -3.33 4.87
CA LEU A 124 -1.80 -2.45 5.17
C LEU A 124 -3.11 -3.22 5.04
N GLY A 125 -3.21 -4.06 4.02
CA GLY A 125 -4.42 -4.83 3.81
C GLY A 125 -4.59 -5.94 4.83
N GLY A 126 -3.59 -6.81 4.92
CA GLY A 126 -3.65 -7.91 5.86
C GLY A 126 -4.02 -7.46 7.26
N LEU A 127 -3.37 -6.40 7.73
CA LEU A 127 -3.65 -5.86 9.06
C LEU A 127 -5.10 -5.43 9.18
N ALA A 128 -5.57 -4.65 8.22
CA ALA A 128 -6.95 -4.17 8.23
C ALA A 128 -7.92 -5.31 8.48
N VAL A 129 -7.76 -6.40 7.74
CA VAL A 129 -8.62 -7.57 7.87
C VAL A 129 -8.60 -8.10 9.30
N ALA A 130 -7.51 -7.81 10.01
CA ALA A 130 -7.36 -8.26 11.38
C ALA A 130 -7.94 -7.25 12.37
N ARG A 131 -8.78 -6.36 11.86
CA ARG A 131 -9.40 -5.33 12.69
C ARG A 131 -10.91 -5.57 12.81
N ASP A 132 -11.59 -4.68 13.53
CA ASP A 132 -13.03 -4.80 13.72
C ASP A 132 -13.74 -3.51 13.27
N ASP A 133 -12.98 -2.61 12.66
CA ASP A 133 -13.54 -1.34 12.18
C ASP A 133 -14.71 -1.60 11.23
N GLY A 134 -14.61 -2.65 10.44
CA GLY A 134 -15.67 -2.98 9.50
C GLY A 134 -15.74 -2.00 8.35
N LEU A 135 -14.58 -1.55 7.89
CA LEU A 135 -14.51 -0.60 6.78
C LEU A 135 -13.76 -1.20 5.59
N PHE A 136 -12.66 -1.88 5.89
CA PHE A 136 -11.85 -2.51 4.84
C PHE A 136 -12.74 -3.05 3.72
N SER A 137 -12.31 -2.83 2.48
CA SER A 137 -13.07 -3.30 1.32
C SER A 137 -12.21 -4.21 0.45
N GLY A 138 -12.86 -4.91 -0.47
CA GLY A 138 -12.15 -5.81 -1.36
C GLY A 138 -12.02 -7.21 -0.79
N ASP A 139 -11.99 -8.20 -1.66
CA ASP A 139 -11.88 -9.59 -1.25
C ASP A 139 -10.93 -9.73 -0.05
N PRO A 140 -11.46 -10.21 1.07
CA PRO A 140 -10.69 -10.40 2.31
C PRO A 140 -9.68 -11.53 2.18
N ASN A 141 -9.68 -12.21 1.04
CA ASN A 141 -8.76 -13.31 0.79
C ASN A 141 -7.39 -12.78 0.37
N TRP A 142 -7.37 -11.84 -0.56
CA TRP A 142 -6.12 -11.26 -1.04
C TRP A 142 -5.10 -11.14 0.08
N PHE A 143 -5.58 -10.76 1.27
CA PHE A 143 -4.70 -10.61 2.43
C PHE A 143 -5.11 -11.56 3.55
N PRO A 144 -4.17 -12.41 3.97
CA PRO A 144 -4.42 -13.39 5.05
C PRO A 144 -4.57 -12.73 6.41
N LYS A 145 -5.13 -13.48 7.36
CA LYS A 145 -5.33 -12.96 8.70
C LYS A 145 -4.37 -13.62 9.70
N LYS A 146 -3.19 -13.99 9.20
CA LYS A 146 -2.19 -14.63 10.04
C LYS A 146 -2.75 -15.86 10.73
N SER A 147 -3.59 -16.60 10.03
CA SER A 147 -4.19 -17.81 10.57
C SER A 147 -4.06 -18.99 9.61
N LYS A 148 -4.47 -18.74 8.36
CA LYS A 148 -4.39 -19.79 7.33
C LYS A 148 -4.91 -21.12 7.86
N GLU A 149 -6.11 -21.10 8.41
CA GLU A 149 -6.72 -22.31 8.97
C GLU A 149 -8.03 -22.63 8.25
N SER A 150 -8.83 -21.61 7.99
CA SER A 150 -10.11 -21.79 7.32
C SER A 150 -9.90 -22.06 5.83
N GLY A 151 -10.57 -23.10 5.33
CA GLY A 151 -10.45 -23.45 3.93
C GLY A 151 -11.78 -23.38 3.20
N PRO A 152 -11.77 -23.78 1.92
CA PRO A 152 -12.98 -23.77 1.08
C PRO A 152 -13.99 -24.82 1.51
N SER A 153 -15.20 -24.38 1.84
CA SER A 153 -16.26 -25.28 2.27
C SER A 153 -16.60 -26.30 1.18
N SER A 154 -16.81 -27.54 1.59
CA SER A 154 -17.14 -28.61 0.65
C SER A 154 -18.63 -28.94 0.68
N GLY A 155 -19.07 -29.74 -0.28
CA GLY A 155 -20.47 -30.12 -0.34
C GLY A 155 -21.40 -28.91 -0.36
N GLY A 1 -2.67 -11.81 -17.64
CA GLY A 1 -2.47 -12.56 -18.87
C GLY A 1 -3.60 -13.53 -19.16
N SER A 2 -3.53 -14.71 -18.55
CA SER A 2 -4.56 -15.73 -18.74
C SER A 2 -4.70 -16.60 -17.50
N SER A 3 -5.91 -16.67 -16.96
CA SER A 3 -6.18 -17.47 -15.78
C SER A 3 -5.66 -18.89 -15.95
N GLY A 4 -5.34 -19.54 -14.84
CA GLY A 4 -4.84 -20.90 -14.89
C GLY A 4 -4.63 -21.50 -13.51
N SER A 5 -3.80 -22.54 -13.44
CA SER A 5 -3.52 -23.20 -12.17
C SER A 5 -2.03 -23.51 -12.04
N SER A 6 -1.43 -23.05 -10.94
CA SER A 6 -0.01 -23.27 -10.71
C SER A 6 0.36 -22.95 -9.26
N GLY A 7 1.28 -23.71 -8.70
CA GLY A 7 1.70 -23.48 -7.33
C GLY A 7 3.20 -23.66 -7.14
N GLN A 8 3.90 -22.55 -6.96
CA GLN A 8 5.34 -22.58 -6.77
C GLN A 8 5.74 -21.96 -5.43
N LYS A 9 6.48 -22.71 -4.63
CA LYS A 9 6.93 -22.24 -3.33
C LYS A 9 8.19 -21.39 -3.45
N ILE A 10 8.25 -20.58 -4.51
CA ILE A 10 9.39 -19.71 -4.73
C ILE A 10 9.15 -18.31 -4.18
N GLU A 11 10.21 -17.69 -3.67
CA GLU A 11 10.11 -16.35 -3.11
C GLU A 11 11.18 -15.43 -3.70
N LYS A 12 10.75 -14.25 -4.14
CA LYS A 12 11.68 -13.28 -4.73
C LYS A 12 11.35 -11.87 -4.25
N GLN A 13 12.34 -10.99 -4.31
CA GLN A 13 12.17 -9.60 -3.88
C GLN A 13 10.94 -8.98 -4.55
N TYR A 14 10.49 -9.61 -5.63
CA TYR A 14 9.33 -9.11 -6.36
C TYR A 14 8.53 -10.27 -6.97
N ASP A 15 7.21 -10.15 -6.92
CA ASP A 15 6.33 -11.19 -7.45
C ASP A 15 5.10 -10.56 -8.12
N ALA A 16 5.02 -10.70 -9.43
CA ALA A 16 3.90 -10.15 -10.19
C ALA A 16 2.56 -10.65 -9.64
N ASP A 17 2.62 -11.75 -8.88
CA ASP A 17 1.42 -12.32 -8.28
C ASP A 17 0.79 -11.35 -7.29
N LEU A 18 1.61 -10.81 -6.40
CA LEU A 18 1.13 -9.87 -5.39
C LEU A 18 0.87 -8.50 -6.00
N GLU A 19 1.69 -8.14 -6.99
CA GLU A 19 1.54 -6.85 -7.66
C GLU A 19 0.13 -6.66 -8.20
N GLN A 20 -0.32 -7.65 -8.99
CA GLN A 20 -1.66 -7.59 -9.57
C GLN A 20 -2.72 -7.46 -8.49
N ILE A 21 -2.47 -8.07 -7.33
CA ILE A 21 -3.41 -8.00 -6.22
C ILE A 21 -3.48 -6.60 -5.64
N LEU A 22 -2.32 -6.00 -5.42
CA LEU A 22 -2.25 -4.65 -4.87
C LEU A 22 -3.13 -3.69 -5.67
N ILE A 23 -2.88 -3.61 -6.96
CA ILE A 23 -3.66 -2.73 -7.83
C ILE A 23 -5.15 -3.00 -7.71
N GLN A 24 -5.51 -4.28 -7.64
CA GLN A 24 -6.90 -4.68 -7.52
C GLN A 24 -7.51 -4.16 -6.22
N TRP A 25 -6.70 -4.17 -5.16
CA TRP A 25 -7.15 -3.70 -3.85
C TRP A 25 -7.20 -2.18 -3.80
N ILE A 26 -6.05 -1.55 -4.02
CA ILE A 26 -5.97 -0.09 -4.00
C ILE A 26 -7.09 0.54 -4.82
N THR A 27 -7.25 0.05 -6.06
CA THR A 27 -8.29 0.57 -6.94
C THR A 27 -9.68 0.39 -6.32
N THR A 28 -9.92 -0.78 -5.75
CA THR A 28 -11.20 -1.07 -5.13
C THR A 28 -11.41 -0.22 -3.88
N GLN A 29 -10.58 -0.45 -2.87
CA GLN A 29 -10.68 0.30 -1.62
C GLN A 29 -11.05 1.75 -1.89
N CYS A 30 -10.30 2.40 -2.77
CA CYS A 30 -10.54 3.79 -3.12
C CYS A 30 -11.83 3.94 -3.93
N ARG A 31 -12.77 4.73 -3.41
CA ARG A 31 -14.04 4.94 -4.09
C ARG A 31 -13.82 5.60 -5.45
N LYS A 32 -13.39 6.85 -5.43
CA LYS A 32 -13.14 7.59 -6.67
C LYS A 32 -12.09 6.89 -7.53
N ASP A 33 -12.27 6.94 -8.84
CA ASP A 33 -11.34 6.31 -9.76
C ASP A 33 -10.07 7.14 -9.89
N VAL A 34 -9.03 6.74 -9.15
CA VAL A 34 -7.76 7.45 -9.18
C VAL A 34 -7.13 7.39 -10.56
N GLY A 35 -7.46 6.34 -11.32
CA GLY A 35 -6.92 6.20 -12.66
C GLY A 35 -6.27 4.84 -12.87
N ARG A 36 -6.95 3.79 -12.44
CA ARG A 36 -6.42 2.43 -12.59
C ARG A 36 -5.63 2.30 -13.89
N PRO A 37 -4.30 2.41 -13.77
CA PRO A 37 -3.40 2.31 -14.92
C PRO A 37 -3.33 0.88 -15.47
N GLN A 38 -2.33 0.63 -16.32
CA GLN A 38 -2.16 -0.69 -16.92
C GLN A 38 -1.43 -1.62 -15.95
N PRO A 39 -1.73 -2.92 -16.05
CA PRO A 39 -1.12 -3.94 -15.20
C PRO A 39 0.36 -4.16 -15.53
N GLY A 40 1.23 -3.82 -14.58
CA GLY A 40 2.66 -3.98 -14.79
C GLY A 40 3.46 -3.61 -13.56
N ARG A 41 4.72 -3.24 -13.77
CA ARG A 41 5.61 -2.86 -12.68
C ARG A 41 6.15 -1.45 -12.89
N GLU A 42 6.51 -1.14 -14.13
CA GLU A 42 7.06 0.17 -14.46
C GLU A 42 6.04 1.27 -14.18
N ASN A 43 4.77 0.98 -14.47
CA ASN A 43 3.70 1.94 -14.26
C ASN A 43 3.37 2.06 -12.77
N PHE A 44 3.05 0.94 -12.15
CA PHE A 44 2.71 0.91 -10.73
C PHE A 44 3.55 1.91 -9.96
N GLN A 45 4.87 1.78 -10.06
CA GLN A 45 5.79 2.67 -9.37
C GLN A 45 5.39 4.13 -9.57
N ASN A 46 5.14 4.50 -10.82
CA ASN A 46 4.75 5.87 -11.15
C ASN A 46 3.33 6.16 -10.66
N TRP A 47 2.52 5.11 -10.56
CA TRP A 47 1.15 5.25 -10.12
C TRP A 47 1.09 5.84 -8.71
N LEU A 48 2.00 5.40 -7.85
CA LEU A 48 2.06 5.89 -6.47
C LEU A 48 3.11 6.98 -6.32
N LYS A 49 4.06 7.01 -7.25
CA LYS A 49 5.13 8.00 -7.23
C LYS A 49 4.58 9.38 -6.85
N ASP A 50 3.33 9.62 -7.21
CA ASP A 50 2.67 10.90 -6.91
C ASP A 50 2.30 10.98 -5.44
N GLY A 51 1.78 9.89 -4.91
CA GLY A 51 1.38 9.85 -3.51
C GLY A 51 -0.12 9.93 -3.32
N THR A 52 -0.80 10.51 -4.30
CA THR A 52 -2.25 10.64 -4.24
C THR A 52 -2.92 9.29 -4.09
N VAL A 53 -2.52 8.33 -4.92
CA VAL A 53 -3.08 6.98 -4.87
C VAL A 53 -2.92 6.37 -3.48
N LEU A 54 -1.76 6.62 -2.88
CA LEU A 54 -1.47 6.08 -1.54
C LEU A 54 -2.39 6.72 -0.50
N CYS A 55 -2.77 7.97 -0.73
CA CYS A 55 -3.64 8.69 0.20
C CYS A 55 -5.05 8.10 0.17
N GLU A 56 -5.65 8.06 -1.01
CA GLU A 56 -7.00 7.52 -1.16
C GLU A 56 -7.12 6.15 -0.51
N LEU A 57 -5.98 5.50 -0.30
CA LEU A 57 -5.95 4.18 0.32
C LEU A 57 -6.10 4.29 1.83
N ILE A 58 -5.06 4.76 2.50
CA ILE A 58 -5.07 4.92 3.96
C ILE A 58 -6.30 5.69 4.40
N ASN A 59 -6.75 6.63 3.58
CA ASN A 59 -7.91 7.45 3.88
C ASN A 59 -9.18 6.61 3.85
N ALA A 60 -9.29 5.75 2.83
CA ALA A 60 -10.46 4.89 2.69
C ALA A 60 -10.73 4.10 3.96
N LEU A 61 -9.68 3.50 4.51
CA LEU A 61 -9.81 2.71 5.74
C LEU A 61 -10.40 3.56 6.87
N TYR A 62 -9.65 4.57 7.29
CA TYR A 62 -10.10 5.46 8.36
C TYR A 62 -11.40 6.15 7.99
N PRO A 63 -12.29 6.31 8.97
CA PRO A 63 -13.59 6.96 8.78
C PRO A 63 -13.45 8.46 8.53
N GLU A 64 -14.56 9.11 8.22
CA GLU A 64 -14.57 10.55 7.96
C GLU A 64 -13.90 11.31 9.10
N GLY A 65 -13.03 12.26 8.73
CA GLY A 65 -12.33 13.04 9.73
C GLY A 65 -11.12 12.32 10.29
N GLN A 66 -11.27 11.04 10.58
CA GLN A 66 -10.18 10.24 11.12
C GLN A 66 -9.03 10.15 10.13
N ALA A 67 -9.35 10.04 8.85
CA ALA A 67 -8.35 9.94 7.80
C ALA A 67 -7.14 10.80 8.13
N PRO A 68 -5.94 10.21 8.02
CA PRO A 68 -4.68 10.91 8.31
C PRO A 68 -4.36 11.97 7.26
N VAL A 69 -4.72 11.69 6.00
CA VAL A 69 -4.46 12.62 4.91
C VAL A 69 -5.77 13.15 4.34
N LYS A 70 -6.09 14.39 4.70
CA LYS A 70 -7.31 15.03 4.21
C LYS A 70 -7.05 15.84 2.95
N LYS A 71 -5.85 16.41 2.86
CA LYS A 71 -5.46 17.21 1.71
C LYS A 71 -4.86 16.34 0.62
N ILE A 72 -5.70 15.93 -0.34
CA ILE A 72 -5.25 15.09 -1.44
C ILE A 72 -5.34 15.83 -2.77
N GLN A 73 -4.26 16.54 -3.11
CA GLN A 73 -4.22 17.29 -4.35
C GLN A 73 -3.12 16.76 -5.28
N ALA A 74 -3.52 16.27 -6.45
CA ALA A 74 -2.58 15.72 -7.41
C ALA A 74 -1.67 16.83 -7.96
N SER A 75 -0.59 17.11 -7.25
CA SER A 75 0.36 18.13 -7.66
C SER A 75 1.28 17.62 -8.75
N THR A 76 2.18 18.48 -9.24
CA THR A 76 3.12 18.11 -10.28
C THR A 76 4.55 18.42 -9.86
N MET A 77 4.70 19.11 -8.74
CA MET A 77 6.02 19.46 -8.23
C MET A 77 6.78 18.23 -7.76
N ALA A 78 8.01 18.07 -8.22
CA ALA A 78 8.84 16.93 -7.85
C ALA A 78 8.84 16.75 -6.33
N PHE A 79 8.89 17.85 -5.60
CA PHE A 79 8.91 17.80 -4.14
C PHE A 79 7.54 17.36 -3.60
N LYS A 80 6.50 18.08 -4.00
CA LYS A 80 5.14 17.76 -3.56
C LYS A 80 4.82 16.29 -3.79
N GLN A 81 5.20 15.78 -4.94
CA GLN A 81 4.95 14.39 -5.28
C GLN A 81 5.52 13.46 -4.22
N MET A 82 6.83 13.50 -4.04
CA MET A 82 7.49 12.66 -3.04
C MET A 82 7.05 13.03 -1.63
N GLU A 83 6.64 14.28 -1.46
CA GLU A 83 6.18 14.76 -0.16
C GLU A 83 4.85 14.14 0.22
N GLN A 84 3.99 13.92 -0.78
CA GLN A 84 2.68 13.32 -0.56
C GLN A 84 2.82 11.88 -0.07
N ILE A 85 3.80 11.17 -0.62
CA ILE A 85 4.03 9.78 -0.25
C ILE A 85 4.22 9.64 1.26
N SER A 86 5.07 10.49 1.82
CA SER A 86 5.34 10.46 3.26
C SER A 86 4.04 10.50 4.05
N GLN A 87 3.24 11.53 3.81
CA GLN A 87 1.96 11.69 4.51
C GLN A 87 1.29 10.34 4.72
N PHE A 88 1.34 9.49 3.70
CA PHE A 88 0.73 8.16 3.78
C PHE A 88 1.49 7.28 4.76
N LEU A 89 2.79 7.16 4.55
CA LEU A 89 3.64 6.34 5.41
C LEU A 89 3.47 6.74 6.88
N GLN A 90 3.59 8.03 7.15
CA GLN A 90 3.45 8.53 8.52
C GLN A 90 2.30 7.84 9.23
N ALA A 91 1.16 7.75 8.57
CA ALA A 91 -0.02 7.11 9.14
C ALA A 91 0.14 5.59 9.16
N ALA A 92 0.59 5.04 8.03
CA ALA A 92 0.77 3.61 7.90
C ALA A 92 1.34 3.01 9.18
N GLU A 93 2.46 3.56 9.63
CA GLU A 93 3.11 3.07 10.85
C GLU A 93 2.22 3.31 12.06
N ARG A 94 1.71 4.52 12.19
CA ARG A 94 0.84 4.88 13.31
C ARG A 94 -0.39 3.97 13.35
N TYR A 95 -0.70 3.35 12.22
CA TYR A 95 -1.85 2.46 12.12
C TYR A 95 -1.53 1.09 12.71
N GLY A 96 -0.32 0.59 12.44
CA GLY A 96 0.08 -0.70 12.95
C GLY A 96 1.37 -1.20 12.32
N ILE A 97 1.50 -0.99 11.01
CA ILE A 97 2.69 -1.41 10.29
C ILE A 97 3.96 -0.92 10.98
N ASN A 98 5.07 -1.60 10.71
CA ASN A 98 6.35 -1.22 11.30
C ASN A 98 7.25 -0.54 10.28
N THR A 99 7.91 0.54 10.69
CA THR A 99 8.79 1.27 9.80
C THR A 99 9.73 0.34 9.06
N THR A 100 10.28 -0.64 9.78
CA THR A 100 11.21 -1.60 9.20
C THR A 100 10.75 -2.03 7.80
N ASP A 101 9.52 -2.54 7.72
CA ASP A 101 8.96 -2.98 6.45
C ASP A 101 8.68 -1.79 5.53
N ILE A 102 8.08 -0.75 6.10
CA ILE A 102 7.76 0.44 5.33
C ILE A 102 8.92 0.86 4.43
N PHE A 103 8.61 1.22 3.19
CA PHE A 103 9.62 1.63 2.23
C PHE A 103 10.04 3.07 2.46
N GLN A 104 10.92 3.57 1.61
CA GLN A 104 11.41 4.95 1.72
C GLN A 104 10.82 5.82 0.63
N THR A 105 10.35 7.01 1.00
CA THR A 105 9.76 7.94 0.06
C THR A 105 10.48 7.89 -1.29
N VAL A 106 11.79 8.02 -1.25
CA VAL A 106 12.60 7.98 -2.47
C VAL A 106 12.53 6.60 -3.13
N ASP A 107 12.69 5.55 -2.34
CA ASP A 107 12.64 4.19 -2.86
C ASP A 107 11.58 4.06 -3.93
N LEU A 108 10.35 4.45 -3.60
CA LEU A 108 9.24 4.38 -4.54
C LEU A 108 9.28 5.54 -5.53
N TRP A 109 9.46 6.75 -5.00
CA TRP A 109 9.52 7.95 -5.83
C TRP A 109 10.43 7.73 -7.04
N GLU A 110 11.71 7.49 -6.76
CA GLU A 110 12.67 7.27 -7.84
C GLU A 110 12.62 5.82 -8.33
N GLY A 111 11.82 5.01 -7.66
CA GLY A 111 11.68 3.61 -8.05
C GLY A 111 12.99 2.86 -7.96
N LYS A 112 13.86 3.29 -7.06
CA LYS A 112 15.16 2.66 -6.87
C LYS A 112 15.01 1.15 -6.64
N ASN A 113 14.28 0.79 -5.58
CA ASN A 113 14.06 -0.61 -5.26
C ASN A 113 12.56 -0.90 -5.14
N MET A 114 11.96 -1.32 -6.25
CA MET A 114 10.54 -1.64 -6.28
C MET A 114 10.28 -2.99 -5.63
N ALA A 115 10.85 -3.20 -4.45
CA ALA A 115 10.68 -4.45 -3.73
C ALA A 115 10.37 -4.21 -2.26
N CYS A 116 10.33 -2.93 -1.88
CA CYS A 116 10.05 -2.56 -0.50
C CYS A 116 8.61 -2.07 -0.36
N VAL A 117 8.21 -1.16 -1.25
CA VAL A 117 6.87 -0.60 -1.23
C VAL A 117 5.82 -1.70 -1.47
N GLN A 118 6.17 -2.67 -2.30
CA GLN A 118 5.26 -3.77 -2.62
C GLN A 118 4.81 -4.48 -1.35
N ARG A 119 5.77 -5.02 -0.61
CA ARG A 119 5.47 -5.74 0.63
C ARG A 119 4.80 -4.81 1.64
N THR A 120 5.25 -3.56 1.67
CA THR A 120 4.70 -2.57 2.60
C THR A 120 3.18 -2.50 2.47
N LEU A 121 2.70 -2.21 1.27
CA LEU A 121 1.27 -2.11 1.02
C LEU A 121 0.54 -3.34 1.54
N MET A 122 1.02 -4.52 1.16
CA MET A 122 0.41 -5.77 1.59
C MET A 122 0.12 -5.74 3.09
N ASN A 123 1.15 -5.54 3.89
CA ASN A 123 1.01 -5.50 5.34
C ASN A 123 -0.25 -4.71 5.74
N LEU A 124 -0.41 -3.54 5.14
CA LEU A 124 -1.57 -2.69 5.42
C LEU A 124 -2.87 -3.48 5.31
N GLY A 125 -3.00 -4.22 4.20
CA GLY A 125 -4.20 -5.01 3.99
C GLY A 125 -4.35 -6.11 5.02
N GLY A 126 -3.35 -6.97 5.13
CA GLY A 126 -3.39 -8.06 6.07
C GLY A 126 -3.76 -7.60 7.47
N LEU A 127 -3.31 -6.40 7.83
CA LEU A 127 -3.59 -5.84 9.15
C LEU A 127 -5.07 -5.49 9.28
N ALA A 128 -5.59 -4.75 8.31
CA ALA A 128 -6.99 -4.35 8.31
C ALA A 128 -7.91 -5.55 8.54
N VAL A 129 -7.67 -6.61 7.79
CA VAL A 129 -8.47 -7.82 7.91
C VAL A 129 -8.40 -8.39 9.32
N ALA A 130 -7.43 -7.92 10.10
CA ALA A 130 -7.25 -8.38 11.47
C ALA A 130 -7.88 -7.41 12.46
N ARG A 131 -8.68 -6.49 11.94
CA ARG A 131 -9.35 -5.49 12.78
C ARG A 131 -10.85 -5.73 12.81
N ASP A 132 -11.55 -4.91 13.58
CA ASP A 132 -13.01 -5.03 13.71
C ASP A 132 -13.69 -3.75 13.23
N ASP A 133 -12.92 -2.83 12.68
CA ASP A 133 -13.45 -1.57 12.19
C ASP A 133 -14.58 -1.80 11.21
N GLY A 134 -14.52 -2.91 10.48
CA GLY A 134 -15.55 -3.24 9.51
C GLY A 134 -15.63 -2.22 8.40
N LEU A 135 -14.49 -1.74 7.95
CA LEU A 135 -14.43 -0.74 6.88
C LEU A 135 -13.70 -1.28 5.66
N PHE A 136 -12.62 -2.01 5.91
CA PHE A 136 -11.82 -2.60 4.83
C PHE A 136 -12.72 -3.07 3.69
N SER A 137 -12.29 -2.81 2.46
CA SER A 137 -13.05 -3.19 1.29
C SER A 137 -12.23 -4.10 0.38
N GLY A 138 -12.85 -4.60 -0.68
CA GLY A 138 -12.16 -5.48 -1.61
C GLY A 138 -12.32 -6.94 -1.25
N ASP A 139 -11.23 -7.69 -1.33
CA ASP A 139 -11.25 -9.12 -1.02
C ASP A 139 -10.32 -9.42 0.15
N PRO A 140 -10.89 -10.05 1.20
CA PRO A 140 -10.13 -10.42 2.41
C PRO A 140 -9.13 -11.53 2.15
N ASN A 141 -9.40 -12.34 1.12
CA ASN A 141 -8.53 -13.45 0.77
C ASN A 141 -7.15 -12.96 0.36
N TRP A 142 -7.12 -11.87 -0.42
CA TRP A 142 -5.86 -11.29 -0.87
C TRP A 142 -4.83 -11.27 0.25
N PHE A 143 -5.26 -10.83 1.43
CA PHE A 143 -4.37 -10.76 2.59
C PHE A 143 -4.82 -11.74 3.67
N PRO A 144 -3.92 -12.66 4.04
CA PRO A 144 -4.19 -13.66 5.06
C PRO A 144 -4.29 -13.05 6.46
N LYS A 145 -4.57 -13.89 7.45
CA LYS A 145 -4.69 -13.44 8.83
C LYS A 145 -3.34 -13.53 9.55
N LYS A 146 -3.12 -12.61 10.47
CA LYS A 146 -1.87 -12.57 11.23
C LYS A 146 -1.85 -13.67 12.29
N SER A 147 -1.04 -14.70 12.06
CA SER A 147 -0.93 -15.81 12.99
C SER A 147 -1.06 -15.33 14.43
N LYS A 148 -2.00 -15.92 15.17
CA LYS A 148 -2.23 -15.55 16.56
C LYS A 148 -1.56 -16.54 17.50
N GLU A 149 -0.48 -16.10 18.14
CA GLU A 149 0.26 -16.95 19.07
C GLU A 149 -0.69 -17.70 19.99
N SER A 150 -0.67 -19.02 19.93
CA SER A 150 -1.53 -19.86 20.76
C SER A 150 -0.86 -20.19 22.09
N GLY A 151 0.19 -21.00 22.03
CA GLY A 151 0.90 -21.38 23.24
C GLY A 151 2.11 -22.24 22.96
N PRO A 152 1.94 -23.57 23.07
CA PRO A 152 3.02 -24.53 22.81
C PRO A 152 3.40 -24.61 21.34
N SER A 153 2.41 -24.78 20.48
CA SER A 153 2.65 -24.86 19.04
C SER A 153 3.38 -23.63 18.54
N SER A 154 3.90 -23.71 17.32
CA SER A 154 4.63 -22.60 16.72
C SER A 154 4.06 -22.27 15.35
N GLY A 155 3.95 -20.97 15.07
CA GLY A 155 3.42 -20.52 13.79
C GLY A 155 4.27 -19.46 13.14
N GLY A 1 -6.56 -31.38 -14.98
CA GLY A 1 -5.87 -30.99 -13.77
C GLY A 1 -6.68 -30.04 -12.91
N SER A 2 -6.03 -29.02 -12.38
CA SER A 2 -6.71 -28.04 -11.53
C SER A 2 -7.38 -28.72 -10.34
N SER A 3 -6.67 -29.67 -9.74
CA SER A 3 -7.19 -30.41 -8.59
C SER A 3 -6.97 -29.62 -7.30
N GLY A 4 -5.77 -29.08 -7.14
CA GLY A 4 -5.45 -28.31 -5.95
C GLY A 4 -4.14 -27.57 -6.07
N SER A 5 -4.12 -26.31 -5.65
CA SER A 5 -2.92 -25.50 -5.71
C SER A 5 -2.79 -24.61 -4.48
N SER A 6 -1.80 -24.90 -3.65
CA SER A 6 -1.57 -24.14 -2.42
C SER A 6 -0.16 -24.38 -1.89
N GLY A 7 0.32 -23.46 -1.06
CA GLY A 7 1.65 -23.59 -0.49
C GLY A 7 2.73 -23.06 -1.41
N GLN A 8 2.57 -21.81 -1.86
CA GLN A 8 3.54 -21.20 -2.76
C GLN A 8 4.60 -20.43 -1.97
N LYS A 9 5.56 -19.85 -2.68
CA LYS A 9 6.62 -19.09 -2.05
C LYS A 9 7.10 -17.96 -2.95
N ILE A 10 7.97 -17.11 -2.42
CA ILE A 10 8.51 -15.99 -3.19
C ILE A 10 9.77 -16.39 -3.95
N GLU A 11 9.81 -16.01 -5.23
CA GLU A 11 10.97 -16.33 -6.06
C GLU A 11 12.01 -15.23 -5.99
N LYS A 12 11.59 -14.04 -5.58
CA LYS A 12 12.49 -12.89 -5.47
C LYS A 12 11.78 -11.70 -4.85
N GLN A 13 12.54 -10.64 -4.56
CA GLN A 13 11.97 -9.44 -3.98
C GLN A 13 10.67 -9.04 -4.66
N TYR A 14 10.79 -8.51 -5.87
CA TYR A 14 9.62 -8.09 -6.64
C TYR A 14 8.57 -9.19 -6.69
N ASP A 15 7.42 -8.93 -6.09
CA ASP A 15 6.33 -9.89 -6.06
C ASP A 15 5.31 -9.61 -7.17
N ALA A 16 5.32 -10.44 -8.21
CA ALA A 16 4.41 -10.29 -9.33
C ALA A 16 3.00 -10.72 -8.95
N ASP A 17 2.89 -11.92 -8.38
CA ASP A 17 1.59 -12.46 -7.98
C ASP A 17 0.91 -11.52 -6.99
N LEU A 18 1.71 -10.76 -6.25
CA LEU A 18 1.18 -9.83 -5.26
C LEU A 18 0.83 -8.50 -5.91
N GLU A 19 1.71 -8.02 -6.79
CA GLU A 19 1.49 -6.75 -7.47
C GLU A 19 0.12 -6.72 -8.14
N GLN A 20 -0.10 -7.65 -9.08
CA GLN A 20 -1.37 -7.73 -9.79
C GLN A 20 -2.54 -7.61 -8.83
N ILE A 21 -2.37 -8.12 -7.62
CA ILE A 21 -3.41 -8.06 -6.61
C ILE A 21 -3.49 -6.69 -5.96
N LEU A 22 -2.32 -6.12 -5.64
CA LEU A 22 -2.24 -4.81 -5.02
C LEU A 22 -3.04 -3.79 -5.82
N ILE A 23 -2.79 -3.73 -7.12
CA ILE A 23 -3.51 -2.79 -7.99
C ILE A 23 -5.01 -3.01 -7.92
N GLN A 24 -5.42 -4.28 -7.86
CA GLN A 24 -6.83 -4.62 -7.78
C GLN A 24 -7.44 -4.19 -6.45
N TRP A 25 -6.71 -4.45 -5.37
CA TRP A 25 -7.18 -4.09 -4.03
C TRP A 25 -7.28 -2.58 -3.89
N ILE A 26 -6.20 -1.88 -4.24
CA ILE A 26 -6.17 -0.43 -4.15
C ILE A 26 -7.33 0.19 -4.91
N THR A 27 -7.42 -0.12 -6.20
CA THR A 27 -8.48 0.40 -7.05
C THR A 27 -9.85 0.19 -6.42
N THR A 28 -9.98 -0.90 -5.67
CA THR A 28 -11.24 -1.22 -5.00
C THR A 28 -11.44 -0.37 -3.76
N GLN A 29 -10.50 -0.49 -2.81
CA GLN A 29 -10.58 0.28 -1.57
C GLN A 29 -10.99 1.72 -1.83
N CYS A 30 -10.26 2.38 -2.73
CA CYS A 30 -10.54 3.77 -3.07
C CYS A 30 -11.88 3.88 -3.81
N ARG A 31 -12.74 4.77 -3.33
CA ARG A 31 -14.05 4.97 -3.94
C ARG A 31 -13.91 5.63 -5.32
N LYS A 32 -13.33 6.83 -5.33
CA LYS A 32 -13.14 7.56 -6.58
C LYS A 32 -12.04 6.92 -7.43
N ASP A 33 -12.32 6.78 -8.72
CA ASP A 33 -11.36 6.18 -9.64
C ASP A 33 -10.14 7.06 -9.81
N VAL A 34 -9.05 6.69 -9.13
CA VAL A 34 -7.81 7.46 -9.20
C VAL A 34 -7.19 7.38 -10.60
N GLY A 35 -7.56 6.34 -11.33
CA GLY A 35 -7.03 6.16 -12.68
C GLY A 35 -6.16 4.94 -12.81
N ARG A 36 -6.75 3.77 -12.67
CA ARG A 36 -6.01 2.51 -12.77
C ARG A 36 -5.10 2.51 -13.99
N PRO A 37 -3.79 2.49 -13.75
CA PRO A 37 -2.79 2.48 -14.82
C PRO A 37 -2.77 1.17 -15.59
N GLN A 38 -1.75 0.99 -16.43
CA GLN A 38 -1.61 -0.22 -17.23
C GLN A 38 -1.08 -1.37 -16.38
N PRO A 39 -1.45 -2.60 -16.75
CA PRO A 39 -1.02 -3.81 -16.04
C PRO A 39 0.47 -4.10 -16.24
N GLY A 40 1.30 -3.45 -15.43
CA GLY A 40 2.73 -3.64 -15.52
C GLY A 40 3.45 -3.36 -14.22
N ARG A 41 4.78 -3.24 -14.29
CA ARG A 41 5.58 -2.97 -13.10
C ARG A 41 6.20 -1.57 -13.16
N GLU A 42 6.45 -1.11 -14.39
CA GLU A 42 7.04 0.21 -14.59
C GLU A 42 6.04 1.32 -14.26
N ASN A 43 4.76 1.02 -14.45
CA ASN A 43 3.70 1.99 -14.17
C ASN A 43 3.41 2.05 -12.68
N PHE A 44 3.11 0.90 -12.08
CA PHE A 44 2.80 0.82 -10.66
C PHE A 44 3.63 1.83 -9.88
N GLN A 45 4.92 1.91 -10.20
CA GLN A 45 5.82 2.84 -9.52
C GLN A 45 5.36 4.28 -9.71
N ASN A 46 5.07 4.64 -10.95
CA ASN A 46 4.61 5.99 -11.26
C ASN A 46 3.22 6.24 -10.71
N TRP A 47 2.44 5.17 -10.57
CA TRP A 47 1.09 5.27 -10.05
C TRP A 47 1.08 5.85 -8.64
N LEU A 48 1.97 5.35 -7.80
CA LEU A 48 2.07 5.81 -6.42
C LEU A 48 3.11 6.92 -6.30
N LYS A 49 3.98 7.03 -7.29
CA LYS A 49 5.02 8.05 -7.30
C LYS A 49 4.46 9.42 -6.96
N ASP A 50 3.19 9.63 -7.33
CA ASP A 50 2.53 10.91 -7.06
C ASP A 50 2.08 10.98 -5.60
N GLY A 51 1.59 9.86 -5.08
CA GLY A 51 1.12 9.84 -3.71
C GLY A 51 -0.38 9.88 -3.60
N THR A 52 -1.02 10.73 -4.42
CA THR A 52 -2.46 10.87 -4.41
C THR A 52 -3.15 9.50 -4.29
N VAL A 53 -2.51 8.48 -4.86
CA VAL A 53 -3.06 7.13 -4.82
C VAL A 53 -2.88 6.50 -3.45
N LEU A 54 -1.67 6.61 -2.91
CA LEU A 54 -1.35 6.05 -1.60
C LEU A 54 -2.29 6.61 -0.53
N CYS A 55 -2.66 7.88 -0.68
CA CYS A 55 -3.56 8.54 0.27
C CYS A 55 -4.95 7.92 0.22
N GLU A 56 -5.54 7.90 -0.97
CA GLU A 56 -6.87 7.32 -1.15
C GLU A 56 -7.01 6.01 -0.40
N LEU A 57 -5.89 5.28 -0.29
CA LEU A 57 -5.89 3.99 0.40
C LEU A 57 -6.06 4.18 1.90
N ILE A 58 -4.99 4.62 2.55
CA ILE A 58 -5.01 4.84 3.99
C ILE A 58 -6.24 5.65 4.40
N ASN A 59 -6.69 6.53 3.51
CA ASN A 59 -7.86 7.36 3.77
C ASN A 59 -9.13 6.52 3.83
N ALA A 60 -9.28 5.62 2.84
CA ALA A 60 -10.44 4.76 2.78
C ALA A 60 -10.65 4.02 4.09
N LEU A 61 -9.58 3.44 4.62
CA LEU A 61 -9.65 2.70 5.88
C LEU A 61 -10.20 3.58 7.00
N TYR A 62 -9.45 4.60 7.37
CA TYR A 62 -9.87 5.52 8.43
C TYR A 62 -11.16 6.22 8.05
N PRO A 63 -12.05 6.41 9.05
CA PRO A 63 -13.34 7.07 8.85
C PRO A 63 -13.18 8.56 8.58
N GLU A 64 -14.31 9.24 8.38
CA GLU A 64 -14.30 10.67 8.10
C GLU A 64 -13.68 11.45 9.26
N GLY A 65 -12.76 12.34 8.93
CA GLY A 65 -12.10 13.14 9.96
C GLY A 65 -10.84 12.47 10.48
N GLN A 66 -10.94 11.20 10.82
CA GLN A 66 -9.80 10.45 11.34
C GLN A 66 -8.71 10.33 10.28
N ALA A 67 -9.11 10.26 9.02
CA ALA A 67 -8.17 10.15 7.92
C ALA A 67 -6.95 11.04 8.14
N PRO A 68 -5.75 10.44 8.06
CA PRO A 68 -4.49 11.16 8.25
C PRO A 68 -4.20 12.14 7.11
N VAL A 69 -4.65 11.79 5.91
CA VAL A 69 -4.44 12.63 4.73
C VAL A 69 -5.76 13.09 4.15
N LYS A 70 -6.17 14.31 4.51
CA LYS A 70 -7.41 14.87 4.01
C LYS A 70 -7.21 15.57 2.67
N LYS A 71 -6.12 16.33 2.57
CA LYS A 71 -5.81 17.05 1.33
C LYS A 71 -5.21 16.09 0.29
N ILE A 72 -5.95 15.87 -0.79
CA ILE A 72 -5.49 15.00 -1.86
C ILE A 72 -5.64 15.66 -3.22
N GLN A 73 -4.55 16.26 -3.70
CA GLN A 73 -4.56 16.93 -4.99
C GLN A 73 -3.25 16.68 -5.75
N ALA A 74 -3.33 15.93 -6.83
CA ALA A 74 -2.16 15.62 -7.64
C ALA A 74 -1.33 16.86 -7.91
N SER A 75 -0.14 16.92 -7.31
CA SER A 75 0.74 18.06 -7.47
C SER A 75 1.60 17.91 -8.74
N THR A 76 1.35 18.78 -9.71
CA THR A 76 2.09 18.74 -10.97
C THR A 76 3.59 18.91 -10.73
N MET A 77 3.94 19.29 -9.51
CA MET A 77 5.34 19.48 -9.15
C MET A 77 6.00 18.16 -8.80
N ALA A 78 7.28 18.21 -8.46
CA ALA A 78 8.03 17.01 -8.10
C ALA A 78 8.34 16.99 -6.60
N PHE A 79 8.49 18.17 -6.02
CA PHE A 79 8.78 18.28 -4.59
C PHE A 79 7.53 18.06 -3.75
N LYS A 80 6.38 18.38 -4.33
CA LYS A 80 5.10 18.20 -3.64
C LYS A 80 4.66 16.75 -3.66
N GLN A 81 4.79 16.11 -4.81
CA GLN A 81 4.40 14.71 -4.95
C GLN A 81 5.15 13.83 -3.96
N MET A 82 6.48 13.83 -4.06
CA MET A 82 7.31 13.03 -3.16
C MET A 82 6.82 13.15 -1.73
N GLU A 83 6.54 14.37 -1.29
CA GLU A 83 6.07 14.61 0.06
C GLU A 83 4.70 13.96 0.28
N GLN A 84 3.90 13.90 -0.78
CA GLN A 84 2.57 13.31 -0.71
C GLN A 84 2.65 11.86 -0.26
N ILE A 85 3.74 11.19 -0.59
CA ILE A 85 3.94 9.80 -0.23
C ILE A 85 4.19 9.65 1.27
N SER A 86 5.11 10.44 1.79
CA SER A 86 5.45 10.41 3.21
C SER A 86 4.19 10.47 4.07
N GLN A 87 3.36 11.49 3.81
CA GLN A 87 2.12 11.66 4.56
C GLN A 87 1.49 10.31 4.89
N PHE A 88 1.40 9.44 3.89
CA PHE A 88 0.82 8.12 4.08
C PHE A 88 1.63 7.29 5.07
N LEU A 89 2.93 7.15 4.79
CA LEU A 89 3.81 6.39 5.66
C LEU A 89 3.60 6.76 7.13
N GLN A 90 3.77 8.04 7.43
CA GLN A 90 3.59 8.52 8.80
C GLN A 90 2.36 7.88 9.45
N ALA A 91 1.33 7.65 8.65
CA ALA A 91 0.10 7.05 9.15
C ALA A 91 0.19 5.52 9.11
N ALA A 92 0.90 5.00 8.12
CA ALA A 92 1.07 3.55 7.98
C ALA A 92 1.64 2.95 9.25
N GLU A 93 2.74 3.52 9.74
CA GLU A 93 3.39 3.02 10.95
C GLU A 93 2.47 3.19 12.16
N ARG A 94 1.93 4.39 12.33
CA ARG A 94 1.04 4.67 13.45
C ARG A 94 -0.18 3.77 13.41
N TYR A 95 -0.53 3.29 12.22
CA TYR A 95 -1.68 2.42 12.05
C TYR A 95 -1.39 1.02 12.58
N GLY A 96 -0.13 0.62 12.52
CA GLY A 96 0.26 -0.69 13.00
C GLY A 96 1.52 -1.21 12.31
N ILE A 97 1.62 -0.98 11.01
CA ILE A 97 2.77 -1.42 10.24
C ILE A 97 4.07 -1.06 10.95
N ASN A 98 5.10 -1.88 10.74
CA ASN A 98 6.40 -1.64 11.35
C ASN A 98 7.38 -1.05 10.33
N THR A 99 8.03 0.05 10.72
CA THR A 99 8.99 0.71 9.84
C THR A 99 9.99 -0.29 9.27
N THR A 100 10.08 -1.45 9.90
CA THR A 100 11.00 -2.49 9.45
C THR A 100 10.60 -3.04 8.09
N ASP A 101 9.45 -2.58 7.59
CA ASP A 101 8.94 -3.02 6.30
C ASP A 101 8.62 -1.83 5.41
N ILE A 102 8.17 -0.73 6.02
CA ILE A 102 7.82 0.48 5.29
C ILE A 102 8.96 0.89 4.34
N PHE A 103 8.59 1.19 3.11
CA PHE A 103 9.57 1.60 2.10
C PHE A 103 10.01 3.04 2.33
N GLN A 104 10.90 3.53 1.47
CA GLN A 104 11.40 4.89 1.58
C GLN A 104 10.75 5.79 0.53
N THR A 105 10.22 6.94 0.98
CA THR A 105 9.57 7.88 0.09
C THR A 105 10.24 7.89 -1.29
N VAL A 106 11.57 7.95 -1.29
CA VAL A 106 12.32 7.96 -2.54
C VAL A 106 12.28 6.60 -3.22
N ASP A 107 12.60 5.56 -2.47
CA ASP A 107 12.60 4.20 -3.01
C ASP A 107 11.49 4.02 -4.03
N LEU A 108 10.29 4.53 -3.71
CA LEU A 108 9.15 4.42 -4.60
C LEU A 108 9.12 5.58 -5.59
N TRP A 109 9.42 6.78 -5.09
CA TRP A 109 9.43 7.98 -5.94
C TRP A 109 10.37 7.78 -7.12
N GLU A 110 11.67 7.74 -6.85
CA GLU A 110 12.67 7.57 -7.89
C GLU A 110 12.66 6.15 -8.42
N GLY A 111 12.06 5.24 -7.66
CA GLY A 111 12.00 3.84 -8.07
C GLY A 111 13.28 3.09 -7.78
N LYS A 112 14.10 3.65 -6.90
CA LYS A 112 15.37 3.03 -6.54
C LYS A 112 15.15 1.62 -5.98
N ASN A 113 14.21 1.50 -5.05
CA ASN A 113 13.89 0.21 -4.45
C ASN A 113 12.42 -0.15 -4.66
N MET A 114 12.08 -0.48 -5.90
CA MET A 114 10.70 -0.85 -6.23
C MET A 114 10.44 -2.31 -5.90
N ALA A 115 11.02 -2.79 -4.81
CA ALA A 115 10.85 -4.17 -4.39
C ALA A 115 10.49 -4.26 -2.90
N CYS A 116 10.45 -3.09 -2.25
CA CYS A 116 10.12 -3.04 -0.83
C CYS A 116 8.69 -2.54 -0.62
N VAL A 117 8.34 -1.46 -1.30
CA VAL A 117 7.00 -0.89 -1.18
C VAL A 117 5.93 -1.90 -1.59
N GLN A 118 6.28 -2.80 -2.50
CA GLN A 118 5.35 -3.82 -2.96
C GLN A 118 4.74 -4.58 -1.79
N ARG A 119 5.56 -4.84 -0.77
CA ARG A 119 5.09 -5.55 0.41
C ARG A 119 4.47 -4.59 1.42
N THR A 120 5.18 -3.51 1.72
CA THR A 120 4.69 -2.52 2.67
C THR A 120 3.18 -2.35 2.57
N LEU A 121 2.67 -2.31 1.35
CA LEU A 121 1.24 -2.16 1.11
C LEU A 121 0.47 -3.37 1.65
N MET A 122 0.79 -4.55 1.12
CA MET A 122 0.13 -5.77 1.56
C MET A 122 -0.12 -5.76 3.06
N ASN A 123 0.89 -5.35 3.81
CA ASN A 123 0.79 -5.29 5.27
C ASN A 123 -0.43 -4.48 5.69
N LEU A 124 -0.62 -3.32 5.07
CA LEU A 124 -1.74 -2.45 5.38
C LEU A 124 -3.07 -3.20 5.25
N GLY A 125 -3.17 -4.03 4.21
CA GLY A 125 -4.39 -4.79 3.99
C GLY A 125 -4.55 -5.91 5.01
N GLY A 126 -3.57 -6.80 5.06
CA GLY A 126 -3.63 -7.92 6.00
C GLY A 126 -3.99 -7.47 7.41
N LEU A 127 -3.48 -6.31 7.80
CA LEU A 127 -3.73 -5.77 9.14
C LEU A 127 -5.20 -5.38 9.29
N ALA A 128 -5.70 -4.62 8.31
CA ALA A 128 -7.09 -4.18 8.33
C ALA A 128 -8.04 -5.36 8.54
N VAL A 129 -7.78 -6.45 7.83
CA VAL A 129 -8.61 -7.64 7.94
C VAL A 129 -8.54 -8.24 9.34
N ALA A 130 -7.52 -7.83 10.11
CA ALA A 130 -7.35 -8.32 11.46
C ALA A 130 -7.92 -7.35 12.48
N ARG A 131 -8.90 -6.56 12.05
CA ARG A 131 -9.54 -5.58 12.92
C ARG A 131 -11.01 -5.92 13.15
N ASP A 132 -11.73 -6.19 12.06
CA ASP A 132 -13.14 -6.53 12.15
C ASP A 132 -13.97 -5.33 12.58
N ASP A 133 -13.48 -4.13 12.28
CA ASP A 133 -14.18 -2.90 12.63
C ASP A 133 -15.29 -2.61 11.64
N GLY A 134 -15.06 -2.93 10.38
CA GLY A 134 -16.06 -2.68 9.34
C GLY A 134 -15.67 -1.53 8.44
N LEU A 135 -14.46 -1.58 7.91
CA LEU A 135 -13.96 -0.54 7.02
C LEU A 135 -13.32 -1.13 5.78
N PHE A 136 -12.39 -2.06 6.00
CA PHE A 136 -11.69 -2.72 4.90
C PHE A 136 -12.66 -3.07 3.77
N SER A 137 -12.14 -3.14 2.55
CA SER A 137 -12.96 -3.47 1.39
C SER A 137 -12.24 -4.45 0.47
N GLY A 138 -12.91 -4.85 -0.61
CA GLY A 138 -12.32 -5.79 -1.55
C GLY A 138 -12.43 -7.21 -1.08
N ASP A 139 -11.57 -8.08 -1.62
CA ASP A 139 -11.58 -9.49 -1.25
C ASP A 139 -10.67 -9.75 -0.05
N PRO A 140 -11.26 -10.29 1.03
CA PRO A 140 -10.52 -10.60 2.25
C PRO A 140 -9.54 -11.75 2.08
N ASN A 141 -9.54 -12.34 0.89
CA ASN A 141 -8.66 -13.46 0.58
C ASN A 141 -7.26 -12.97 0.22
N TRP A 142 -7.20 -11.92 -0.60
CA TRP A 142 -5.93 -11.36 -1.02
C TRP A 142 -4.94 -11.30 0.14
N PHE A 143 -5.44 -10.87 1.31
CA PHE A 143 -4.59 -10.77 2.49
C PHE A 143 -5.11 -11.67 3.61
N PRO A 144 -4.30 -12.68 3.97
CA PRO A 144 -4.66 -13.64 5.02
C PRO A 144 -4.65 -13.00 6.41
N LYS A 145 -4.83 -13.84 7.43
CA LYS A 145 -4.85 -13.36 8.81
C LYS A 145 -3.68 -13.92 9.60
N LYS A 146 -3.42 -13.35 10.77
CA LYS A 146 -2.33 -13.80 11.62
C LYS A 146 -2.80 -14.90 12.57
N SER A 147 -3.60 -14.52 13.56
CA SER A 147 -4.11 -15.48 14.53
C SER A 147 -5.00 -16.52 13.85
N LYS A 148 -4.90 -17.76 14.31
CA LYS A 148 -5.70 -18.86 13.75
C LYS A 148 -6.79 -19.29 14.73
N GLU A 149 -7.90 -19.77 14.19
CA GLU A 149 -9.02 -20.22 15.01
C GLU A 149 -8.90 -21.71 15.31
N SER A 150 -7.72 -22.13 15.75
CA SER A 150 -7.46 -23.54 16.07
C SER A 150 -8.64 -24.13 16.83
N GLY A 151 -9.21 -23.35 17.75
CA GLY A 151 -10.33 -23.81 18.54
C GLY A 151 -10.15 -23.54 20.01
N PRO A 152 -9.14 -24.18 20.63
CA PRO A 152 -8.85 -24.02 22.06
C PRO A 152 -8.30 -22.64 22.38
N SER A 153 -7.61 -22.04 21.41
CA SER A 153 -7.02 -20.72 21.60
C SER A 153 -7.95 -19.82 22.42
N SER A 154 -7.47 -19.38 23.57
CA SER A 154 -8.26 -18.52 24.44
C SER A 154 -8.45 -17.14 23.83
N GLY A 155 -9.71 -16.72 23.74
CA GLY A 155 -10.01 -15.42 23.16
C GLY A 155 -9.60 -14.27 24.06
N GLY A 1 -2.69 -33.01 1.26
CA GLY A 1 -3.17 -32.50 -0.02
C GLY A 1 -2.07 -31.84 -0.83
N SER A 2 -2.09 -30.51 -0.87
CA SER A 2 -1.08 -29.76 -1.62
C SER A 2 -0.14 -29.02 -0.67
N SER A 3 1.02 -28.63 -1.20
CA SER A 3 2.01 -27.92 -0.40
C SER A 3 1.52 -26.53 -0.02
N GLY A 4 1.80 -26.14 1.22
CA GLY A 4 1.36 -24.83 1.69
C GLY A 4 1.28 -24.76 3.20
N SER A 5 2.31 -24.19 3.82
CA SER A 5 2.34 -24.07 5.28
C SER A 5 1.94 -22.65 5.72
N SER A 6 0.70 -22.51 6.14
CA SER A 6 0.19 -21.22 6.59
C SER A 6 0.18 -20.21 5.44
N GLY A 7 -0.20 -20.68 4.25
CA GLY A 7 -0.24 -19.81 3.09
C GLY A 7 1.04 -19.00 2.93
N GLN A 8 0.89 -17.71 2.63
CA GLN A 8 2.03 -16.84 2.44
C GLN A 8 3.20 -17.59 1.81
N LYS A 9 2.88 -18.48 0.88
CA LYS A 9 3.90 -19.27 0.19
C LYS A 9 4.70 -18.39 -0.77
N ILE A 10 5.93 -18.80 -1.04
CA ILE A 10 6.80 -18.06 -1.95
C ILE A 10 6.52 -16.56 -1.88
N GLU A 11 6.59 -16.01 -0.67
CA GLU A 11 6.34 -14.59 -0.47
C GLU A 11 7.64 -13.81 -0.44
N LYS A 12 8.13 -13.42 -1.62
CA LYS A 12 9.37 -12.67 -1.73
C LYS A 12 9.09 -11.22 -2.12
N GLN A 13 10.10 -10.36 -1.95
CA GLN A 13 9.96 -8.94 -2.28
C GLN A 13 9.77 -8.76 -3.79
N TYR A 14 9.26 -7.60 -4.18
CA TYR A 14 9.03 -7.30 -5.59
C TYR A 14 8.42 -8.50 -6.30
N ASP A 15 7.31 -9.00 -5.78
CA ASP A 15 6.63 -10.14 -6.38
C ASP A 15 5.63 -9.69 -7.43
N ALA A 16 5.27 -10.60 -8.33
CA ALA A 16 4.32 -10.30 -9.40
C ALA A 16 2.92 -10.75 -9.02
N ASP A 17 2.82 -11.88 -8.33
CA ASP A 17 1.54 -12.41 -7.90
C ASP A 17 0.81 -11.43 -7.01
N LEU A 18 1.54 -10.84 -6.07
CA LEU A 18 0.96 -9.86 -5.15
C LEU A 18 0.75 -8.52 -5.83
N GLU A 19 1.66 -8.18 -6.74
CA GLU A 19 1.58 -6.91 -7.46
C GLU A 19 0.20 -6.73 -8.10
N GLN A 20 -0.16 -7.67 -8.98
CA GLN A 20 -1.44 -7.62 -9.66
C GLN A 20 -2.59 -7.51 -8.66
N ILE A 21 -2.41 -8.10 -7.48
CA ILE A 21 -3.42 -8.07 -6.44
C ILE A 21 -3.50 -6.68 -5.79
N LEU A 22 -2.34 -6.08 -5.58
CA LEU A 22 -2.27 -4.75 -4.97
C LEU A 22 -3.14 -3.75 -5.74
N ILE A 23 -2.87 -3.61 -7.02
CA ILE A 23 -3.62 -2.69 -7.87
C ILE A 23 -5.12 -2.97 -7.78
N GLN A 24 -5.48 -4.24 -7.86
CA GLN A 24 -6.89 -4.64 -7.79
C GLN A 24 -7.51 -4.17 -6.48
N TRP A 25 -6.82 -4.43 -5.37
CA TRP A 25 -7.31 -4.03 -4.06
C TRP A 25 -7.35 -2.51 -3.92
N ILE A 26 -6.19 -1.87 -4.04
CA ILE A 26 -6.10 -0.42 -3.94
C ILE A 26 -7.22 0.25 -4.71
N THR A 27 -7.38 -0.12 -5.97
CA THR A 27 -8.41 0.45 -6.82
C THR A 27 -9.79 0.26 -6.21
N THR A 28 -9.98 -0.86 -5.51
CA THR A 28 -11.25 -1.17 -4.88
C THR A 28 -11.42 -0.38 -3.59
N GLN A 29 -10.54 -0.63 -2.63
CA GLN A 29 -10.59 0.06 -1.35
C GLN A 29 -11.07 1.50 -1.51
N CYS A 30 -10.43 2.24 -2.41
CA CYS A 30 -10.79 3.62 -2.66
C CYS A 30 -12.19 3.71 -3.26
N ARG A 31 -12.90 4.79 -2.93
CA ARG A 31 -14.26 4.99 -3.42
C ARG A 31 -14.24 5.43 -4.89
N LYS A 32 -13.41 6.43 -5.20
CA LYS A 32 -13.30 6.94 -6.55
C LYS A 32 -12.21 6.20 -7.32
N ASP A 33 -12.26 6.30 -8.65
CA ASP A 33 -11.28 5.64 -9.50
C ASP A 33 -10.10 6.58 -9.80
N VAL A 34 -9.13 6.61 -8.89
CA VAL A 34 -7.95 7.47 -9.05
C VAL A 34 -7.46 7.44 -10.50
N GLY A 35 -7.55 6.27 -11.13
CA GLY A 35 -7.10 6.14 -12.50
C GLY A 35 -6.35 4.84 -12.74
N ARG A 36 -6.96 3.73 -12.36
CA ARG A 36 -6.34 2.42 -12.53
C ARG A 36 -5.48 2.38 -13.80
N PRO A 37 -4.17 2.61 -13.62
CA PRO A 37 -3.21 2.62 -14.73
C PRO A 37 -3.00 1.22 -15.32
N GLN A 38 -2.29 1.16 -16.44
CA GLN A 38 -2.01 -0.11 -17.10
C GLN A 38 -1.11 -0.99 -16.23
N PRO A 39 -1.27 -2.31 -16.36
CA PRO A 39 -0.49 -3.29 -15.60
C PRO A 39 0.97 -3.33 -16.04
N GLY A 40 1.88 -3.13 -15.09
CA GLY A 40 3.29 -3.15 -15.39
C GLY A 40 4.16 -2.83 -14.19
N ARG A 41 5.40 -3.30 -14.21
CA ARG A 41 6.32 -3.07 -13.11
C ARG A 41 6.73 -1.59 -13.04
N GLU A 42 6.64 -0.91 -14.17
CA GLU A 42 7.00 0.50 -14.25
C GLU A 42 5.81 1.39 -13.88
N ASN A 43 4.63 1.01 -14.37
CA ASN A 43 3.42 1.76 -14.09
C ASN A 43 3.18 1.90 -12.59
N PHE A 44 2.91 0.77 -11.95
CA PHE A 44 2.66 0.76 -10.50
C PHE A 44 3.51 1.81 -9.80
N GLN A 45 4.83 1.72 -9.96
CA GLN A 45 5.75 2.65 -9.34
C GLN A 45 5.29 4.09 -9.56
N ASN A 46 4.99 4.44 -10.81
CA ASN A 46 4.54 5.78 -11.15
C ASN A 46 3.18 6.06 -10.52
N TRP A 47 2.33 5.05 -10.48
CA TRP A 47 0.99 5.19 -9.92
C TRP A 47 1.07 5.72 -8.49
N LEU A 48 1.98 5.18 -7.70
CA LEU A 48 2.16 5.59 -6.31
C LEU A 48 3.13 6.76 -6.22
N LYS A 49 4.10 6.80 -7.12
CA LYS A 49 5.10 7.87 -7.14
C LYS A 49 4.46 9.20 -6.76
N ASP A 50 3.39 9.56 -7.45
CA ASP A 50 2.69 10.82 -7.18
C ASP A 50 2.31 10.92 -5.71
N GLY A 51 1.78 9.83 -5.17
CA GLY A 51 1.37 9.82 -3.77
C GLY A 51 -0.14 9.82 -3.60
N THR A 52 -0.81 10.70 -4.34
CA THR A 52 -2.26 10.80 -4.26
C THR A 52 -2.89 9.44 -4.02
N VAL A 53 -2.62 8.49 -4.90
CA VAL A 53 -3.17 7.14 -4.78
C VAL A 53 -2.96 6.60 -3.37
N LEU A 54 -1.72 6.62 -2.91
CA LEU A 54 -1.38 6.12 -1.58
C LEU A 54 -2.31 6.72 -0.53
N CYS A 55 -2.50 8.03 -0.60
CA CYS A 55 -3.37 8.73 0.35
C CYS A 55 -4.77 8.14 0.33
N GLU A 56 -5.33 7.98 -0.85
CA GLU A 56 -6.68 7.43 -1.01
C GLU A 56 -6.80 6.10 -0.27
N LEU A 57 -5.74 5.28 -0.34
CA LEU A 57 -5.72 3.99 0.31
C LEU A 57 -5.93 4.13 1.81
N ILE A 58 -4.92 4.68 2.49
CA ILE A 58 -4.99 4.88 3.93
C ILE A 58 -6.25 5.65 4.32
N ASN A 59 -6.61 6.63 3.51
CA ASN A 59 -7.79 7.44 3.77
C ASN A 59 -9.05 6.59 3.75
N ALA A 60 -9.17 5.74 2.73
CA ALA A 60 -10.32 4.86 2.59
C ALA A 60 -10.60 4.12 3.89
N LEU A 61 -9.60 3.41 4.40
CA LEU A 61 -9.74 2.66 5.64
C LEU A 61 -10.36 3.52 6.74
N TYR A 62 -9.69 4.61 7.08
CA TYR A 62 -10.18 5.52 8.12
C TYR A 62 -11.49 6.17 7.69
N PRO A 63 -12.42 6.34 8.64
CA PRO A 63 -13.73 6.95 8.38
C PRO A 63 -13.61 8.45 8.11
N GLU A 64 -14.71 9.04 7.65
CA GLU A 64 -14.73 10.46 7.33
C GLU A 64 -14.09 11.27 8.45
N GLY A 65 -13.28 12.26 8.08
CA GLY A 65 -12.62 13.09 9.06
C GLY A 65 -11.42 12.41 9.67
N GLN A 66 -11.61 11.19 10.18
CA GLN A 66 -10.54 10.44 10.80
C GLN A 66 -9.32 10.37 9.88
N ALA A 67 -9.57 10.22 8.59
CA ALA A 67 -8.50 10.13 7.60
C ALA A 67 -7.34 11.07 7.98
N PRO A 68 -6.12 10.51 8.07
CA PRO A 68 -4.92 11.27 8.41
C PRO A 68 -4.51 12.23 7.30
N VAL A 69 -4.80 11.86 6.06
CA VAL A 69 -4.46 12.68 4.91
C VAL A 69 -5.71 13.28 4.27
N LYS A 70 -5.97 14.54 4.56
CA LYS A 70 -7.13 15.23 4.01
C LYS A 70 -6.77 15.97 2.73
N LYS A 71 -5.73 16.79 2.79
CA LYS A 71 -5.28 17.55 1.64
C LYS A 71 -4.77 16.62 0.54
N ILE A 72 -5.67 16.22 -0.36
CA ILE A 72 -5.31 15.34 -1.46
C ILE A 72 -5.44 16.05 -2.80
N GLN A 73 -4.32 16.53 -3.32
CA GLN A 73 -4.31 17.23 -4.59
C GLN A 73 -3.21 16.69 -5.50
N ALA A 74 -3.60 16.22 -6.68
CA ALA A 74 -2.66 15.68 -7.64
C ALA A 74 -1.74 16.76 -8.20
N SER A 75 -0.67 17.05 -7.48
CA SER A 75 0.29 18.07 -7.90
C SER A 75 1.27 17.51 -8.92
N THR A 76 2.14 18.39 -9.43
CA THR A 76 3.12 17.98 -10.42
C THR A 76 4.53 18.21 -9.92
N MET A 77 4.72 19.28 -9.14
CA MET A 77 6.02 19.61 -8.58
C MET A 77 6.71 18.36 -8.03
N ALA A 78 8.04 18.38 -8.03
CA ALA A 78 8.82 17.25 -7.52
C ALA A 78 8.65 17.10 -6.01
N PHE A 79 8.81 18.22 -5.29
CA PHE A 79 8.68 18.20 -3.84
C PHE A 79 7.27 17.78 -3.42
N LYS A 80 6.27 18.29 -4.13
CA LYS A 80 4.88 17.98 -3.83
C LYS A 80 4.65 16.47 -3.86
N GLN A 81 4.93 15.85 -4.99
CA GLN A 81 4.76 14.41 -5.15
C GLN A 81 5.37 13.66 -3.97
N MET A 82 6.69 13.75 -3.84
CA MET A 82 7.40 13.09 -2.76
C MET A 82 6.65 13.25 -1.43
N GLU A 83 6.62 14.49 -0.93
CA GLU A 83 5.94 14.78 0.32
C GLU A 83 4.61 14.02 0.41
N GLN A 84 3.88 14.00 -0.69
CA GLN A 84 2.59 13.31 -0.74
C GLN A 84 2.72 11.87 -0.24
N ILE A 85 3.81 11.22 -0.64
CA ILE A 85 4.05 9.84 -0.24
C ILE A 85 4.22 9.72 1.28
N SER A 86 5.24 10.39 1.80
CA SER A 86 5.52 10.37 3.24
C SER A 86 4.22 10.49 4.04
N GLN A 87 3.39 11.45 3.66
CA GLN A 87 2.12 11.67 4.34
C GLN A 87 1.47 10.34 4.72
N PHE A 88 1.41 9.42 3.77
CA PHE A 88 0.81 8.11 3.99
C PHE A 88 1.66 7.29 4.97
N LEU A 89 2.93 7.08 4.60
CA LEU A 89 3.84 6.31 5.43
C LEU A 89 3.74 6.73 6.89
N GLN A 90 3.92 8.02 7.15
CA GLN A 90 3.84 8.54 8.50
C GLN A 90 2.69 7.90 9.27
N ALA A 91 1.53 7.80 8.63
CA ALA A 91 0.36 7.20 9.26
C ALA A 91 0.45 5.68 9.24
N ALA A 92 0.96 5.13 8.14
CA ALA A 92 1.10 3.69 8.00
C ALA A 92 1.66 3.06 9.27
N GLU A 93 2.72 3.66 9.80
CA GLU A 93 3.34 3.15 11.02
C GLU A 93 2.44 3.37 12.22
N ARG A 94 1.93 4.58 12.37
CA ARG A 94 1.05 4.92 13.48
C ARG A 94 -0.17 4.01 13.50
N TYR A 95 -0.45 3.37 12.38
CA TYR A 95 -1.58 2.47 12.26
C TYR A 95 -1.27 1.11 12.88
N GLY A 96 -0.10 0.57 12.52
CA GLY A 96 0.31 -0.73 13.04
C GLY A 96 1.56 -1.25 12.38
N ILE A 97 1.68 -0.99 11.08
CA ILE A 97 2.84 -1.45 10.32
C ILE A 97 4.14 -0.97 10.97
N ASN A 98 5.17 -1.81 10.88
CA ASN A 98 6.47 -1.48 11.46
C ASN A 98 7.40 -0.87 10.40
N THR A 99 8.10 0.19 10.79
CA THR A 99 9.01 0.86 9.88
C THR A 99 9.94 -0.14 9.19
N THR A 100 10.40 -1.13 9.94
CA THR A 100 11.28 -2.15 9.41
C THR A 100 10.80 -2.64 8.04
N ASP A 101 9.51 -2.46 7.79
CA ASP A 101 8.92 -2.89 6.51
C ASP A 101 8.65 -1.69 5.62
N ILE A 102 8.11 -0.63 6.21
CA ILE A 102 7.80 0.59 5.47
C ILE A 102 8.94 0.97 4.52
N PHE A 103 8.59 1.30 3.29
CA PHE A 103 9.58 1.68 2.29
C PHE A 103 9.98 3.15 2.45
N GLN A 104 10.92 3.59 1.62
CA GLN A 104 11.39 4.97 1.68
C GLN A 104 10.70 5.83 0.62
N THR A 105 10.54 7.11 0.91
CA THR A 105 9.89 8.03 0.00
C THR A 105 10.53 7.97 -1.39
N VAL A 106 11.86 7.96 -1.41
CA VAL A 106 12.60 7.90 -2.67
C VAL A 106 12.49 6.51 -3.30
N ASP A 107 12.75 5.49 -2.50
CA ASP A 107 12.68 4.11 -2.97
C ASP A 107 11.58 3.95 -4.01
N LEU A 108 10.43 4.56 -3.74
CA LEU A 108 9.29 4.48 -4.65
C LEU A 108 9.31 5.63 -5.65
N TRP A 109 9.53 6.84 -5.15
CA TRP A 109 9.57 8.02 -5.99
C TRP A 109 10.45 7.79 -7.21
N GLU A 110 11.73 7.54 -6.98
CA GLU A 110 12.68 7.29 -8.06
C GLU A 110 12.81 5.80 -8.34
N GLY A 111 11.73 5.06 -8.10
CA GLY A 111 11.75 3.63 -8.33
C GLY A 111 13.10 3.01 -8.05
N LYS A 112 13.76 3.49 -7.00
CA LYS A 112 15.08 2.99 -6.62
C LYS A 112 14.96 1.61 -5.94
N ASN A 113 13.94 1.46 -5.11
CA ASN A 113 13.71 0.20 -4.41
C ASN A 113 12.27 -0.27 -4.59
N MET A 114 11.94 -0.72 -5.80
CA MET A 114 10.60 -1.20 -6.11
C MET A 114 10.40 -2.62 -5.58
N ALA A 115 10.83 -2.86 -4.35
CA ALA A 115 10.70 -4.17 -3.74
C ALA A 115 10.15 -4.06 -2.32
N CYS A 116 10.50 -2.98 -1.63
CA CYS A 116 10.05 -2.75 -0.26
C CYS A 116 8.62 -2.25 -0.24
N VAL A 117 8.31 -1.32 -1.15
CA VAL A 117 6.98 -0.75 -1.24
C VAL A 117 5.96 -1.78 -1.73
N GLN A 118 6.44 -2.73 -2.52
CA GLN A 118 5.58 -3.79 -3.05
C GLN A 118 4.94 -4.59 -1.92
N ARG A 119 5.70 -4.81 -0.85
CA ARG A 119 5.22 -5.57 0.29
C ARG A 119 4.53 -4.66 1.30
N THR A 120 5.17 -3.52 1.58
CA THR A 120 4.63 -2.56 2.53
C THR A 120 3.11 -2.46 2.40
N LEU A 121 2.64 -2.28 1.17
CA LEU A 121 1.21 -2.17 0.92
C LEU A 121 0.47 -3.41 1.38
N MET A 122 0.95 -4.58 0.94
CA MET A 122 0.34 -5.85 1.32
C MET A 122 0.01 -5.88 2.81
N ASN A 123 0.99 -5.50 3.63
CA ASN A 123 0.80 -5.49 5.08
C ASN A 123 -0.46 -4.71 5.45
N LEU A 124 -0.53 -3.47 5.01
CA LEU A 124 -1.68 -2.62 5.30
C LEU A 124 -2.98 -3.40 5.18
N GLY A 125 -3.13 -4.11 4.06
CA GLY A 125 -4.33 -4.90 3.83
C GLY A 125 -4.48 -6.03 4.84
N GLY A 126 -3.43 -6.83 4.99
CA GLY A 126 -3.47 -7.94 5.93
C GLY A 126 -3.84 -7.49 7.34
N LEU A 127 -3.30 -6.37 7.76
CA LEU A 127 -3.57 -5.84 9.09
C LEU A 127 -5.03 -5.42 9.22
N ALA A 128 -5.50 -4.62 8.28
CA ALA A 128 -6.88 -4.16 8.29
C ALA A 128 -7.85 -5.32 8.49
N VAL A 129 -7.70 -6.35 7.67
CA VAL A 129 -8.57 -7.52 7.75
C VAL A 129 -8.49 -8.16 9.14
N ALA A 130 -7.47 -7.78 9.90
CA ALA A 130 -7.29 -8.31 11.24
C ALA A 130 -7.75 -7.31 12.30
N ARG A 131 -8.66 -6.42 11.91
CA ARG A 131 -9.18 -5.42 12.81
C ARG A 131 -10.68 -5.59 13.02
N ASP A 132 -11.27 -4.73 13.84
CA ASP A 132 -12.70 -4.78 14.12
C ASP A 132 -13.40 -3.50 13.66
N ASP A 133 -12.76 -2.78 12.75
CA ASP A 133 -13.32 -1.53 12.24
C ASP A 133 -14.51 -1.81 11.32
N GLY A 134 -14.42 -2.90 10.56
CA GLY A 134 -15.50 -3.26 9.65
C GLY A 134 -15.66 -2.26 8.52
N LEU A 135 -14.53 -1.81 7.98
CA LEU A 135 -14.55 -0.84 6.87
C LEU A 135 -13.82 -1.39 5.65
N PHE A 136 -12.70 -2.04 5.90
CA PHE A 136 -11.90 -2.62 4.82
C PHE A 136 -12.80 -3.13 3.70
N SER A 137 -12.41 -2.86 2.46
CA SER A 137 -13.18 -3.29 1.30
C SER A 137 -12.33 -4.19 0.39
N GLY A 138 -13.00 -4.86 -0.54
CA GLY A 138 -12.30 -5.74 -1.45
C GLY A 138 -12.18 -7.16 -0.92
N ASP A 139 -11.81 -8.10 -1.80
CA ASP A 139 -11.67 -9.49 -1.42
C ASP A 139 -10.73 -9.62 -0.22
N PRO A 140 -11.30 -10.00 0.93
CA PRO A 140 -10.52 -10.17 2.17
C PRO A 140 -9.61 -11.38 2.12
N ASN A 141 -9.70 -12.14 1.02
CA ASN A 141 -8.87 -13.34 0.84
C ASN A 141 -7.45 -12.95 0.45
N TRP A 142 -7.33 -12.04 -0.51
CA TRP A 142 -6.02 -11.59 -0.99
C TRP A 142 -5.01 -11.58 0.15
N PHE A 143 -5.37 -10.93 1.26
CA PHE A 143 -4.48 -10.85 2.42
C PHE A 143 -4.89 -11.87 3.48
N PRO A 144 -3.89 -12.61 3.98
CA PRO A 144 -4.11 -13.63 5.01
C PRO A 144 -4.48 -13.02 6.36
N LYS A 145 -4.83 -13.87 7.32
CA LYS A 145 -5.20 -13.42 8.65
C LYS A 145 -3.96 -13.01 9.44
N LYS A 146 -4.16 -12.12 10.42
CA LYS A 146 -3.05 -11.65 11.26
C LYS A 146 -3.52 -11.42 12.69
N SER A 147 -2.85 -12.07 13.64
CA SER A 147 -3.20 -11.93 15.05
C SER A 147 -2.03 -11.36 15.84
N LYS A 148 -2.34 -10.50 16.80
CA LYS A 148 -1.32 -9.88 17.64
C LYS A 148 -1.94 -9.12 18.80
N GLU A 149 -1.43 -9.34 20.00
CA GLU A 149 -1.94 -8.68 21.19
C GLU A 149 -1.66 -7.18 21.13
N SER A 150 -2.61 -6.38 21.62
CA SER A 150 -2.46 -4.93 21.62
C SER A 150 -1.01 -4.53 21.86
N GLY A 151 -0.52 -3.59 21.06
CA GLY A 151 0.85 -3.13 21.19
C GLY A 151 0.99 -2.03 22.23
N PRO A 152 2.10 -2.08 22.99
CA PRO A 152 2.38 -1.09 24.04
C PRO A 152 2.71 0.28 23.46
N SER A 153 3.38 0.29 22.31
CA SER A 153 3.75 1.54 21.65
C SER A 153 2.54 2.46 21.48
N SER A 154 1.46 1.90 20.96
CA SER A 154 0.24 2.67 20.75
C SER A 154 -0.90 2.15 21.63
N GLY A 155 -1.36 2.98 22.56
CA GLY A 155 -2.42 2.59 23.45
C GLY A 155 -3.78 2.61 22.77
N GLY A 1 -7.00 -20.23 -19.46
CA GLY A 1 -6.63 -20.10 -18.06
C GLY A 1 -5.15 -19.88 -17.86
N SER A 2 -4.74 -18.62 -17.78
CA SER A 2 -3.35 -18.27 -17.60
C SER A 2 -2.94 -18.39 -16.14
N SER A 3 -1.66 -18.16 -15.86
CA SER A 3 -1.15 -18.24 -14.50
C SER A 3 -0.32 -17.00 -14.16
N GLY A 4 0.73 -16.76 -14.95
CA GLY A 4 1.58 -15.61 -14.72
C GLY A 4 2.81 -15.96 -13.91
N SER A 5 3.64 -16.84 -14.45
CA SER A 5 4.86 -17.27 -13.77
C SER A 5 4.60 -17.48 -12.27
N SER A 6 3.47 -18.11 -11.97
CA SER A 6 3.11 -18.37 -10.58
C SER A 6 3.98 -19.46 -9.97
N GLY A 7 3.85 -19.67 -8.67
CA GLY A 7 4.64 -20.69 -8.00
C GLY A 7 5.05 -20.27 -6.60
N GLN A 8 5.62 -21.20 -5.84
CA GLN A 8 6.05 -20.92 -4.48
C GLN A 8 7.57 -20.93 -4.37
N LYS A 9 8.18 -19.76 -4.57
CA LYS A 9 9.63 -19.64 -4.49
C LYS A 9 10.04 -18.20 -4.19
N ILE A 10 11.13 -18.03 -3.45
CA ILE A 10 11.63 -16.71 -3.09
C ILE A 10 12.75 -16.28 -4.03
N GLU A 11 12.65 -15.05 -4.51
CA GLU A 11 13.67 -14.51 -5.42
C GLU A 11 14.19 -13.17 -4.92
N LYS A 12 14.32 -13.05 -3.59
CA LYS A 12 14.82 -11.83 -2.98
C LYS A 12 14.25 -10.60 -3.69
N GLN A 13 12.98 -10.65 -4.03
CA GLN A 13 12.32 -9.55 -4.72
C GLN A 13 10.82 -9.80 -4.87
N TYR A 14 10.08 -8.75 -5.19
CA TYR A 14 8.63 -8.87 -5.36
C TYR A 14 8.29 -9.71 -6.59
N ASP A 15 7.02 -10.06 -6.72
CA ASP A 15 6.55 -10.87 -7.84
C ASP A 15 5.58 -10.08 -8.70
N ALA A 16 5.02 -10.75 -9.71
CA ALA A 16 4.06 -10.11 -10.62
C ALA A 16 2.64 -10.48 -10.25
N ASP A 17 2.48 -11.63 -9.60
CA ASP A 17 1.16 -12.10 -9.19
C ASP A 17 0.63 -11.29 -8.01
N LEU A 18 1.54 -10.69 -7.26
CA LEU A 18 1.17 -9.88 -6.10
C LEU A 18 0.84 -8.45 -6.52
N GLU A 19 1.64 -7.90 -7.42
CA GLU A 19 1.44 -6.54 -7.90
C GLU A 19 0.01 -6.35 -8.39
N GLN A 20 -0.47 -7.29 -9.19
CA GLN A 20 -1.83 -7.22 -9.73
C GLN A 20 -2.85 -7.14 -8.61
N ILE A 21 -2.65 -7.94 -7.57
CA ILE A 21 -3.55 -7.95 -6.43
C ILE A 21 -3.57 -6.60 -5.72
N LEU A 22 -2.43 -5.95 -5.66
CA LEU A 22 -2.30 -4.65 -5.02
C LEU A 22 -3.11 -3.59 -5.77
N ILE A 23 -3.00 -3.60 -7.10
CA ILE A 23 -3.72 -2.65 -7.94
C ILE A 23 -5.22 -2.85 -7.82
N GLN A 24 -5.65 -4.10 -7.75
CA GLN A 24 -7.06 -4.42 -7.64
C GLN A 24 -7.63 -3.91 -6.33
N TRP A 25 -6.89 -4.11 -5.24
CA TRP A 25 -7.32 -3.66 -3.92
C TRP A 25 -7.32 -2.14 -3.83
N ILE A 26 -6.14 -1.55 -3.93
CA ILE A 26 -6.00 -0.09 -3.86
C ILE A 26 -7.18 0.60 -4.54
N THR A 27 -7.39 0.28 -5.82
CA THR A 27 -8.47 0.87 -6.58
C THR A 27 -9.82 0.58 -5.93
N THR A 28 -9.96 -0.60 -5.37
CA THR A 28 -11.20 -1.00 -4.71
C THR A 28 -11.43 -0.18 -3.44
N GLN A 29 -10.48 -0.23 -2.53
CA GLN A 29 -10.58 0.51 -1.28
C GLN A 29 -10.97 1.97 -1.52
N CYS A 30 -10.24 2.61 -2.43
CA CYS A 30 -10.51 4.01 -2.76
C CYS A 30 -11.88 4.17 -3.39
N ARG A 31 -12.71 5.01 -2.78
CA ARG A 31 -14.06 5.25 -3.29
C ARG A 31 -14.04 5.55 -4.78
N LYS A 32 -13.39 6.65 -5.15
CA LYS A 32 -13.31 7.05 -6.55
C LYS A 32 -12.31 6.17 -7.31
N ASP A 33 -12.28 6.31 -8.62
CA ASP A 33 -11.38 5.53 -9.46
C ASP A 33 -10.15 6.35 -9.85
N VAL A 34 -9.21 6.48 -8.93
CA VAL A 34 -7.99 7.23 -9.17
C VAL A 34 -7.54 7.10 -10.62
N GLY A 35 -7.73 5.90 -11.18
CA GLY A 35 -7.33 5.67 -12.56
C GLY A 35 -6.56 4.38 -12.73
N ARG A 36 -7.16 3.26 -12.32
CA ARG A 36 -6.52 1.96 -12.43
C ARG A 36 -5.64 1.89 -13.68
N PRO A 37 -4.33 2.12 -13.50
CA PRO A 37 -3.37 2.08 -14.60
C PRO A 37 -3.14 0.67 -15.12
N GLN A 38 -2.20 0.53 -16.05
CA GLN A 38 -1.89 -0.76 -16.64
C GLN A 38 -1.31 -1.71 -15.60
N PRO A 39 -1.52 -3.02 -15.80
CA PRO A 39 -1.03 -4.05 -14.89
C PRO A 39 0.50 -4.20 -14.93
N GLY A 40 1.13 -3.38 -15.77
CA GLY A 40 2.58 -3.43 -15.89
C GLY A 40 3.28 -3.32 -14.56
N ARG A 41 4.60 -3.25 -14.58
CA ARG A 41 5.39 -3.14 -13.37
C ARG A 41 5.91 -1.72 -13.17
N GLU A 42 6.55 -1.18 -14.21
CA GLU A 42 7.09 0.16 -14.15
C GLU A 42 6.00 1.18 -13.82
N ASN A 43 4.79 0.92 -14.30
CA ASN A 43 3.66 1.81 -14.04
C ASN A 43 3.35 1.89 -12.56
N PHE A 44 3.13 0.73 -11.94
CA PHE A 44 2.83 0.67 -10.52
C PHE A 44 3.63 1.70 -9.74
N GLN A 45 4.93 1.77 -10.02
CA GLN A 45 5.80 2.73 -9.35
C GLN A 45 5.34 4.16 -9.59
N ASN A 46 5.03 4.47 -10.84
CA ASN A 46 4.58 5.81 -11.20
C ASN A 46 3.19 6.08 -10.65
N TRP A 47 2.43 5.01 -10.42
CA TRP A 47 1.08 5.14 -9.87
C TRP A 47 1.10 5.71 -8.46
N LEU A 48 2.00 5.19 -7.63
CA LEU A 48 2.13 5.64 -6.25
C LEU A 48 3.14 6.77 -6.15
N LYS A 49 4.02 6.87 -7.15
CA LYS A 49 5.05 7.91 -7.16
C LYS A 49 4.45 9.26 -6.77
N ASP A 50 3.27 9.56 -7.30
CA ASP A 50 2.59 10.82 -7.01
C ASP A 50 2.16 10.88 -5.56
N GLY A 51 1.83 9.71 -4.99
CA GLY A 51 1.40 9.66 -3.61
C GLY A 51 -0.10 9.77 -3.46
N THR A 52 -0.72 10.58 -4.32
CA THR A 52 -2.16 10.78 -4.28
C THR A 52 -2.90 9.45 -4.14
N VAL A 53 -2.44 8.44 -4.89
CA VAL A 53 -3.05 7.12 -4.84
C VAL A 53 -2.91 6.49 -3.46
N LEU A 54 -1.71 6.57 -2.90
CA LEU A 54 -1.45 6.01 -1.58
C LEU A 54 -2.33 6.67 -0.53
N CYS A 55 -2.66 7.93 -0.74
CA CYS A 55 -3.50 8.68 0.19
C CYS A 55 -4.91 8.10 0.23
N GLU A 56 -5.50 7.91 -0.95
CA GLU A 56 -6.85 7.37 -1.05
C GLU A 56 -6.93 5.99 -0.39
N LEU A 57 -5.77 5.39 -0.15
CA LEU A 57 -5.70 4.08 0.48
C LEU A 57 -5.92 4.18 1.98
N ILE A 58 -4.98 4.82 2.67
CA ILE A 58 -5.08 4.98 4.11
C ILE A 58 -6.31 5.81 4.49
N ASN A 59 -6.72 6.69 3.60
CA ASN A 59 -7.89 7.53 3.84
C ASN A 59 -9.17 6.71 3.82
N ALA A 60 -9.33 5.88 2.79
CA ALA A 60 -10.50 5.04 2.64
C ALA A 60 -10.76 4.23 3.91
N LEU A 61 -9.69 3.65 4.46
CA LEU A 61 -9.79 2.85 5.67
C LEU A 61 -10.36 3.68 6.82
N TYR A 62 -9.61 4.68 7.26
CA TYR A 62 -10.03 5.54 8.35
C TYR A 62 -11.38 6.19 8.03
N PRO A 63 -12.22 6.33 9.06
CA PRO A 63 -13.55 6.95 8.92
C PRO A 63 -13.47 8.44 8.66
N GLU A 64 -14.60 9.03 8.27
CA GLU A 64 -14.66 10.46 7.98
C GLU A 64 -14.12 11.27 9.15
N GLY A 65 -13.26 12.25 8.84
CA GLY A 65 -12.69 13.08 9.88
C GLY A 65 -11.44 12.47 10.48
N GLN A 66 -11.39 11.14 10.53
CA GLN A 66 -10.24 10.44 11.09
C GLN A 66 -9.11 10.36 10.08
N ALA A 67 -9.47 10.31 8.79
CA ALA A 67 -8.48 10.23 7.72
C ALA A 67 -7.28 11.14 8.01
N PRO A 68 -6.07 10.56 7.94
CA PRO A 68 -4.83 11.30 8.19
C PRO A 68 -4.53 12.32 7.08
N VAL A 69 -4.75 11.91 5.83
CA VAL A 69 -4.49 12.78 4.69
C VAL A 69 -5.80 13.28 4.08
N LYS A 70 -6.14 14.53 4.37
CA LYS A 70 -7.36 15.14 3.85
C LYS A 70 -7.12 15.77 2.48
N LYS A 71 -6.09 16.61 2.39
CA LYS A 71 -5.76 17.28 1.14
C LYS A 71 -5.06 16.32 0.18
N ILE A 72 -5.78 15.92 -0.88
CA ILE A 72 -5.22 15.01 -1.87
C ILE A 72 -5.21 15.65 -3.25
N GLN A 73 -4.07 16.24 -3.62
CA GLN A 73 -3.93 16.88 -4.92
C GLN A 73 -2.63 16.47 -5.59
N ALA A 74 -2.65 16.43 -6.92
CA ALA A 74 -1.46 16.04 -7.68
C ALA A 74 -0.68 17.28 -8.13
N SER A 75 0.39 17.58 -7.41
CA SER A 75 1.23 18.74 -7.73
C SER A 75 2.48 18.30 -8.48
N THR A 76 2.51 18.57 -9.79
CA THR A 76 3.65 18.21 -10.62
C THR A 76 4.96 18.40 -9.87
N MET A 77 5.00 19.40 -8.99
CA MET A 77 6.19 19.68 -8.20
C MET A 77 6.86 18.38 -7.74
N ALA A 78 8.09 18.17 -8.16
CA ALA A 78 8.84 16.97 -7.79
C ALA A 78 8.95 16.85 -6.28
N PHE A 79 8.96 17.99 -5.59
CA PHE A 79 9.06 18.02 -4.14
C PHE A 79 7.73 17.70 -3.48
N LYS A 80 6.65 18.20 -4.07
CA LYS A 80 5.31 17.96 -3.55
C LYS A 80 4.95 16.48 -3.62
N GLN A 81 5.03 15.91 -4.83
CA GLN A 81 4.71 14.51 -5.04
C GLN A 81 5.39 13.64 -3.99
N MET A 82 6.72 13.61 -4.02
CA MET A 82 7.48 12.82 -3.06
C MET A 82 7.01 13.07 -1.64
N GLU A 83 6.71 14.33 -1.34
CA GLU A 83 6.26 14.71 -0.01
C GLU A 83 4.89 14.10 0.29
N GLN A 84 4.08 13.94 -0.76
CA GLN A 84 2.75 13.37 -0.60
C GLN A 84 2.82 11.92 -0.12
N ILE A 85 3.85 11.22 -0.57
CA ILE A 85 4.03 9.82 -0.18
C ILE A 85 4.24 9.68 1.32
N SER A 86 5.22 10.41 1.85
CA SER A 86 5.52 10.37 3.27
C SER A 86 4.24 10.55 4.10
N GLN A 87 3.37 11.44 3.64
CA GLN A 87 2.11 11.70 4.34
C GLN A 87 1.40 10.41 4.68
N PHE A 88 1.46 9.44 3.76
CA PHE A 88 0.82 8.15 3.97
C PHE A 88 1.59 7.30 4.97
N LEU A 89 2.87 7.09 4.68
CA LEU A 89 3.72 6.29 5.56
C LEU A 89 3.57 6.73 7.02
N GLN A 90 3.67 8.04 7.24
CA GLN A 90 3.53 8.59 8.59
C GLN A 90 2.40 7.92 9.34
N ALA A 91 1.21 7.91 8.74
CA ALA A 91 0.05 7.30 9.36
C ALA A 91 0.14 5.78 9.29
N ALA A 92 0.76 5.26 8.24
CA ALA A 92 0.92 3.82 8.06
C ALA A 92 1.45 3.16 9.33
N GLU A 93 2.52 3.73 9.88
CA GLU A 93 3.13 3.19 11.10
C GLU A 93 2.19 3.35 12.29
N ARG A 94 1.65 4.56 12.45
CA ARG A 94 0.75 4.85 13.56
C ARG A 94 -0.46 3.93 13.52
N TYR A 95 -0.76 3.39 12.34
CA TYR A 95 -1.89 2.49 12.16
C TYR A 95 -1.58 1.10 12.70
N GLY A 96 -0.32 0.70 12.57
CA GLY A 96 0.10 -0.61 13.05
C GLY A 96 1.39 -1.08 12.41
N ILE A 97 1.53 -0.84 11.11
CA ILE A 97 2.73 -1.24 10.38
C ILE A 97 3.99 -0.85 11.15
N ASN A 98 5.10 -1.50 10.82
CA ASN A 98 6.38 -1.22 11.47
C ASN A 98 7.37 -0.60 10.49
N THR A 99 8.19 0.32 10.99
CA THR A 99 9.17 1.00 10.16
C THR A 99 10.05 -0.02 9.43
N THR A 100 10.39 -1.11 10.11
CA THR A 100 11.22 -2.16 9.52
C THR A 100 10.58 -2.73 8.26
N ASP A 101 9.29 -2.44 8.07
CA ASP A 101 8.57 -2.92 6.90
C ASP A 101 8.28 -1.79 5.93
N ILE A 102 8.07 -0.59 6.47
CA ILE A 102 7.79 0.59 5.66
C ILE A 102 8.92 0.86 4.68
N PHE A 103 8.57 1.35 3.49
CA PHE A 103 9.56 1.66 2.47
C PHE A 103 10.01 3.11 2.57
N GLN A 104 10.87 3.52 1.65
CA GLN A 104 11.38 4.89 1.65
C GLN A 104 10.74 5.71 0.52
N THR A 105 10.38 6.95 0.83
CA THR A 105 9.75 7.83 -0.14
C THR A 105 10.47 7.75 -1.49
N VAL A 106 11.80 7.83 -1.45
CA VAL A 106 12.61 7.76 -2.66
C VAL A 106 12.52 6.39 -3.31
N ASP A 107 12.71 5.35 -2.51
CA ASP A 107 12.66 3.98 -3.01
C ASP A 107 11.55 3.82 -4.04
N LEU A 108 10.38 4.36 -3.72
CA LEU A 108 9.24 4.28 -4.62
C LEU A 108 9.25 5.43 -5.64
N TRP A 109 9.37 6.65 -5.14
CA TRP A 109 9.41 7.83 -6.00
C TRP A 109 10.29 7.58 -7.22
N GLU A 110 11.54 7.22 -6.97
CA GLU A 110 12.49 6.95 -8.05
C GLU A 110 12.40 5.50 -8.51
N GLY A 111 11.74 4.67 -7.71
CA GLY A 111 11.59 3.27 -8.05
C GLY A 111 12.87 2.49 -7.84
N LYS A 112 13.57 2.78 -6.74
CA LYS A 112 14.82 2.11 -6.42
C LYS A 112 14.55 0.75 -5.77
N ASN A 113 13.68 0.75 -4.78
CA ASN A 113 13.33 -0.48 -4.07
C ASN A 113 11.85 -0.82 -4.26
N MET A 114 11.47 -1.11 -5.50
CA MET A 114 10.09 -1.46 -5.81
C MET A 114 9.64 -2.67 -5.02
N ALA A 115 10.61 -3.47 -4.57
CA ALA A 115 10.30 -4.67 -3.79
C ALA A 115 9.96 -4.31 -2.35
N CYS A 116 10.48 -3.18 -1.87
CA CYS A 116 10.23 -2.74 -0.51
C CYS A 116 8.79 -2.24 -0.36
N VAL A 117 8.46 -1.19 -1.10
CA VAL A 117 7.11 -0.62 -1.05
C VAL A 117 6.05 -1.70 -1.23
N GLN A 118 6.37 -2.72 -2.01
CA GLN A 118 5.44 -3.82 -2.26
C GLN A 118 4.99 -4.46 -0.95
N ARG A 119 5.96 -4.91 -0.16
CA ARG A 119 5.67 -5.54 1.12
C ARG A 119 4.90 -4.60 2.03
N THR A 120 5.30 -3.33 2.05
CA THR A 120 4.65 -2.33 2.89
C THR A 120 3.16 -2.27 2.60
N LEU A 121 2.81 -2.23 1.32
CA LEU A 121 1.41 -2.18 0.91
C LEU A 121 0.63 -3.39 1.45
N MET A 122 0.99 -4.57 0.97
CA MET A 122 0.34 -5.80 1.40
C MET A 122 0.12 -5.80 2.90
N ASN A 123 1.12 -5.32 3.64
CA ASN A 123 1.04 -5.27 5.10
C ASN A 123 -0.18 -4.45 5.54
N LEU A 124 -0.43 -3.34 4.87
CA LEU A 124 -1.56 -2.48 5.19
C LEU A 124 -2.87 -3.24 5.08
N GLY A 125 -3.00 -4.06 4.04
CA GLY A 125 -4.21 -4.83 3.84
C GLY A 125 -4.36 -5.95 4.86
N GLY A 126 -3.35 -6.80 4.96
CA GLY A 126 -3.40 -7.90 5.90
C GLY A 126 -3.82 -7.45 7.29
N LEU A 127 -3.30 -6.31 7.72
CA LEU A 127 -3.62 -5.77 9.03
C LEU A 127 -5.10 -5.40 9.13
N ALA A 128 -5.57 -4.65 8.13
CA ALA A 128 -6.97 -4.23 8.10
C ALA A 128 -7.91 -5.42 8.25
N VAL A 129 -7.59 -6.50 7.55
CA VAL A 129 -8.39 -7.71 7.60
C VAL A 129 -8.38 -8.33 9.00
N ALA A 130 -7.50 -7.81 9.85
CA ALA A 130 -7.39 -8.31 11.21
C ALA A 130 -8.06 -7.38 12.21
N ARG A 131 -8.64 -6.29 11.69
CA ARG A 131 -9.32 -5.31 12.52
C ARG A 131 -10.82 -5.60 12.59
N ASP A 132 -11.54 -4.77 13.33
CA ASP A 132 -12.98 -4.93 13.49
C ASP A 132 -13.72 -3.66 13.08
N ASP A 133 -12.99 -2.73 12.47
CA ASP A 133 -13.57 -1.47 12.04
C ASP A 133 -14.74 -1.71 11.08
N GLY A 134 -14.61 -2.73 10.24
CA GLY A 134 -15.65 -3.05 9.29
C GLY A 134 -15.71 -2.07 8.13
N LEU A 135 -14.55 -1.64 7.68
CA LEU A 135 -14.47 -0.68 6.57
C LEU A 135 -13.72 -1.29 5.39
N PHE A 136 -12.62 -1.99 5.69
CA PHE A 136 -11.81 -2.62 4.65
C PHE A 136 -12.70 -3.17 3.53
N SER A 137 -12.21 -3.04 2.30
CA SER A 137 -12.96 -3.52 1.14
C SER A 137 -12.15 -4.56 0.36
N GLY A 138 -12.71 -5.01 -0.76
CA GLY A 138 -12.03 -6.00 -1.58
C GLY A 138 -12.08 -7.38 -0.96
N ASP A 139 -11.46 -8.35 -1.64
CA ASP A 139 -11.43 -9.73 -1.16
C ASP A 139 -10.47 -9.88 0.01
N PRO A 140 -10.94 -10.53 1.09
CA PRO A 140 -10.13 -10.75 2.28
C PRO A 140 -9.01 -11.76 2.05
N ASN A 141 -9.13 -12.53 0.98
CA ASN A 141 -8.12 -13.53 0.64
C ASN A 141 -6.83 -12.87 0.20
N TRP A 142 -6.94 -11.83 -0.63
CA TRP A 142 -5.77 -11.11 -1.12
C TRP A 142 -4.70 -11.01 -0.05
N PHE A 143 -5.11 -10.65 1.16
CA PHE A 143 -4.17 -10.52 2.27
C PHE A 143 -4.51 -11.51 3.38
N PRO A 144 -3.63 -12.50 3.58
CA PRO A 144 -3.81 -13.54 4.60
C PRO A 144 -3.64 -12.98 6.01
N LYS A 145 -3.66 -13.88 7.00
CA LYS A 145 -3.52 -13.48 8.39
C LYS A 145 -2.06 -13.60 8.85
N LYS A 146 -1.65 -12.72 9.74
CA LYS A 146 -0.28 -12.74 10.27
C LYS A 146 -0.23 -13.40 11.64
N SER A 147 -1.32 -14.08 12.00
CA SER A 147 -1.39 -14.76 13.30
C SER A 147 -2.05 -16.12 13.15
N LYS A 148 -1.26 -17.17 13.28
CA LYS A 148 -1.77 -18.54 13.17
C LYS A 148 -2.72 -18.86 14.32
N GLU A 149 -3.90 -19.36 13.97
CA GLU A 149 -4.90 -19.72 14.98
C GLU A 149 -4.86 -21.22 15.28
N SER A 150 -4.34 -21.56 16.46
CA SER A 150 -4.25 -22.95 16.87
C SER A 150 -5.58 -23.66 16.69
N GLY A 151 -5.51 -24.97 16.43
CA GLY A 151 -6.72 -25.75 16.24
C GLY A 151 -6.50 -26.97 15.37
N PRO A 152 -7.58 -27.67 15.04
CA PRO A 152 -7.52 -28.87 14.19
C PRO A 152 -7.16 -28.55 12.75
N SER A 153 -6.91 -27.28 12.48
CA SER A 153 -6.55 -26.85 11.13
C SER A 153 -5.04 -26.69 11.00
N SER A 154 -4.47 -27.40 10.02
CA SER A 154 -3.02 -27.34 9.79
C SER A 154 -2.68 -26.24 8.79
N GLY A 155 -2.44 -25.03 9.29
CA GLY A 155 -2.10 -23.92 8.43
C GLY A 155 -2.08 -22.60 9.17
N GLY A 1 10.49 -12.46 -22.87
CA GLY A 1 10.60 -12.35 -24.31
C GLY A 1 9.75 -11.23 -24.89
N SER A 2 9.07 -11.53 -25.98
CA SER A 2 8.21 -10.53 -26.63
C SER A 2 6.85 -11.14 -26.97
N SER A 3 6.85 -12.42 -27.35
CA SER A 3 5.62 -13.11 -27.69
C SER A 3 4.60 -13.01 -26.58
N GLY A 4 4.98 -13.49 -25.40
CA GLY A 4 4.08 -13.45 -24.25
C GLY A 4 4.50 -14.39 -23.14
N SER A 5 4.30 -13.97 -21.90
CA SER A 5 4.67 -14.79 -20.75
C SER A 5 3.56 -15.79 -20.42
N SER A 6 3.76 -17.03 -20.84
CA SER A 6 2.77 -18.08 -20.59
C SER A 6 2.60 -18.32 -19.10
N GLY A 7 3.70 -18.63 -18.41
CA GLY A 7 3.64 -18.88 -16.99
C GLY A 7 5.01 -18.89 -16.35
N GLN A 8 5.74 -17.79 -16.48
CA GLN A 8 7.07 -17.69 -15.91
C GLN A 8 7.12 -16.65 -14.80
N LYS A 9 7.14 -17.11 -13.55
CA LYS A 9 7.19 -16.22 -12.40
C LYS A 9 8.41 -16.50 -11.54
N ILE A 10 9.31 -15.52 -11.46
CA ILE A 10 10.53 -15.67 -10.67
C ILE A 10 10.28 -15.27 -9.22
N GLU A 11 10.65 -16.17 -8.30
CA GLU A 11 10.47 -15.91 -6.88
C GLU A 11 11.67 -15.14 -6.31
N LYS A 12 11.51 -13.83 -6.16
CA LYS A 12 12.57 -12.98 -5.63
C LYS A 12 11.99 -11.86 -4.77
N GLN A 13 12.87 -11.04 -4.22
CA GLN A 13 12.45 -9.92 -3.38
C GLN A 13 11.16 -9.30 -3.90
N TYR A 14 10.97 -9.37 -5.23
CA TYR A 14 9.78 -8.81 -5.85
C TYR A 14 8.99 -9.89 -6.58
N ASP A 15 7.67 -9.73 -6.62
CA ASP A 15 6.81 -10.69 -7.28
C ASP A 15 5.66 -9.99 -8.01
N ALA A 16 4.95 -10.73 -8.85
CA ALA A 16 3.83 -10.17 -9.60
C ALA A 16 2.50 -10.55 -8.96
N ASP A 17 2.38 -11.81 -8.55
CA ASP A 17 1.17 -12.30 -7.93
C ASP A 17 0.62 -11.30 -6.92
N LEU A 18 1.52 -10.71 -6.14
CA LEU A 18 1.14 -9.73 -5.13
C LEU A 18 0.75 -8.41 -5.78
N GLU A 19 1.46 -8.04 -6.85
CA GLU A 19 1.18 -6.80 -7.56
C GLU A 19 -0.22 -6.81 -8.16
N GLN A 20 -0.44 -7.72 -9.10
CA GLN A 20 -1.73 -7.84 -9.76
C GLN A 20 -2.87 -7.65 -8.76
N ILE A 21 -2.72 -8.24 -7.58
CA ILE A 21 -3.73 -8.14 -6.54
C ILE A 21 -3.77 -6.74 -5.94
N LEU A 22 -2.59 -6.16 -5.72
CA LEU A 22 -2.49 -4.82 -5.16
C LEU A 22 -3.34 -3.83 -5.95
N ILE A 23 -3.15 -3.81 -7.26
CA ILE A 23 -3.91 -2.91 -8.13
C ILE A 23 -5.40 -3.15 -7.99
N GLN A 24 -5.79 -4.41 -7.87
CA GLN A 24 -7.20 -4.77 -7.73
C GLN A 24 -7.76 -4.25 -6.41
N TRP A 25 -6.96 -4.35 -5.35
CA TRP A 25 -7.37 -3.89 -4.03
C TRP A 25 -7.33 -2.37 -3.94
N ILE A 26 -6.14 -1.80 -4.08
CA ILE A 26 -5.99 -0.35 -4.01
C ILE A 26 -7.13 0.36 -4.71
N THR A 27 -7.38 -0.01 -5.96
CA THR A 27 -8.47 0.59 -6.73
C THR A 27 -9.81 0.42 -6.04
N THR A 28 -10.00 -0.74 -5.41
CA THR A 28 -11.24 -1.03 -4.71
C THR A 28 -11.34 -0.23 -3.41
N GLN A 29 -10.40 -0.47 -2.51
CA GLN A 29 -10.38 0.22 -1.23
C GLN A 29 -10.55 1.72 -1.42
N CYS A 30 -9.74 2.29 -2.30
CA CYS A 30 -9.79 3.73 -2.58
C CYS A 30 -11.24 4.20 -2.69
N ARG A 31 -11.44 5.51 -2.50
CA ARG A 31 -12.78 6.09 -2.57
C ARG A 31 -13.19 6.34 -4.02
N LYS A 32 -12.24 6.76 -4.84
CA LYS A 32 -12.49 7.03 -6.24
C LYS A 32 -11.51 6.30 -7.13
N ASP A 33 -11.92 5.99 -8.36
CA ASP A 33 -11.07 5.29 -9.31
C ASP A 33 -9.90 6.17 -9.73
N VAL A 34 -8.92 6.31 -8.83
CA VAL A 34 -7.75 7.12 -9.12
C VAL A 34 -7.33 7.00 -10.59
N GLY A 35 -7.54 5.82 -11.15
CA GLY A 35 -7.18 5.60 -12.55
C GLY A 35 -6.27 4.39 -12.73
N ARG A 36 -6.88 3.21 -12.82
CA ARG A 36 -6.12 1.98 -13.00
C ARG A 36 -5.17 2.09 -14.18
N PRO A 37 -3.86 2.15 -13.87
CA PRO A 37 -2.82 2.27 -14.90
C PRO A 37 -2.66 0.99 -15.71
N GLN A 38 -1.54 0.87 -16.42
CA GLN A 38 -1.28 -0.30 -17.24
C GLN A 38 -0.73 -1.45 -16.39
N PRO A 39 -1.06 -2.68 -16.77
CA PRO A 39 -0.63 -3.89 -16.05
C PRO A 39 0.87 -4.14 -16.22
N GLY A 40 1.60 -4.08 -15.11
CA GLY A 40 3.03 -4.30 -15.15
C GLY A 40 3.70 -4.03 -13.82
N ARG A 41 4.94 -3.56 -13.86
CA ARG A 41 5.69 -3.26 -12.64
C ARG A 41 6.15 -1.81 -12.62
N GLU A 42 6.84 -1.41 -13.68
CA GLU A 42 7.33 -0.03 -13.78
C GLU A 42 6.23 0.97 -13.48
N ASN A 43 5.10 0.83 -14.15
CA ASN A 43 3.97 1.72 -13.95
C ASN A 43 3.58 1.80 -12.48
N PHE A 44 3.21 0.66 -11.91
CA PHE A 44 2.83 0.60 -10.51
C PHE A 44 3.65 1.57 -9.67
N GLN A 45 4.90 1.75 -10.06
CA GLN A 45 5.80 2.64 -9.34
C GLN A 45 5.40 4.10 -9.54
N ASN A 46 5.20 4.49 -10.81
CA ASN A 46 4.80 5.85 -11.14
C ASN A 46 3.37 6.12 -10.68
N TRP A 47 2.57 5.07 -10.59
CA TRP A 47 1.18 5.20 -10.18
C TRP A 47 1.08 5.82 -8.79
N LEU A 48 1.97 5.42 -7.90
CA LEU A 48 1.98 5.94 -6.54
C LEU A 48 3.05 7.01 -6.37
N LYS A 49 3.97 7.06 -7.33
CA LYS A 49 5.05 8.05 -7.31
C LYS A 49 4.51 9.44 -6.98
N ASP A 50 3.26 9.69 -7.35
CA ASP A 50 2.62 10.97 -7.08
C ASP A 50 2.21 11.08 -5.62
N GLY A 51 1.74 9.98 -5.06
CA GLY A 51 1.32 9.97 -3.66
C GLY A 51 -0.19 9.98 -3.52
N THR A 52 -0.86 10.81 -4.30
CA THR A 52 -2.31 10.92 -4.25
C THR A 52 -2.95 9.54 -4.05
N VAL A 53 -2.58 8.59 -4.90
CA VAL A 53 -3.10 7.24 -4.82
C VAL A 53 -2.97 6.67 -3.41
N LEU A 54 -1.74 6.66 -2.90
CA LEU A 54 -1.47 6.15 -1.56
C LEU A 54 -2.37 6.82 -0.53
N CYS A 55 -2.60 8.12 -0.72
CA CYS A 55 -3.44 8.89 0.20
C CYS A 55 -4.86 8.31 0.24
N GLU A 56 -5.44 8.09 -0.94
CA GLU A 56 -6.78 7.55 -1.02
C GLU A 56 -6.89 6.23 -0.27
N LEU A 57 -5.80 5.48 -0.25
CA LEU A 57 -5.77 4.19 0.44
C LEU A 57 -5.95 4.37 1.94
N ILE A 58 -4.92 4.87 2.60
CA ILE A 58 -4.98 5.09 4.04
C ILE A 58 -6.25 5.85 4.43
N ASN A 59 -6.60 6.86 3.66
CA ASN A 59 -7.79 7.66 3.92
C ASN A 59 -9.05 6.80 3.84
N ALA A 60 -9.06 5.87 2.88
CA ALA A 60 -10.20 4.99 2.71
C ALA A 60 -10.48 4.18 3.98
N LEU A 61 -9.42 3.74 4.64
CA LEU A 61 -9.56 2.97 5.87
C LEU A 61 -10.21 3.80 6.97
N TYR A 62 -9.47 4.76 7.51
CA TYR A 62 -9.97 5.63 8.56
C TYR A 62 -11.32 6.23 8.18
N PRO A 63 -12.20 6.39 9.17
CA PRO A 63 -13.54 6.95 8.95
C PRO A 63 -13.49 8.44 8.62
N GLU A 64 -14.67 9.03 8.46
CA GLU A 64 -14.77 10.45 8.14
C GLU A 64 -14.18 11.32 9.26
N GLY A 65 -13.14 12.07 8.93
CA GLY A 65 -12.51 12.93 9.93
C GLY A 65 -11.23 12.33 10.47
N GLN A 66 -11.28 11.05 10.82
CA GLN A 66 -10.12 10.34 11.36
C GLN A 66 -8.99 10.30 10.34
N ALA A 67 -9.35 10.27 9.07
CA ALA A 67 -8.37 10.23 7.99
C ALA A 67 -7.18 11.15 8.29
N PRO A 68 -5.97 10.58 8.29
CA PRO A 68 -4.74 11.32 8.56
C PRO A 68 -4.40 12.30 7.43
N VAL A 69 -4.59 11.86 6.20
CA VAL A 69 -4.31 12.70 5.03
C VAL A 69 -5.59 13.24 4.42
N LYS A 70 -6.01 14.42 4.87
CA LYS A 70 -7.22 15.05 4.36
C LYS A 70 -6.95 15.76 3.04
N LYS A 71 -5.87 16.52 2.99
CA LYS A 71 -5.49 17.25 1.79
C LYS A 71 -4.88 16.32 0.76
N ILE A 72 -5.62 16.05 -0.31
CA ILE A 72 -5.15 15.17 -1.37
C ILE A 72 -5.18 15.87 -2.72
N GLN A 73 -4.03 16.44 -3.11
CA GLN A 73 -3.93 17.14 -4.38
C GLN A 73 -2.81 16.55 -5.24
N ALA A 74 -3.01 16.56 -6.56
CA ALA A 74 -2.01 16.04 -7.48
C ALA A 74 -1.16 17.14 -8.08
N SER A 75 -0.01 17.40 -7.46
CA SER A 75 0.89 18.45 -7.92
C SER A 75 1.97 17.86 -8.82
N THR A 76 2.32 18.60 -9.87
CA THR A 76 3.35 18.17 -10.81
C THR A 76 4.74 18.32 -10.21
N MET A 77 4.90 19.31 -9.33
CA MET A 77 6.18 19.56 -8.68
C MET A 77 6.79 18.26 -8.18
N ALA A 78 8.09 18.09 -8.43
CA ALA A 78 8.80 16.89 -7.99
C ALA A 78 8.85 16.81 -6.47
N PHE A 79 8.88 17.97 -5.83
CA PHE A 79 8.94 18.03 -4.37
C PHE A 79 7.59 17.65 -3.76
N LYS A 80 6.53 18.26 -4.26
CA LYS A 80 5.18 17.99 -3.76
C LYS A 80 4.88 16.50 -3.82
N GLN A 81 5.01 15.92 -5.00
CA GLN A 81 4.74 14.49 -5.18
C GLN A 81 5.39 13.67 -4.07
N MET A 82 6.72 13.66 -4.04
CA MET A 82 7.45 12.90 -3.03
C MET A 82 6.96 13.27 -1.63
N GLU A 83 6.60 14.53 -1.44
CA GLU A 83 6.12 15.00 -0.15
C GLU A 83 4.78 14.36 0.19
N GLN A 84 3.96 14.11 -0.83
CA GLN A 84 2.66 13.50 -0.64
C GLN A 84 2.78 12.06 -0.17
N ILE A 85 3.81 11.37 -0.66
CA ILE A 85 4.05 9.99 -0.30
C ILE A 85 4.24 9.84 1.21
N SER A 86 5.16 10.63 1.76
CA SER A 86 5.45 10.59 3.19
C SER A 86 4.17 10.68 4.00
N GLN A 87 3.37 11.70 3.70
CA GLN A 87 2.10 11.91 4.41
C GLN A 87 1.45 10.58 4.77
N PHE A 88 1.50 9.64 3.83
CA PHE A 88 0.90 8.32 4.04
C PHE A 88 1.80 7.46 4.94
N LEU A 89 3.09 7.42 4.60
CA LEU A 89 4.05 6.64 5.38
C LEU A 89 3.98 7.00 6.86
N GLN A 90 4.22 8.26 7.18
CA GLN A 90 4.19 8.73 8.56
C GLN A 90 2.94 8.21 9.27
N ALA A 91 1.92 7.87 8.50
CA ALA A 91 0.68 7.35 9.07
C ALA A 91 0.62 5.82 8.97
N ALA A 92 1.34 5.28 8.00
CA ALA A 92 1.38 3.83 7.80
C ALA A 92 1.68 3.11 9.10
N GLU A 93 2.82 3.44 9.70
CA GLU A 93 3.23 2.82 10.95
C GLU A 93 2.29 3.20 12.09
N ARG A 94 1.74 4.41 12.01
CA ARG A 94 0.83 4.90 13.03
C ARG A 94 -0.41 4.01 13.13
N TYR A 95 -0.73 3.34 12.03
CA TYR A 95 -1.89 2.45 11.99
C TYR A 95 -1.60 1.14 12.72
N GLY A 96 -0.50 0.50 12.35
CA GLY A 96 -0.13 -0.75 12.99
C GLY A 96 1.11 -1.36 12.38
N ILE A 97 1.35 -1.08 11.10
CA ILE A 97 2.51 -1.61 10.40
C ILE A 97 3.80 -1.19 11.10
N ASN A 98 4.84 -2.01 10.97
CA ASN A 98 6.13 -1.73 11.58
C ASN A 98 6.95 -0.81 10.69
N THR A 99 8.12 -0.39 11.20
CA THR A 99 9.00 0.49 10.46
C THR A 99 10.02 -0.31 9.63
N THR A 100 9.78 -1.60 9.51
CA THR A 100 10.67 -2.48 8.76
C THR A 100 10.14 -2.71 7.35
N ASP A 101 8.84 -2.90 7.23
CA ASP A 101 8.21 -3.13 5.94
C ASP A 101 8.00 -1.81 5.19
N ILE A 102 7.77 -0.74 5.94
CA ILE A 102 7.56 0.57 5.36
C ILE A 102 8.75 0.99 4.49
N PHE A 103 8.45 1.38 3.25
CA PHE A 103 9.50 1.79 2.32
C PHE A 103 9.91 3.24 2.58
N GLN A 104 10.79 3.76 1.73
CA GLN A 104 11.27 5.12 1.87
C GLN A 104 10.68 6.02 0.78
N THR A 105 10.37 7.25 1.16
CA THR A 105 9.79 8.21 0.22
C THR A 105 10.45 8.12 -1.15
N VAL A 106 11.78 8.01 -1.14
CA VAL A 106 12.55 7.91 -2.38
C VAL A 106 12.41 6.53 -3.00
N ASP A 107 12.57 5.49 -2.18
CA ASP A 107 12.46 4.12 -2.65
C ASP A 107 11.38 3.99 -3.72
N LEU A 108 10.27 4.68 -3.50
CA LEU A 108 9.15 4.64 -4.44
C LEU A 108 9.25 5.78 -5.45
N TRP A 109 9.58 6.97 -4.95
CA TRP A 109 9.71 8.14 -5.81
C TRP A 109 10.67 7.87 -6.97
N GLU A 110 11.91 7.55 -6.62
CA GLU A 110 12.93 7.26 -7.64
C GLU A 110 12.81 5.82 -8.14
N GLY A 111 11.82 5.10 -7.63
CA GLY A 111 11.61 3.73 -8.04
C GLY A 111 12.89 2.93 -8.04
N LYS A 112 13.67 3.05 -6.98
CA LYS A 112 14.94 2.33 -6.86
C LYS A 112 14.76 1.02 -6.10
N ASN A 113 14.00 1.08 -5.02
CA ASN A 113 13.74 -0.10 -4.20
C ASN A 113 12.27 -0.49 -4.24
N MET A 114 11.76 -0.77 -5.44
CA MET A 114 10.37 -1.15 -5.61
C MET A 114 10.04 -2.41 -4.82
N ALA A 115 11.09 -3.06 -4.31
CA ALA A 115 10.91 -4.28 -3.53
C ALA A 115 10.63 -3.95 -2.06
N CYS A 116 10.36 -2.68 -1.79
CA CYS A 116 10.07 -2.25 -0.42
C CYS A 116 8.62 -1.83 -0.28
N VAL A 117 8.12 -1.08 -1.26
CA VAL A 117 6.73 -0.62 -1.24
C VAL A 117 5.78 -1.72 -1.69
N GLN A 118 6.24 -2.57 -2.60
CA GLN A 118 5.43 -3.67 -3.11
C GLN A 118 4.89 -4.52 -1.96
N ARG A 119 5.69 -4.66 -0.91
CA ARG A 119 5.31 -5.45 0.25
C ARG A 119 4.46 -4.62 1.21
N THR A 120 4.96 -3.45 1.58
CA THR A 120 4.25 -2.57 2.49
C THR A 120 2.76 -2.59 2.23
N LEU A 121 2.37 -2.10 1.06
CA LEU A 121 0.95 -2.06 0.68
C LEU A 121 0.24 -3.34 1.09
N MET A 122 0.70 -4.46 0.56
CA MET A 122 0.11 -5.76 0.88
C MET A 122 -0.17 -5.87 2.38
N ASN A 123 0.88 -5.72 3.18
CA ASN A 123 0.74 -5.80 4.63
C ASN A 123 -0.49 -5.03 5.11
N LEU A 124 -0.55 -3.76 4.76
CA LEU A 124 -1.68 -2.92 5.17
C LEU A 124 -2.97 -3.71 5.18
N GLY A 125 -3.25 -4.42 4.08
CA GLY A 125 -4.46 -5.22 3.99
C GLY A 125 -4.51 -6.31 5.04
N GLY A 126 -3.44 -7.11 5.12
CA GLY A 126 -3.40 -8.18 6.09
C GLY A 126 -3.81 -7.74 7.47
N LEU A 127 -3.26 -6.61 7.92
CA LEU A 127 -3.58 -6.08 9.24
C LEU A 127 -5.05 -5.66 9.32
N ALA A 128 -5.51 -4.93 8.31
CA ALA A 128 -6.89 -4.48 8.26
C ALA A 128 -7.86 -5.63 8.47
N VAL A 129 -7.63 -6.73 7.75
CA VAL A 129 -8.50 -7.91 7.87
C VAL A 129 -8.49 -8.45 9.30
N ALA A 130 -7.48 -8.06 10.07
CA ALA A 130 -7.36 -8.52 11.44
C ALA A 130 -8.03 -7.54 12.40
N ARG A 131 -8.75 -6.56 11.84
CA ARG A 131 -9.43 -5.56 12.64
C ARG A 131 -10.92 -5.88 12.77
N ASP A 132 -11.67 -4.99 13.41
CA ASP A 132 -13.10 -5.18 13.59
C ASP A 132 -13.87 -3.93 13.20
N ASP A 133 -13.15 -2.93 12.69
CA ASP A 133 -13.76 -1.67 12.28
C ASP A 133 -14.87 -1.92 11.26
N GLY A 134 -14.65 -2.87 10.36
CA GLY A 134 -15.64 -3.19 9.35
C GLY A 134 -15.63 -2.20 8.19
N LEU A 135 -14.45 -1.73 7.82
CA LEU A 135 -14.30 -0.78 6.73
C LEU A 135 -13.54 -1.38 5.56
N PHE A 136 -12.45 -2.09 5.88
CA PHE A 136 -11.63 -2.72 4.86
C PHE A 136 -12.48 -3.24 3.70
N SER A 137 -12.07 -2.92 2.48
CA SER A 137 -12.80 -3.34 1.30
C SER A 137 -12.03 -4.40 0.53
N GLY A 138 -12.66 -4.96 -0.50
CA GLY A 138 -12.01 -5.99 -1.30
C GLY A 138 -12.17 -7.37 -0.70
N ASP A 139 -11.62 -8.37 -1.39
CA ASP A 139 -11.71 -9.75 -0.92
C ASP A 139 -10.76 -9.98 0.26
N PRO A 140 -11.26 -10.65 1.30
CA PRO A 140 -10.47 -10.96 2.50
C PRO A 140 -9.39 -11.99 2.24
N ASN A 141 -9.48 -12.67 1.10
CA ASN A 141 -8.51 -13.68 0.72
C ASN A 141 -7.20 -13.05 0.28
N TRP A 142 -7.31 -12.03 -0.57
CA TRP A 142 -6.12 -11.33 -1.08
C TRP A 142 -5.05 -11.23 0.00
N PHE A 143 -5.47 -10.90 1.22
CA PHE A 143 -4.54 -10.77 2.34
C PHE A 143 -4.87 -11.77 3.44
N PRO A 144 -3.90 -12.63 3.77
CA PRO A 144 -4.07 -13.65 4.81
C PRO A 144 -4.14 -13.05 6.20
N LYS A 145 -5.16 -13.45 6.97
CA LYS A 145 -5.35 -12.95 8.32
C LYS A 145 -4.31 -13.54 9.27
N LYS A 146 -3.93 -12.77 10.28
CA LYS A 146 -2.96 -13.22 11.26
C LYS A 146 -3.36 -12.81 12.68
N SER A 147 -2.90 -13.57 13.66
CA SER A 147 -3.22 -13.29 15.06
C SER A 147 -4.72 -13.04 15.24
N LYS A 148 -5.52 -13.82 14.52
CA LYS A 148 -6.98 -13.69 14.60
C LYS A 148 -7.44 -13.61 16.06
N GLU A 149 -7.82 -12.41 16.47
CA GLU A 149 -8.28 -12.18 17.84
C GLU A 149 -9.80 -12.09 17.88
N SER A 150 -10.39 -12.55 18.99
CA SER A 150 -11.83 -12.53 19.16
C SER A 150 -12.40 -11.16 18.80
N GLY A 151 -12.09 -10.15 19.62
CA GLY A 151 -12.58 -8.81 19.37
C GLY A 151 -11.96 -7.79 20.29
N PRO A 152 -10.72 -7.38 19.99
CA PRO A 152 -9.99 -6.39 20.79
C PRO A 152 -10.58 -5.00 20.66
N SER A 153 -11.66 -4.88 19.90
CA SER A 153 -12.32 -3.59 19.70
C SER A 153 -13.25 -3.27 20.88
N SER A 154 -12.69 -2.69 21.93
CA SER A 154 -13.46 -2.34 23.11
C SER A 154 -14.85 -1.85 22.73
N GLY A 155 -15.86 -2.31 23.47
CA GLY A 155 -17.23 -1.91 23.20
C GLY A 155 -18.04 -1.71 24.46
N GLY A 1 32.25 16.47 -4.53
CA GLY A 1 32.49 15.46 -5.55
C GLY A 1 31.39 15.44 -6.60
N SER A 2 31.61 16.15 -7.70
CA SER A 2 30.63 16.20 -8.78
C SER A 2 29.96 14.85 -8.98
N SER A 3 30.76 13.79 -9.00
CA SER A 3 30.24 12.44 -9.19
C SER A 3 30.37 11.63 -7.89
N GLY A 4 29.24 11.33 -7.28
CA GLY A 4 29.24 10.56 -6.05
C GLY A 4 27.85 10.17 -5.60
N SER A 5 27.12 9.48 -6.47
CA SER A 5 25.76 9.05 -6.16
C SER A 5 25.74 7.61 -5.66
N SER A 6 25.80 7.45 -4.34
CA SER A 6 25.79 6.12 -3.73
C SER A 6 24.43 5.45 -3.90
N GLY A 7 24.44 4.13 -4.04
CA GLY A 7 23.20 3.39 -4.20
C GLY A 7 23.42 1.90 -4.29
N GLN A 8 22.37 1.12 -4.02
CA GLN A 8 22.46 -0.33 -4.08
C GLN A 8 21.62 -0.87 -5.23
N LYS A 9 22.05 -1.99 -5.80
CA LYS A 9 21.35 -2.62 -6.90
C LYS A 9 20.97 -4.06 -6.56
N ILE A 10 20.33 -4.23 -5.40
CA ILE A 10 19.90 -5.56 -4.97
C ILE A 10 18.50 -5.88 -5.48
N GLU A 11 18.35 -7.09 -6.01
CA GLU A 11 17.06 -7.52 -6.55
C GLU A 11 16.39 -8.51 -5.59
N LYS A 12 15.51 -8.00 -4.74
CA LYS A 12 14.80 -8.83 -3.77
C LYS A 12 13.47 -8.20 -3.39
N GLN A 13 12.73 -8.87 -2.50
CA GLN A 13 11.44 -8.38 -2.07
C GLN A 13 10.60 -7.90 -3.24
N TYR A 14 10.75 -8.57 -4.38
CA TYR A 14 10.01 -8.21 -5.59
C TYR A 14 9.12 -9.37 -6.03
N ASP A 15 7.83 -9.26 -5.73
CA ASP A 15 6.87 -10.29 -6.09
C ASP A 15 5.77 -9.71 -6.98
N ALA A 16 5.74 -10.14 -8.23
CA ALA A 16 4.74 -9.68 -9.18
C ALA A 16 3.36 -10.20 -8.82
N ASP A 17 3.24 -11.52 -8.69
CA ASP A 17 1.97 -12.15 -8.35
C ASP A 17 1.22 -11.33 -7.30
N LEU A 18 1.97 -10.65 -6.44
CA LEU A 18 1.37 -9.82 -5.40
C LEU A 18 0.95 -8.46 -5.95
N GLU A 19 1.82 -7.88 -6.79
CA GLU A 19 1.54 -6.58 -7.38
C GLU A 19 0.14 -6.55 -8.01
N GLN A 20 -0.06 -7.41 -9.01
CA GLN A 20 -1.35 -7.48 -9.68
C GLN A 20 -2.51 -7.36 -8.69
N ILE A 21 -2.38 -8.04 -7.56
CA ILE A 21 -3.42 -8.00 -6.53
C ILE A 21 -3.54 -6.61 -5.93
N LEU A 22 -2.39 -6.01 -5.60
CA LEU A 22 -2.38 -4.67 -5.01
C LEU A 22 -3.25 -3.71 -5.81
N ILE A 23 -2.99 -3.64 -7.12
CA ILE A 23 -3.75 -2.76 -8.00
C ILE A 23 -5.25 -3.01 -7.86
N GLN A 24 -5.63 -4.28 -7.86
CA GLN A 24 -7.04 -4.66 -7.73
C GLN A 24 -7.62 -4.14 -6.43
N TRP A 25 -6.87 -4.29 -5.34
CA TRP A 25 -7.32 -3.82 -4.04
C TRP A 25 -7.30 -2.31 -3.95
N ILE A 26 -6.11 -1.72 -4.04
CA ILE A 26 -5.97 -0.27 -3.99
C ILE A 26 -7.11 0.42 -4.72
N THR A 27 -7.29 0.07 -5.98
CA THR A 27 -8.35 0.66 -6.80
C THR A 27 -9.73 0.39 -6.19
N THR A 28 -9.89 -0.79 -5.59
CA THR A 28 -11.16 -1.16 -4.99
C THR A 28 -11.41 -0.36 -3.71
N GLN A 29 -10.53 -0.52 -2.73
CA GLN A 29 -10.67 0.19 -1.46
C GLN A 29 -11.10 1.63 -1.69
N CYS A 30 -10.35 2.34 -2.52
CA CYS A 30 -10.66 3.74 -2.83
C CYS A 30 -12.02 3.86 -3.52
N ARG A 31 -12.80 4.84 -3.11
CA ARG A 31 -14.12 5.07 -3.69
C ARG A 31 -14.01 5.64 -5.09
N LYS A 32 -13.49 6.87 -5.18
CA LYS A 32 -13.33 7.54 -6.46
C LYS A 32 -12.24 6.87 -7.30
N ASP A 33 -12.52 6.70 -8.58
CA ASP A 33 -11.57 6.07 -9.49
C ASP A 33 -10.32 6.94 -9.66
N VAL A 34 -9.21 6.50 -9.08
CA VAL A 34 -7.96 7.25 -9.17
C VAL A 34 -7.32 7.07 -10.55
N GLY A 35 -7.71 6.01 -11.25
CA GLY A 35 -7.17 5.76 -12.57
C GLY A 35 -6.34 4.49 -12.62
N ARG A 36 -7.00 3.34 -12.49
CA ARG A 36 -6.32 2.06 -12.52
C ARG A 36 -5.28 2.02 -13.64
N PRO A 37 -4.00 1.90 -13.25
CA PRO A 37 -2.89 1.85 -14.20
C PRO A 37 -2.87 0.54 -15.00
N GLN A 38 -1.79 0.34 -15.75
CA GLN A 38 -1.65 -0.87 -16.56
C GLN A 38 -0.87 -1.94 -15.79
N PRO A 39 -1.15 -3.21 -16.12
CA PRO A 39 -0.48 -4.35 -15.48
C PRO A 39 0.99 -4.46 -15.88
N GLY A 40 1.85 -3.75 -15.16
CA GLY A 40 3.27 -3.78 -15.44
C GLY A 40 4.12 -3.47 -14.23
N ARG A 41 5.16 -2.68 -14.43
CA ARG A 41 6.06 -2.30 -13.34
C ARG A 41 6.35 -0.80 -13.36
N GLU A 42 6.96 -0.34 -14.44
CA GLU A 42 7.30 1.08 -14.58
C GLU A 42 6.10 1.96 -14.26
N ASN A 43 4.91 1.39 -14.43
CA ASN A 43 3.67 2.13 -14.16
C ASN A 43 3.39 2.20 -12.67
N PHE A 44 3.13 1.04 -12.07
CA PHE A 44 2.85 0.96 -10.64
C PHE A 44 3.70 1.97 -9.86
N GLN A 45 4.95 2.11 -10.27
CA GLN A 45 5.86 3.03 -9.62
C GLN A 45 5.38 4.47 -9.75
N ASN A 46 5.05 4.85 -10.98
CA ASN A 46 4.57 6.21 -11.26
C ASN A 46 3.17 6.42 -10.68
N TRP A 47 2.45 5.33 -10.49
CA TRP A 47 1.10 5.40 -9.93
C TRP A 47 1.12 5.78 -8.46
N LEU A 48 2.01 5.14 -7.71
CA LEU A 48 2.14 5.41 -6.28
C LEU A 48 3.13 6.55 -6.04
N LYS A 49 4.07 6.72 -6.95
CA LYS A 49 5.07 7.77 -6.84
C LYS A 49 4.42 9.11 -6.51
N ASP A 50 3.39 9.46 -7.28
CA ASP A 50 2.67 10.71 -7.07
C ASP A 50 2.20 10.83 -5.62
N GLY A 51 1.87 9.70 -5.00
CA GLY A 51 1.40 9.71 -3.64
C GLY A 51 -0.11 9.76 -3.53
N THR A 52 -0.73 10.53 -4.41
CA THR A 52 -2.19 10.66 -4.41
C THR A 52 -2.87 9.33 -4.14
N VAL A 53 -2.58 8.35 -4.98
CA VAL A 53 -3.17 7.01 -4.82
C VAL A 53 -2.95 6.48 -3.42
N LEU A 54 -1.71 6.57 -2.94
CA LEU A 54 -1.37 6.10 -1.60
C LEU A 54 -2.22 6.79 -0.54
N CYS A 55 -2.63 8.03 -0.83
CA CYS A 55 -3.44 8.81 0.10
C CYS A 55 -4.88 8.28 0.12
N GLU A 56 -5.47 8.13 -1.06
CA GLU A 56 -6.83 7.63 -1.17
C GLU A 56 -6.98 6.29 -0.47
N LEU A 57 -5.89 5.55 -0.38
CA LEU A 57 -5.90 4.24 0.27
C LEU A 57 -6.10 4.37 1.77
N ILE A 58 -5.07 4.88 2.45
CA ILE A 58 -5.13 5.06 3.90
C ILE A 58 -6.38 5.86 4.30
N ASN A 59 -6.76 6.81 3.46
CA ASN A 59 -7.93 7.64 3.72
C ASN A 59 -9.21 6.79 3.72
N ALA A 60 -9.32 5.91 2.73
CA ALA A 60 -10.49 5.05 2.62
C ALA A 60 -10.72 4.27 3.92
N LEU A 61 -9.66 3.65 4.42
CA LEU A 61 -9.73 2.86 5.65
C LEU A 61 -10.26 3.72 6.80
N TYR A 62 -9.48 4.71 7.19
CA TYR A 62 -9.86 5.60 8.29
C TYR A 62 -11.21 6.27 7.99
N PRO A 63 -12.01 6.45 9.05
CA PRO A 63 -13.34 7.08 8.94
C PRO A 63 -13.24 8.56 8.63
N GLU A 64 -14.39 9.24 8.64
CA GLU A 64 -14.45 10.67 8.35
C GLU A 64 -13.71 11.46 9.42
N GLY A 65 -12.72 12.25 9.00
CA GLY A 65 -11.95 13.05 9.94
C GLY A 65 -10.69 12.36 10.40
N GLN A 66 -10.78 11.04 10.62
CA GLN A 66 -9.65 10.26 11.06
C GLN A 66 -8.54 10.24 10.00
N ALA A 67 -8.95 10.31 8.75
CA ALA A 67 -7.99 10.32 7.64
C ALA A 67 -6.92 11.37 7.85
N PRO A 68 -5.65 10.92 7.90
CA PRO A 68 -4.51 11.81 8.09
C PRO A 68 -4.24 12.70 6.88
N VAL A 69 -4.65 12.22 5.71
CA VAL A 69 -4.47 12.97 4.47
C VAL A 69 -5.80 13.40 3.87
N LYS A 70 -6.34 14.50 4.38
CA LYS A 70 -7.62 15.02 3.91
C LYS A 70 -7.49 15.51 2.47
N LYS A 71 -6.53 16.39 2.22
CA LYS A 71 -6.31 16.93 0.89
C LYS A 71 -5.57 15.92 0.01
N ILE A 72 -6.12 15.67 -1.18
CA ILE A 72 -5.51 14.73 -2.12
C ILE A 72 -5.48 15.30 -3.53
N GLN A 73 -4.37 15.94 -3.88
CA GLN A 73 -4.21 16.52 -5.21
C GLN A 73 -2.92 16.03 -5.87
N ALA A 74 -2.96 15.90 -7.19
CA ALA A 74 -1.80 15.44 -7.95
C ALA A 74 -0.98 16.61 -8.46
N SER A 75 -0.09 17.13 -7.62
CA SER A 75 0.75 18.25 -8.00
C SER A 75 1.98 17.79 -8.77
N THR A 76 2.05 18.17 -10.03
CA THR A 76 3.17 17.79 -10.88
C THR A 76 4.50 18.06 -10.20
N MET A 77 4.51 19.03 -9.29
CA MET A 77 5.71 19.39 -8.57
C MET A 77 6.39 18.15 -7.97
N ALA A 78 7.64 17.94 -8.33
CA ALA A 78 8.39 16.79 -7.83
C ALA A 78 8.39 16.74 -6.30
N PHE A 79 8.82 17.83 -5.68
CA PHE A 79 8.87 17.92 -4.23
C PHE A 79 7.50 17.62 -3.63
N LYS A 80 6.47 18.20 -4.22
CA LYS A 80 5.09 18.00 -3.74
C LYS A 80 4.75 16.53 -3.69
N GLN A 81 4.92 15.84 -4.82
CA GLN A 81 4.63 14.42 -4.91
C GLN A 81 5.37 13.64 -3.81
N MET A 82 6.69 13.74 -3.82
CA MET A 82 7.51 13.05 -2.83
C MET A 82 6.88 13.13 -1.45
N GLU A 83 6.82 14.34 -0.90
CA GLU A 83 6.24 14.56 0.41
C GLU A 83 4.89 13.86 0.54
N GLN A 84 4.11 13.87 -0.53
CA GLN A 84 2.81 13.23 -0.54
C GLN A 84 2.91 11.77 -0.11
N ILE A 85 3.99 11.11 -0.54
CA ILE A 85 4.21 9.71 -0.20
C ILE A 85 4.33 9.53 1.31
N SER A 86 5.18 10.33 1.94
CA SER A 86 5.38 10.25 3.38
C SER A 86 4.07 10.42 4.13
N GLN A 87 3.32 11.45 3.76
CA GLN A 87 2.03 11.72 4.40
C GLN A 87 1.28 10.43 4.69
N PHE A 88 1.41 9.46 3.79
CA PHE A 88 0.75 8.17 3.95
C PHE A 88 1.53 7.27 4.91
N LEU A 89 2.83 7.19 4.70
CA LEU A 89 3.69 6.36 5.55
C LEU A 89 3.58 6.78 7.01
N GLN A 90 3.82 8.06 7.28
CA GLN A 90 3.75 8.59 8.63
C GLN A 90 2.59 7.98 9.40
N ALA A 91 1.53 7.61 8.66
CA ALA A 91 0.36 7.00 9.26
C ALA A 91 0.43 5.48 9.22
N ALA A 92 0.91 4.95 8.10
CA ALA A 92 1.03 3.51 7.92
C ALA A 92 1.48 2.84 9.22
N GLU A 93 2.52 3.39 9.83
CA GLU A 93 3.05 2.84 11.08
C GLU A 93 2.09 3.11 12.24
N ARG A 94 1.59 4.34 12.31
CA ARG A 94 0.67 4.73 13.36
C ARG A 94 -0.57 3.83 13.37
N TYR A 95 -0.78 3.12 12.26
CA TYR A 95 -1.92 2.23 12.13
C TYR A 95 -1.62 0.86 12.72
N GLY A 96 -0.37 0.41 12.54
CA GLY A 96 0.03 -0.89 13.06
C GLY A 96 1.30 -1.40 12.39
N ILE A 97 1.44 -1.12 11.10
CA ILE A 97 2.61 -1.56 10.35
C ILE A 97 3.90 -1.18 11.07
N ASN A 98 5.00 -1.84 10.70
CA ASN A 98 6.29 -1.57 11.31
C ASN A 98 7.26 -0.98 10.30
N THR A 99 7.82 0.19 10.64
CA THR A 99 8.76 0.87 9.76
C THR A 99 9.60 -0.13 8.98
N THR A 100 10.14 -1.12 9.69
CA THR A 100 10.97 -2.14 9.07
C THR A 100 10.46 -2.51 7.68
N ASP A 101 9.16 -2.74 7.58
CA ASP A 101 8.54 -3.10 6.31
C ASP A 101 8.31 -1.85 5.45
N ILE A 102 7.79 -0.80 6.08
CA ILE A 102 7.52 0.45 5.37
C ILE A 102 8.66 0.79 4.42
N PHE A 103 8.31 1.36 3.27
CA PHE A 103 9.30 1.73 2.27
C PHE A 103 9.64 3.22 2.38
N GLN A 104 10.76 3.62 1.79
CA GLN A 104 11.20 5.00 1.83
C GLN A 104 10.39 5.87 0.86
N THR A 105 10.73 7.14 0.78
CA THR A 105 10.03 8.06 -0.10
C THR A 105 10.58 8.01 -1.51
N VAL A 106 11.90 8.10 -1.63
CA VAL A 106 12.56 8.06 -2.94
C VAL A 106 12.49 6.66 -3.54
N ASP A 107 12.65 5.65 -2.69
CA ASP A 107 12.61 4.26 -3.14
C ASP A 107 11.55 4.07 -4.21
N LEU A 108 10.34 4.57 -3.95
CA LEU A 108 9.25 4.45 -4.89
C LEU A 108 9.25 5.62 -5.89
N TRP A 109 9.63 6.79 -5.41
CA TRP A 109 9.69 7.98 -6.27
C TRP A 109 10.69 7.78 -7.40
N GLU A 110 11.97 7.68 -7.05
CA GLU A 110 13.01 7.49 -8.05
C GLU A 110 12.86 6.14 -8.75
N GLY A 111 11.98 5.29 -8.21
CA GLY A 111 11.77 3.98 -8.79
C GLY A 111 13.04 3.15 -8.85
N LYS A 112 13.87 3.27 -7.82
CA LYS A 112 15.12 2.53 -7.76
C LYS A 112 15.01 1.33 -6.84
N ASN A 113 14.33 1.53 -5.71
CA ASN A 113 14.14 0.46 -4.74
C ASN A 113 12.67 0.35 -4.32
N MET A 114 11.79 0.15 -5.28
CA MET A 114 10.36 0.04 -5.02
C MET A 114 10.00 -1.38 -4.60
N ALA A 115 10.95 -2.09 -4.01
CA ALA A 115 10.73 -3.47 -3.57
C ALA A 115 10.12 -3.50 -2.17
N CYS A 116 10.31 -2.41 -1.43
CA CYS A 116 9.78 -2.32 -0.07
C CYS A 116 8.31 -1.92 -0.09
N VAL A 117 7.98 -0.94 -0.92
CA VAL A 117 6.61 -0.45 -1.02
C VAL A 117 5.65 -1.60 -1.33
N GLN A 118 6.11 -2.55 -2.12
CA GLN A 118 5.28 -3.70 -2.49
C GLN A 118 4.79 -4.43 -1.25
N ARG A 119 5.74 -4.90 -0.43
CA ARG A 119 5.40 -5.62 0.78
C ARG A 119 4.76 -4.69 1.81
N THR A 120 5.16 -3.42 1.78
CA THR A 120 4.63 -2.43 2.71
C THR A 120 3.10 -2.31 2.57
N LEU A 121 2.63 -2.21 1.34
CA LEU A 121 1.20 -2.10 1.08
C LEU A 121 0.46 -3.38 1.48
N MET A 122 0.92 -4.51 0.95
CA MET A 122 0.32 -5.79 1.25
C MET A 122 -0.02 -5.91 2.73
N ASN A 123 0.92 -5.48 3.58
CA ASN A 123 0.71 -5.54 5.02
C ASN A 123 -0.56 -4.80 5.42
N LEU A 124 -0.72 -3.59 4.89
CA LEU A 124 -1.90 -2.78 5.19
C LEU A 124 -3.18 -3.61 5.11
N GLY A 125 -3.32 -4.36 4.01
CA GLY A 125 -4.49 -5.19 3.83
C GLY A 125 -4.59 -6.29 4.87
N GLY A 126 -3.54 -7.10 4.96
CA GLY A 126 -3.54 -8.18 5.93
C GLY A 126 -3.91 -7.72 7.33
N LEU A 127 -3.36 -6.59 7.74
CA LEU A 127 -3.65 -6.05 9.06
C LEU A 127 -5.12 -5.66 9.19
N ALA A 128 -5.61 -4.91 8.20
CA ALA A 128 -7.00 -4.48 8.20
C ALA A 128 -7.95 -5.66 8.42
N VAL A 129 -7.71 -6.75 7.69
CA VAL A 129 -8.54 -7.94 7.80
C VAL A 129 -8.46 -8.53 9.21
N ALA A 130 -7.53 -8.03 10.01
CA ALA A 130 -7.35 -8.50 11.36
C ALA A 130 -7.88 -7.50 12.38
N ARG A 131 -8.80 -6.65 11.92
CA ARG A 131 -9.39 -5.64 12.79
C ARG A 131 -10.87 -5.91 13.02
N ASP A 132 -11.61 -6.11 11.93
CA ASP A 132 -13.04 -6.39 12.01
C ASP A 132 -13.80 -5.16 12.50
N ASP A 133 -13.22 -3.99 12.27
CA ASP A 133 -13.86 -2.74 12.68
C ASP A 133 -15.01 -2.38 11.76
N GLY A 134 -14.88 -2.76 10.48
CA GLY A 134 -15.92 -2.46 9.52
C GLY A 134 -15.56 -1.31 8.60
N LEU A 135 -14.33 -1.33 8.09
CA LEU A 135 -13.86 -0.28 7.20
C LEU A 135 -13.16 -0.87 5.98
N PHE A 136 -12.42 -1.95 6.19
CA PHE A 136 -11.71 -2.61 5.11
C PHE A 136 -12.66 -3.02 3.99
N SER A 137 -12.17 -2.98 2.75
CA SER A 137 -12.98 -3.34 1.61
C SER A 137 -12.21 -4.27 0.67
N GLY A 138 -12.90 -4.78 -0.35
CA GLY A 138 -12.27 -5.67 -1.31
C GLY A 138 -12.44 -7.14 -0.94
N ASP A 139 -11.49 -7.96 -1.35
CA ASP A 139 -11.53 -9.39 -1.06
C ASP A 139 -10.66 -9.72 0.15
N PRO A 140 -11.26 -10.38 1.15
CA PRO A 140 -10.55 -10.77 2.38
C PRO A 140 -9.53 -11.89 2.12
N ASN A 141 -9.50 -12.38 0.89
CA ASN A 141 -8.58 -13.45 0.53
C ASN A 141 -7.22 -12.87 0.09
N TRP A 142 -7.28 -11.81 -0.71
CA TRP A 142 -6.05 -11.16 -1.18
C TRP A 142 -4.99 -11.12 -0.09
N PHE A 143 -5.42 -10.82 1.13
CA PHE A 143 -4.50 -10.76 2.26
C PHE A 143 -4.85 -11.80 3.32
N PRO A 144 -3.83 -12.54 3.78
CA PRO A 144 -4.01 -13.59 4.79
C PRO A 144 -4.35 -13.01 6.16
N LYS A 145 -4.48 -13.90 7.15
CA LYS A 145 -4.80 -13.48 8.50
C LYS A 145 -3.57 -13.55 9.41
N LYS A 146 -3.52 -12.67 10.39
CA LYS A 146 -2.40 -12.63 11.33
C LYS A 146 -2.75 -13.34 12.63
N SER A 147 -1.81 -14.13 13.15
CA SER A 147 -2.02 -14.87 14.39
C SER A 147 -3.42 -15.44 14.44
N LYS A 148 -3.83 -16.10 13.35
CA LYS A 148 -5.16 -16.69 13.28
C LYS A 148 -5.15 -18.11 13.84
N GLU A 149 -6.26 -18.52 14.43
CA GLU A 149 -6.38 -19.85 15.01
C GLU A 149 -5.82 -20.91 14.05
N SER A 150 -6.18 -20.80 12.77
CA SER A 150 -5.72 -21.74 11.76
C SER A 150 -4.26 -21.48 11.41
N GLY A 151 -3.43 -22.51 11.59
CA GLY A 151 -2.01 -22.38 11.29
C GLY A 151 -1.17 -23.43 11.98
N PRO A 152 0.13 -23.14 12.13
CA PRO A 152 1.07 -24.07 12.78
C PRO A 152 0.82 -24.20 14.27
N SER A 153 1.48 -25.17 14.90
CA SER A 153 1.32 -25.41 16.33
C SER A 153 2.65 -25.21 17.06
N SER A 154 2.70 -24.18 17.90
CA SER A 154 3.92 -23.89 18.65
C SER A 154 4.05 -24.81 19.87
N GLY A 155 5.19 -25.47 19.98
CA GLY A 155 5.42 -26.37 21.09
C GLY A 155 5.85 -25.66 22.35
N GLY A 1 2.00 -26.45 -11.77
CA GLY A 1 3.26 -26.74 -12.43
C GLY A 1 3.71 -28.17 -12.22
N SER A 2 4.89 -28.50 -12.74
CA SER A 2 5.43 -29.85 -12.62
C SER A 2 6.17 -30.01 -11.29
N SER A 3 7.11 -29.13 -11.03
CA SER A 3 7.90 -29.17 -9.80
C SER A 3 7.14 -28.51 -8.66
N GLY A 4 6.60 -27.32 -8.92
CA GLY A 4 5.85 -26.60 -7.89
C GLY A 4 5.91 -25.10 -8.10
N SER A 5 4.91 -24.55 -8.78
CA SER A 5 4.85 -23.12 -9.05
C SER A 5 6.04 -22.68 -9.89
N SER A 6 6.37 -23.47 -10.90
CA SER A 6 7.49 -23.16 -11.78
C SER A 6 8.82 -23.23 -11.02
N GLY A 7 8.95 -24.25 -10.19
CA GLY A 7 10.17 -24.42 -9.42
C GLY A 7 10.06 -23.83 -8.02
N GLN A 8 10.37 -24.64 -7.02
CA GLN A 8 10.30 -24.19 -5.63
C GLN A 8 11.48 -23.28 -5.30
N LYS A 9 11.28 -21.98 -5.44
CA LYS A 9 12.33 -21.00 -5.15
C LYS A 9 11.72 -19.64 -4.79
N ILE A 10 12.37 -18.95 -3.86
CA ILE A 10 11.90 -17.64 -3.43
C ILE A 10 12.63 -16.52 -4.17
N GLU A 11 11.99 -15.97 -5.20
CA GLU A 11 12.59 -14.90 -5.99
C GLU A 11 12.95 -13.72 -5.09
N LYS A 12 13.92 -12.92 -5.54
CA LYS A 12 14.36 -11.75 -4.79
C LYS A 12 13.32 -10.63 -4.87
N GLN A 13 13.10 -10.12 -6.07
CA GLN A 13 12.13 -9.05 -6.28
C GLN A 13 10.72 -9.51 -5.91
N TYR A 14 9.78 -8.57 -5.92
CA TYR A 14 8.39 -8.88 -5.57
C TYR A 14 7.83 -9.96 -6.50
N ASP A 15 6.62 -10.40 -6.20
CA ASP A 15 5.97 -11.44 -7.01
C ASP A 15 4.85 -10.83 -7.84
N ALA A 16 4.85 -11.13 -9.14
CA ALA A 16 3.84 -10.63 -10.05
C ALA A 16 2.43 -10.89 -9.52
N ASP A 17 2.33 -11.82 -8.57
CA ASP A 17 1.06 -12.17 -7.97
C ASP A 17 0.57 -11.08 -7.02
N LEU A 18 1.45 -10.68 -6.11
CA LEU A 18 1.11 -9.63 -5.14
C LEU A 18 0.79 -8.32 -5.85
N GLU A 19 1.38 -8.12 -7.02
CA GLU A 19 1.16 -6.90 -7.79
C GLU A 19 -0.27 -6.85 -8.30
N GLN A 20 -0.67 -7.86 -9.07
CA GLN A 20 -2.02 -7.92 -9.61
C GLN A 20 -3.07 -7.69 -8.52
N ILE A 21 -2.83 -8.30 -7.36
CA ILE A 21 -3.75 -8.17 -6.24
C ILE A 21 -3.72 -6.75 -5.66
N LEU A 22 -2.52 -6.25 -5.41
CA LEU A 22 -2.35 -4.91 -4.86
C LEU A 22 -3.10 -3.88 -5.69
N ILE A 23 -2.80 -3.84 -6.98
CA ILE A 23 -3.44 -2.91 -7.90
C ILE A 23 -4.97 -3.01 -7.81
N GLN A 24 -5.46 -4.25 -7.71
CA GLN A 24 -6.89 -4.50 -7.62
C GLN A 24 -7.46 -3.95 -6.31
N TRP A 25 -6.76 -4.23 -5.22
CA TRP A 25 -7.20 -3.76 -3.90
C TRP A 25 -7.17 -2.25 -3.82
N ILE A 26 -5.98 -1.67 -4.02
CA ILE A 26 -5.83 -0.22 -3.98
C ILE A 26 -7.00 0.48 -4.66
N THR A 27 -7.27 0.11 -5.91
CA THR A 27 -8.36 0.70 -6.67
C THR A 27 -9.69 0.52 -5.95
N THR A 28 -9.99 -0.72 -5.58
CA THR A 28 -11.24 -1.03 -4.89
C THR A 28 -11.36 -0.23 -3.59
N GLN A 29 -10.48 -0.51 -2.63
CA GLN A 29 -10.49 0.19 -1.36
C GLN A 29 -10.77 1.68 -1.55
N CYS A 30 -10.10 2.28 -2.52
CA CYS A 30 -10.27 3.69 -2.81
C CYS A 30 -11.68 3.98 -3.34
N ARG A 31 -12.49 4.67 -2.54
CA ARG A 31 -13.84 5.00 -2.93
C ARG A 31 -13.89 5.54 -4.36
N LYS A 32 -13.17 6.63 -4.60
CA LYS A 32 -13.12 7.24 -5.92
C LYS A 32 -12.06 6.56 -6.80
N ASP A 33 -12.27 6.61 -8.11
CA ASP A 33 -11.35 6.00 -9.06
C ASP A 33 -10.19 6.95 -9.36
N VAL A 34 -9.05 6.68 -8.74
CA VAL A 34 -7.86 7.51 -8.95
C VAL A 34 -7.38 7.43 -10.40
N GLY A 35 -7.64 6.29 -11.03
CA GLY A 35 -7.22 6.11 -12.41
C GLY A 35 -6.50 4.79 -12.62
N ARG A 36 -7.18 3.69 -12.33
CA ARG A 36 -6.60 2.37 -12.49
C ARG A 36 -5.75 2.29 -13.75
N PRO A 37 -4.42 2.41 -13.58
CA PRO A 37 -3.48 2.36 -14.69
C PRO A 37 -3.37 0.97 -15.31
N GLN A 38 -2.47 0.83 -16.29
CA GLN A 38 -2.29 -0.45 -16.96
C GLN A 38 -1.41 -1.38 -16.13
N PRO A 39 -1.73 -2.68 -16.14
CA PRO A 39 -0.98 -3.69 -15.39
C PRO A 39 0.41 -3.93 -15.97
N GLY A 40 1.38 -3.13 -15.53
CA GLY A 40 2.74 -3.27 -16.03
C GLY A 40 3.74 -3.47 -14.90
N ARG A 41 4.94 -2.93 -15.09
CA ARG A 41 6.00 -3.06 -14.08
C ARG A 41 6.43 -1.68 -13.58
N GLU A 42 6.63 -0.76 -14.52
CA GLU A 42 7.05 0.60 -14.18
C GLU A 42 5.84 1.48 -13.87
N ASN A 43 4.69 1.12 -14.42
CA ASN A 43 3.46 1.89 -14.21
C ASN A 43 3.16 2.02 -12.73
N PHE A 44 3.30 0.92 -11.99
CA PHE A 44 3.05 0.91 -10.56
C PHE A 44 3.84 2.01 -9.85
N GLN A 45 5.13 2.09 -10.18
CA GLN A 45 6.00 3.09 -9.59
C GLN A 45 5.45 4.50 -9.80
N ASN A 46 5.11 4.81 -11.05
CA ASN A 46 4.57 6.12 -11.39
C ASN A 46 3.23 6.34 -10.71
N TRP A 47 2.42 5.28 -10.64
CA TRP A 47 1.10 5.38 -10.02
C TRP A 47 1.20 5.97 -8.61
N LEU A 48 2.11 5.43 -7.81
CA LEU A 48 2.31 5.91 -6.45
C LEU A 48 3.34 7.04 -6.40
N LYS A 49 4.19 7.08 -7.42
CA LYS A 49 5.22 8.11 -7.50
C LYS A 49 4.67 9.48 -7.12
N ASP A 50 3.38 9.68 -7.40
CA ASP A 50 2.73 10.95 -7.08
C ASP A 50 2.27 10.97 -5.63
N GLY A 51 1.91 9.79 -5.11
CA GLY A 51 1.46 9.71 -3.73
C GLY A 51 -0.05 9.82 -3.61
N THR A 52 -0.63 10.77 -4.36
CA THR A 52 -2.07 10.99 -4.32
C THR A 52 -2.82 9.66 -4.16
N VAL A 53 -2.42 8.66 -4.92
CA VAL A 53 -3.06 7.34 -4.85
C VAL A 53 -2.88 6.72 -3.47
N LEU A 54 -1.67 6.78 -2.96
CA LEU A 54 -1.36 6.22 -1.65
C LEU A 54 -2.28 6.81 -0.58
N CYS A 55 -2.60 8.09 -0.71
CA CYS A 55 -3.47 8.77 0.24
C CYS A 55 -4.88 8.17 0.21
N GLU A 56 -5.44 8.06 -0.99
CA GLU A 56 -6.78 7.50 -1.15
C GLU A 56 -6.90 6.15 -0.44
N LEU A 57 -5.77 5.44 -0.35
CA LEU A 57 -5.75 4.13 0.30
C LEU A 57 -5.99 4.27 1.80
N ILE A 58 -5.02 4.83 2.50
CA ILE A 58 -5.12 5.02 3.95
C ILE A 58 -6.42 5.72 4.32
N ASN A 59 -6.80 6.71 3.52
CA ASN A 59 -8.03 7.46 3.76
C ASN A 59 -9.24 6.56 3.65
N ALA A 60 -9.21 5.64 2.69
CA ALA A 60 -10.32 4.71 2.49
C ALA A 60 -10.58 3.89 3.74
N LEU A 61 -9.51 3.48 4.42
CA LEU A 61 -9.63 2.69 5.64
C LEU A 61 -10.31 3.50 6.74
N TYR A 62 -9.60 4.47 7.29
CA TYR A 62 -10.15 5.31 8.35
C TYR A 62 -11.49 5.91 7.94
N PRO A 63 -12.40 6.02 8.93
CA PRO A 63 -13.75 6.57 8.70
C PRO A 63 -13.71 8.07 8.42
N GLU A 64 -14.89 8.67 8.34
CA GLU A 64 -15.00 10.10 8.07
C GLU A 64 -14.43 10.91 9.24
N GLY A 65 -13.58 11.88 8.93
CA GLY A 65 -12.97 12.70 9.96
C GLY A 65 -11.75 12.06 10.57
N GLN A 66 -11.67 10.73 10.49
CA GLN A 66 -10.54 10.00 11.06
C GLN A 66 -9.39 9.92 10.06
N ALA A 67 -9.69 10.26 8.80
CA ALA A 67 -8.68 10.22 7.75
C ALA A 67 -7.55 11.19 8.04
N PRO A 68 -6.32 10.65 8.16
CA PRO A 68 -5.12 11.45 8.46
C PRO A 68 -4.73 12.34 7.27
N VAL A 69 -5.13 11.94 6.07
CA VAL A 69 -4.81 12.71 4.87
C VAL A 69 -6.08 13.14 4.14
N LYS A 70 -6.60 14.29 4.53
CA LYS A 70 -7.81 14.82 3.92
C LYS A 70 -7.49 15.63 2.67
N LYS A 71 -6.43 16.42 2.74
CA LYS A 71 -6.00 17.24 1.60
C LYS A 71 -5.23 16.40 0.59
N ILE A 72 -5.95 15.85 -0.38
CA ILE A 72 -5.33 15.03 -1.41
C ILE A 72 -5.23 15.79 -2.73
N GLN A 73 -4.12 16.51 -2.91
CA GLN A 73 -3.90 17.28 -4.13
C GLN A 73 -2.79 16.66 -4.97
N ALA A 74 -2.87 16.85 -6.28
CA ALA A 74 -1.86 16.31 -7.19
C ALA A 74 -0.97 17.43 -7.72
N SER A 75 0.08 17.74 -6.97
CA SER A 75 1.02 18.79 -7.36
C SER A 75 2.21 18.20 -8.11
N THR A 76 2.12 18.18 -9.44
CA THR A 76 3.19 17.63 -10.27
C THR A 76 4.55 17.97 -9.69
N MET A 77 4.64 19.12 -9.03
CA MET A 77 5.90 19.56 -8.44
C MET A 77 6.69 18.37 -7.91
N ALA A 78 7.85 18.11 -8.51
CA ALA A 78 8.70 17.01 -8.10
C ALA A 78 8.86 16.98 -6.58
N PHE A 79 8.98 18.15 -5.98
CA PHE A 79 9.14 18.26 -4.54
C PHE A 79 7.87 17.86 -3.81
N LYS A 80 6.73 18.36 -4.29
CA LYS A 80 5.44 18.06 -3.69
C LYS A 80 5.15 16.56 -3.76
N GLN A 81 5.30 15.99 -4.95
CA GLN A 81 5.05 14.56 -5.14
C GLN A 81 5.58 13.75 -3.98
N MET A 82 6.91 13.71 -3.85
CA MET A 82 7.54 12.96 -2.76
C MET A 82 6.79 13.15 -1.46
N GLU A 83 6.67 14.39 -1.01
CA GLU A 83 5.96 14.69 0.23
C GLU A 83 4.64 13.95 0.30
N GLN A 84 3.91 13.94 -0.81
CA GLN A 84 2.62 13.27 -0.88
C GLN A 84 2.74 11.82 -0.38
N ILE A 85 3.86 11.19 -0.68
CA ILE A 85 4.10 9.81 -0.26
C ILE A 85 4.30 9.72 1.24
N SER A 86 5.09 10.66 1.78
CA SER A 86 5.36 10.69 3.22
C SER A 86 4.08 10.77 4.02
N GLN A 87 3.24 11.76 3.69
CA GLN A 87 1.98 11.96 4.38
C GLN A 87 1.30 10.63 4.66
N PHE A 88 1.41 9.70 3.73
CA PHE A 88 0.81 8.38 3.87
C PHE A 88 1.56 7.55 4.91
N LEU A 89 2.88 7.47 4.75
CA LEU A 89 3.71 6.70 5.68
C LEU A 89 3.45 7.13 7.12
N GLN A 90 3.60 8.43 7.39
CA GLN A 90 3.39 8.95 8.73
C GLN A 90 2.26 8.20 9.43
N ALA A 91 1.16 7.98 8.72
CA ALA A 91 0.02 7.26 9.27
C ALA A 91 0.19 5.75 9.15
N ALA A 92 0.76 5.32 8.04
CA ALA A 92 0.99 3.89 7.80
C ALA A 92 1.68 3.24 9.00
N GLU A 93 2.55 4.00 9.66
CA GLU A 93 3.28 3.50 10.81
C GLU A 93 2.44 3.61 12.08
N ARG A 94 1.70 4.72 12.18
CA ARG A 94 0.85 4.96 13.35
C ARG A 94 -0.34 4.00 13.35
N TYR A 95 -0.61 3.37 12.21
CA TYR A 95 -1.72 2.44 12.09
C TYR A 95 -1.40 1.12 12.79
N GLY A 96 -0.23 0.57 12.49
CA GLY A 96 0.17 -0.68 13.10
C GLY A 96 1.38 -1.29 12.41
N ILE A 97 1.52 -1.04 11.12
CA ILE A 97 2.64 -1.56 10.35
C ILE A 97 3.97 -1.28 11.05
N ASN A 98 4.97 -2.11 10.76
CA ASN A 98 6.29 -1.94 11.36
C ASN A 98 7.26 -1.26 10.39
N THR A 99 7.90 -0.20 10.84
CA THR A 99 8.84 0.54 10.02
C THR A 99 9.78 -0.40 9.27
N THR A 100 10.35 -1.36 10.00
CA THR A 100 11.27 -2.33 9.41
C THR A 100 10.80 -2.75 8.02
N ASP A 101 9.49 -2.75 7.81
CA ASP A 101 8.91 -3.14 6.54
C ASP A 101 8.65 -1.90 5.66
N ILE A 102 8.17 -0.84 6.29
CA ILE A 102 7.88 0.40 5.59
C ILE A 102 9.02 0.78 4.65
N PHE A 103 8.68 1.10 3.41
CA PHE A 103 9.68 1.49 2.42
C PHE A 103 10.08 2.94 2.60
N GLN A 104 10.99 3.40 1.74
CA GLN A 104 11.47 4.78 1.80
C GLN A 104 10.82 5.63 0.71
N THR A 105 10.37 6.82 1.09
CA THR A 105 9.72 7.73 0.16
C THR A 105 10.35 7.64 -1.22
N VAL A 106 11.69 7.73 -1.26
CA VAL A 106 12.42 7.65 -2.52
C VAL A 106 12.32 6.26 -3.14
N ASP A 107 12.40 5.24 -2.29
CA ASP A 107 12.32 3.86 -2.75
C ASP A 107 11.22 3.69 -3.79
N LEU A 108 10.12 4.41 -3.60
CA LEU A 108 8.99 4.35 -4.52
C LEU A 108 9.06 5.48 -5.54
N TRP A 109 9.49 6.65 -5.09
CA TRP A 109 9.60 7.82 -5.97
C TRP A 109 10.56 7.54 -7.11
N GLU A 110 11.81 7.21 -6.77
CA GLU A 110 12.82 6.93 -7.78
C GLU A 110 12.72 5.48 -8.26
N GLY A 111 11.97 4.68 -7.52
CA GLY A 111 11.81 3.28 -7.88
C GLY A 111 13.05 2.46 -7.61
N LYS A 112 13.79 2.83 -6.58
CA LYS A 112 15.02 2.13 -6.21
C LYS A 112 14.73 0.66 -5.95
N ASN A 113 13.71 0.39 -5.14
CA ASN A 113 13.33 -0.98 -4.81
C ASN A 113 11.82 -1.18 -4.93
N MET A 114 11.36 -1.42 -6.15
CA MET A 114 9.95 -1.63 -6.40
C MET A 114 9.42 -2.82 -5.61
N ALA A 115 10.34 -3.59 -5.04
CA ALA A 115 9.97 -4.77 -4.25
C ALA A 115 9.87 -4.42 -2.77
N CYS A 116 10.37 -3.24 -2.40
CA CYS A 116 10.34 -2.79 -1.02
C CYS A 116 8.95 -2.27 -0.65
N VAL A 117 8.45 -1.33 -1.44
CA VAL A 117 7.13 -0.75 -1.19
C VAL A 117 6.02 -1.78 -1.43
N GLN A 118 6.22 -2.63 -2.43
CA GLN A 118 5.23 -3.66 -2.75
C GLN A 118 4.85 -4.46 -1.51
N ARG A 119 5.80 -4.59 -0.59
CA ARG A 119 5.56 -5.33 0.65
C ARG A 119 4.80 -4.48 1.66
N THR A 120 5.29 -3.27 1.90
CA THR A 120 4.67 -2.36 2.85
C THR A 120 3.16 -2.28 2.61
N LEU A 121 2.77 -2.28 1.33
CA LEU A 121 1.35 -2.20 0.97
C LEU A 121 0.61 -3.45 1.41
N MET A 122 1.15 -4.61 1.05
CA MET A 122 0.53 -5.89 1.40
C MET A 122 0.25 -5.94 2.90
N ASN A 123 1.12 -5.33 3.69
CA ASN A 123 0.95 -5.31 5.14
C ASN A 123 -0.30 -4.56 5.54
N LEU A 124 -0.54 -3.42 4.91
CA LEU A 124 -1.71 -2.60 5.19
C LEU A 124 -2.99 -3.42 5.05
N GLY A 125 -3.03 -4.29 4.04
CA GLY A 125 -4.19 -5.11 3.82
C GLY A 125 -4.33 -6.21 4.86
N GLY A 126 -3.30 -7.03 5.01
CA GLY A 126 -3.34 -8.11 5.97
C GLY A 126 -3.69 -7.63 7.36
N LEU A 127 -3.22 -6.44 7.71
CA LEU A 127 -3.50 -5.86 9.03
C LEU A 127 -4.97 -5.50 9.18
N ALA A 128 -5.48 -4.72 8.23
CA ALA A 128 -6.87 -4.32 8.24
C ALA A 128 -7.79 -5.51 8.46
N VAL A 129 -7.60 -6.55 7.66
CA VAL A 129 -8.42 -7.76 7.77
C VAL A 129 -8.35 -8.33 9.18
N ALA A 130 -7.32 -7.96 9.92
CA ALA A 130 -7.14 -8.45 11.29
C ALA A 130 -7.80 -7.51 12.29
N ARG A 131 -8.64 -6.61 11.79
CA ARG A 131 -9.34 -5.65 12.64
C ARG A 131 -10.83 -5.98 12.71
N ASP A 132 -11.56 -5.17 13.46
CA ASP A 132 -13.01 -5.37 13.62
C ASP A 132 -13.78 -4.12 13.19
N ASP A 133 -13.05 -3.15 12.64
CA ASP A 133 -13.66 -1.90 12.19
C ASP A 133 -14.82 -2.18 11.23
N GLY A 134 -14.62 -3.15 10.34
CA GLY A 134 -15.64 -3.50 9.37
C GLY A 134 -15.72 -2.51 8.23
N LEU A 135 -14.58 -1.93 7.87
CA LEU A 135 -14.51 -0.96 6.78
C LEU A 135 -13.72 -1.51 5.60
N PHE A 136 -12.60 -2.17 5.91
CA PHE A 136 -11.75 -2.76 4.88
C PHE A 136 -12.58 -3.26 3.70
N SER A 137 -12.19 -2.85 2.50
CA SER A 137 -12.90 -3.27 1.29
C SER A 137 -12.09 -4.29 0.51
N GLY A 138 -12.60 -4.68 -0.66
CA GLY A 138 -11.91 -5.65 -1.49
C GLY A 138 -11.95 -7.04 -0.91
N ASP A 139 -11.52 -8.03 -1.70
CA ASP A 139 -11.52 -9.41 -1.26
C ASP A 139 -10.59 -9.60 -0.05
N PRO A 140 -11.12 -10.24 1.00
CA PRO A 140 -10.36 -10.49 2.23
C PRO A 140 -9.25 -11.52 2.04
N ASN A 141 -9.49 -12.46 1.14
CA ASN A 141 -8.51 -13.51 0.85
C ASN A 141 -7.20 -12.90 0.36
N TRP A 142 -7.30 -11.84 -0.43
CA TRP A 142 -6.13 -11.16 -0.97
C TRP A 142 -5.01 -11.13 0.05
N PHE A 143 -5.34 -10.76 1.28
CA PHE A 143 -4.35 -10.69 2.35
C PHE A 143 -4.61 -11.74 3.41
N PRO A 144 -3.53 -12.31 3.97
CA PRO A 144 -3.63 -13.35 5.01
C PRO A 144 -4.14 -12.79 6.33
N LYS A 145 -4.46 -13.70 7.26
CA LYS A 145 -4.96 -13.30 8.57
C LYS A 145 -3.91 -13.52 9.65
N LYS A 146 -3.64 -12.47 10.41
CA LYS A 146 -2.64 -12.55 11.48
C LYS A 146 -3.29 -13.01 12.79
N SER A 147 -2.48 -13.58 13.67
CA SER A 147 -2.97 -14.06 14.96
C SER A 147 -4.20 -14.94 14.77
N LYS A 148 -4.13 -15.86 13.82
CA LYS A 148 -5.22 -16.77 13.53
C LYS A 148 -5.26 -17.93 14.53
N GLU A 149 -4.12 -18.60 14.67
CA GLU A 149 -4.01 -19.73 15.60
C GLU A 149 -4.02 -19.24 17.05
N SER A 150 -5.18 -19.31 17.68
CA SER A 150 -5.33 -18.87 19.06
C SER A 150 -4.85 -19.95 20.03
N GLY A 151 -4.14 -19.53 21.08
CA GLY A 151 -3.64 -20.48 22.06
C GLY A 151 -2.80 -21.58 21.43
N PRO A 152 -1.53 -21.26 21.16
CA PRO A 152 -0.59 -22.22 20.54
C PRO A 152 -0.22 -23.34 21.49
N SER A 153 -0.81 -24.51 21.27
CA SER A 153 -0.53 -25.68 22.11
C SER A 153 -0.75 -25.35 23.58
N SER A 154 -1.79 -24.58 23.87
CA SER A 154 -2.10 -24.18 25.24
C SER A 154 -2.90 -25.28 25.95
N GLY A 155 -4.03 -25.67 25.37
CA GLY A 155 -4.85 -26.69 25.97
C GLY A 155 -6.27 -26.25 26.20
#